data_7EN1
#
_entry.id   7EN1
#
loop_
_entity.id
_entity.type
_entity.pdbx_description
1 polymer 'Dihydroaeruginoic acid synthetase'
2 non-polymer "4'-PHOSPHOPANTETHEINE"
3 non-polymer '(4S)-2-(2-hydroxyphenyl)-4,5-dihydro-1,3-thiazole-4-carboxylic acid'
4 non-polymer 'MAGNESIUM ION'
5 non-polymer 'ADENOSINE MONOPHOSPHATE'
6 non-polymer CYSTEINE
7 non-polymer '2-HYDROXYBENZOIC ACID'
#
_entity_poly.entity_id   1
_entity_poly.type   'polypeptide(L)'
_entity_poly.pdbx_seq_one_letter_code
;MDLPPDSRTALRDWLTEQLADLLGEPLADVRALADDDDLLGCGLDSIRLMYLQERLRARGSTLDFAQLAQRPCLGAWLDL
LACADRLSAPATVALPTAQDRDQPFELSSVQQAYWLGRGAGEVLGNVSCHAFLEFRTRDVDPQRLAAAAECVRQRHPMLR
ARFLDGRQQILPTPPLSCFDLQDWRTLQVDEAERDWQALRDWRAHECLAVERGQVFLLGLVRMPGGEDRLWLSLDLLAAD
VESLRLLLAELGVAYLAPERLAEPPALHFADYLAHRAAQRAEAAARARDYWLERLPRLPDAPALPLACAPESIRQPRTRR
LAFQLSAGESRRLERLAAQHGVTLSSVFGCAFALVLARWSESAEFLLNVPLFDRHADDPRIGEVIADFTTLLLLECRMQA
GVSFAEAVKSFQRNLHGAIDHAAFPALEVLREARRQGQPRSAPVVFASNLGEEGFVPAAFRDAFGDLHDMLSQTPQVWLD
HQLYRVGDGILLAWDSVVGLFPEGLPETMFEAYVGLLQRLCDSAWGQPADLPLPWAQQARRALLNGQPACATARTLHRDF
FLRAAEAPDADALLYRDQRVTRGELAERALRIAGGLREAGVRPGDAVEVSLPRGPQQVAAVFGVLAAGACYVPLDIDQPP
ARRRLIEEAAGVCLAITEEDDPQALPPRLDVQRLLRGPALAAPVPLAPQASAYVIYTSGSTGVPKGVEVSHAAAINTIDA
LLDLLRVNASDRLLAVSALDFDLSVFDLFGGLGAGASLVLPAQEQARDAAAWAEAIQRHAVSLWNSAPALLEMALSLPAS
QADYRSLRAVLLSGDWVALDLPGRLRPRCAEGCRLHVLGGATEAGIWSNLQSVDTVPPHWRSIPYGRPLPGQAYRVVDTH
GRDVPDLVVGELWIGGASLARGYRNDPELSARRFVHDAQGRWYRTGDRGRYWGDGTLEFLGRVDQQVKVRGQRIELGEVE
AALCAQAGVESACAAVLGGGVASLGAVLVPRLAPRAEGSMDLPAAQPFAGLAEAEAVLTREILGALLEAPLELDDGLRRR
WLDWLADSAASALPSLDEALRRLGWQAAGLTAMGNALRGLLAGEQAPAALLLDPWLAPQAVAARLPDGREALARLLEALP
TPAAGERLRVAVLDTRAGLWLDQGMASLLRPGLELTLFERSRVLLDAAATRLPERIVVQALDDGLLPAEHLGRYDRVISF
AALHAYEASREGLALAAALLRPQGRLLLVDLLCESPLALLGAALLDDRPLRLAELPSLLADLAAAGLAPRCLWRSERIAL
VEALAPGLGLDAAALQAGLEQRLPQAMRPERLWCLPSLPLNGNGKVDRRRLAESMTRALGECRHEPSAEEPLEAHEQALA
ECWEAVLKRPVRRREASFFSLGGDSLLATRLLAGIRERFGVRLGMADFYRQPTLAGLARHLQVQTVEIEETQLEEGVLHH
HHHHLPSWSHPQFEK
;
_entity_poly.pdbx_strand_id   A,B
#
loop_
_chem_comp.id
_chem_comp.type
_chem_comp.name
_chem_comp.formula
AMP non-polymer 'ADENOSINE MONOPHOSPHATE' 'C10 H14 N5 O7 P'
J9F non-polymer '(4S)-2-(2-hydroxyphenyl)-4,5-dihydro-1,3-thiazole-4-carboxylic acid' 'C10 H9 N O3 S'
MG non-polymer 'MAGNESIUM ION' 'Mg 2'
PNS non-polymer 4'-PHOSPHOPANTETHEINE 'C11 H23 N2 O7 P S'
SAL non-polymer '2-HYDROXYBENZOIC ACID' 'C7 H6 O3'
#
# COMPACT_ATOMS: atom_id res chain seq x y z
N GLN A 99 6.72 44.44 46.64
CA GLN A 99 6.04 45.31 45.68
C GLN A 99 4.68 45.68 46.28
N ASP A 100 4.26 46.96 46.23
CA ASP A 100 3.14 47.44 47.03
C ASP A 100 1.84 46.72 46.63
N ARG A 101 1.22 46.04 47.60
CA ARG A 101 0.34 44.88 47.40
C ARG A 101 -1.02 45.16 46.72
N ASP A 102 -1.28 46.41 46.38
CA ASP A 102 -2.49 46.86 45.68
C ASP A 102 -2.19 47.80 44.50
N GLN A 103 -0.92 48.01 44.17
CA GLN A 103 -0.50 48.84 43.03
C GLN A 103 -0.33 47.99 41.77
N PRO A 104 -0.53 48.56 40.56
CA PRO A 104 -0.30 47.81 39.34
C PRO A 104 1.11 47.24 39.25
N PHE A 105 1.21 45.99 38.80
CA PHE A 105 2.45 45.26 38.58
C PHE A 105 2.37 44.46 37.28
N GLU A 106 3.52 44.06 36.73
CA GLU A 106 3.59 43.48 35.39
C GLU A 106 2.79 42.18 35.28
N LEU A 107 2.13 41.95 34.14
CA LEU A 107 1.66 40.61 33.80
C LEU A 107 2.85 39.67 33.63
N SER A 108 2.73 38.47 34.16
CA SER A 108 3.57 37.35 33.75
C SER A 108 3.49 37.15 32.25
N SER A 109 4.54 36.67 31.58
CA SER A 109 4.53 36.52 30.12
C SER A 109 3.30 35.76 29.62
N VAL A 110 2.97 34.61 30.19
CA VAL A 110 1.81 33.86 29.71
C VAL A 110 0.47 34.50 30.09
N GLN A 111 0.39 35.32 31.14
CA GLN A 111 -0.81 36.14 31.33
C GLN A 111 -0.96 37.16 30.22
N GLN A 112 0.13 37.70 29.68
CA GLN A 112 0.05 38.59 28.52
C GLN A 112 -0.54 37.84 27.32
N ALA A 113 -0.16 36.57 27.13
CA ALA A 113 -0.73 35.74 26.07
C ALA A 113 -2.27 35.67 26.18
N TYR A 114 -2.81 35.50 27.39
CA TYR A 114 -4.26 35.52 27.55
C TYR A 114 -4.81 36.94 27.37
N TRP A 115 -4.20 37.92 28.03
CA TRP A 115 -4.68 39.31 28.09
C TRP A 115 -4.84 39.89 26.70
N LEU A 116 -3.84 39.70 25.86
CA LEU A 116 -3.80 40.24 24.51
C LEU A 116 -4.69 39.42 23.57
N GLY A 117 -4.83 38.13 23.87
CA GLY A 117 -5.86 37.31 23.27
C GLY A 117 -7.31 37.74 23.56
N ARG A 118 -7.59 38.51 24.62
CA ARG A 118 -8.93 39.12 24.80
C ARG A 118 -9.27 40.12 23.70
N GLY A 119 -8.27 40.65 22.99
CA GLY A 119 -8.44 41.70 21.99
C GLY A 119 -9.43 41.31 20.90
N ALA A 120 -10.46 42.12 20.71
CA ALA A 120 -11.49 41.88 19.70
C ALA A 120 -10.93 41.81 18.27
N GLY A 121 -9.78 42.43 18.02
CA GLY A 121 -9.06 42.42 16.74
C GLY A 121 -7.87 41.44 16.67
N GLU A 122 -7.54 40.75 17.75
CA GLU A 122 -6.48 39.75 17.76
C GLU A 122 -6.92 38.47 17.01
N VAL A 123 -5.98 37.75 16.38
CA VAL A 123 -6.28 36.56 15.59
C VAL A 123 -6.91 35.48 16.46
N LEU A 124 -8.14 35.08 16.14
CA LEU A 124 -8.95 34.18 16.97
C LEU A 124 -9.02 34.64 18.45
N GLY A 125 -9.04 35.94 18.68
CA GLY A 125 -9.09 36.57 20.00
C GLY A 125 -10.50 36.71 20.55
N ASN A 126 -10.81 37.88 21.10
CA ASN A 126 -12.11 38.21 21.66
C ASN A 126 -12.62 37.28 22.78
N VAL A 127 -11.76 36.47 23.43
CA VAL A 127 -12.18 35.53 24.49
C VAL A 127 -11.23 35.45 25.68
N SER A 128 -11.77 35.01 26.80
CA SER A 128 -11.23 35.15 28.15
C SER A 128 -9.96 34.41 28.48
N CYS A 129 -9.72 33.23 27.91
CA CYS A 129 -8.87 32.24 28.57
C CYS A 129 -9.44 31.75 29.91
N HIS A 130 -10.75 31.78 30.10
CA HIS A 130 -11.32 31.19 31.30
C HIS A 130 -11.47 29.70 31.19
N ALA A 131 -11.29 29.03 32.32
CA ALA A 131 -11.84 27.73 32.58
C ALA A 131 -13.24 27.90 33.14
N PHE A 132 -14.21 27.24 32.54
CA PHE A 132 -15.49 26.95 33.17
C PHE A 132 -15.44 25.50 33.65
N LEU A 133 -15.62 25.25 34.93
CA LEU A 133 -15.81 23.90 35.49
C LEU A 133 -17.26 23.70 35.85
N GLU A 134 -17.80 22.49 35.71
CA GLU A 134 -19.15 22.16 36.11
C GLU A 134 -19.17 20.88 36.96
N PHE A 135 -19.98 20.90 38.02
CA PHE A 135 -20.06 19.88 39.03
C PHE A 135 -21.52 19.60 39.38
N ARG A 136 -21.80 18.41 39.90
CA ARG A 136 -23.16 17.96 40.20
C ARG A 136 -23.29 17.50 41.65
N THR A 137 -24.44 17.74 42.25
CA THR A 137 -24.89 17.15 43.51
C THR A 137 -26.41 17.29 43.63
N ARG A 138 -27.07 16.49 44.48
CA ARG A 138 -28.52 16.62 44.72
C ARG A 138 -28.88 17.92 45.43
N ASP A 139 -28.05 18.34 46.38
CA ASP A 139 -28.30 19.49 47.23
C ASP A 139 -26.98 20.08 47.78
N VAL A 140 -26.87 21.41 47.77
CA VAL A 140 -25.93 22.19 48.60
C VAL A 140 -26.58 23.47 49.08
N ASP A 141 -26.16 23.95 50.25
CA ASP A 141 -26.64 25.18 50.87
C ASP A 141 -26.10 26.42 50.14
N PRO A 142 -26.94 27.18 49.43
CA PRO A 142 -26.46 28.29 48.62
C PRO A 142 -25.80 29.39 49.44
N GLN A 143 -26.22 29.58 50.69
CA GLN A 143 -25.58 30.58 51.55
C GLN A 143 -24.21 30.11 52.02
N ARG A 144 -23.99 28.81 52.29
CA ARG A 144 -22.63 28.28 52.50
C ARG A 144 -21.76 28.58 51.28
N LEU A 145 -22.26 28.31 50.06
CA LEU A 145 -21.52 28.63 48.84
C LEU A 145 -21.22 30.12 48.71
N ALA A 146 -22.20 30.99 48.93
CA ALA A 146 -22.00 32.43 48.81
C ALA A 146 -20.91 32.92 49.77
N ALA A 147 -20.96 32.47 51.02
CA ALA A 147 -19.95 32.77 52.01
C ALA A 147 -18.59 32.17 51.62
N ALA A 148 -18.55 30.92 51.15
CA ALA A 148 -17.33 30.24 50.73
C ALA A 148 -16.65 30.97 49.56
N ALA A 149 -17.40 31.35 48.52
CA ALA A 149 -16.86 32.07 47.37
C ALA A 149 -16.25 33.40 47.80
N GLU A 150 -16.98 34.19 48.59
CA GLU A 150 -16.45 35.46 49.05
C GLU A 150 -15.28 35.26 50.02
N CYS A 151 -15.27 34.17 50.79
CA CYS A 151 -14.17 33.85 51.68
C CYS A 151 -12.89 33.57 50.89
N VAL A 152 -12.93 32.73 49.84
CA VAL A 152 -11.74 32.48 49.03
C VAL A 152 -11.26 33.74 48.31
N ARG A 153 -12.16 34.64 47.84
CA ARG A 153 -11.72 35.95 47.31
C ARG A 153 -10.89 36.73 48.31
N GLN A 154 -11.35 36.85 49.55
CA GLN A 154 -10.62 37.59 50.57
C GLN A 154 -9.40 36.83 51.12
N ARG A 155 -9.32 35.51 50.90
CA ARG A 155 -8.08 34.76 51.12
C ARG A 155 -7.02 35.09 50.07
N HIS A 156 -7.31 34.90 48.79
CA HIS A 156 -6.27 34.89 47.76
C HIS A 156 -6.24 36.21 46.98
N PRO A 157 -5.10 36.91 46.91
CA PRO A 157 -5.01 38.16 46.17
C PRO A 157 -5.43 37.99 44.71
N MET A 158 -5.00 36.92 44.05
CA MET A 158 -5.22 36.78 42.62
C MET A 158 -6.66 36.52 42.20
N LEU A 159 -7.51 35.95 43.05
CA LEU A 159 -8.94 35.86 42.77
C LEU A 159 -9.61 37.24 42.72
N ARG A 160 -8.99 38.27 43.31
CA ARG A 160 -9.49 39.64 43.38
C ARG A 160 -8.57 40.63 42.67
N ALA A 161 -7.81 40.13 41.69
CA ALA A 161 -6.94 40.92 40.84
C ALA A 161 -7.69 41.48 39.61
N ARG A 162 -7.59 42.79 39.41
CA ARG A 162 -8.04 43.52 38.22
C ARG A 162 -6.93 43.54 37.18
N PHE A 163 -7.32 43.39 35.93
CA PHE A 163 -6.43 43.39 34.76
C PHE A 163 -6.80 44.59 33.90
N LEU A 164 -5.89 45.54 33.76
CA LEU A 164 -6.07 46.76 32.99
C LEU A 164 -4.74 47.21 32.41
N ASP A 165 -4.75 47.87 31.26
CA ASP A 165 -3.56 48.45 30.63
C ASP A 165 -2.43 47.43 30.38
N GLY A 166 -2.76 46.14 30.23
CA GLY A 166 -1.73 45.08 30.13
C GLY A 166 -0.90 44.88 31.39
N ARG A 167 -1.45 45.23 32.55
CA ARG A 167 -0.93 45.01 33.89
C ARG A 167 -2.04 44.57 34.84
N GLN A 168 -1.65 44.05 35.99
CA GLN A 168 -2.55 43.51 36.99
C GLN A 168 -2.39 44.26 38.29
N GLN A 169 -3.48 44.41 39.03
CA GLN A 169 -3.58 45.30 40.17
C GLN A 169 -4.63 44.72 41.11
N ILE A 170 -4.39 44.65 42.42
CA ILE A 170 -5.23 43.83 43.30
C ILE A 170 -6.15 44.67 44.17
N LEU A 171 -7.44 44.36 44.09
CA LEU A 171 -8.49 45.04 44.84
C LEU A 171 -8.59 44.44 46.25
N PRO A 172 -9.02 45.19 47.27
CA PRO A 172 -9.30 44.64 48.60
C PRO A 172 -10.49 43.67 48.57
N THR A 173 -11.49 43.99 47.75
CA THR A 173 -12.59 43.12 47.28
C THR A 173 -13.05 43.63 45.91
N PRO A 174 -13.44 42.78 44.93
CA PRO A 174 -13.91 43.26 43.63
C PRO A 174 -15.30 43.89 43.69
N PRO A 175 -15.65 44.79 42.76
CA PRO A 175 -16.99 45.38 42.70
C PRO A 175 -18.07 44.37 42.29
N LEU A 176 -17.77 43.47 41.36
CA LEU A 176 -18.79 42.60 40.74
C LEU A 176 -18.99 41.29 41.51
N SER A 177 -20.20 40.74 41.45
CA SER A 177 -20.72 39.63 42.27
C SER A 177 -19.87 38.38 42.24
N CYS A 178 -19.67 37.76 43.40
CA CYS A 178 -18.79 36.59 43.51
C CYS A 178 -19.44 35.28 43.04
N PHE A 179 -20.76 35.15 43.17
CA PHE A 179 -21.46 33.88 43.13
C PHE A 179 -22.81 34.00 42.40
N ASP A 180 -22.88 33.52 41.17
CA ASP A 180 -24.09 33.51 40.35
C ASP A 180 -25.03 32.36 40.74
N LEU A 181 -25.74 32.53 41.85
CA LEU A 181 -26.83 31.66 42.25
C LEU A 181 -28.07 31.83 41.35
N GLN A 182 -28.64 30.71 40.92
CA GLN A 182 -29.81 30.61 40.07
C GLN A 182 -30.75 29.51 40.60
N ASP A 183 -31.41 29.78 41.72
CA ASP A 183 -32.34 28.80 42.31
C ASP A 183 -33.64 28.70 41.49
N TRP A 184 -33.75 27.59 40.75
CA TRP A 184 -34.90 27.25 39.91
C TRP A 184 -35.62 26.00 40.42
N ARG A 185 -35.49 25.64 41.71
CA ARG A 185 -36.05 24.38 42.24
C ARG A 185 -37.56 24.20 41.95
N THR A 186 -38.27 25.28 41.69
CA THR A 186 -39.72 25.32 41.42
C THR A 186 -40.10 25.07 39.95
N LEU A 187 -39.22 25.29 38.97
CA LEU A 187 -39.61 25.36 37.56
C LEU A 187 -39.97 24.00 36.92
N GLN A 188 -40.57 24.04 35.73
CA GLN A 188 -40.74 22.85 34.89
C GLN A 188 -39.36 22.32 34.44
N VAL A 189 -39.13 21.01 34.52
CA VAL A 189 -37.78 20.41 34.38
C VAL A 189 -37.07 20.80 33.08
N ASP A 190 -37.74 20.70 31.95
CA ASP A 190 -37.12 20.93 30.64
C ASP A 190 -36.94 22.42 30.33
N GLU A 191 -37.82 23.29 30.80
CA GLU A 191 -37.57 24.73 30.76
C GLU A 191 -36.38 25.12 31.62
N ALA A 192 -36.23 24.50 32.81
CA ALA A 192 -35.04 24.68 33.61
C ALA A 192 -33.80 24.13 32.90
N GLU A 193 -33.90 23.01 32.17
CA GLU A 193 -32.79 22.46 31.42
C GLU A 193 -32.37 23.37 30.26
N ARG A 194 -33.34 23.95 29.56
CA ARG A 194 -33.07 24.91 28.49
C ARG A 194 -32.45 26.18 29.07
N ASP A 195 -32.97 26.70 30.16
CA ASP A 195 -32.33 27.80 30.87
C ASP A 195 -30.93 27.44 31.37
N TRP A 196 -30.71 26.21 31.84
CA TRP A 196 -29.37 25.76 32.18
C TRP A 196 -28.51 25.77 30.93
N GLN A 197 -28.97 25.23 29.80
CA GLN A 197 -28.15 25.20 28.61
C GLN A 197 -27.80 26.61 28.11
N ALA A 198 -28.71 27.57 28.21
CA ALA A 198 -28.39 28.97 27.96
C ALA A 198 -27.36 29.51 28.97
N LEU A 199 -27.55 29.27 30.27
CA LEU A 199 -26.62 29.70 31.33
C LEU A 199 -25.23 29.09 31.15
N ARG A 200 -25.18 27.82 30.81
CA ARG A 200 -24.00 27.02 30.47
C ARG A 200 -23.31 27.66 29.27
N ASP A 201 -23.95 27.70 28.11
CA ASP A 201 -23.32 28.24 26.90
C ASP A 201 -22.84 29.67 27.14
N TRP A 202 -23.62 30.49 27.82
CA TRP A 202 -23.19 31.83 28.16
C TRP A 202 -21.97 31.82 29.05
N ARG A 203 -22.03 31.27 30.26
CA ARG A 203 -20.97 31.48 31.25
C ARG A 203 -19.78 30.56 31.04
N ALA A 204 -19.91 29.56 30.17
CA ALA A 204 -18.80 28.80 29.64
C ALA A 204 -18.15 29.47 28.43
N HIS A 205 -18.83 30.29 27.64
CA HIS A 205 -18.18 31.11 26.60
C HIS A 205 -17.81 32.53 27.05
N GLU A 206 -18.29 32.97 28.20
CA GLU A 206 -18.21 34.33 28.72
C GLU A 206 -16.80 34.94 28.78
N CYS A 207 -16.64 36.15 28.27
CA CYS A 207 -15.50 36.98 28.62
C CYS A 207 -15.75 37.64 29.99
N LEU A 208 -15.18 37.05 31.04
CA LEU A 208 -15.28 37.55 32.43
C LEU A 208 -14.73 38.97 32.57
N ALA A 209 -15.29 39.76 33.48
CA ALA A 209 -14.97 41.17 33.66
C ALA A 209 -13.69 41.37 34.47
N VAL A 210 -12.58 40.87 33.98
CA VAL A 210 -11.27 41.01 34.59
C VAL A 210 -10.84 42.48 34.71
N GLU A 211 -11.32 43.35 33.83
CA GLU A 211 -11.19 44.81 33.93
C GLU A 211 -11.88 45.39 35.17
N ARG A 212 -12.79 44.64 35.78
CA ARG A 212 -13.48 44.95 37.04
C ARG A 212 -13.16 43.93 38.14
N GLY A 213 -12.01 43.25 38.01
CA GLY A 213 -11.50 42.31 39.01
C GLY A 213 -12.28 41.01 39.15
N GLN A 214 -13.28 40.75 38.32
CA GLN A 214 -14.10 39.53 38.35
C GLN A 214 -13.39 38.35 37.66
N VAL A 215 -12.09 38.15 37.89
CA VAL A 215 -11.39 37.00 37.30
C VAL A 215 -11.96 35.67 37.77
N PHE A 216 -12.43 35.60 39.00
CA PHE A 216 -13.10 34.43 39.56
C PHE A 216 -14.60 34.67 39.68
N LEU A 217 -15.41 33.74 39.21
CA LEU A 217 -16.84 33.73 39.46
C LEU A 217 -17.32 32.30 39.64
N LEU A 218 -17.86 32.03 40.81
CA LEU A 218 -18.57 30.78 41.10
C LEU A 218 -20.06 30.96 40.74
N GLY A 219 -20.81 29.89 40.60
CA GLY A 219 -22.23 29.98 40.32
C GLY A 219 -22.92 28.65 40.51
N LEU A 220 -24.24 28.64 40.52
CA LEU A 220 -25.01 27.46 40.87
C LEU A 220 -26.39 27.57 40.25
N VAL A 221 -26.73 26.69 39.30
CA VAL A 221 -28.14 26.43 39.03
C VAL A 221 -28.68 25.40 40.00
N ARG A 222 -29.87 25.64 40.54
CA ARG A 222 -30.58 24.64 41.35
C ARG A 222 -31.75 24.12 40.56
N MET A 223 -31.54 22.99 39.90
CA MET A 223 -32.52 22.41 38.99
C MET A 223 -33.73 21.87 39.75
N PRO A 224 -34.96 22.02 39.24
CA PRO A 224 -36.17 21.43 39.80
C PRO A 224 -36.18 19.90 39.78
N GLY A 225 -35.29 19.26 39.02
CA GLY A 225 -35.01 17.82 39.09
C GLY A 225 -34.25 17.37 40.35
N GLY A 226 -34.05 18.25 41.33
CA GLY A 226 -33.31 17.96 42.55
C GLY A 226 -31.82 17.84 42.29
N GLU A 227 -31.23 18.83 41.62
CA GLU A 227 -29.82 18.80 41.23
C GLU A 227 -29.21 20.20 41.25
N ASP A 228 -28.34 20.43 42.21
CA ASP A 228 -27.56 21.64 42.35
C ASP A 228 -26.28 21.50 41.51
N ARG A 229 -26.27 22.11 40.33
CA ARG A 229 -25.13 22.09 39.43
C ARG A 229 -24.23 23.28 39.72
N LEU A 230 -23.34 23.12 40.69
CA LEU A 230 -22.30 24.09 41.00
C LEU A 230 -21.37 24.21 39.79
N TRP A 231 -21.01 25.42 39.39
CA TRP A 231 -20.10 25.63 38.27
C TRP A 231 -19.25 26.86 38.50
N LEU A 232 -18.12 26.95 37.82
CA LEU A 232 -17.04 27.82 38.20
C LEU A 232 -16.32 28.38 36.97
N SER A 233 -16.59 29.62 36.62
CA SER A 233 -15.84 30.33 35.59
C SER A 233 -14.71 31.11 36.20
N LEU A 234 -13.51 30.55 36.13
CA LEU A 234 -12.28 31.21 36.51
C LEU A 234 -11.53 31.61 35.24
N ASP A 235 -11.36 32.90 35.07
CA ASP A 235 -10.43 33.46 34.10
C ASP A 235 -9.00 33.07 34.47
N LEU A 236 -8.31 32.35 33.59
CA LEU A 236 -6.96 31.93 33.90
C LEU A 236 -5.96 33.07 33.96
N LEU A 237 -6.34 34.31 33.63
CA LEU A 237 -5.56 35.45 34.06
C LEU A 237 -5.29 35.43 35.57
N ALA A 238 -6.20 34.94 36.40
CA ALA A 238 -5.88 34.74 37.80
C ALA A 238 -4.91 33.59 38.02
N ALA A 239 -5.01 32.50 37.26
CA ALA A 239 -4.59 31.19 37.74
C ALA A 239 -4.15 30.22 36.64
N ASP A 240 -3.17 29.39 36.97
CA ASP A 240 -2.89 28.17 36.26
C ASP A 240 -4.08 27.21 36.44
N VAL A 241 -4.24 26.19 35.58
CA VAL A 241 -5.10 25.07 35.91
C VAL A 241 -4.54 24.37 37.14
N GLU A 242 -3.22 24.30 37.28
CA GLU A 242 -2.65 23.72 38.47
C GLU A 242 -2.90 24.60 39.70
N SER A 243 -3.23 25.87 39.52
CA SER A 243 -3.67 26.77 40.58
C SER A 243 -5.18 26.72 40.78
N LEU A 244 -5.95 26.44 39.74
CA LEU A 244 -7.40 26.25 39.79
C LEU A 244 -7.75 25.06 40.68
N ARG A 245 -7.02 23.94 40.62
CA ARG A 245 -7.31 22.88 41.57
C ARG A 245 -7.06 23.30 43.01
N LEU A 246 -6.15 24.24 43.27
CA LEU A 246 -6.00 24.78 44.62
C LEU A 246 -7.21 25.66 44.99
N LEU A 247 -7.79 26.41 44.05
CA LEU A 247 -9.05 27.11 44.28
C LEU A 247 -10.16 26.11 44.62
N LEU A 248 -10.22 24.96 43.95
CA LEU A 248 -11.14 23.92 44.35
C LEU A 248 -10.84 23.43 45.77
N ALA A 249 -9.58 23.23 46.13
CA ALA A 249 -9.24 22.79 47.48
C ALA A 249 -9.75 23.80 48.52
N GLU A 250 -9.54 25.09 48.26
CA GLU A 250 -10.01 26.19 49.08
C GLU A 250 -11.54 26.23 49.12
N LEU A 251 -12.25 26.05 48.01
CA LEU A 251 -13.71 25.99 48.01
C LEU A 251 -14.25 24.78 48.78
N GLY A 252 -13.65 23.60 48.62
CA GLY A 252 -14.11 22.40 49.30
C GLY A 252 -14.06 22.58 50.81
N VAL A 253 -12.93 23.10 51.31
CA VAL A 253 -12.82 23.45 52.73
C VAL A 253 -13.75 24.60 53.06
N ALA A 254 -13.81 25.67 52.27
CA ALA A 254 -14.61 26.83 52.61
C ALA A 254 -16.12 26.55 52.60
N TYR A 255 -16.57 25.57 51.82
CA TYR A 255 -17.93 25.07 51.89
C TYR A 255 -18.16 24.23 53.13
N LEU A 256 -17.33 23.22 53.38
CA LEU A 256 -17.55 22.21 54.42
C LEU A 256 -17.23 22.73 55.83
N ALA A 257 -16.04 23.30 55.99
CA ALA A 257 -15.45 23.59 57.29
C ALA A 257 -14.50 24.80 57.19
N PRO A 258 -15.01 26.01 56.91
CA PRO A 258 -14.18 27.20 56.68
C PRO A 258 -13.29 27.60 57.87
N GLU A 259 -13.57 27.10 59.07
CA GLU A 259 -12.66 27.18 60.21
C GLU A 259 -11.27 26.54 59.94
N ARG A 260 -11.21 25.48 59.13
CA ARG A 260 -9.98 24.77 58.76
C ARG A 260 -9.16 25.45 57.66
N LEU A 261 -9.60 26.60 57.13
CA LEU A 261 -8.83 27.42 56.19
C LEU A 261 -7.66 28.10 56.91
N ALA A 262 -6.65 27.33 57.30
CA ALA A 262 -5.75 27.70 58.39
C ALA A 262 -4.89 28.95 58.13
N GLU A 263 -4.56 29.24 56.87
CA GLU A 263 -3.67 30.34 56.52
C GLU A 263 -3.92 30.85 55.08
N PRO A 264 -4.18 32.16 54.88
CA PRO A 264 -4.20 32.77 53.55
C PRO A 264 -2.76 32.92 53.03
N PRO A 265 -2.37 32.28 51.92
CA PRO A 265 -0.98 32.17 51.48
C PRO A 265 -0.28 33.53 51.34
N ALA A 266 0.76 33.75 52.15
CA ALA A 266 1.30 35.08 52.39
C ALA A 266 2.10 35.67 51.22
N LEU A 267 2.70 34.82 50.39
CA LEU A 267 3.46 35.25 49.21
C LEU A 267 2.54 35.90 48.17
N HIS A 268 2.67 37.21 48.01
CA HIS A 268 1.96 37.99 47.01
C HIS A 268 2.51 37.74 45.60
N PHE A 269 1.65 37.64 44.60
CA PHE A 269 2.11 37.30 43.25
C PHE A 269 3.04 38.36 42.66
N ALA A 270 2.92 39.61 43.06
CA ALA A 270 3.85 40.66 42.63
C ALA A 270 5.25 40.42 43.16
N ASP A 271 5.40 39.93 44.39
CA ASP A 271 6.70 39.57 44.94
C ASP A 271 7.27 38.32 44.24
N TYR A 272 6.42 37.34 43.93
CA TYR A 272 6.83 36.19 43.12
C TYR A 272 7.31 36.64 41.75
N LEU A 273 6.63 37.56 41.06
CA LEU A 273 7.11 38.06 39.77
C LEU A 273 8.35 38.94 39.89
N ALA A 274 8.39 39.85 40.87
CA ALA A 274 9.54 40.72 41.06
C ALA A 274 10.81 39.94 41.41
N HIS A 275 10.66 38.83 42.12
CA HIS A 275 11.68 37.79 42.24
C HIS A 275 11.92 37.10 40.88
N ARG A 276 10.95 36.35 40.35
CA ARG A 276 11.10 35.44 39.19
C ARG A 276 11.66 36.15 37.96
N ALA A 277 11.11 37.29 37.58
CA ALA A 277 11.53 38.04 36.40
C ALA A 277 12.99 38.53 36.48
N ALA A 278 13.50 38.80 37.69
CA ALA A 278 14.91 39.07 37.94
C ALA A 278 15.75 37.78 38.07
N GLN A 279 15.24 36.76 38.75
CA GLN A 279 15.93 35.48 38.98
C GLN A 279 16.25 34.71 37.70
N ARG A 280 15.33 34.75 36.72
CA ARG A 280 15.51 34.08 35.42
C ARG A 280 16.56 34.69 34.51
N ALA A 281 17.14 35.85 34.82
CA ALA A 281 17.71 36.75 33.81
C ALA A 281 18.76 36.10 32.89
N GLU A 282 19.77 35.43 33.44
CA GLU A 282 20.77 34.74 32.62
C GLU A 282 20.14 33.63 31.80
N ALA A 283 19.25 32.83 32.40
CA ALA A 283 18.57 31.71 31.73
C ALA A 283 17.70 32.21 30.58
N ALA A 284 16.95 33.30 30.80
CA ALA A 284 16.14 33.95 29.78
C ALA A 284 16.99 34.49 28.64
N ALA A 285 18.13 35.13 28.90
CA ALA A 285 19.04 35.52 27.83
C ALA A 285 19.62 34.31 27.07
N ARG A 286 20.06 33.29 27.80
CA ARG A 286 20.64 32.04 27.28
C ARG A 286 19.66 31.30 26.37
N ALA A 287 18.40 31.24 26.79
CA ALA A 287 17.31 30.74 25.98
C ALA A 287 16.91 31.71 24.86
N ARG A 288 16.97 33.03 25.04
CA ARG A 288 16.67 34.00 23.96
C ARG A 288 17.62 33.78 22.80
N ASP A 289 18.90 33.61 23.10
CA ASP A 289 19.90 33.30 22.09
C ASP A 289 19.61 31.95 21.42
N TYR A 290 19.16 30.93 22.16
CA TYR A 290 18.69 29.68 21.55
C TYR A 290 17.51 29.93 20.59
N TRP A 291 16.48 30.64 21.03
CA TRP A 291 15.28 30.83 20.23
C TRP A 291 15.51 31.75 19.03
N LEU A 292 16.18 32.89 19.18
CA LEU A 292 16.53 33.80 18.10
C LEU A 292 17.15 33.06 16.93
N GLU A 293 18.16 32.23 17.22
CA GLU A 293 18.87 31.49 16.19
C GLU A 293 18.02 30.37 15.60
N ARG A 294 16.95 29.95 16.27
CA ARG A 294 16.03 28.93 15.79
C ARG A 294 14.81 29.50 15.08
N LEU A 295 14.50 30.80 15.15
CA LEU A 295 13.30 31.33 14.49
C LEU A 295 13.17 30.96 13.00
N PRO A 296 14.22 31.02 12.15
CA PRO A 296 14.11 30.58 10.76
C PRO A 296 13.80 29.09 10.62
N ARG A 297 14.25 28.31 11.61
CA ARG A 297 14.18 26.85 11.71
C ARG A 297 12.99 26.34 12.51
N LEU A 298 12.21 27.21 13.16
CA LEU A 298 10.99 26.80 13.84
C LEU A 298 9.97 26.25 12.85
N PRO A 299 9.24 25.18 13.20
CA PRO A 299 8.15 24.71 12.39
C PRO A 299 6.93 25.64 12.53
N ASP A 300 5.87 25.35 11.80
CA ASP A 300 4.65 26.16 11.77
C ASP A 300 3.73 25.84 12.96
N ALA A 301 2.58 26.50 13.07
CA ALA A 301 1.43 25.91 13.74
C ALA A 301 1.12 24.54 13.11
N PRO A 302 0.42 23.60 13.78
CA PRO A 302 0.04 22.36 13.13
C PRO A 302 -0.83 22.67 11.92
N ALA A 303 -0.48 22.18 10.75
CA ALA A 303 -1.15 22.55 9.52
C ALA A 303 -2.44 21.71 9.33
N LEU A 304 -3.35 21.79 10.30
CA LEU A 304 -4.60 21.03 10.36
C LEU A 304 -5.60 21.53 9.31
N PRO A 305 -6.66 20.78 9.01
CA PRO A 305 -7.70 21.25 8.11
C PRO A 305 -8.57 22.27 8.82
N LEU A 306 -8.69 23.47 8.28
CA LEU A 306 -9.56 24.49 8.85
C LEU A 306 -10.74 24.77 7.91
N ALA A 307 -11.96 24.70 8.41
CA ALA A 307 -13.16 25.09 7.69
C ALA A 307 -13.30 26.61 7.52
N CYS A 308 -12.64 27.36 8.39
CA CYS A 308 -12.65 28.82 8.42
C CYS A 308 -11.22 29.27 8.70
N ALA A 309 -10.76 30.35 8.08
CA ALA A 309 -9.52 30.96 8.54
C ALA A 309 -9.69 31.41 10.01
N PRO A 310 -8.69 31.28 10.89
CA PRO A 310 -8.80 31.74 12.26
C PRO A 310 -9.08 33.24 12.38
N GLU A 311 -8.61 34.03 11.42
CA GLU A 311 -8.91 35.46 11.30
C GLU A 311 -10.37 35.75 10.90
N SER A 312 -11.13 34.77 10.45
CA SER A 312 -12.48 34.94 9.89
C SER A 312 -13.59 34.52 10.84
N ILE A 313 -13.31 34.47 12.15
CA ILE A 313 -14.32 34.38 13.22
C ILE A 313 -13.98 35.29 14.40
N ARG A 314 -14.91 36.15 14.79
CA ARG A 314 -14.80 37.04 15.97
C ARG A 314 -15.33 36.42 17.26
N GLN A 315 -15.95 35.25 17.22
CA GLN A 315 -16.72 34.73 18.35
C GLN A 315 -16.39 33.25 18.62
N PRO A 316 -15.13 32.92 18.95
CA PRO A 316 -14.68 31.54 19.03
C PRO A 316 -15.26 30.81 20.25
N ARG A 317 -16.43 30.21 20.08
CA ARG A 317 -17.00 29.29 21.06
C ARG A 317 -16.14 28.04 21.11
N THR A 318 -15.69 27.62 22.28
CA THR A 318 -15.06 26.31 22.41
C THR A 318 -16.09 25.20 22.29
N ARG A 319 -15.84 24.17 21.51
CA ARG A 319 -16.56 22.90 21.58
C ARG A 319 -15.64 21.93 22.31
N ARG A 320 -15.99 21.46 23.49
CA ARG A 320 -15.23 20.39 24.13
C ARG A 320 -15.61 19.06 23.52
N LEU A 321 -14.61 18.28 23.17
CA LEU A 321 -14.71 16.83 23.09
C LEU A 321 -13.96 16.24 24.27
N ALA A 322 -14.47 15.16 24.83
CA ALA A 322 -13.86 14.54 26.00
C ALA A 322 -14.01 13.03 26.00
N PHE A 323 -13.04 12.35 26.62
CA PHE A 323 -13.05 10.91 26.78
C PHE A 323 -12.40 10.56 28.11
N GLN A 324 -13.14 9.90 28.98
CA GLN A 324 -12.64 9.46 30.27
C GLN A 324 -11.92 8.13 30.09
N LEU A 325 -10.59 8.11 30.04
CA LEU A 325 -9.85 6.86 30.23
C LEU A 325 -10.12 6.38 31.65
N SER A 326 -10.48 5.11 31.76
CA SER A 326 -10.77 4.46 33.04
C SER A 326 -9.59 4.41 33.99
N ALA A 327 -9.86 3.94 35.20
CA ALA A 327 -8.84 3.40 36.07
C ALA A 327 -7.90 2.45 35.31
N GLY A 328 -8.43 1.41 34.66
CA GLY A 328 -7.60 0.36 34.09
C GLY A 328 -6.75 0.84 32.93
N GLU A 329 -7.32 1.64 32.04
CA GLU A 329 -6.56 2.26 30.96
C GLU A 329 -5.52 3.22 31.49
N SER A 330 -5.85 4.02 32.50
CA SER A 330 -4.87 4.85 33.17
C SER A 330 -3.75 3.98 33.75
N ARG A 331 -4.06 2.91 34.48
CA ARG A 331 -3.05 1.98 35.01
C ARG A 331 -2.17 1.43 33.91
N ARG A 332 -2.74 1.01 32.78
CA ARG A 332 -1.94 0.46 31.68
C ARG A 332 -1.05 1.53 31.08
N LEU A 333 -1.55 2.74 30.83
CA LEU A 333 -0.67 3.83 30.41
C LEU A 333 0.39 4.14 31.45
N GLU A 334 0.07 4.21 32.74
CA GLU A 334 1.04 4.54 33.78
C GLU A 334 2.14 3.49 33.90
N ARG A 335 1.79 2.20 33.90
CA ARG A 335 2.78 1.12 33.93
C ARG A 335 3.59 1.04 32.65
N LEU A 336 3.01 1.30 31.48
CA LEU A 336 3.77 1.34 30.24
C LEU A 336 4.64 2.59 30.15
N ALA A 337 4.18 3.72 30.67
CA ALA A 337 4.99 4.91 30.82
C ALA A 337 6.21 4.63 31.69
N ALA A 338 6.03 3.90 32.79
CA ALA A 338 7.13 3.44 33.62
C ALA A 338 8.09 2.53 32.85
N GLN A 339 7.60 1.50 32.15
CA GLN A 339 8.46 0.60 31.37
C GLN A 339 9.29 1.35 30.33
N HIS A 340 8.68 2.30 29.62
CA HIS A 340 9.35 3.09 28.59
C HIS A 340 9.99 4.37 29.13
N GLY A 341 10.03 4.57 30.45
CA GLY A 341 10.84 5.58 31.13
C GLY A 341 10.37 7.02 30.92
N VAL A 342 9.08 7.24 30.69
CA VAL A 342 8.53 8.54 30.32
C VAL A 342 7.54 9.07 31.33
N THR A 343 7.57 10.38 31.59
CA THR A 343 6.52 11.11 32.32
C THR A 343 5.20 10.90 31.60
N LEU A 344 4.09 10.78 32.32
CA LEU A 344 2.81 10.45 31.68
C LEU A 344 2.31 11.55 30.75
N SER A 345 2.66 12.80 31.04
CA SER A 345 2.47 13.90 30.10
C SER A 345 3.18 13.66 28.79
N SER A 346 4.39 13.09 28.80
CA SER A 346 5.06 12.78 27.54
C SER A 346 4.33 11.73 26.74
N VAL A 347 3.64 10.77 27.37
CA VAL A 347 2.84 9.76 26.65
C VAL A 347 1.70 10.43 25.94
N PHE A 348 0.91 11.20 26.67
CA PHE A 348 -0.23 11.87 26.10
C PHE A 348 0.16 12.96 25.10
N GLY A 349 1.27 13.65 25.33
CA GLY A 349 1.79 14.70 24.46
C GLY A 349 2.33 14.11 23.17
N CYS A 350 3.11 13.04 23.25
CA CYS A 350 3.54 12.29 22.08
C CYS A 350 2.37 11.77 21.27
N ALA A 351 1.41 11.12 21.91
CA ALA A 351 0.24 10.61 21.21
C ALA A 351 -0.58 11.74 20.58
N PHE A 352 -0.67 12.90 21.22
CA PHE A 352 -1.35 14.04 20.64
C PHE A 352 -0.58 14.57 19.45
N ALA A 353 0.71 14.78 19.61
CA ALA A 353 1.55 15.24 18.53
C ALA A 353 1.57 14.24 17.38
N LEU A 354 1.41 12.94 17.60
CA LEU A 354 1.25 11.98 16.51
C LEU A 354 -0.07 12.18 15.78
N VAL A 355 -1.16 12.45 16.48
CA VAL A 355 -2.43 12.79 15.83
C VAL A 355 -2.28 14.08 15.06
N LEU A 356 -1.81 15.15 15.68
CA LEU A 356 -1.60 16.40 14.98
C LEU A 356 -0.64 16.25 13.81
N ALA A 357 0.37 15.40 13.89
CA ALA A 357 1.25 15.11 12.78
C ALA A 357 0.46 14.43 11.68
N ARG A 358 -0.34 13.42 12.01
CA ARG A 358 -1.15 12.72 11.03
C ARG A 358 -2.20 13.62 10.41
N TRP A 359 -2.69 14.62 11.13
CA TRP A 359 -3.63 15.59 10.62
C TRP A 359 -3.01 16.86 10.06
N SER A 360 -1.72 17.06 10.17
CA SER A 360 -1.07 18.24 9.58
C SER A 360 -0.62 17.97 8.16
N GLU A 361 -0.49 19.01 7.35
CA GLU A 361 0.22 18.93 6.06
C GLU A 361 1.68 18.48 6.19
N SER A 362 2.31 18.79 7.32
CA SER A 362 3.68 18.40 7.66
C SER A 362 3.76 17.93 9.10
N ALA A 363 4.58 16.92 9.39
CA ALA A 363 4.73 16.37 10.72
C ALA A 363 5.54 17.23 11.70
N GLU A 364 6.00 18.40 11.30
CA GLU A 364 6.72 19.32 12.17
C GLU A 364 5.86 20.53 12.49
N PHE A 365 5.69 20.82 13.77
CA PHE A 365 4.91 21.96 14.25
C PHE A 365 5.24 22.33 15.69
N LEU A 366 4.86 23.55 16.04
CA LEU A 366 4.84 24.05 17.40
C LEU A 366 3.56 23.58 18.07
N LEU A 367 3.63 23.11 19.32
CA LEU A 367 2.47 23.05 20.19
C LEU A 367 2.81 23.68 21.53
N ASN A 368 1.92 24.55 21.99
CA ASN A 368 2.08 25.28 23.23
C ASN A 368 1.80 24.32 24.38
N VAL A 369 2.84 23.92 25.11
CA VAL A 369 2.70 23.18 26.35
C VAL A 369 2.72 24.16 27.52
N PRO A 370 1.59 24.47 28.15
CA PRO A 370 1.63 25.14 29.43
C PRO A 370 2.09 24.16 30.50
N LEU A 371 3.28 24.40 31.03
CA LEU A 371 3.82 23.75 32.22
C LEU A 371 3.69 24.64 33.45
N PHE A 372 4.05 24.10 34.60
CA PHE A 372 3.60 24.59 35.90
C PHE A 372 4.80 25.07 36.73
N ASP A 373 5.24 26.30 36.47
CA ASP A 373 6.35 26.99 37.12
C ASP A 373 5.97 27.51 38.52
N ARG A 374 5.50 26.60 39.35
CA ARG A 374 5.20 26.84 40.77
C ARG A 374 6.47 26.78 41.64
N HIS A 375 7.66 26.85 41.05
CA HIS A 375 8.91 27.01 41.81
C HIS A 375 8.96 28.39 42.48
N ALA A 376 9.18 28.41 43.78
CA ALA A 376 9.52 29.61 44.56
C ALA A 376 10.23 29.22 45.86
N ASP A 377 10.83 30.20 46.55
CA ASP A 377 11.42 29.96 47.88
C ASP A 377 10.38 29.60 48.94
N ASP A 378 9.22 30.26 48.98
CA ASP A 378 8.20 29.99 49.99
C ASP A 378 7.41 28.71 49.65
N PRO A 379 7.33 27.67 50.51
CA PRO A 379 6.56 26.46 50.22
C PRO A 379 5.05 26.72 50.03
N ARG A 380 4.54 27.82 50.56
CA ARG A 380 3.14 28.24 50.44
C ARG A 380 2.80 28.66 49.01
N ILE A 381 3.79 28.76 48.12
CA ILE A 381 3.57 28.79 46.66
C ILE A 381 2.68 27.61 46.21
N GLY A 382 2.79 26.46 46.86
CA GLY A 382 1.90 25.31 46.68
C GLY A 382 0.46 25.51 47.15
N GLU A 383 0.09 26.69 47.62
CA GLU A 383 -1.27 27.07 48.01
C GLU A 383 -1.71 28.40 47.38
N VAL A 384 -0.78 29.23 46.88
CA VAL A 384 -1.09 30.48 46.16
C VAL A 384 -1.88 30.19 44.88
N ILE A 385 -2.89 31.00 44.56
CA ILE A 385 -3.80 30.71 43.43
C ILE A 385 -3.39 31.40 42.11
N ALA A 386 -2.38 32.25 42.15
CA ALA A 386 -1.93 33.01 41.00
C ALA A 386 -1.46 32.17 39.80
N ASP A 387 -1.17 32.79 38.65
CA ASP A 387 -0.96 32.02 37.42
C ASP A 387 0.46 31.47 37.30
N PHE A 388 0.71 30.30 37.89
CA PHE A 388 1.98 29.60 37.73
C PHE A 388 2.19 28.90 36.39
N THR A 389 1.31 29.08 35.41
CA THR A 389 1.59 28.59 34.09
C THR A 389 2.88 29.23 33.60
N THR A 390 3.70 28.46 32.91
CA THR A 390 4.74 28.95 32.01
C THR A 390 4.55 28.23 30.69
N LEU A 391 4.77 28.94 29.59
CA LEU A 391 4.40 28.44 28.27
C LEU A 391 5.64 28.01 27.52
N LEU A 392 5.64 26.76 27.11
CA LEU A 392 6.75 26.11 26.43
C LEU A 392 6.35 25.88 24.98
N LEU A 393 7.08 26.51 24.06
CA LEU A 393 6.85 26.43 22.63
C LEU A 393 7.47 25.15 22.08
N LEU A 394 6.94 24.00 22.45
CA LEU A 394 7.51 22.73 22.07
C LEU A 394 7.49 22.57 20.54
N GLU A 395 8.63 22.72 19.90
CA GLU A 395 8.85 22.48 18.48
C GLU A 395 8.94 20.97 18.23
N CYS A 396 7.83 20.27 18.30
CA CYS A 396 7.81 18.84 18.02
C CYS A 396 7.90 18.55 16.52
N ARG A 397 8.51 17.41 16.16
CA ARG A 397 8.91 17.10 14.78
C ARG A 397 8.66 15.63 14.51
N MET A 398 7.44 15.19 14.74
CA MET A 398 7.14 13.79 15.05
C MET A 398 7.53 12.84 13.92
N GLN A 399 8.38 11.87 14.19
CA GLN A 399 8.87 10.94 13.18
C GLN A 399 7.82 9.90 12.80
N ALA A 400 7.75 9.51 11.53
CA ALA A 400 6.83 8.50 11.03
C ALA A 400 7.43 7.09 11.11
N GLY A 401 6.60 6.05 11.21
CA GLY A 401 7.04 4.65 11.11
C GLY A 401 7.91 4.10 12.25
N VAL A 402 8.57 4.93 13.07
CA VAL A 402 9.23 4.49 14.30
C VAL A 402 8.23 3.85 15.26
N SER A 403 8.71 3.06 16.21
CA SER A 403 7.85 2.55 17.27
C SER A 403 7.26 3.69 18.10
N PHE A 404 6.09 3.50 18.72
CA PHE A 404 5.61 4.51 19.68
C PHE A 404 6.60 4.69 20.82
N ALA A 405 7.29 3.63 21.25
CA ALA A 405 8.32 3.67 22.26
C ALA A 405 9.45 4.65 21.90
N GLU A 406 9.91 4.64 20.64
CA GLU A 406 10.85 5.64 20.15
C GLU A 406 10.21 7.02 20.11
N ALA A 407 9.00 7.14 19.59
CA ALA A 407 8.35 8.43 19.42
C ALA A 407 8.15 9.14 20.77
N VAL A 408 7.74 8.41 21.81
CA VAL A 408 7.45 8.98 23.12
C VAL A 408 8.70 9.39 23.87
N LYS A 409 9.77 8.60 23.78
CA LYS A 409 11.09 9.00 24.29
C LYS A 409 11.58 10.23 23.54
N SER A 410 11.36 10.32 22.22
CA SER A 410 11.73 11.50 21.45
C SER A 410 10.93 12.73 21.91
N PHE A 411 9.61 12.62 22.04
CA PHE A 411 8.76 13.70 22.54
C PHE A 411 9.18 14.13 23.94
N GLN A 412 9.47 13.18 24.82
CA GLN A 412 9.96 13.50 26.14
C GLN A 412 11.29 14.23 26.07
N ARG A 413 12.26 13.75 25.30
CA ARG A 413 13.57 14.39 25.22
C ARG A 413 13.43 15.82 24.73
N ASN A 414 12.63 16.03 23.70
CA ASN A 414 12.31 17.36 23.22
C ASN A 414 11.65 18.21 24.30
N LEU A 415 10.57 17.72 24.91
CA LEU A 415 9.83 18.37 25.98
C LEU A 415 10.77 18.78 27.12
N HIS A 416 11.43 17.82 27.75
CA HIS A 416 12.31 18.06 28.89
C HIS A 416 13.41 19.06 28.53
N GLY A 417 14.11 18.86 27.41
CA GLY A 417 15.18 19.77 27.02
C GLY A 417 14.67 21.19 26.82
N ALA A 418 13.49 21.33 26.22
CA ALA A 418 12.89 22.61 25.97
C ALA A 418 12.34 23.30 27.22
N ILE A 419 12.12 22.62 28.36
CA ILE A 419 11.84 23.31 29.63
C ILE A 419 12.93 24.32 29.96
N ASP A 420 14.19 23.98 29.66
CA ASP A 420 15.32 24.89 29.89
C ASP A 420 15.23 26.13 29.00
N HIS A 421 14.73 25.95 27.78
CA HIS A 421 14.53 27.04 26.82
C HIS A 421 13.26 27.83 27.14
N ALA A 422 12.29 27.28 27.85
CA ALA A 422 11.12 28.02 28.33
C ALA A 422 11.48 29.06 29.40
N ALA A 423 12.74 29.15 29.84
CA ALA A 423 13.27 30.27 30.59
C ALA A 423 13.15 31.62 29.83
N PHE A 424 13.16 31.58 28.50
CA PHE A 424 12.64 32.65 27.65
C PHE A 424 11.28 32.20 27.14
N PRO A 425 10.18 32.88 27.46
CA PRO A 425 8.86 32.29 27.37
C PRO A 425 8.40 32.17 25.93
N ALA A 426 7.60 31.15 25.64
CA ALA A 426 7.06 30.90 24.30
C ALA A 426 6.47 32.14 23.66
N LEU A 427 5.72 32.95 24.41
CA LEU A 427 5.14 34.16 23.89
C LEU A 427 6.17 35.13 23.31
N GLU A 428 7.30 35.27 23.98
CA GLU A 428 8.36 36.16 23.52
C GLU A 428 9.08 35.59 22.30
N VAL A 429 9.08 34.26 22.14
CA VAL A 429 9.50 33.60 20.90
C VAL A 429 8.53 33.94 19.78
N LEU A 430 7.23 33.87 20.02
CA LEU A 430 6.22 34.21 19.02
C LEU A 430 6.26 35.70 18.64
N ARG A 431 6.53 36.58 19.61
CA ARG A 431 6.81 37.98 19.35
C ARG A 431 8.07 38.13 18.51
N GLU A 432 9.18 37.54 18.92
CA GLU A 432 10.42 37.68 18.18
C GLU A 432 10.31 37.10 16.77
N ALA A 433 9.50 36.06 16.56
CA ALA A 433 9.12 35.60 15.22
C ALA A 433 8.43 36.70 14.42
N ARG A 434 7.42 37.37 14.98
CA ARG A 434 6.78 38.54 14.36
C ARG A 434 7.76 39.70 14.13
N ARG A 435 8.66 39.97 15.07
CA ARG A 435 9.76 40.95 14.93
C ARG A 435 10.83 40.51 13.93
N GLN A 436 10.85 39.24 13.55
CA GLN A 436 11.61 38.67 12.44
C GLN A 436 10.73 38.38 11.21
N GLY A 437 9.55 39.01 11.10
CA GLY A 437 8.70 38.93 9.91
C GLY A 437 7.97 37.60 9.69
N GLN A 438 7.99 36.68 10.66
CA GLN A 438 7.35 35.38 10.58
C GLN A 438 6.06 35.36 11.42
N PRO A 439 4.87 35.14 10.84
CA PRO A 439 3.61 35.04 11.57
C PRO A 439 3.42 33.78 12.44
N ARG A 440 4.50 33.12 12.89
CA ARG A 440 4.42 31.86 13.63
C ARG A 440 3.56 31.98 14.88
N SER A 441 2.87 30.90 15.19
CA SER A 441 2.05 30.72 16.37
C SER A 441 2.03 29.26 16.76
N ALA A 442 1.74 28.97 18.03
CA ALA A 442 1.42 27.63 18.48
C ALA A 442 -0.04 27.63 18.93
N PRO A 443 -0.98 27.71 18.00
CA PRO A 443 -2.39 27.83 18.31
C PRO A 443 -3.01 26.47 18.66
N VAL A 444 -2.18 25.47 18.94
CA VAL A 444 -2.62 24.17 19.42
C VAL A 444 -1.82 23.87 20.67
N VAL A 445 -2.50 23.29 21.65
CA VAL A 445 -2.11 23.38 23.05
C VAL A 445 -2.22 22.04 23.70
N PHE A 446 -1.28 21.73 24.57
CA PHE A 446 -1.22 20.47 25.28
C PHE A 446 -1.01 20.70 26.78
N ALA A 447 -2.11 20.82 27.52
CA ALA A 447 -2.13 21.17 28.93
C ALA A 447 -2.28 19.92 29.80
N SER A 448 -1.17 19.26 30.07
CA SER A 448 -1.11 18.02 30.83
C SER A 448 -1.28 18.22 32.34
N ASN A 449 -2.45 18.66 32.81
CA ASN A 449 -2.72 18.79 34.24
C ASN A 449 -2.94 17.41 34.91
N LEU A 450 -1.90 16.60 34.95
CA LEU A 450 -1.92 15.20 35.36
C LEU A 450 -1.59 14.96 36.84
N GLY A 451 -1.66 15.99 37.68
CA GLY A 451 -1.44 15.92 39.14
C GLY A 451 -2.14 14.73 39.78
N GLU A 452 -1.35 13.87 40.43
CA GLU A 452 -1.68 12.46 40.69
C GLU A 452 -2.83 12.23 41.68
N GLU A 453 -3.19 13.26 42.44
CA GLU A 453 -4.23 13.26 43.49
C GLU A 453 -5.67 13.10 42.96
N GLY A 454 -5.87 13.22 41.64
CA GLY A 454 -7.15 13.60 41.06
C GLY A 454 -7.17 15.10 40.82
N PHE A 455 -7.65 15.58 39.68
CA PHE A 455 -7.61 17.00 39.37
C PHE A 455 -8.43 17.79 40.36
N VAL A 456 -9.70 17.43 40.48
CA VAL A 456 -10.56 17.91 41.56
C VAL A 456 -10.02 17.33 42.86
N PRO A 457 -9.54 18.15 43.80
CA PRO A 457 -8.92 17.64 45.01
C PRO A 457 -9.95 16.99 45.93
N ALA A 458 -9.53 16.05 46.77
CA ALA A 458 -10.42 15.23 47.59
C ALA A 458 -11.36 16.07 48.47
N ALA A 459 -10.87 17.17 49.05
CA ALA A 459 -11.67 18.09 49.87
C ALA A 459 -12.86 18.69 49.10
N PHE A 460 -12.69 18.88 47.80
CA PHE A 460 -13.77 19.27 46.90
C PHE A 460 -14.61 18.07 46.45
N ARG A 461 -13.99 16.92 46.13
CA ARG A 461 -14.74 15.70 45.74
C ARG A 461 -15.71 15.23 46.83
N ASP A 462 -15.39 15.50 48.10
CA ASP A 462 -16.32 15.32 49.21
C ASP A 462 -17.50 16.29 49.15
N ALA A 463 -17.24 17.55 48.82
CA ALA A 463 -18.23 18.64 48.83
C ALA A 463 -19.21 18.59 47.67
N PHE A 464 -18.72 18.26 46.47
CA PHE A 464 -19.49 18.13 45.22
C PHE A 464 -18.90 16.98 44.39
N GLY A 465 -19.69 16.34 43.51
CA GLY A 465 -19.18 15.27 42.64
C GLY A 465 -17.98 15.70 41.80
N ASP A 466 -17.12 14.75 41.43
CA ASP A 466 -15.97 15.01 40.57
C ASP A 466 -16.41 15.61 39.22
N LEU A 467 -15.52 16.31 38.53
CA LEU A 467 -15.79 17.19 37.40
C LEU A 467 -16.75 16.56 36.39
N HIS A 468 -17.92 17.16 36.24
CA HIS A 468 -18.96 16.65 35.36
C HIS A 468 -18.66 17.01 33.91
N ASP A 469 -18.27 18.26 33.69
CA ASP A 469 -17.85 18.80 32.42
C ASP A 469 -17.03 20.07 32.63
N MET A 470 -16.37 20.55 31.61
CA MET A 470 -15.57 21.76 31.67
C MET A 470 -15.45 22.38 30.29
N LEU A 471 -15.14 23.66 30.21
CA LEU A 471 -14.82 24.33 28.96
C LEU A 471 -13.62 25.26 29.15
N SER A 472 -12.68 25.27 28.23
CA SER A 472 -11.75 26.37 28.05
C SER A 472 -12.39 27.45 27.21
N GLN A 473 -11.83 28.65 27.23
CA GLN A 473 -12.00 29.67 26.21
C GLN A 473 -10.65 30.31 25.87
N THR A 474 -9.58 29.52 25.73
CA THR A 474 -8.26 30.07 25.42
C THR A 474 -8.26 30.83 24.10
N PRO A 475 -7.93 32.14 24.08
CA PRO A 475 -7.84 32.92 22.86
C PRO A 475 -6.64 32.50 22.04
N GLN A 476 -6.73 32.72 20.73
CA GLN A 476 -5.63 32.48 19.80
C GLN A 476 -5.21 31.01 19.75
N VAL A 477 -6.03 30.10 20.27
CA VAL A 477 -5.81 28.66 20.31
C VAL A 477 -6.99 27.93 19.70
N TRP A 478 -6.72 27.25 18.58
CA TRP A 478 -7.64 26.44 17.81
C TRP A 478 -8.07 25.21 18.57
N LEU A 479 -7.12 24.54 19.22
CA LEU A 479 -7.33 23.25 19.84
C LEU A 479 -6.55 23.18 21.14
N ASP A 480 -7.25 23.56 22.18
CA ASP A 480 -6.78 23.53 23.54
C ASP A 480 -6.97 22.14 24.11
N HIS A 481 -6.03 21.23 23.89
CA HIS A 481 -6.11 19.91 24.51
C HIS A 481 -5.62 19.97 25.94
N GLN A 482 -6.42 19.50 26.88
CA GLN A 482 -6.06 19.36 28.28
C GLN A 482 -6.23 17.94 28.79
N LEU A 483 -5.61 17.62 29.92
CA LEU A 483 -5.84 16.39 30.65
C LEU A 483 -6.07 16.66 32.11
N TYR A 484 -6.87 15.81 32.72
CA TYR A 484 -7.18 15.85 34.13
C TYR A 484 -7.22 14.43 34.62
N ARG A 485 -6.62 14.14 35.77
CA ARG A 485 -7.03 12.94 36.50
C ARG A 485 -8.49 13.13 36.90
N VAL A 486 -9.39 12.24 36.53
CA VAL A 486 -10.81 12.34 36.89
C VAL A 486 -11.31 10.98 37.32
N GLY A 487 -12.03 10.94 38.45
CA GLY A 487 -12.00 9.72 39.26
C GLY A 487 -10.52 9.45 39.59
N ASP A 488 -10.11 8.19 39.50
CA ASP A 488 -8.70 7.83 39.34
C ASP A 488 -8.31 7.55 37.88
N GLY A 489 -9.21 7.78 36.93
CA GLY A 489 -8.97 7.72 35.50
C GLY A 489 -8.42 9.03 34.96
N ILE A 490 -8.47 9.24 33.64
CA ILE A 490 -7.90 10.42 32.99
C ILE A 490 -8.88 10.94 31.97
N LEU A 491 -9.50 12.09 32.26
CA LEU A 491 -10.33 12.79 31.32
C LEU A 491 -9.42 13.47 30.31
N LEU A 492 -9.42 12.96 29.09
CA LEU A 492 -8.91 13.66 27.93
C LEU A 492 -9.90 14.73 27.56
N ALA A 493 -9.44 15.93 27.28
CA ALA A 493 -10.28 16.99 26.79
C ALA A 493 -9.64 17.70 25.61
N TRP A 494 -10.42 18.01 24.60
CA TRP A 494 -10.03 18.73 23.41
C TRP A 494 -10.97 19.90 23.25
N ASP A 495 -10.56 21.06 23.76
CA ASP A 495 -11.27 22.30 23.56
C ASP A 495 -10.93 22.87 22.21
N SER A 496 -11.46 22.21 21.20
CA SER A 496 -11.51 22.68 19.82
C SER A 496 -12.37 23.93 19.73
N VAL A 497 -12.29 24.67 18.63
CA VAL A 497 -13.15 25.83 18.38
C VAL A 497 -14.27 25.51 17.39
N VAL A 498 -15.49 25.90 17.73
CA VAL A 498 -16.68 25.78 16.87
C VAL A 498 -16.43 26.45 15.53
N GLY A 499 -16.69 25.74 14.44
CA GLY A 499 -16.63 26.24 13.07
C GLY A 499 -15.23 26.50 12.52
N LEU A 500 -14.19 26.42 13.36
CA LEU A 500 -12.82 26.56 12.92
C LEU A 500 -12.35 25.33 12.17
N PHE A 501 -12.48 24.15 12.77
CA PHE A 501 -12.26 22.90 12.05
C PHE A 501 -13.52 22.47 11.29
N PRO A 502 -13.38 21.67 10.23
CA PRO A 502 -14.51 21.03 9.57
C PRO A 502 -15.40 20.26 10.53
N GLU A 503 -16.70 20.22 10.25
CA GLU A 503 -17.62 19.47 11.07
C GLU A 503 -17.28 17.99 11.06
N GLY A 504 -17.25 17.36 12.23
CA GLY A 504 -16.84 15.98 12.39
C GLY A 504 -15.32 15.79 12.37
N LEU A 505 -14.50 16.82 12.14
CA LEU A 505 -13.05 16.66 12.17
C LEU A 505 -12.47 16.59 13.57
N PRO A 506 -12.67 17.54 14.51
CA PRO A 506 -12.18 17.34 15.86
C PRO A 506 -12.76 16.09 16.46
N GLU A 507 -14.00 15.73 16.13
CA GLU A 507 -14.58 14.44 16.50
C GLU A 507 -13.72 13.31 15.99
N THR A 508 -13.45 13.22 14.68
CA THR A 508 -12.73 12.08 14.11
C THR A 508 -11.26 12.05 14.51
N MET A 509 -10.62 13.21 14.55
CA MET A 509 -9.26 13.40 14.97
C MET A 509 -9.09 13.02 16.43
N PHE A 510 -10.04 13.38 17.29
CA PHE A 510 -10.08 12.94 18.66
C PHE A 510 -10.45 11.46 18.81
N GLU A 511 -11.37 10.92 18.02
CA GLU A 511 -11.61 9.47 18.00
C GLU A 511 -10.35 8.72 17.60
N ALA A 512 -9.53 9.25 16.69
CA ALA A 512 -8.24 8.67 16.38
C ALA A 512 -7.26 8.83 17.55
N TYR A 513 -7.28 9.93 18.27
CA TYR A 513 -6.49 10.10 19.48
C TYR A 513 -6.85 9.15 20.61
N VAL A 514 -8.13 8.96 20.88
CA VAL A 514 -8.58 7.97 21.85
C VAL A 514 -8.26 6.58 21.37
N GLY A 515 -8.54 6.28 20.10
CA GLY A 515 -8.17 5.02 19.47
C GLY A 515 -6.69 4.73 19.65
N LEU A 516 -5.82 5.71 19.43
CA LEU A 516 -4.41 5.66 19.71
C LEU A 516 -4.14 5.39 21.18
N LEU A 517 -4.71 6.12 22.11
CA LEU A 517 -4.40 5.91 23.51
C LEU A 517 -4.85 4.54 24.03
N GLN A 518 -5.93 3.98 23.52
CA GLN A 518 -6.26 2.59 23.83
C GLN A 518 -5.35 1.60 23.13
N ARG A 519 -4.94 1.89 21.89
CA ARG A 519 -3.88 1.15 21.19
C ARG A 519 -2.56 1.23 21.96
N LEU A 520 -2.32 2.27 22.75
CA LEU A 520 -1.22 2.35 23.70
C LEU A 520 -1.48 1.61 25.00
N CYS A 521 -2.71 1.53 25.48
CA CYS A 521 -3.00 0.79 26.69
C CYS A 521 -2.81 -0.71 26.47
N ASP A 522 -3.48 -1.24 25.47
CA ASP A 522 -3.71 -2.67 25.36
C ASP A 522 -2.67 -3.36 24.48
N SER A 523 -1.67 -2.63 23.98
CA SER A 523 -0.65 -3.14 23.06
C SER A 523 0.72 -2.50 23.28
N ALA A 524 1.79 -3.27 23.11
CA ALA A 524 3.14 -2.85 23.45
C ALA A 524 3.63 -1.76 22.52
N TRP A 525 4.41 -0.81 23.05
CA TRP A 525 4.84 0.37 22.31
C TRP A 525 5.96 0.10 21.29
N GLY A 526 6.44 -1.14 21.17
CA GLY A 526 7.19 -1.59 19.99
C GLY A 526 6.40 -1.48 18.68
N GLN A 527 5.07 -1.40 18.73
CA GLN A 527 4.23 -1.18 17.57
C GLN A 527 4.48 0.17 16.88
N PRO A 528 4.15 0.33 15.59
CA PRO A 528 4.35 1.58 14.86
C PRO A 528 3.62 2.75 15.50
N ALA A 529 4.31 3.89 15.63
CA ALA A 529 3.73 5.15 16.09
C ALA A 529 2.72 5.72 15.09
N ASP A 530 2.81 5.34 13.81
CA ASP A 530 1.76 5.59 12.83
C ASP A 530 0.40 5.16 13.36
N LEU A 531 -0.55 6.09 13.44
CA LEU A 531 -1.95 5.75 13.61
C LEU A 531 -2.47 4.93 12.41
N PRO A 532 -3.49 4.10 12.59
CA PRO A 532 -4.34 3.76 11.46
C PRO A 532 -5.03 5.02 10.95
N LEU A 533 -5.44 5.07 9.68
CA LEU A 533 -6.52 5.98 9.35
C LEU A 533 -7.78 5.55 10.12
N PRO A 534 -8.54 6.48 10.71
CA PRO A 534 -9.78 6.14 11.40
C PRO A 534 -10.68 5.44 10.41
N TRP A 535 -11.10 4.22 10.72
CA TRP A 535 -11.46 3.26 9.68
C TRP A 535 -12.52 3.74 8.71
N ALA A 536 -13.52 4.48 9.15
CA ALA A 536 -14.55 5.01 8.28
C ALA A 536 -13.97 5.78 7.09
N GLN A 537 -12.92 6.57 7.30
CA GLN A 537 -12.25 7.33 6.24
C GLN A 537 -11.58 6.38 5.26
N GLN A 538 -10.80 5.44 5.77
CA GLN A 538 -10.13 4.48 4.92
C GLN A 538 -11.12 3.58 4.19
N ALA A 539 -12.23 3.22 4.79
CA ALA A 539 -13.23 2.38 4.17
C ALA A 539 -13.79 3.06 2.93
N ARG A 540 -14.18 4.34 3.04
CA ARG A 540 -14.62 5.11 1.88
C ARG A 540 -13.57 5.11 0.80
N ARG A 541 -12.33 5.45 1.14
CA ARG A 541 -11.26 5.52 0.16
C ARG A 541 -10.94 4.17 -0.46
N ALA A 542 -11.07 3.07 0.27
CA ALA A 542 -11.04 1.75 -0.33
C ALA A 542 -12.19 1.55 -1.32
N LEU A 543 -13.40 2.08 -1.13
CA LEU A 543 -14.41 2.03 -2.18
C LEU A 543 -14.03 2.86 -3.40
N LEU A 544 -13.53 4.08 -3.22
CA LEU A 544 -13.19 4.97 -4.34
C LEU A 544 -12.07 4.38 -5.20
N ASN A 545 -11.08 3.81 -4.56
CA ASN A 545 -9.97 3.13 -5.20
C ASN A 545 -10.35 1.74 -5.67
N GLY A 546 -11.37 1.14 -5.08
CA GLY A 546 -11.80 -0.20 -5.41
C GLY A 546 -12.60 -0.29 -6.70
N GLN A 547 -12.96 0.82 -7.32
CA GLN A 547 -13.86 0.81 -8.46
C GLN A 547 -13.34 -0.12 -9.56
N PRO A 548 -14.11 -1.12 -10.01
CA PRO A 548 -13.63 -2.13 -10.94
C PRO A 548 -13.11 -1.52 -12.22
N ALA A 549 -12.34 -2.27 -13.00
CA ALA A 549 -11.78 -1.82 -14.26
C ALA A 549 -12.81 -1.10 -15.14
N CYS A 550 -14.02 -1.67 -15.27
CA CYS A 550 -15.07 -1.20 -16.18
C CYS A 550 -14.48 -0.91 -17.58
N ALA A 551 -13.57 -1.80 -17.99
CA ALA A 551 -12.71 -1.71 -19.16
C ALA A 551 -12.33 -3.13 -19.60
N THR A 552 -11.93 -3.30 -20.86
CA THR A 552 -11.37 -4.57 -21.36
C THR A 552 -9.93 -4.35 -21.82
N ALA A 553 -8.98 -5.10 -21.26
CA ALA A 553 -7.56 -4.95 -21.56
C ALA A 553 -7.31 -5.32 -23.02
N ARG A 554 -6.93 -4.34 -23.84
CA ARG A 554 -6.73 -4.51 -25.29
C ARG A 554 -5.82 -3.44 -25.86
N THR A 555 -5.22 -3.68 -27.02
CA THR A 555 -4.34 -2.69 -27.62
C THR A 555 -5.10 -1.42 -27.97
N LEU A 556 -4.46 -0.28 -27.87
CA LEU A 556 -5.15 1.02 -27.76
C LEU A 556 -5.90 1.35 -29.04
N HIS A 557 -5.29 1.00 -30.17
CA HIS A 557 -5.83 1.17 -31.50
C HIS A 557 -6.93 0.17 -31.84
N ARG A 558 -7.10 -0.93 -31.08
CA ARG A 558 -7.84 -2.11 -31.54
C ARG A 558 -9.22 -1.72 -32.02
N ASP A 559 -9.96 -1.01 -31.19
CA ASP A 559 -11.35 -0.73 -31.50
C ASP A 559 -11.50 0.11 -32.75
N PHE A 560 -10.61 1.06 -33.04
CA PHE A 560 -10.73 1.83 -34.28
C PHE A 560 -10.69 0.94 -35.52
N PHE A 561 -9.76 -0.01 -35.57
CA PHE A 561 -9.70 -0.94 -36.69
C PHE A 561 -10.92 -1.86 -36.76
N LEU A 562 -11.56 -2.17 -35.63
CA LEU A 562 -12.87 -2.81 -35.66
C LEU A 562 -13.94 -1.87 -36.22
N ARG A 563 -14.04 -0.63 -35.71
CA ARG A 563 -15.00 0.37 -36.19
C ARG A 563 -14.83 0.61 -37.68
N ALA A 564 -13.62 0.50 -38.21
CA ALA A 564 -13.36 0.59 -39.64
C ALA A 564 -13.86 -0.65 -40.38
N ALA A 565 -13.51 -1.86 -39.95
CA ALA A 565 -13.98 -3.09 -40.59
C ALA A 565 -15.52 -3.24 -40.55
N GLU A 566 -16.18 -2.68 -39.54
CA GLU A 566 -17.63 -2.65 -39.39
C GLU A 566 -18.30 -1.64 -40.35
N ALA A 567 -17.76 -0.43 -40.49
CA ALA A 567 -18.34 0.65 -41.27
C ALA A 567 -17.24 1.53 -41.93
N PRO A 568 -16.64 1.10 -43.04
CA PRO A 568 -15.49 1.79 -43.61
C PRO A 568 -15.83 3.18 -44.14
N ASP A 569 -17.03 3.38 -44.64
CA ASP A 569 -17.52 4.64 -45.22
C ASP A 569 -18.03 5.63 -44.17
N ALA A 570 -18.10 5.28 -42.88
CA ALA A 570 -18.49 6.21 -41.82
C ALA A 570 -17.42 7.29 -41.62
N ASP A 571 -17.81 8.52 -41.27
CA ASP A 571 -16.88 9.61 -41.02
C ASP A 571 -15.95 9.26 -39.86
N ALA A 572 -14.65 9.32 -40.09
CA ALA A 572 -13.65 9.28 -39.03
C ALA A 572 -13.17 10.68 -38.69
N LEU A 573 -12.69 11.46 -39.67
CA LEU A 573 -12.09 12.76 -39.40
C LEU A 573 -12.65 13.82 -40.30
N LEU A 574 -12.91 14.99 -39.74
CA LEU A 574 -13.41 16.15 -40.46
C LEU A 574 -12.41 17.26 -40.30
N TYR A 575 -11.93 17.83 -41.40
CA TYR A 575 -10.80 18.75 -41.37
C TYR A 575 -11.18 20.13 -41.92
N ARG A 576 -10.24 20.89 -42.50
CA ARG A 576 -10.45 22.27 -42.96
C ARG A 576 -11.69 22.43 -43.84
N ASP A 577 -11.93 21.43 -44.68
CA ASP A 577 -13.13 21.25 -45.52
C ASP A 577 -13.46 19.76 -45.67
N GLN A 578 -12.50 18.98 -46.14
CA GLN A 578 -12.66 17.56 -46.46
C GLN A 578 -12.81 16.65 -45.24
N ARG A 579 -13.39 15.46 -45.46
CA ARG A 579 -13.54 14.42 -44.44
C ARG A 579 -13.02 13.07 -44.90
N VAL A 580 -12.41 12.35 -43.97
CA VAL A 580 -11.79 11.05 -44.14
C VAL A 580 -12.65 10.00 -43.45
N THR A 581 -13.05 8.95 -44.13
CA THR A 581 -13.84 7.89 -43.50
C THR A 581 -13.00 6.95 -42.64
N ARG A 582 -13.60 6.06 -41.86
CA ARG A 582 -12.85 5.11 -41.03
C ARG A 582 -12.02 4.15 -41.87
N GLY A 583 -12.58 3.67 -42.96
CA GLY A 583 -11.94 2.75 -43.90
C GLY A 583 -10.78 3.42 -44.58
N GLU A 584 -10.97 4.65 -45.02
CA GLU A 584 -9.87 5.47 -45.53
C GLU A 584 -8.80 5.68 -44.47
N LEU A 585 -9.16 6.13 -43.28
CA LEU A 585 -8.20 6.36 -42.21
C LEU A 585 -7.50 5.07 -41.79
N ALA A 586 -8.19 3.94 -41.75
CA ALA A 586 -7.64 2.66 -41.37
C ALA A 586 -6.67 2.17 -42.42
N GLU A 587 -7.03 2.24 -43.69
CA GLU A 587 -6.14 1.81 -44.76
C GLU A 587 -4.97 2.78 -44.92
N ARG A 588 -5.14 4.07 -44.66
CA ARG A 588 -4.06 5.06 -44.57
C ARG A 588 -3.13 4.78 -43.40
N ALA A 589 -3.68 4.49 -42.23
CA ALA A 589 -2.89 4.10 -41.08
C ALA A 589 -2.11 2.83 -41.37
N LEU A 590 -2.75 1.79 -41.90
CA LEU A 590 -2.07 0.56 -42.22
C LEU A 590 -1.04 0.72 -43.36
N ARG A 591 -1.20 1.67 -44.29
CA ARG A 591 -0.14 2.03 -45.25
C ARG A 591 1.04 2.63 -44.52
N ILE A 592 0.82 3.59 -43.63
CA ILE A 592 1.90 4.10 -42.79
C ILE A 592 2.50 2.99 -41.93
N ALA A 593 1.71 2.08 -41.40
CA ALA A 593 2.22 1.01 -40.59
C ALA A 593 3.20 0.14 -41.37
N GLY A 594 2.84 -0.28 -42.57
CA GLY A 594 3.73 -1.09 -43.41
C GLY A 594 4.95 -0.29 -43.85
N GLY A 595 4.79 0.99 -44.14
CA GLY A 595 5.90 1.89 -44.38
C GLY A 595 6.87 1.97 -43.19
N LEU A 596 6.37 1.91 -41.95
CA LEU A 596 7.21 1.92 -40.76
C LEU A 596 7.88 0.59 -40.50
N ARG A 597 7.18 -0.53 -40.71
CA ARG A 597 7.79 -1.85 -40.62
C ARG A 597 8.95 -1.96 -41.58
N GLU A 598 8.76 -1.53 -42.82
CA GLU A 598 9.82 -1.46 -43.81
C GLU A 598 10.98 -0.57 -43.35
N ALA A 599 10.72 0.56 -42.68
CA ALA A 599 11.73 1.44 -42.09
C ALA A 599 12.39 0.91 -40.79
N GLY A 600 12.09 -0.30 -40.34
CA GLY A 600 12.73 -0.97 -39.19
C GLY A 600 12.07 -0.73 -37.84
N VAL A 601 11.03 0.09 -37.78
CA VAL A 601 10.16 0.22 -36.61
C VAL A 601 9.38 -1.08 -36.39
N ARG A 602 9.22 -1.48 -35.13
CA ARG A 602 8.70 -2.78 -34.71
C ARG A 602 8.16 -2.74 -33.28
N PRO A 603 7.42 -3.74 -32.78
CA PRO A 603 6.64 -3.70 -31.55
C PRO A 603 7.33 -2.99 -30.39
N GLY A 604 6.65 -2.03 -29.78
CA GLY A 604 7.09 -1.23 -28.63
C GLY A 604 8.30 -0.31 -28.86
N ASP A 605 8.94 -0.33 -30.03
CA ASP A 605 9.96 0.65 -30.37
C ASP A 605 9.30 2.00 -30.68
N ALA A 606 9.93 3.11 -30.32
CA ALA A 606 9.26 4.40 -30.25
C ALA A 606 9.46 5.26 -31.51
N VAL A 607 8.45 6.03 -31.89
CA VAL A 607 8.44 6.78 -33.14
C VAL A 607 7.97 8.21 -32.94
N GLU A 608 8.77 9.20 -33.26
CA GLU A 608 8.31 10.58 -33.19
C GLU A 608 7.20 10.83 -34.19
N VAL A 609 6.17 11.58 -33.80
CA VAL A 609 5.12 12.03 -34.70
C VAL A 609 5.03 13.54 -34.58
N SER A 610 5.74 14.24 -35.43
CA SER A 610 5.78 15.69 -35.51
C SER A 610 5.10 16.12 -36.78
N LEU A 611 3.79 16.06 -36.78
CA LEU A 611 3.01 16.44 -37.95
C LEU A 611 2.09 17.58 -37.59
N PRO A 612 1.85 18.54 -38.50
CA PRO A 612 0.83 19.55 -38.29
C PRO A 612 -0.52 18.87 -38.12
N ARG A 613 -1.35 19.44 -37.24
CA ARG A 613 -2.65 18.86 -36.86
C ARG A 613 -3.52 18.66 -38.10
N GLY A 614 -3.98 17.44 -38.35
CA GLY A 614 -4.72 17.11 -39.57
C GLY A 614 -4.84 15.61 -39.77
N PRO A 615 -5.56 15.14 -40.80
CA PRO A 615 -5.83 13.71 -40.94
C PRO A 615 -4.60 12.86 -41.11
N GLN A 616 -3.56 13.40 -41.74
CA GLN A 616 -2.26 12.74 -41.80
C GLN A 616 -1.62 12.58 -40.41
N GLN A 617 -1.80 13.49 -39.46
CA GLN A 617 -1.34 13.30 -38.07
C GLN A 617 -2.05 12.14 -37.39
N VAL A 618 -3.35 12.03 -37.58
CA VAL A 618 -4.12 10.91 -37.03
C VAL A 618 -3.73 9.60 -37.70
N ALA A 619 -3.65 9.58 -39.03
CA ALA A 619 -3.22 8.41 -39.76
C ALA A 619 -1.81 7.97 -39.35
N ALA A 620 -0.94 8.92 -39.01
CA ALA A 620 0.37 8.61 -38.47
C ALA A 620 0.32 7.97 -37.09
N VAL A 621 -0.45 8.47 -36.12
CA VAL A 621 -0.46 7.81 -34.81
C VAL A 621 -1.12 6.45 -34.89
N PHE A 622 -2.25 6.33 -35.58
CA PHE A 622 -2.84 5.01 -35.81
C PHE A 622 -1.93 4.11 -36.64
N GLY A 623 -1.12 4.67 -37.52
CA GLY A 623 -0.16 3.90 -38.30
C GLY A 623 1.02 3.44 -37.46
N VAL A 624 1.56 4.30 -36.60
CA VAL A 624 2.60 3.93 -35.65
C VAL A 624 2.09 2.82 -34.75
N LEU A 625 0.94 3.03 -34.13
CA LEU A 625 0.34 2.05 -33.23
C LEU A 625 0.00 0.76 -33.97
N ALA A 626 -0.49 0.82 -35.21
CA ALA A 626 -0.75 -0.36 -36.01
C ALA A 626 0.53 -1.06 -36.47
N ALA A 627 1.68 -0.38 -36.55
CA ALA A 627 2.98 -1.01 -36.69
C ALA A 627 3.44 -1.71 -35.40
N GLY A 628 2.61 -1.69 -34.36
CA GLY A 628 2.96 -2.15 -33.03
C GLY A 628 3.80 -1.15 -32.24
N ALA A 629 4.14 -0.01 -32.80
CA ALA A 629 5.12 0.90 -32.24
C ALA A 629 4.51 1.90 -31.25
N CYS A 630 5.35 2.59 -30.52
CA CYS A 630 4.94 3.52 -29.48
C CYS A 630 5.12 4.96 -29.95
N TYR A 631 4.06 5.73 -30.14
CA TYR A 631 4.19 7.04 -30.77
C TYR A 631 4.65 8.12 -29.80
N VAL A 632 5.54 9.01 -30.22
CA VAL A 632 6.11 10.08 -29.41
C VAL A 632 5.69 11.37 -30.06
N PRO A 633 4.47 11.83 -29.80
CA PRO A 633 3.93 12.98 -30.47
C PRO A 633 4.69 14.22 -30.05
N LEU A 634 4.95 15.11 -30.99
CA LEU A 634 5.49 16.43 -30.69
C LEU A 634 4.83 17.48 -31.58
N ASP A 635 4.81 18.72 -31.10
CA ASP A 635 4.42 19.85 -31.92
C ASP A 635 5.45 20.03 -33.04
N ILE A 636 5.01 20.16 -34.28
CA ILE A 636 5.93 20.51 -35.36
C ILE A 636 6.54 21.90 -35.15
N ASP A 637 5.87 22.81 -34.45
CA ASP A 637 6.38 24.14 -34.09
C ASP A 637 7.34 24.17 -32.88
N GLN A 638 7.62 23.02 -32.25
CA GLN A 638 8.58 22.90 -31.15
C GLN A 638 10.02 23.23 -31.60
N PRO A 639 10.81 24.00 -30.83
CA PRO A 639 12.13 24.47 -31.27
C PRO A 639 13.16 23.33 -31.43
N PRO A 640 14.15 23.45 -32.33
CA PRO A 640 14.97 22.31 -32.74
C PRO A 640 15.85 21.72 -31.66
N ALA A 641 16.41 22.54 -30.77
CA ALA A 641 17.24 22.02 -29.68
C ALA A 641 16.43 21.11 -28.77
N ARG A 642 15.23 21.53 -28.36
CA ARG A 642 14.29 20.72 -27.58
C ARG A 642 13.91 19.45 -28.34
N ARG A 643 13.63 19.56 -29.64
CA ARG A 643 13.36 18.40 -30.49
C ARG A 643 14.51 17.39 -30.45
N ARG A 644 15.77 17.82 -30.58
CA ARG A 644 16.92 16.91 -30.46
C ARG A 644 16.99 16.25 -29.09
N LEU A 645 16.80 17.00 -28.01
CA LEU A 645 16.78 16.39 -26.66
C LEU A 645 15.71 15.32 -26.57
N ILE A 646 14.53 15.54 -27.14
CA ILE A 646 13.44 14.57 -27.09
C ILE A 646 13.69 13.38 -28.00
N GLU A 647 14.19 13.58 -29.23
CA GLU A 647 14.63 12.48 -30.09
C GLU A 647 15.65 11.58 -29.37
N GLU A 648 16.64 12.19 -28.71
CA GLU A 648 17.64 11.50 -27.91
C GLU A 648 17.03 10.81 -26.70
N ALA A 649 16.21 11.52 -25.92
CA ALA A 649 15.68 11.05 -24.64
C ALA A 649 14.62 9.96 -24.81
N ALA A 650 13.82 10.02 -25.87
CA ALA A 650 12.89 8.97 -26.23
C ALA A 650 13.60 7.71 -26.71
N GLY A 651 14.89 7.82 -27.06
CA GLY A 651 15.62 6.79 -27.79
C GLY A 651 14.96 6.51 -29.13
N VAL A 652 14.44 7.56 -29.78
CA VAL A 652 13.40 7.38 -30.79
C VAL A 652 13.95 6.69 -32.02
N CYS A 653 13.28 5.60 -32.42
CA CYS A 653 13.70 4.72 -33.50
C CYS A 653 13.69 5.41 -34.85
N LEU A 654 12.75 6.35 -35.00
CA LEU A 654 12.33 6.95 -36.24
C LEU A 654 11.58 8.24 -35.91
N ALA A 655 11.43 9.16 -36.85
CA ALA A 655 10.51 10.29 -36.73
C ALA A 655 9.65 10.41 -37.97
N ILE A 656 8.39 10.76 -37.81
CA ILE A 656 7.48 11.10 -38.88
C ILE A 656 7.27 12.59 -38.80
N THR A 657 7.61 13.32 -39.86
CA THR A 657 7.83 14.77 -39.73
C THR A 657 7.44 15.60 -40.94
N GLU A 658 6.66 15.04 -41.86
CA GLU A 658 6.28 15.70 -43.12
C GLU A 658 7.50 16.05 -44.01
N GLU A 659 8.66 15.46 -43.75
CA GLU A 659 9.89 15.61 -44.52
C GLU A 659 10.67 14.31 -44.49
N ASP A 660 11.27 13.92 -45.60
CA ASP A 660 12.28 12.88 -45.59
C ASP A 660 13.64 13.47 -45.23
N ASP A 661 14.24 12.94 -44.18
CA ASP A 661 15.66 13.04 -43.90
C ASP A 661 16.14 11.78 -43.14
N PRO A 662 16.34 10.66 -43.84
CA PRO A 662 16.89 9.44 -43.26
C PRO A 662 18.27 9.60 -42.61
N GLN A 663 18.93 10.75 -42.78
CA GLN A 663 20.23 11.06 -42.21
C GLN A 663 20.16 11.85 -40.89
N ALA A 664 18.99 12.29 -40.44
CA ALA A 664 18.85 13.04 -39.20
C ALA A 664 19.17 12.19 -37.94
N LEU A 665 19.07 12.79 -36.74
CA LEU A 665 19.31 12.13 -35.45
C LEU A 665 18.54 10.79 -35.35
N PRO A 666 17.21 10.74 -35.46
CA PRO A 666 16.51 9.57 -35.97
C PRO A 666 16.44 9.62 -37.50
N PRO A 667 16.25 8.49 -38.19
CA PRO A 667 15.78 8.54 -39.56
C PRO A 667 14.42 9.24 -39.59
N ARG A 668 14.30 10.31 -40.36
CA ARG A 668 13.11 11.17 -40.41
C ARG A 668 12.36 10.94 -41.71
N LEU A 669 11.04 10.81 -41.65
CA LEU A 669 10.22 10.39 -42.77
C LEU A 669 9.04 11.32 -43.08
N ASP A 670 8.78 11.50 -44.36
CA ASP A 670 7.57 12.13 -44.84
C ASP A 670 6.39 11.16 -44.71
N VAL A 671 5.38 11.56 -43.94
CA VAL A 671 4.14 10.82 -43.82
C VAL A 671 3.52 10.51 -45.19
N GLN A 672 3.66 11.39 -46.19
CA GLN A 672 3.15 11.14 -47.52
C GLN A 672 3.88 9.97 -48.19
N ARG A 673 5.19 9.82 -47.97
CA ARG A 673 5.92 8.65 -48.44
C ARG A 673 5.54 7.39 -47.67
N LEU A 674 5.29 7.50 -46.38
CA LEU A 674 4.77 6.37 -45.59
C LEU A 674 3.37 5.96 -46.06
N LEU A 675 2.53 6.90 -46.50
CA LEU A 675 1.25 6.61 -47.14
C LEU A 675 1.38 5.98 -48.54
N ARG A 676 2.49 6.21 -49.26
CA ARG A 676 2.87 5.44 -50.45
C ARG A 676 3.44 4.07 -50.11
N GLY A 677 3.66 3.77 -48.84
CA GLY A 677 4.13 2.46 -48.38
C GLY A 677 3.10 1.34 -48.59
N PRO A 678 3.52 0.08 -48.46
CA PRO A 678 2.62 -1.08 -48.51
C PRO A 678 1.66 -1.04 -47.32
N ALA A 679 0.40 -1.47 -47.48
CA ALA A 679 -0.54 -1.64 -46.37
C ALA A 679 -0.23 -2.91 -45.56
N LEU A 680 -0.31 -2.84 -44.24
CA LEU A 680 -0.45 -4.08 -43.46
C LEU A 680 -1.84 -4.67 -43.63
N ALA A 681 -1.94 -5.99 -43.67
CA ALA A 681 -3.20 -6.71 -43.70
C ALA A 681 -4.05 -6.45 -42.45
N ALA A 682 -3.40 -6.39 -41.29
CA ALA A 682 -3.99 -6.12 -39.99
C ALA A 682 -2.97 -5.40 -39.10
N PRO A 683 -3.40 -4.68 -38.05
CA PRO A 683 -2.48 -4.12 -37.06
C PRO A 683 -1.59 -5.21 -36.46
N VAL A 684 -0.31 -4.93 -36.28
CA VAL A 684 0.66 -5.85 -35.68
C VAL A 684 0.20 -6.20 -34.27
N PRO A 685 0.04 -7.48 -33.90
CA PRO A 685 -0.52 -7.83 -32.61
C PRO A 685 0.35 -7.35 -31.47
N LEU A 686 -0.21 -6.48 -30.64
CA LEU A 686 0.36 -6.08 -29.35
C LEU A 686 -0.43 -6.67 -28.22
N ALA A 687 0.27 -7.30 -27.29
CA ALA A 687 -0.28 -7.49 -25.97
C ALA A 687 -0.37 -6.11 -25.28
N PRO A 688 -1.45 -5.79 -24.57
CA PRO A 688 -1.77 -4.40 -24.24
C PRO A 688 -0.78 -3.71 -23.34
N GLN A 689 -0.05 -4.44 -22.54
CA GLN A 689 0.94 -3.87 -21.64
C GLN A 689 2.08 -3.18 -22.43
N ALA A 690 2.25 -3.41 -23.73
CA ALA A 690 3.25 -2.73 -24.56
C ALA A 690 3.08 -1.21 -24.50
N SER A 691 4.13 -0.44 -24.78
CA SER A 691 4.03 1.02 -24.79
C SER A 691 3.20 1.49 -25.96
N ALA A 692 2.27 2.40 -25.73
CA ALA A 692 1.40 2.98 -26.73
C ALA A 692 1.89 4.36 -27.13
N TYR A 693 2.23 5.22 -26.18
CA TYR A 693 2.75 6.53 -26.51
C TYR A 693 3.72 7.02 -25.48
N VAL A 694 4.52 8.01 -25.82
CA VAL A 694 5.34 8.73 -24.86
C VAL A 694 5.01 10.19 -24.98
N ILE A 695 4.39 10.80 -23.98
CA ILE A 695 4.04 12.22 -24.06
C ILE A 695 4.99 13.06 -23.22
N TYR A 696 5.49 14.13 -23.81
CA TYR A 696 6.55 14.95 -23.25
C TYR A 696 6.04 16.28 -22.69
N THR A 697 6.41 16.61 -21.45
CA THR A 697 6.28 17.98 -20.91
C THR A 697 7.27 18.94 -21.60
N SER A 698 7.22 20.23 -21.29
CA SER A 698 8.19 21.20 -21.80
C SER A 698 9.63 20.92 -21.33
N GLY A 699 10.55 20.77 -22.30
CA GLY A 699 12.00 20.65 -22.10
C GLY A 699 12.71 21.92 -21.58
N SER A 700 11.96 22.93 -21.12
CA SER A 700 12.49 23.96 -20.23
C SER A 700 12.85 23.39 -18.85
N THR A 701 12.20 22.30 -18.44
CA THR A 701 12.44 21.53 -17.20
C THR A 701 13.77 20.73 -17.20
N GLY A 702 14.77 21.14 -17.97
CA GLY A 702 16.00 20.39 -18.19
C GLY A 702 15.78 19.21 -19.12
N VAL A 703 16.33 18.04 -18.80
CA VAL A 703 16.10 16.82 -19.60
C VAL A 703 14.59 16.60 -19.76
N PRO A 704 14.05 16.46 -20.98
CA PRO A 704 12.60 16.42 -21.13
C PRO A 704 12.03 15.13 -20.55
N LYS A 705 11.06 15.25 -19.65
CA LYS A 705 10.35 14.13 -19.02
C LYS A 705 9.33 13.56 -19.99
N GLY A 706 9.57 12.36 -20.50
CA GLY A 706 8.72 11.70 -21.48
C GLY A 706 7.93 10.56 -20.90
N VAL A 707 6.63 10.68 -20.73
CA VAL A 707 5.83 9.72 -19.98
C VAL A 707 5.35 8.59 -20.87
N GLU A 708 5.96 7.42 -20.76
CA GLU A 708 5.60 6.25 -21.55
C GLU A 708 4.34 5.58 -21.02
N VAL A 709 3.25 5.57 -21.76
CA VAL A 709 1.96 4.99 -21.34
C VAL A 709 1.71 3.70 -22.08
N SER A 710 1.30 2.64 -21.42
CA SER A 710 0.96 1.39 -22.09
C SER A 710 -0.40 1.46 -22.75
N HIS A 711 -0.69 0.57 -23.69
CA HIS A 711 -2.04 0.50 -24.22
C HIS A 711 -3.02 0.15 -23.12
N ALA A 712 -2.68 -0.79 -22.24
CA ALA A 712 -3.54 -1.23 -21.17
C ALA A 712 -3.95 -0.06 -20.29
N ALA A 713 -2.99 0.78 -19.91
CA ALA A 713 -3.25 1.94 -19.11
C ALA A 713 -4.11 2.96 -19.85
N ALA A 714 -3.75 3.29 -21.08
CA ALA A 714 -4.49 4.24 -21.86
C ALA A 714 -5.93 3.76 -22.10
N ILE A 715 -6.12 2.56 -22.62
CA ILE A 715 -7.45 2.04 -22.95
C ILE A 715 -8.27 1.84 -21.69
N ASN A 716 -7.64 1.60 -20.55
CA ASN A 716 -8.33 1.54 -19.28
C ASN A 716 -8.95 2.88 -18.94
N THR A 717 -8.20 3.97 -18.96
CA THR A 717 -8.76 5.30 -18.76
C THR A 717 -9.81 5.62 -19.79
N ILE A 718 -9.54 5.29 -21.05
CA ILE A 718 -10.43 5.59 -22.14
C ILE A 718 -11.74 4.86 -21.93
N ASP A 719 -11.77 3.54 -21.77
CA ASP A 719 -13.02 2.83 -21.48
C ASP A 719 -13.73 3.39 -20.26
N ALA A 720 -12.97 3.61 -19.19
CA ALA A 720 -13.49 4.16 -17.96
C ALA A 720 -14.11 5.54 -18.16
N LEU A 721 -13.80 6.24 -19.25
CA LEU A 721 -14.50 7.44 -19.64
C LEU A 721 -15.52 7.26 -20.78
N LEU A 722 -15.26 6.47 -21.81
CA LEU A 722 -16.24 6.20 -22.87
C LEU A 722 -17.51 5.65 -22.26
N ASP A 723 -17.39 4.70 -21.35
CA ASP A 723 -18.53 4.09 -20.69
C ASP A 723 -19.29 5.05 -19.77
N LEU A 724 -18.70 6.19 -19.38
CA LEU A 724 -19.40 7.24 -18.63
C LEU A 724 -19.98 8.32 -19.56
N LEU A 725 -19.27 8.71 -20.62
CA LEU A 725 -19.77 9.59 -21.68
C LEU A 725 -20.79 8.94 -22.61
N ARG A 726 -20.95 7.61 -22.57
CA ARG A 726 -21.79 6.83 -23.48
C ARG A 726 -21.51 7.11 -24.95
N VAL A 727 -20.23 7.30 -25.29
CA VAL A 727 -19.82 7.71 -26.63
C VAL A 727 -20.30 6.71 -27.66
N ASN A 728 -20.86 7.20 -28.75
CA ASN A 728 -21.55 6.40 -29.75
C ASN A 728 -21.18 6.86 -31.16
N ALA A 729 -21.49 6.04 -32.16
CA ALA A 729 -21.13 6.27 -33.57
C ALA A 729 -21.59 7.63 -34.15
N SER A 730 -22.60 8.27 -33.57
CA SER A 730 -23.08 9.58 -34.02
C SER A 730 -22.29 10.76 -33.42
N ASP A 731 -21.51 10.54 -32.38
CA ASP A 731 -20.74 11.59 -31.74
C ASP A 731 -19.64 12.18 -32.62
N ARG A 732 -19.29 13.43 -32.36
CA ARG A 732 -18.28 14.18 -33.09
C ARG A 732 -17.50 15.05 -32.11
N LEU A 733 -16.26 14.68 -31.80
CA LEU A 733 -15.38 15.38 -30.86
C LEU A 733 -14.70 16.55 -31.55
N LEU A 734 -14.22 17.56 -30.82
CA LEU A 734 -13.27 18.53 -31.36
C LEU A 734 -11.89 18.38 -30.73
N ALA A 735 -10.88 18.08 -31.53
CA ALA A 735 -9.50 17.88 -31.06
C ALA A 735 -8.74 19.21 -30.84
N VAL A 736 -9.26 20.10 -30.01
CA VAL A 736 -8.50 21.30 -29.59
C VAL A 736 -7.22 20.94 -28.86
N SER A 737 -7.16 19.74 -28.28
CA SER A 737 -5.97 19.19 -27.66
C SER A 737 -4.89 18.89 -28.67
N ALA A 738 -3.73 19.53 -28.53
CA ALA A 738 -2.53 19.20 -29.30
C ALA A 738 -2.14 17.72 -29.11
N LEU A 739 -1.42 17.13 -30.06
CA LEU A 739 -1.11 15.71 -30.01
C LEU A 739 -0.14 15.35 -28.88
N ASP A 740 0.78 16.24 -28.53
CA ASP A 740 1.64 16.09 -27.35
C ASP A 740 0.95 16.46 -26.04
N PHE A 741 -0.37 16.57 -26.05
CA PHE A 741 -1.21 16.76 -24.90
C PHE A 741 -2.13 15.56 -24.87
N ASP A 742 -2.03 14.79 -23.81
CA ASP A 742 -2.58 13.43 -23.71
C ASP A 742 -4.09 13.36 -23.85
N LEU A 743 -4.81 14.45 -23.66
CA LEU A 743 -6.22 14.53 -23.99
C LEU A 743 -6.49 14.07 -25.42
N SER A 744 -5.60 14.39 -26.35
CA SER A 744 -5.73 13.92 -27.72
C SER A 744 -5.78 12.40 -27.81
N VAL A 745 -5.16 11.65 -26.90
CA VAL A 745 -5.18 10.19 -26.87
C VAL A 745 -6.61 9.69 -26.68
N PHE A 746 -7.40 10.39 -25.86
CA PHE A 746 -8.81 10.05 -25.77
C PHE A 746 -9.52 10.44 -27.05
N ASP A 747 -9.23 11.60 -27.63
CA ASP A 747 -9.88 12.02 -28.86
C ASP A 747 -9.67 10.97 -29.95
N LEU A 748 -8.43 10.57 -30.16
CA LEU A 748 -8.01 9.55 -31.09
C LEU A 748 -8.60 8.19 -30.73
N PHE A 749 -8.13 7.57 -29.66
CA PHE A 749 -8.36 6.15 -29.42
C PHE A 749 -9.63 5.89 -28.62
N GLY A 750 -10.10 6.87 -27.86
CA GLY A 750 -11.45 6.88 -27.32
C GLY A 750 -12.47 7.21 -28.38
N GLY A 751 -12.43 8.40 -28.96
CA GLY A 751 -13.42 8.85 -29.91
C GLY A 751 -13.54 7.89 -31.08
N LEU A 752 -12.45 7.66 -31.81
CA LEU A 752 -12.49 6.73 -32.93
C LEU A 752 -12.62 5.28 -32.48
N GLY A 753 -12.29 4.94 -31.23
CA GLY A 753 -12.60 3.62 -30.67
C GLY A 753 -14.11 3.36 -30.57
N ALA A 754 -14.87 4.38 -30.20
CA ALA A 754 -16.33 4.35 -30.24
C ALA A 754 -16.91 4.71 -31.63
N GLY A 755 -16.05 4.98 -32.62
CA GLY A 755 -16.46 5.43 -33.96
C GLY A 755 -16.96 6.87 -33.99
N ALA A 756 -16.86 7.59 -32.89
CA ALA A 756 -17.16 8.99 -32.86
C ALA A 756 -16.12 9.75 -33.66
N SER A 757 -16.55 10.51 -34.64
CA SER A 757 -15.66 11.18 -35.57
C SER A 757 -14.91 12.32 -34.88
N LEU A 758 -13.72 12.70 -35.33
CA LEU A 758 -13.04 13.87 -34.81
C LEU A 758 -13.12 14.99 -35.81
N VAL A 759 -13.66 16.10 -35.36
CA VAL A 759 -13.36 17.38 -35.97
C VAL A 759 -11.96 17.75 -35.51
N LEU A 760 -11.06 17.93 -36.46
CA LEU A 760 -9.69 18.33 -36.20
C LEU A 760 -9.53 19.80 -36.53
N PRO A 761 -9.12 20.65 -35.59
CA PRO A 761 -8.52 21.92 -35.94
C PRO A 761 -7.27 21.68 -36.78
N ALA A 762 -7.01 22.52 -37.77
CA ALA A 762 -5.72 22.54 -38.44
C ALA A 762 -4.67 23.34 -37.67
N GLN A 763 -3.41 23.31 -38.10
CA GLN A 763 -2.31 23.91 -37.35
C GLN A 763 -2.44 25.44 -37.19
N GLU A 764 -3.00 26.15 -38.17
CA GLU A 764 -3.33 27.56 -38.06
C GLU A 764 -4.55 27.85 -37.15
N GLN A 765 -5.35 26.82 -36.87
CA GLN A 765 -6.51 26.84 -35.97
C GLN A 765 -6.17 26.30 -34.58
N ALA A 766 -4.90 26.01 -34.28
CA ALA A 766 -4.48 25.26 -33.09
C ALA A 766 -4.87 25.89 -31.74
N ARG A 767 -5.08 27.20 -31.72
CA ARG A 767 -5.65 27.92 -30.56
C ARG A 767 -6.81 28.84 -30.94
N ASP A 768 -7.34 28.76 -32.16
CA ASP A 768 -8.29 29.76 -32.63
C ASP A 768 -9.73 29.41 -32.25
N ALA A 769 -10.25 30.10 -31.22
CA ALA A 769 -11.62 29.96 -30.80
C ALA A 769 -12.63 30.19 -31.92
N ALA A 770 -12.43 31.16 -32.81
CA ALA A 770 -13.37 31.39 -33.90
C ALA A 770 -13.40 30.21 -34.88
N ALA A 771 -12.22 29.64 -35.17
CA ALA A 771 -12.15 28.45 -36.00
C ALA A 771 -12.83 27.26 -35.32
N TRP A 772 -12.60 27.06 -34.02
CA TRP A 772 -13.28 26.02 -33.26
C TRP A 772 -14.79 26.23 -33.21
N ALA A 773 -15.23 27.47 -33.03
CA ALA A 773 -16.63 27.78 -32.95
C ALA A 773 -17.34 27.44 -34.25
N GLU A 774 -16.79 27.87 -35.38
CA GLU A 774 -17.29 27.44 -36.68
C GLU A 774 -17.22 25.93 -36.82
N ALA A 775 -16.14 25.27 -36.41
CA ALA A 775 -16.05 23.83 -36.50
C ALA A 775 -17.15 23.11 -35.72
N ILE A 776 -17.51 23.60 -34.54
CA ILE A 776 -18.62 23.09 -33.72
C ILE A 776 -19.95 23.35 -34.41
N GLN A 777 -20.19 24.59 -34.82
CA GLN A 777 -21.43 25.06 -35.44
C GLN A 777 -21.68 24.42 -36.83
N ARG A 778 -20.61 24.11 -37.56
CA ARG A 778 -20.57 23.49 -38.89
C ARG A 778 -20.75 21.98 -38.84
N HIS A 779 -19.88 21.29 -38.11
CA HIS A 779 -19.88 19.83 -38.02
C HIS A 779 -20.71 19.29 -36.86
N ALA A 780 -21.47 20.13 -36.18
CA ALA A 780 -22.34 19.77 -35.06
C ALA A 780 -21.63 18.96 -33.96
N VAL A 781 -20.44 19.42 -33.53
CA VAL A 781 -19.62 18.73 -32.52
C VAL A 781 -20.46 18.41 -31.28
N SER A 782 -20.43 17.16 -30.85
CA SER A 782 -21.15 16.66 -29.68
C SER A 782 -20.27 16.52 -28.46
N LEU A 783 -18.95 16.39 -28.61
CA LEU A 783 -18.05 16.20 -27.48
C LEU A 783 -16.91 17.18 -27.55
N TRP A 784 -16.43 17.62 -26.41
CA TRP A 784 -15.31 18.54 -26.31
C TRP A 784 -14.30 17.99 -25.33
N ASN A 785 -13.03 18.28 -25.51
CA ASN A 785 -11.99 17.78 -24.63
C ASN A 785 -10.78 18.69 -24.60
N SER A 786 -10.48 19.29 -23.45
CA SER A 786 -9.41 20.27 -23.36
C SER A 786 -8.92 20.58 -21.96
N ALA A 787 -7.84 21.37 -21.89
CA ALA A 787 -7.60 22.19 -20.71
C ALA A 787 -8.71 23.25 -20.59
N PRO A 788 -9.08 23.69 -19.39
CA PRO A 788 -10.11 24.70 -19.22
C PRO A 788 -9.73 26.00 -19.89
N ALA A 789 -8.47 26.38 -19.94
CA ALA A 789 -8.08 27.60 -20.64
C ALA A 789 -8.51 27.62 -22.10
N LEU A 790 -8.65 26.45 -22.75
CA LEU A 790 -9.19 26.37 -24.11
C LEU A 790 -10.70 26.55 -24.13
N LEU A 791 -11.45 25.94 -23.22
CA LEU A 791 -12.90 26.14 -23.19
C LEU A 791 -13.27 27.54 -22.68
N GLU A 792 -12.55 28.11 -21.73
CA GLU A 792 -12.67 29.53 -21.38
C GLU A 792 -12.53 30.40 -22.63
N MET A 793 -11.53 30.11 -23.44
CA MET A 793 -11.26 30.80 -24.70
C MET A 793 -12.36 30.58 -25.73
N ALA A 794 -12.89 29.37 -25.87
CA ALA A 794 -14.06 29.10 -26.69
C ALA A 794 -15.29 29.89 -26.23
N LEU A 795 -15.60 29.88 -24.94
CA LEU A 795 -16.77 30.52 -24.36
C LEU A 795 -16.64 32.04 -24.33
N SER A 796 -15.43 32.58 -24.43
CA SER A 796 -15.16 34.01 -24.56
C SER A 796 -15.84 34.62 -25.78
N LEU A 797 -16.15 33.83 -26.80
CA LEU A 797 -16.98 34.25 -27.92
C LEU A 797 -18.47 34.21 -27.56
N PRO A 798 -19.30 35.18 -27.96
CA PRO A 798 -20.74 35.21 -27.68
C PRO A 798 -21.51 33.97 -28.11
N ALA A 799 -22.66 33.73 -27.50
CA ALA A 799 -23.56 32.65 -27.90
C ALA A 799 -24.05 32.73 -29.35
N SER A 800 -24.19 33.94 -29.90
CA SER A 800 -24.57 34.18 -31.30
C SER A 800 -23.42 33.91 -32.29
N GLN A 801 -22.23 34.39 -31.95
CA GLN A 801 -21.01 34.20 -32.73
C GLN A 801 -20.47 32.75 -32.69
N ALA A 802 -20.79 32.01 -31.63
CA ALA A 802 -20.24 30.70 -31.33
C ALA A 802 -21.27 29.79 -30.62
N ASP A 803 -22.11 29.13 -31.39
CA ASP A 803 -23.24 28.32 -30.91
C ASP A 803 -22.83 26.87 -30.63
N TYR A 804 -22.68 26.51 -29.36
CA TYR A 804 -22.24 25.18 -28.95
C TYR A 804 -23.40 24.24 -28.58
N ARG A 805 -24.66 24.56 -28.88
CA ARG A 805 -25.80 23.78 -28.35
C ARG A 805 -25.90 22.35 -28.90
N SER A 806 -25.01 21.97 -29.81
CA SER A 806 -24.80 20.60 -30.24
C SER A 806 -24.02 19.75 -29.23
N LEU A 807 -23.30 20.39 -28.31
CA LEU A 807 -22.25 19.82 -27.49
C LEU A 807 -22.80 19.02 -26.29
N ARG A 808 -23.10 17.76 -26.56
CA ARG A 808 -23.71 16.74 -25.70
C ARG A 808 -22.99 16.53 -24.37
N ALA A 809 -21.66 16.58 -24.35
CA ALA A 809 -20.89 16.50 -23.12
C ALA A 809 -19.51 17.14 -23.26
N VAL A 810 -18.96 17.62 -22.16
CA VAL A 810 -17.71 18.39 -22.17
C VAL A 810 -16.74 17.80 -21.18
N LEU A 811 -15.49 17.58 -21.57
CA LEU A 811 -14.41 17.16 -20.70
C LEU A 811 -13.44 18.30 -20.48
N LEU A 812 -13.12 18.59 -19.24
CA LEU A 812 -12.10 19.57 -18.87
C LEU A 812 -11.04 18.96 -17.96
N SER A 813 -9.80 19.42 -18.07
CA SER A 813 -8.69 18.61 -17.59
C SER A 813 -7.46 19.44 -17.28
N GLY A 814 -6.50 18.89 -16.57
CA GLY A 814 -5.09 19.30 -16.66
C GLY A 814 -4.72 20.64 -16.01
N ASP A 815 -5.69 21.49 -15.69
CA ASP A 815 -5.50 22.78 -15.04
C ASP A 815 -6.74 23.14 -14.25
N TRP A 816 -6.62 24.07 -13.30
CA TRP A 816 -7.72 24.48 -12.44
C TRP A 816 -8.91 24.98 -13.28
N VAL A 817 -10.08 24.38 -13.07
CA VAL A 817 -11.32 24.78 -13.73
C VAL A 817 -12.04 25.78 -12.85
N ALA A 818 -12.29 26.99 -13.34
CA ALA A 818 -12.87 28.06 -12.54
C ALA A 818 -14.32 27.77 -12.16
N LEU A 819 -14.79 28.22 -11.00
CA LEU A 819 -16.09 27.85 -10.48
C LEU A 819 -17.26 28.42 -11.30
N ASP A 820 -17.11 29.59 -11.91
CA ASP A 820 -18.14 30.14 -12.78
C ASP A 820 -18.29 29.35 -14.08
N LEU A 821 -17.26 28.60 -14.50
CA LEU A 821 -17.19 28.02 -15.83
C LEU A 821 -18.36 27.10 -16.18
N PRO A 822 -18.79 26.15 -15.35
CA PRO A 822 -20.03 25.41 -15.58
C PRO A 822 -21.25 26.33 -15.72
N GLY A 823 -21.33 27.38 -14.92
CA GLY A 823 -22.39 28.37 -15.01
C GLY A 823 -22.41 29.12 -16.34
N ARG A 824 -21.23 29.46 -16.88
CA ARG A 824 -21.08 30.03 -18.23
C ARG A 824 -21.39 29.01 -19.31
N LEU A 825 -20.99 27.77 -19.10
CA LEU A 825 -21.13 26.68 -20.05
C LEU A 825 -22.56 26.16 -20.19
N ARG A 826 -23.34 26.02 -19.11
CA ARG A 826 -24.70 25.44 -19.14
C ARG A 826 -25.58 25.97 -20.27
N PRO A 827 -25.74 27.29 -20.47
CA PRO A 827 -26.57 27.78 -21.55
C PRO A 827 -25.94 27.64 -22.94
N ARG A 828 -24.62 27.42 -23.01
CA ARG A 828 -23.85 27.36 -24.26
C ARG A 828 -23.85 25.97 -24.88
N CYS A 829 -23.58 24.93 -24.10
CA CYS A 829 -23.56 23.55 -24.60
C CYS A 829 -24.98 22.96 -24.72
N ALA A 830 -25.10 21.68 -25.08
CA ALA A 830 -26.41 21.04 -25.24
C ALA A 830 -27.23 21.01 -23.95
N GLU A 831 -28.54 20.81 -24.09
CA GLU A 831 -29.46 20.60 -22.98
C GLU A 831 -29.11 19.29 -22.25
N GLY A 832 -28.95 19.33 -20.93
CA GLY A 832 -28.19 18.30 -20.23
C GLY A 832 -26.70 18.46 -20.49
N CYS A 833 -26.10 19.49 -19.88
CA CYS A 833 -24.77 20.00 -20.22
C CYS A 833 -23.64 18.95 -20.12
N ARG A 834 -23.72 18.07 -19.10
CA ARG A 834 -22.75 16.99 -18.81
C ARG A 834 -21.29 17.47 -18.90
N LEU A 835 -20.96 18.53 -18.18
CA LEU A 835 -19.58 18.85 -17.92
C LEU A 835 -18.99 17.76 -17.02
N HIS A 836 -17.81 17.27 -17.34
CA HIS A 836 -16.98 16.48 -16.47
C HIS A 836 -15.65 17.19 -16.32
N VAL A 837 -15.18 17.40 -15.10
CA VAL A 837 -13.82 17.86 -14.85
C VAL A 837 -13.01 16.66 -14.41
N LEU A 838 -11.84 16.48 -14.99
CA LEU A 838 -11.02 15.30 -14.85
C LEU A 838 -9.63 15.62 -14.39
N GLY A 839 -9.13 14.76 -13.51
CA GLY A 839 -7.93 15.02 -12.73
C GLY A 839 -6.72 14.21 -13.17
N GLY A 840 -5.58 14.47 -12.55
CA GLY A 840 -4.41 13.59 -12.63
C GLY A 840 -3.48 13.86 -13.80
N ALA A 841 -2.22 13.47 -13.67
CA ALA A 841 -1.19 13.75 -14.66
C ALA A 841 -1.13 12.68 -15.75
N THR A 842 -0.37 12.93 -16.82
CA THR A 842 -0.18 11.97 -17.91
C THR A 842 0.38 10.65 -17.45
N GLU A 843 1.14 10.68 -16.37
CA GLU A 843 1.71 9.54 -15.73
C GLU A 843 0.67 8.57 -15.19
N ALA A 844 -0.61 8.93 -15.21
CA ALA A 844 -1.71 8.05 -14.94
C ALA A 844 -2.59 7.80 -16.16
N GLY A 845 -2.01 7.84 -17.36
CA GLY A 845 -2.82 7.88 -18.56
C GLY A 845 -3.48 9.25 -18.67
N ILE A 846 -4.49 9.35 -19.52
CA ILE A 846 -5.04 10.64 -19.91
C ILE A 846 -5.60 11.39 -18.69
N TRP A 847 -6.25 10.68 -17.77
CA TRP A 847 -6.93 11.22 -16.61
C TRP A 847 -7.09 10.17 -15.54
N SER A 848 -7.45 10.61 -14.35
CA SER A 848 -7.62 9.72 -13.23
C SER A 848 -8.82 9.99 -12.37
N ASN A 849 -9.59 11.04 -12.62
CA ASN A 849 -10.75 11.43 -11.84
C ASN A 849 -11.82 11.98 -12.74
N LEU A 850 -13.02 12.01 -12.24
CA LEU A 850 -14.15 12.62 -12.92
C LEU A 850 -15.03 13.21 -11.86
N GLN A 851 -15.00 14.52 -11.69
CA GLN A 851 -16.07 15.26 -11.05
C GLN A 851 -17.06 15.64 -12.14
N SER A 852 -18.17 14.93 -12.22
CA SER A 852 -19.31 15.39 -13.00
C SER A 852 -19.85 16.68 -12.40
N VAL A 853 -20.29 17.61 -13.23
CA VAL A 853 -20.79 18.90 -12.78
C VAL A 853 -22.10 19.19 -13.51
N ASP A 854 -23.22 19.14 -12.81
CA ASP A 854 -24.44 19.82 -13.22
C ASP A 854 -24.30 21.32 -12.96
N THR A 855 -23.99 21.70 -11.73
CA THR A 855 -23.62 23.03 -11.29
C THR A 855 -22.78 22.94 -10.01
N VAL A 856 -22.05 23.98 -9.68
CA VAL A 856 -21.18 24.01 -8.50
C VAL A 856 -22.02 24.08 -7.22
N PRO A 857 -21.95 23.13 -6.28
CA PRO A 857 -22.46 23.32 -4.95
C PRO A 857 -21.54 24.30 -4.20
N PRO A 858 -22.10 25.21 -3.39
CA PRO A 858 -21.41 26.44 -2.99
C PRO A 858 -20.27 26.26 -2.00
N HIS A 859 -20.04 25.07 -1.46
CA HIS A 859 -18.90 24.79 -0.58
C HIS A 859 -17.58 24.55 -1.32
N TRP A 860 -17.58 24.40 -2.64
CA TRP A 860 -16.36 24.27 -3.45
C TRP A 860 -15.55 25.57 -3.47
N ARG A 861 -14.23 25.44 -3.48
CA ARG A 861 -13.28 26.56 -3.66
C ARG A 861 -12.48 26.46 -4.96
N SER A 862 -12.45 25.25 -5.53
CA SER A 862 -12.06 24.87 -6.88
C SER A 862 -12.91 23.66 -7.26
N ILE A 863 -13.12 23.38 -8.56
CA ILE A 863 -13.82 22.14 -8.90
C ILE A 863 -12.90 20.98 -8.50
N PRO A 864 -13.32 20.09 -7.59
CA PRO A 864 -12.44 19.09 -7.04
C PRO A 864 -12.17 18.00 -8.06
N TYR A 865 -11.15 17.17 -7.84
CA TYR A 865 -11.16 15.87 -8.47
C TYR A 865 -12.31 15.06 -7.86
N GLY A 866 -13.05 14.34 -8.69
CA GLY A 866 -14.16 13.55 -8.17
C GLY A 866 -13.72 12.24 -7.58
N ARG A 867 -14.61 11.27 -7.65
CA ARG A 867 -14.21 9.86 -7.63
C ARG A 867 -13.05 9.65 -8.60
N PRO A 868 -12.10 8.78 -8.32
CA PRO A 868 -11.24 8.20 -9.32
C PRO A 868 -12.05 7.58 -10.45
N LEU A 869 -11.57 7.66 -11.68
CA LEU A 869 -12.20 6.94 -12.78
C LEU A 869 -12.14 5.42 -12.52
N PRO A 870 -13.08 4.63 -13.04
CA PRO A 870 -13.04 3.18 -12.95
C PRO A 870 -11.66 2.58 -13.23
N GLY A 871 -11.28 1.58 -12.46
CA GLY A 871 -10.02 0.88 -12.57
C GLY A 871 -8.80 1.59 -12.00
N GLN A 872 -8.86 2.86 -11.64
CA GLN A 872 -7.72 3.57 -11.06
C GLN A 872 -8.11 4.32 -9.82
N ALA A 873 -7.11 4.84 -9.12
CA ALA A 873 -7.25 5.11 -7.71
C ALA A 873 -6.43 6.30 -7.27
N TYR A 874 -6.78 6.87 -6.14
CA TYR A 874 -6.01 7.91 -5.51
C TYR A 874 -5.71 7.64 -4.07
N ARG A 875 -4.55 8.09 -3.65
CA ARG A 875 -4.22 8.31 -2.26
C ARG A 875 -3.85 9.76 -2.10
N VAL A 876 -4.04 10.29 -0.92
CA VAL A 876 -3.37 11.51 -0.51
C VAL A 876 -2.46 11.08 0.60
N VAL A 877 -1.18 11.39 0.52
CA VAL A 877 -0.20 10.89 1.46
C VAL A 877 0.59 12.01 2.12
N ASP A 878 0.95 11.74 3.37
CA ASP A 878 1.99 12.45 4.11
C ASP A 878 3.31 12.31 3.35
N THR A 879 4.28 13.18 3.57
CA THR A 879 5.60 13.08 2.93
C THR A 879 6.29 11.73 3.13
N HIS A 880 5.97 11.02 4.22
CA HIS A 880 6.46 9.69 4.53
C HIS A 880 5.75 8.54 3.78
N GLY A 881 4.83 8.86 2.87
CA GLY A 881 4.11 7.89 2.05
C GLY A 881 2.93 7.21 2.72
N ARG A 882 2.66 7.45 4.00
CA ARG A 882 1.44 7.00 4.68
C ARG A 882 0.25 7.88 4.29
N ASP A 883 -0.93 7.31 4.18
CA ASP A 883 -2.10 8.08 3.76
C ASP A 883 -2.48 9.13 4.78
N VAL A 884 -2.72 10.37 4.37
CA VAL A 884 -3.29 11.36 5.28
C VAL A 884 -4.81 11.24 5.38
N PRO A 885 -5.41 11.63 6.51
CA PRO A 885 -6.84 11.58 6.76
C PRO A 885 -7.66 12.42 5.80
N ASP A 886 -8.97 12.23 5.83
CA ASP A 886 -9.87 13.14 5.15
C ASP A 886 -9.69 14.55 5.67
N LEU A 887 -9.89 15.50 4.79
CA LEU A 887 -9.70 16.94 4.94
C LEU A 887 -8.24 17.35 5.11
N VAL A 888 -7.30 16.42 5.28
CA VAL A 888 -5.88 16.75 5.46
C VAL A 888 -5.17 16.82 4.14
N VAL A 889 -4.48 17.93 3.89
CA VAL A 889 -3.73 18.10 2.64
C VAL A 889 -2.48 17.28 2.65
N GLY A 890 -2.25 16.54 1.57
CA GLY A 890 -1.01 15.83 1.30
C GLY A 890 -0.79 15.68 -0.19
N GLU A 891 0.28 15.00 -0.57
CA GLU A 891 0.59 14.75 -1.97
C GLU A 891 -0.38 13.72 -2.56
N LEU A 892 -0.98 13.96 -3.70
CA LEU A 892 -1.82 12.99 -4.38
C LEU A 892 -0.95 11.97 -5.07
N TRP A 893 -1.22 10.73 -4.81
CA TRP A 893 -0.65 9.60 -5.47
C TRP A 893 -1.76 8.97 -6.29
N ILE A 894 -1.47 8.56 -7.51
CA ILE A 894 -2.44 7.92 -8.41
C ILE A 894 -2.03 6.49 -8.58
N GLY A 895 -2.95 5.54 -8.64
CA GLY A 895 -2.60 4.14 -8.68
C GLY A 895 -3.37 3.31 -9.66
N GLY A 896 -2.95 2.07 -9.81
CA GLY A 896 -3.73 1.03 -10.45
C GLY A 896 -3.72 1.05 -11.97
N ALA A 897 -4.75 0.49 -12.59
CA ALA A 897 -4.75 0.02 -13.97
C ALA A 897 -4.67 1.11 -15.04
N SER A 898 -4.20 2.30 -14.71
CA SER A 898 -3.97 3.39 -15.64
C SER A 898 -2.58 4.00 -15.56
N LEU A 899 -1.67 3.50 -14.74
CA LEU A 899 -0.37 4.14 -14.65
C LEU A 899 0.46 3.99 -15.91
N ALA A 900 1.13 5.07 -16.27
CA ALA A 900 2.21 5.05 -17.21
C ALA A 900 3.31 4.11 -16.74
N ARG A 901 4.03 3.52 -17.67
CA ARG A 901 5.12 2.60 -17.41
C ARG A 901 6.29 3.29 -16.72
N GLY A 902 6.53 4.54 -17.04
CA GLY A 902 7.52 5.41 -16.39
C GLY A 902 7.94 6.54 -17.31
N TYR A 903 9.03 7.22 -17.01
CA TYR A 903 9.64 8.16 -17.93
C TYR A 903 10.55 7.39 -18.90
N ARG A 904 10.41 7.62 -20.20
CA ARG A 904 10.74 6.68 -21.28
C ARG A 904 12.15 6.11 -21.22
N ASN A 905 13.15 6.93 -21.00
CA ASN A 905 14.51 6.46 -20.69
C ASN A 905 15.08 7.25 -19.51
N ASP A 906 14.29 7.43 -18.46
CA ASP A 906 14.80 7.82 -17.14
C ASP A 906 14.19 6.91 -16.07
N PRO A 907 14.76 5.71 -15.87
CA PRO A 907 14.33 4.82 -14.83
C PRO A 907 14.60 5.38 -13.44
N GLU A 908 15.64 6.21 -13.30
CA GLU A 908 16.04 6.76 -12.01
C GLU A 908 14.99 7.72 -11.48
N LEU A 909 14.53 8.68 -12.30
CA LEU A 909 13.38 9.50 -11.96
C LEU A 909 12.12 8.65 -11.81
N SER A 910 11.94 7.62 -12.63
CA SER A 910 10.76 6.78 -12.50
C SER A 910 10.68 6.09 -11.16
N ALA A 911 11.76 5.70 -10.51
CA ALA A 911 11.68 5.14 -9.16
C ALA A 911 11.38 6.23 -8.11
N ARG A 912 11.70 7.50 -8.37
CA ARG A 912 11.32 8.60 -7.47
C ARG A 912 9.88 8.99 -7.62
N ARG A 913 9.37 9.04 -8.85
CA ARG A 913 8.02 9.51 -9.15
C ARG A 913 7.01 8.40 -9.36
N PHE A 914 7.40 7.13 -9.36
CA PHE A 914 6.49 6.00 -9.20
C PHE A 914 7.01 5.11 -8.09
N VAL A 915 6.16 4.77 -7.14
CA VAL A 915 6.53 4.22 -5.84
C VAL A 915 5.58 3.10 -5.47
N HIS A 916 5.99 2.19 -4.60
CA HIS A 916 5.29 0.92 -4.43
C HIS A 916 5.13 0.60 -2.96
N ASP A 917 3.95 0.14 -2.58
CA ASP A 917 3.48 -0.11 -1.22
C ASP A 917 2.70 -1.44 -1.13
N ALA A 918 2.31 -1.85 0.07
CA ALA A 918 1.28 -2.89 0.23
C ALA A 918 -0.05 -2.52 -0.46
N GLN A 919 -0.31 -1.22 -0.67
CA GLN A 919 -1.40 -0.70 -1.52
C GLN A 919 -1.10 -0.76 -3.02
N GLY A 920 -0.07 -1.44 -3.51
CA GLY A 920 0.25 -1.51 -4.93
C GLY A 920 1.15 -0.38 -5.43
N ARG A 921 1.10 -0.06 -6.72
CA ARG A 921 1.97 0.92 -7.38
C ARG A 921 1.30 2.27 -7.55
N TRP A 922 2.04 3.34 -7.29
CA TRP A 922 1.52 4.69 -7.26
C TRP A 922 2.40 5.67 -7.99
N TYR A 923 1.86 6.45 -8.91
CA TYR A 923 2.49 7.64 -9.43
C TYR A 923 2.36 8.76 -8.44
N ARG A 924 3.48 9.25 -7.94
CA ARG A 924 3.60 10.23 -6.89
C ARG A 924 3.52 11.62 -7.52
N THR A 925 2.33 12.23 -7.60
CA THR A 925 2.08 13.31 -8.57
C THR A 925 2.74 14.64 -8.29
N GLY A 926 3.05 14.96 -7.03
CA GLY A 926 3.34 16.33 -6.67
C GLY A 926 2.15 17.28 -6.74
N ASP A 927 0.93 16.85 -6.98
CA ASP A 927 -0.25 17.64 -6.65
C ASP A 927 -0.46 17.62 -5.15
N ARG A 928 -0.73 18.75 -4.51
CA ARG A 928 -1.38 18.76 -3.20
C ARG A 928 -2.86 18.49 -3.39
N GLY A 929 -3.51 17.98 -2.38
CA GLY A 929 -4.95 17.90 -2.30
C GLY A 929 -5.37 17.19 -1.03
N ARG A 930 -6.67 17.07 -0.78
CA ARG A 930 -7.23 16.44 0.41
C ARG A 930 -8.51 15.72 0.05
N TYR A 931 -8.77 14.58 0.65
CA TYR A 931 -10.11 14.03 0.56
C TYR A 931 -11.08 14.94 1.31
N TRP A 932 -12.36 14.86 1.02
CA TRP A 932 -13.44 15.36 1.88
C TRP A 932 -14.17 14.21 2.56
N GLY A 933 -15.00 14.52 3.53
CA GLY A 933 -15.77 13.51 4.27
C GLY A 933 -16.67 12.65 3.38
N ASP A 934 -17.21 13.23 2.31
CA ASP A 934 -18.03 12.50 1.33
C ASP A 934 -17.21 11.66 0.35
N GLY A 935 -15.88 11.63 0.46
CA GLY A 935 -14.94 10.93 -0.41
C GLY A 935 -14.52 11.70 -1.67
N THR A 936 -15.06 12.87 -1.96
CA THR A 936 -14.58 13.71 -3.06
C THR A 936 -13.14 14.11 -2.80
N LEU A 937 -12.33 14.38 -3.83
CA LEU A 937 -10.90 14.63 -3.67
C LEU A 937 -10.54 16.06 -4.10
N GLU A 938 -10.45 16.99 -3.18
CA GLU A 938 -10.09 18.34 -3.53
C GLU A 938 -8.63 18.39 -3.94
N PHE A 939 -8.35 18.73 -5.20
CA PHE A 939 -7.01 19.08 -5.66
C PHE A 939 -6.68 20.51 -5.24
N LEU A 940 -5.42 20.78 -4.89
CA LEU A 940 -5.00 22.07 -4.32
C LEU A 940 -3.72 22.64 -4.93
N GLY A 941 -3.46 22.35 -6.20
CA GLY A 941 -2.31 22.85 -6.93
C GLY A 941 -1.09 21.96 -6.83
N ARG A 942 -0.13 22.12 -7.73
CA ARG A 942 1.15 21.42 -7.61
C ARG A 942 1.89 21.85 -6.35
N VAL A 943 2.78 21.01 -5.84
CA VAL A 943 3.46 21.22 -4.56
C VAL A 943 4.31 22.49 -4.57
N ASP A 944 4.90 22.85 -5.70
CA ASP A 944 5.62 24.12 -5.86
C ASP A 944 4.69 25.34 -5.96
N GLN A 945 3.37 25.16 -6.08
CA GLN A 945 2.38 26.22 -5.91
C GLN A 945 2.12 26.54 -4.43
N GLN A 946 2.79 25.87 -3.50
CA GLN A 946 3.08 26.45 -2.19
C GLN A 946 4.57 26.77 -2.10
N VAL A 947 4.92 27.91 -1.53
CA VAL A 947 6.32 28.22 -1.17
C VAL A 947 6.37 28.75 0.26
N LYS A 948 7.36 28.32 1.04
CA LYS A 948 7.69 28.87 2.36
C LYS A 948 8.39 30.24 2.25
N VAL A 949 7.69 31.24 1.70
CA VAL A 949 8.25 32.57 1.40
C VAL A 949 8.61 33.30 2.68
N ARG A 950 9.90 33.33 3.02
CA ARG A 950 10.54 34.28 3.93
C ARG A 950 9.94 34.44 5.34
N GLY A 951 9.04 33.54 5.76
CA GLY A 951 8.29 33.65 7.01
C GLY A 951 6.87 33.09 6.98
N GLN A 952 6.27 32.81 5.82
CA GLN A 952 5.04 31.99 5.74
C GLN A 952 4.96 31.11 4.48
N ARG A 953 4.28 29.98 4.61
CA ARG A 953 3.69 29.20 3.50
C ARG A 953 2.68 30.08 2.74
N ILE A 954 2.86 30.25 1.43
CA ILE A 954 1.91 30.97 0.56
C ILE A 954 1.04 29.95 -0.14
N GLU A 955 -0.29 30.05 -0.04
CA GLU A 955 -1.22 29.31 -0.88
C GLU A 955 -1.43 30.05 -2.20
N LEU A 956 -0.62 29.82 -3.24
CA LEU A 956 -0.75 30.60 -4.48
C LEU A 956 -2.12 30.37 -5.14
N GLY A 957 -2.70 29.18 -5.00
CA GLY A 957 -4.08 28.93 -5.42
C GLY A 957 -5.12 29.83 -4.71
N GLU A 958 -4.91 30.15 -3.43
CA GLU A 958 -5.78 31.05 -2.68
C GLU A 958 -5.58 32.49 -3.14
N VAL A 959 -4.35 32.91 -3.44
CA VAL A 959 -4.09 34.25 -3.98
C VAL A 959 -4.81 34.41 -5.32
N GLU A 960 -4.74 33.40 -6.18
CA GLU A 960 -5.50 33.37 -7.43
C GLU A 960 -7.00 33.44 -7.18
N ALA A 961 -7.53 32.66 -6.23
CA ALA A 961 -8.95 32.68 -5.91
C ALA A 961 -9.38 34.06 -5.39
N ALA A 962 -8.52 34.75 -4.62
CA ALA A 962 -8.80 36.07 -4.09
C ALA A 962 -8.72 37.16 -5.17
N LEU A 963 -7.83 37.04 -6.15
CA LEU A 963 -7.78 37.94 -7.31
C LEU A 963 -8.98 37.72 -8.22
N CYS A 964 -9.46 36.49 -8.39
CA CYS A 964 -10.66 36.22 -9.17
C CYS A 964 -11.92 36.86 -8.56
N ALA A 965 -11.98 37.02 -7.23
CA ALA A 965 -13.08 37.69 -6.54
C ALA A 965 -13.13 39.23 -6.74
N GLN A 966 -12.08 39.84 -7.29
CA GLN A 966 -12.09 41.26 -7.60
C GLN A 966 -13.18 41.61 -8.64
N ALA A 967 -13.74 42.81 -8.58
CA ALA A 967 -14.65 43.30 -9.61
C ALA A 967 -14.02 43.21 -11.01
N GLY A 968 -14.78 42.74 -11.98
CA GLY A 968 -14.41 42.74 -13.40
C GLY A 968 -13.29 41.77 -13.82
N VAL A 969 -12.71 40.97 -12.92
CA VAL A 969 -11.68 39.99 -13.30
C VAL A 969 -12.26 38.81 -14.07
N GLU A 970 -11.64 38.46 -15.18
CA GLU A 970 -11.84 37.19 -15.88
C GLU A 970 -11.09 36.08 -15.14
N SER A 971 -9.78 36.23 -14.96
CA SER A 971 -8.88 35.19 -14.45
C SER A 971 -7.61 35.79 -13.85
N ALA A 972 -6.88 35.00 -13.09
CA ALA A 972 -5.66 35.42 -12.40
C ALA A 972 -4.62 34.30 -12.33
N CYS A 973 -3.36 34.66 -12.08
CA CYS A 973 -2.32 33.72 -11.71
C CYS A 973 -1.51 34.24 -10.52
N ALA A 974 -0.91 33.37 -9.73
CA ALA A 974 0.08 33.72 -8.71
C ALA A 974 1.30 32.79 -8.77
N ALA A 975 2.48 33.37 -8.55
CA ALA A 975 3.78 32.70 -8.60
C ALA A 975 4.75 33.31 -7.57
N VAL A 976 5.91 32.70 -7.38
CA VAL A 976 7.03 33.25 -6.59
C VAL A 976 8.28 33.29 -7.46
N LEU A 977 8.96 34.42 -7.39
CA LEU A 977 9.82 34.94 -8.45
C LEU A 977 11.30 34.75 -8.15
N GLY A 978 12.14 35.10 -9.12
CA GLY A 978 13.54 35.40 -8.88
C GLY A 978 13.79 36.78 -8.25
N GLY A 979 15.00 37.30 -8.44
CA GLY A 979 15.51 38.51 -7.80
C GLY A 979 15.98 38.27 -6.35
N GLY A 980 16.66 39.25 -5.77
CA GLY A 980 17.23 39.17 -4.42
C GLY A 980 16.19 39.09 -3.29
N VAL A 981 14.98 39.55 -3.54
CA VAL A 981 13.82 39.40 -2.64
C VAL A 981 13.21 38.00 -2.72
N ALA A 982 13.29 37.29 -3.85
CA ALA A 982 12.42 36.15 -4.18
C ALA A 982 10.94 36.52 -3.94
N SER A 983 10.48 37.56 -4.63
CA SER A 983 9.16 38.18 -4.41
C SER A 983 8.01 37.19 -4.65
N LEU A 984 6.87 37.37 -3.99
CA LEU A 984 5.59 36.91 -4.52
C LEU A 984 5.29 37.75 -5.77
N GLY A 985 4.67 37.16 -6.77
CA GLY A 985 4.10 37.91 -7.88
C GLY A 985 2.75 37.35 -8.29
N ALA A 986 1.86 38.23 -8.75
CA ALA A 986 0.57 37.80 -9.25
C ALA A 986 0.10 38.63 -10.45
N VAL A 987 -0.85 38.08 -11.20
CA VAL A 987 -1.30 38.61 -12.48
C VAL A 987 -2.83 38.51 -12.60
N LEU A 988 -3.45 39.44 -13.33
CA LEU A 988 -4.88 39.53 -13.57
C LEU A 988 -5.23 39.59 -15.06
N VAL A 989 -6.50 39.37 -15.39
CA VAL A 989 -7.12 39.70 -16.68
C VAL A 989 -8.50 40.30 -16.40
N PRO A 990 -8.94 41.37 -17.09
CA PRO A 990 -10.33 41.82 -17.01
C PRO A 990 -11.23 41.10 -18.01
N ARG A 991 -12.47 40.77 -17.61
CA ARG A 991 -13.59 40.58 -18.56
C ARG A 991 -14.17 41.94 -18.93
N LEU A 992 -14.49 42.11 -20.21
CA LEU A 992 -14.50 43.42 -20.86
C LEU A 992 -15.90 44.02 -21.13
N ALA A 993 -16.95 43.39 -20.62
CA ALA A 993 -18.35 43.73 -20.85
C ALA A 993 -18.73 43.98 -22.34
N PRO A 994 -18.63 42.96 -23.24
CA PRO A 994 -19.07 43.05 -24.63
C PRO A 994 -20.47 43.67 -24.80
N ARG A 995 -20.59 44.72 -25.63
CA ARG A 995 -21.82 45.55 -25.65
C ARG A 995 -22.30 46.11 -26.99
N ALA A 996 -21.80 45.60 -28.11
CA ALA A 996 -22.36 45.88 -29.45
C ALA A 996 -22.49 47.38 -29.84
N GLU A 997 -21.63 48.25 -29.32
CA GLU A 997 -21.64 49.71 -29.57
C GLU A 997 -21.07 50.12 -30.94
N GLY A 998 -20.60 49.17 -31.74
CA GLY A 998 -19.68 49.34 -32.88
C GLY A 998 -20.17 50.08 -34.13
N SER A 999 -21.39 50.63 -34.15
CA SER A 999 -21.95 51.38 -35.29
C SER A 999 -21.12 52.63 -35.63
N MET A 1000 -20.95 52.91 -36.92
CA MET A 1000 -19.95 53.86 -37.43
C MET A 1000 -20.27 54.51 -38.77
N ASP A 1001 -19.46 55.51 -39.11
CA ASP A 1001 -19.14 55.93 -40.48
C ASP A 1001 -17.61 56.15 -40.58
N LEU A 1002 -17.01 55.99 -41.76
CA LEU A 1002 -15.58 56.16 -41.99
C LEU A 1002 -15.34 57.45 -42.80
N PRO A 1003 -14.65 58.46 -42.24
CA PRO A 1003 -14.17 59.61 -42.99
C PRO A 1003 -13.06 59.24 -43.99
N ALA A 1004 -13.45 59.05 -45.24
CA ALA A 1004 -12.62 58.60 -46.36
C ALA A 1004 -12.09 59.73 -47.27
N ALA A 1005 -12.49 60.97 -47.02
CA ALA A 1005 -12.29 62.10 -47.93
C ALA A 1005 -10.83 62.61 -48.06
N GLN A 1006 -9.93 62.30 -47.11
CA GLN A 1006 -8.61 62.95 -47.08
C GLN A 1006 -7.54 62.26 -47.96
N PRO A 1007 -7.39 60.92 -47.96
CA PRO A 1007 -6.44 60.24 -48.85
C PRO A 1007 -6.83 60.32 -50.33
N PHE A 1008 -5.88 59.97 -51.19
CA PHE A 1008 -6.08 59.75 -52.62
C PHE A 1008 -5.02 58.77 -53.14
N ALA A 1009 -5.24 58.17 -54.31
CA ALA A 1009 -4.36 57.14 -54.87
C ALA A 1009 -2.93 57.62 -55.13
N GLY A 1010 -2.71 58.90 -55.45
CA GLY A 1010 -1.35 59.45 -55.58
C GLY A 1010 -0.51 59.39 -54.31
N LEU A 1011 -1.14 59.26 -53.12
CA LEU A 1011 -0.42 58.96 -51.89
C LEU A 1011 0.08 57.50 -51.89
N ALA A 1012 -0.81 56.54 -52.16
CA ALA A 1012 -0.44 55.12 -52.22
C ALA A 1012 0.58 54.85 -53.35
N GLU A 1013 0.47 55.57 -54.46
CA GLU A 1013 1.48 55.62 -55.52
C GLU A 1013 2.80 56.23 -55.04
N ALA A 1014 2.77 57.31 -54.26
CA ALA A 1014 3.98 57.84 -53.67
C ALA A 1014 4.70 56.81 -52.78
N GLU A 1015 3.98 56.07 -51.95
CA GLU A 1015 4.56 55.02 -51.13
C GLU A 1015 5.00 53.80 -51.94
N ALA A 1016 4.28 53.42 -53.01
CA ALA A 1016 4.72 52.40 -53.95
C ALA A 1016 6.03 52.80 -54.65
N VAL A 1017 6.14 54.06 -55.10
CA VAL A 1017 7.40 54.61 -55.60
C VAL A 1017 8.48 54.55 -54.54
N LEU A 1018 8.28 55.10 -53.35
CA LEU A 1018 9.28 55.08 -52.28
C LEU A 1018 9.69 53.64 -51.90
N THR A 1019 8.74 52.72 -51.93
CA THR A 1019 8.98 51.29 -51.76
C THR A 1019 9.93 50.78 -52.84
N ARG A 1020 9.66 51.02 -54.13
CA ARG A 1020 10.60 50.72 -55.22
C ARG A 1020 11.96 51.37 -55.02
N GLU A 1021 12.01 52.65 -54.63
CA GLU A 1021 13.26 53.37 -54.42
C GLU A 1021 14.11 52.77 -53.29
N ILE A 1022 13.50 52.30 -52.21
CA ILE A 1022 14.21 51.81 -51.03
C ILE A 1022 14.47 50.30 -51.08
N LEU A 1023 13.60 49.56 -51.77
CA LEU A 1023 13.94 48.26 -52.35
C LEU A 1023 15.20 48.40 -53.21
N GLY A 1024 15.18 49.31 -54.18
CA GLY A 1024 16.29 49.59 -55.07
C GLY A 1024 17.55 50.06 -54.33
N ALA A 1025 17.40 50.86 -53.27
CA ALA A 1025 18.50 51.33 -52.44
C ALA A 1025 19.16 50.21 -51.62
N LEU A 1026 18.40 49.32 -50.96
CA LEU A 1026 19.02 48.14 -50.36
C LEU A 1026 19.68 47.25 -51.42
N LEU A 1027 19.05 47.12 -52.59
CA LEU A 1027 19.59 46.40 -53.73
C LEU A 1027 20.77 47.14 -54.43
N GLU A 1028 21.26 48.27 -53.92
CA GLU A 1028 22.61 48.78 -54.21
C GLU A 1028 23.70 47.95 -53.50
N ALA A 1029 23.36 47.31 -52.37
CA ALA A 1029 24.19 46.33 -51.64
C ALA A 1029 23.32 45.08 -51.31
N PRO A 1030 22.86 44.34 -52.35
CA PRO A 1030 21.80 43.34 -52.25
C PRO A 1030 22.17 42.14 -51.37
N LEU A 1031 23.45 41.99 -51.02
CA LEU A 1031 24.01 40.93 -50.16
C LEU A 1031 23.70 41.09 -48.67
N GLU A 1032 23.15 42.23 -48.24
CA GLU A 1032 22.73 42.38 -46.84
C GLU A 1032 21.47 41.56 -46.49
N LEU A 1033 20.73 41.08 -47.50
CA LEU A 1033 19.59 40.16 -47.37
C LEU A 1033 20.04 38.68 -47.44
N ASP A 1034 19.22 37.74 -46.94
CA ASP A 1034 19.29 36.35 -47.41
C ASP A 1034 18.74 36.21 -48.84
N ASP A 1035 19.06 35.13 -49.56
CA ASP A 1035 18.67 34.96 -50.97
C ASP A 1035 17.15 34.92 -51.19
N GLY A 1036 16.39 34.39 -50.23
CA GLY A 1036 14.93 34.37 -50.27
C GLY A 1036 14.35 35.78 -50.23
N LEU A 1037 14.76 36.60 -49.27
CA LEU A 1037 14.40 38.01 -49.27
C LEU A 1037 14.98 38.75 -50.48
N ARG A 1038 16.21 38.48 -50.93
CA ARG A 1038 16.82 39.11 -52.11
C ARG A 1038 15.91 38.95 -53.32
N ARG A 1039 15.44 37.72 -53.59
CA ARG A 1039 14.54 37.44 -54.70
C ARG A 1039 13.16 38.09 -54.53
N ARG A 1040 12.58 38.05 -53.32
CA ARG A 1040 11.36 38.80 -53.01
C ARG A 1040 11.53 40.30 -53.30
N TRP A 1041 12.61 40.92 -52.80
CA TRP A 1041 12.91 42.33 -53.01
C TRP A 1041 13.15 42.69 -54.49
N LEU A 1042 13.87 41.86 -55.24
CA LEU A 1042 14.08 42.01 -56.68
C LEU A 1042 12.77 41.89 -57.47
N ASP A 1043 11.83 41.06 -57.03
CA ASP A 1043 10.48 41.01 -57.62
C ASP A 1043 9.67 42.28 -57.28
N TRP A 1044 9.63 42.64 -56.01
CA TRP A 1044 8.89 43.81 -55.52
C TRP A 1044 9.39 45.13 -56.14
N LEU A 1045 10.63 45.18 -56.62
CA LEU A 1045 11.21 46.30 -57.37
C LEU A 1045 10.40 46.65 -58.66
N ALA A 1046 9.63 45.71 -59.19
CA ALA A 1046 8.61 45.95 -60.22
C ALA A 1046 7.18 45.74 -59.71
N ASP A 1047 6.95 44.72 -58.86
CA ASP A 1047 5.59 44.33 -58.45
C ASP A 1047 4.91 45.33 -57.51
N SER A 1048 5.68 46.00 -56.65
CA SER A 1048 5.17 46.93 -55.64
C SER A 1048 5.30 48.41 -56.09
N ALA A 1049 5.27 48.66 -57.40
CA ALA A 1049 5.85 49.85 -58.02
C ALA A 1049 5.02 50.40 -59.20
N ALA A 1050 5.67 50.93 -60.25
CA ALA A 1050 5.03 51.49 -61.44
C ALA A 1050 4.11 50.52 -62.22
N SER A 1051 4.25 49.21 -62.04
CA SER A 1051 3.35 48.20 -62.65
C SER A 1051 1.95 48.15 -62.00
N ALA A 1052 1.75 48.85 -60.88
CA ALA A 1052 0.48 48.92 -60.15
C ALA A 1052 0.08 50.36 -59.75
N LEU A 1053 0.97 51.12 -59.12
CA LEU A 1053 0.70 52.44 -58.54
C LEU A 1053 1.82 53.43 -58.90
N PRO A 1054 1.93 53.88 -60.16
CA PRO A 1054 2.98 54.80 -60.62
C PRO A 1054 2.78 56.22 -60.11
N SER A 1055 3.86 56.97 -59.94
CA SER A 1055 3.83 58.41 -59.64
C SER A 1055 5.15 59.11 -60.00
N LEU A 1056 5.07 60.42 -60.24
CA LEU A 1056 6.22 61.30 -60.53
C LEU A 1056 6.92 61.79 -59.24
N ASP A 1057 7.81 62.78 -59.34
CA ASP A 1057 8.49 63.38 -58.18
C ASP A 1057 7.53 64.06 -57.17
N GLU A 1058 6.28 64.29 -57.56
CA GLU A 1058 5.18 64.68 -56.66
C GLU A 1058 4.96 63.67 -55.53
N ALA A 1059 5.39 62.41 -55.72
CA ALA A 1059 5.48 61.41 -54.68
C ALA A 1059 6.17 61.98 -53.43
N LEU A 1060 7.34 62.59 -53.62
CA LEU A 1060 8.18 63.15 -52.57
C LEU A 1060 7.41 64.20 -51.74
N ARG A 1061 6.60 65.01 -52.40
CA ARG A 1061 5.79 66.08 -51.81
C ARG A 1061 4.51 65.54 -51.13
N ARG A 1062 3.99 64.38 -51.56
CA ARG A 1062 2.97 63.61 -50.82
C ARG A 1062 3.53 62.93 -49.55
N LEU A 1063 4.77 62.46 -49.59
CA LEU A 1063 5.44 61.77 -48.48
C LEU A 1063 5.98 62.72 -47.41
N GLY A 1064 6.34 63.94 -47.80
CA GLY A 1064 6.87 64.99 -46.92
C GLY A 1064 8.39 64.90 -46.73
N TRP A 1065 8.93 63.69 -46.62
CA TRP A 1065 10.36 63.41 -46.82
C TRP A 1065 10.74 63.52 -48.31
N GLN A 1066 11.67 64.42 -48.62
CA GLN A 1066 12.20 64.61 -49.98
C GLN A 1066 13.36 63.65 -50.28
N ALA A 1067 14.08 63.85 -51.39
CA ALA A 1067 15.20 62.99 -51.81
C ALA A 1067 16.34 62.85 -50.78
N ALA A 1068 16.52 63.83 -49.88
CA ALA A 1068 17.36 63.73 -48.69
C ALA A 1068 16.93 62.58 -47.78
N GLY A 1069 15.62 62.46 -47.54
CA GLY A 1069 15.02 61.36 -46.79
C GLY A 1069 15.15 60.01 -47.50
N LEU A 1070 14.89 59.92 -48.81
CA LEU A 1070 15.12 58.70 -49.60
C LEU A 1070 16.57 58.20 -49.45
N THR A 1071 17.53 59.12 -49.57
CA THR A 1071 18.96 58.86 -49.37
C THR A 1071 19.21 58.34 -47.94
N ALA A 1072 18.72 59.06 -46.94
CA ALA A 1072 18.93 58.74 -45.54
C ALA A 1072 18.33 57.37 -45.15
N MET A 1073 17.15 57.04 -45.69
CA MET A 1073 16.54 55.71 -45.60
C MET A 1073 17.42 54.63 -46.24
N GLY A 1074 17.82 54.78 -47.51
CA GLY A 1074 18.64 53.79 -48.21
C GLY A 1074 19.97 53.53 -47.52
N ASN A 1075 20.64 54.61 -47.10
CA ASN A 1075 21.91 54.57 -46.38
C ASN A 1075 21.75 53.91 -45.00
N ALA A 1076 20.77 54.34 -44.21
CA ALA A 1076 20.44 53.70 -42.94
C ALA A 1076 20.13 52.21 -43.11
N LEU A 1077 19.32 51.83 -44.10
CA LEU A 1077 18.93 50.45 -44.34
C LEU A 1077 20.11 49.55 -44.75
N ARG A 1078 20.98 50.02 -45.65
CA ARG A 1078 22.21 49.30 -45.99
C ARG A 1078 23.18 49.21 -44.82
N GLY A 1079 23.42 50.28 -44.07
CA GLY A 1079 24.30 50.25 -42.90
C GLY A 1079 23.80 49.30 -41.81
N LEU A 1080 22.53 49.42 -41.45
CA LEU A 1080 21.83 48.60 -40.45
C LEU A 1080 21.84 47.12 -40.83
N LEU A 1081 21.60 46.78 -42.10
CA LEU A 1081 21.58 45.39 -42.56
C LEU A 1081 22.96 44.85 -42.96
N ALA A 1082 23.97 45.69 -43.22
CA ALA A 1082 25.37 45.28 -43.18
C ALA A 1082 25.81 44.91 -41.75
N GLY A 1083 25.14 45.47 -40.73
CA GLY A 1083 25.15 44.97 -39.35
C GLY A 1083 24.19 43.80 -39.09
N GLU A 1084 23.33 43.46 -40.05
CA GLU A 1084 22.23 42.48 -39.97
C GLU A 1084 21.17 42.77 -38.89
N GLN A 1085 21.13 44.01 -38.36
CA GLN A 1085 20.41 44.39 -37.14
C GLN A 1085 18.87 44.55 -37.27
N ALA A 1086 18.22 43.87 -38.21
CA ALA A 1086 16.81 43.52 -38.03
C ALA A 1086 16.69 42.33 -37.04
N PRO A 1087 15.61 42.23 -36.25
CA PRO A 1087 14.56 43.24 -36.09
C PRO A 1087 15.02 44.43 -35.24
N ALA A 1088 15.93 44.23 -34.28
CA ALA A 1088 16.10 45.12 -33.14
C ALA A 1088 16.40 46.58 -33.50
N ALA A 1089 17.43 46.84 -34.30
CA ALA A 1089 17.75 48.19 -34.73
C ALA A 1089 16.76 48.72 -35.79
N LEU A 1090 16.15 47.86 -36.62
CA LEU A 1090 15.13 48.32 -37.57
C LEU A 1090 13.97 48.98 -36.80
N LEU A 1091 13.59 48.38 -35.67
CA LEU A 1091 12.61 48.92 -34.73
C LEU A 1091 13.13 50.10 -33.86
N LEU A 1092 14.40 50.51 -33.99
CA LEU A 1092 14.99 51.69 -33.34
C LEU A 1092 15.12 52.92 -34.27
N ASP A 1093 14.80 52.79 -35.55
CA ASP A 1093 15.24 53.75 -36.58
C ASP A 1093 14.15 54.76 -37.01
N PRO A 1094 14.41 56.09 -37.04
CA PRO A 1094 13.39 57.07 -37.40
C PRO A 1094 12.97 57.01 -38.87
N TRP A 1095 13.90 56.67 -39.77
CA TRP A 1095 13.70 56.60 -41.20
C TRP A 1095 13.00 55.29 -41.63
N LEU A 1096 13.03 54.23 -40.82
CA LEU A 1096 12.73 52.86 -41.27
C LEU A 1096 11.87 52.01 -40.31
N ALA A 1097 11.69 52.37 -39.03
CA ALA A 1097 10.87 51.54 -38.13
C ALA A 1097 9.42 51.45 -38.64
N PRO A 1098 8.73 50.29 -38.64
CA PRO A 1098 7.50 50.11 -39.41
C PRO A 1098 6.38 51.08 -39.03
N GLN A 1099 6.08 51.23 -37.73
CA GLN A 1099 5.06 52.20 -37.30
C GLN A 1099 5.53 53.65 -37.42
N ALA A 1100 6.85 53.92 -37.37
CA ALA A 1100 7.39 55.26 -37.55
C ALA A 1100 7.31 55.74 -39.01
N VAL A 1101 7.61 54.87 -39.99
CA VAL A 1101 7.39 55.21 -41.40
C VAL A 1101 5.90 55.33 -41.68
N ALA A 1102 5.06 54.51 -41.06
CA ALA A 1102 3.62 54.74 -41.06
C ALA A 1102 3.22 56.05 -40.34
N ALA A 1103 4.06 56.64 -39.48
CA ALA A 1103 3.86 57.94 -38.84
C ALA A 1103 4.43 59.11 -39.66
N ARG A 1104 4.79 58.90 -40.92
CA ARG A 1104 5.13 59.97 -41.87
C ARG A 1104 4.59 59.71 -43.27
N LEU A 1105 4.96 58.58 -43.87
CA LEU A 1105 4.71 58.31 -45.28
C LEU A 1105 3.22 58.34 -45.67
N PRO A 1106 2.29 57.61 -45.02
CA PRO A 1106 0.91 57.48 -45.50
C PRO A 1106 0.03 58.67 -45.03
N ASP A 1107 0.53 59.90 -45.16
CA ASP A 1107 0.06 61.04 -44.35
C ASP A 1107 0.13 60.68 -42.85
N GLY A 1108 1.22 60.03 -42.47
CA GLY A 1108 1.32 59.37 -41.18
C GLY A 1108 1.41 60.34 -40.02
N ARG A 1109 2.02 61.50 -40.22
CA ARG A 1109 2.13 62.54 -39.19
C ARG A 1109 0.78 63.25 -39.04
N GLU A 1110 0.00 63.30 -40.10
CA GLU A 1110 -1.35 63.85 -40.18
C GLU A 1110 -2.39 62.88 -39.59
N ALA A 1111 -2.16 61.58 -39.70
CA ALA A 1111 -2.85 60.56 -38.94
C ALA A 1111 -2.55 60.72 -37.44
N LEU A 1112 -1.26 60.82 -37.08
CA LEU A 1112 -0.81 61.01 -35.72
C LEU A 1112 -1.35 62.30 -35.10
N ALA A 1113 -1.34 63.40 -35.85
CA ALA A 1113 -1.87 64.69 -35.42
C ALA A 1113 -3.36 64.59 -35.08
N ARG A 1114 -4.19 64.12 -36.00
CA ARG A 1114 -5.64 64.00 -35.78
C ARG A 1114 -5.99 62.92 -34.73
N LEU A 1115 -5.10 61.96 -34.44
CA LEU A 1115 -5.21 61.04 -33.31
C LEU A 1115 -4.96 61.75 -31.97
N LEU A 1116 -3.88 62.52 -31.89
CA LEU A 1116 -3.49 63.31 -30.72
C LEU A 1116 -4.42 64.50 -30.48
N GLU A 1117 -5.01 65.05 -31.54
CA GLU A 1117 -6.00 66.10 -31.39
C GLU A 1117 -7.28 65.59 -30.67
N ALA A 1118 -7.90 66.49 -29.93
CA ALA A 1118 -8.96 66.21 -28.95
C ALA A 1118 -8.50 65.43 -27.69
N LEU A 1119 -7.19 65.36 -27.40
CA LEU A 1119 -6.68 65.19 -26.04
C LEU A 1119 -7.05 66.48 -25.25
N PRO A 1120 -8.07 66.49 -24.35
CA PRO A 1120 -8.80 67.72 -24.04
C PRO A 1120 -8.13 68.72 -23.10
N THR A 1121 -7.03 68.33 -22.45
CA THR A 1121 -6.44 69.06 -21.32
C THR A 1121 -6.03 70.53 -21.57
N PRO A 1122 -5.56 70.99 -22.76
CA PRO A 1122 -5.25 72.41 -22.98
C PRO A 1122 -6.51 73.27 -23.23
N ALA A 1123 -7.66 72.65 -23.49
CA ALA A 1123 -8.98 73.29 -23.49
C ALA A 1123 -9.65 73.28 -22.10
N ALA A 1124 -9.58 72.15 -21.38
CA ALA A 1124 -10.21 71.98 -20.07
C ALA A 1124 -9.40 72.56 -18.89
N GLY A 1125 -8.08 72.73 -19.04
CA GLY A 1125 -7.19 73.26 -18.00
C GLY A 1125 -7.01 72.33 -16.80
N GLU A 1126 -7.24 71.03 -16.97
CA GLU A 1126 -7.33 70.04 -15.89
C GLU A 1126 -6.41 68.84 -16.17
N ARG A 1127 -5.84 68.26 -15.11
CA ARG A 1127 -4.96 67.09 -15.19
C ARG A 1127 -5.58 65.95 -16.00
N LEU A 1128 -4.81 65.41 -16.93
CA LEU A 1128 -5.21 64.27 -17.77
C LEU A 1128 -4.09 63.24 -17.83
N ARG A 1129 -4.44 61.96 -17.64
CA ARG A 1129 -3.51 60.83 -17.73
C ARG A 1129 -3.68 60.14 -19.07
N VAL A 1130 -2.61 60.15 -19.85
CA VAL A 1130 -2.49 59.55 -21.18
C VAL A 1130 -1.51 58.37 -21.09
N ALA A 1131 -1.67 57.37 -21.93
CA ALA A 1131 -0.64 56.36 -22.12
C ALA A 1131 -0.50 55.90 -23.56
N VAL A 1132 0.62 55.27 -23.90
CA VAL A 1132 0.87 54.72 -25.25
C VAL A 1132 1.21 53.24 -25.15
N LEU A 1133 0.53 52.44 -25.96
CA LEU A 1133 0.64 50.98 -25.98
C LEU A 1133 1.80 50.44 -26.84
N ASP A 1134 2.19 51.20 -27.86
CA ASP A 1134 3.05 50.70 -28.96
C ASP A 1134 4.33 51.55 -29.10
N THR A 1135 4.93 51.98 -27.99
CA THR A 1135 5.92 53.05 -27.98
C THR A 1135 7.13 52.78 -28.88
N ARG A 1136 7.59 51.53 -29.00
CA ARG A 1136 8.91 51.15 -29.53
C ARG A 1136 9.98 52.20 -29.18
N ALA A 1137 10.62 52.81 -30.18
CA ALA A 1137 11.76 53.72 -30.04
C ALA A 1137 11.42 55.13 -29.52
N GLY A 1138 10.14 55.46 -29.41
CA GLY A 1138 9.67 56.82 -29.10
C GLY A 1138 9.87 57.84 -30.22
N LEU A 1139 10.57 57.53 -31.31
CA LEU A 1139 10.78 58.45 -32.43
C LEU A 1139 9.50 58.80 -33.19
N TRP A 1140 8.57 57.85 -33.34
CA TRP A 1140 7.26 58.10 -33.92
C TRP A 1140 6.39 59.01 -33.03
N LEU A 1141 6.52 58.91 -31.70
CA LEU A 1141 5.90 59.83 -30.75
C LEU A 1141 6.53 61.22 -30.81
N ASP A 1142 7.87 61.26 -30.82
CA ASP A 1142 8.65 62.50 -30.94
C ASP A 1142 8.26 63.31 -32.19
N GLN A 1143 8.00 62.61 -33.30
CA GLN A 1143 7.47 63.21 -34.53
C GLN A 1143 6.07 63.84 -34.36
N GLY A 1144 5.25 63.34 -33.43
CA GLY A 1144 3.97 63.93 -33.04
C GLY A 1144 4.02 64.85 -31.81
N MET A 1145 5.18 65.01 -31.16
CA MET A 1145 5.27 65.48 -29.78
C MET A 1145 4.82 66.92 -29.57
N ALA A 1146 4.93 67.77 -30.60
CA ALA A 1146 4.35 69.11 -30.61
C ALA A 1146 2.82 69.11 -30.41
N SER A 1147 2.11 68.08 -30.88
CA SER A 1147 0.68 67.87 -30.61
C SER A 1147 0.39 67.20 -29.27
N LEU A 1148 1.42 66.75 -28.52
CA LEU A 1148 1.27 65.95 -27.31
C LEU A 1148 1.64 66.71 -26.02
N LEU A 1149 2.59 67.65 -26.05
CA LEU A 1149 3.05 68.40 -24.88
C LEU A 1149 2.06 69.49 -24.40
N ARG A 1150 0.87 69.06 -24.01
CA ARG A 1150 -0.26 69.87 -23.58
C ARG A 1150 -0.16 70.18 -22.07
N PRO A 1151 -0.45 71.40 -21.58
CA PRO A 1151 -0.42 71.70 -20.15
C PRO A 1151 -1.45 70.89 -19.35
N GLY A 1152 -1.02 70.29 -18.24
CA GLY A 1152 -1.81 69.34 -17.45
C GLY A 1152 -1.74 67.87 -17.91
N LEU A 1153 -1.03 67.56 -19.00
CA LEU A 1153 -0.90 66.21 -19.52
C LEU A 1153 0.19 65.39 -18.82
N GLU A 1154 -0.20 64.30 -18.17
CA GLU A 1154 0.70 63.24 -17.69
C GLU A 1154 0.68 62.07 -18.70
N LEU A 1155 1.84 61.51 -19.02
CA LEU A 1155 1.95 60.47 -20.05
C LEU A 1155 2.79 59.29 -19.57
N THR A 1156 2.32 58.05 -19.80
CA THR A 1156 3.13 56.84 -19.57
C THR A 1156 3.28 56.01 -20.83
N LEU A 1157 4.50 55.58 -21.11
CA LEU A 1157 4.85 54.90 -22.35
C LEU A 1157 5.19 53.42 -22.11
N PHE A 1158 4.56 52.55 -22.89
CA PHE A 1158 4.62 51.10 -22.78
C PHE A 1158 5.06 50.47 -24.10
N GLU A 1159 5.80 49.36 -23.98
CA GLU A 1159 6.07 48.47 -25.09
C GLU A 1159 6.36 47.06 -24.57
N ARG A 1160 6.05 46.00 -25.34
CA ARG A 1160 6.39 44.60 -25.03
C ARG A 1160 7.86 44.24 -25.32
N SER A 1161 8.75 45.24 -25.24
CA SER A 1161 10.17 45.13 -25.56
C SER A 1161 10.97 46.20 -24.81
N ARG A 1162 12.14 45.82 -24.29
CA ARG A 1162 12.96 46.68 -23.40
C ARG A 1162 13.81 47.69 -24.16
N VAL A 1163 14.65 47.22 -25.10
CA VAL A 1163 15.66 48.06 -25.77
C VAL A 1163 15.08 49.27 -26.50
N LEU A 1164 13.89 49.11 -27.08
CA LEU A 1164 13.20 50.18 -27.79
C LEU A 1164 12.79 51.31 -26.83
N LEU A 1165 12.32 50.96 -25.63
CA LEU A 1165 11.95 51.93 -24.61
C LEU A 1165 13.14 52.69 -24.04
N ASP A 1166 14.35 52.12 -24.05
CA ASP A 1166 15.56 52.86 -23.66
C ASP A 1166 15.73 54.12 -24.52
N ALA A 1167 15.46 54.02 -25.82
CA ALA A 1167 15.49 55.16 -26.74
C ALA A 1167 14.37 56.17 -26.43
N ALA A 1168 13.15 55.70 -26.17
CA ALA A 1168 12.03 56.56 -25.80
C ALA A 1168 12.33 57.36 -24.52
N ALA A 1169 12.80 56.66 -23.48
CA ALA A 1169 13.22 57.23 -22.20
C ALA A 1169 14.43 58.18 -22.30
N THR A 1170 15.33 57.97 -23.27
CA THR A 1170 16.43 58.88 -23.58
C THR A 1170 15.92 60.24 -24.07
N ARG A 1171 15.03 60.24 -25.08
CA ARG A 1171 14.70 61.45 -25.85
C ARG A 1171 13.54 62.29 -25.32
N LEU A 1172 12.67 61.74 -24.49
CA LEU A 1172 11.43 62.41 -24.05
C LEU A 1172 11.54 62.98 -22.62
N PRO A 1173 10.98 64.19 -22.36
CA PRO A 1173 11.15 64.89 -21.09
C PRO A 1173 10.64 64.13 -19.87
N GLU A 1174 11.23 64.43 -18.70
CA GLU A 1174 11.00 63.76 -17.42
C GLU A 1174 9.56 63.82 -16.86
N ARG A 1175 8.68 64.66 -17.42
CA ARG A 1175 7.21 64.63 -17.19
C ARG A 1175 6.50 63.44 -17.87
N ILE A 1176 7.13 62.83 -18.86
CA ILE A 1176 6.69 61.63 -19.56
C ILE A 1176 7.41 60.41 -18.94
N VAL A 1177 6.65 59.41 -18.50
CA VAL A 1177 7.11 58.19 -17.82
C VAL A 1177 7.28 57.04 -18.83
N VAL A 1178 8.22 56.12 -18.60
CA VAL A 1178 8.44 54.94 -19.44
C VAL A 1178 8.50 53.67 -18.61
N GLN A 1179 7.72 52.64 -18.97
CA GLN A 1179 7.66 51.35 -18.28
C GLN A 1179 7.43 50.22 -19.29
N ALA A 1180 8.25 49.17 -19.23
CA ALA A 1180 8.10 48.02 -20.09
C ALA A 1180 6.85 47.19 -19.76
N LEU A 1181 6.32 46.56 -20.79
CA LEU A 1181 5.40 45.43 -20.67
C LEU A 1181 6.25 44.15 -20.69
N ASP A 1182 7.19 44.04 -19.75
CA ASP A 1182 8.35 43.16 -19.96
C ASP A 1182 7.95 41.69 -20.01
N ASP A 1183 8.44 40.97 -21.01
CA ASP A 1183 7.95 39.64 -21.35
C ASP A 1183 6.41 39.57 -21.44
N GLY A 1184 5.79 40.59 -22.05
CA GLY A 1184 4.36 40.70 -22.32
C GLY A 1184 3.51 41.33 -21.22
N LEU A 1185 4.08 41.67 -20.07
CA LEU A 1185 3.34 41.83 -18.81
C LEU A 1185 3.18 43.30 -18.36
N LEU A 1186 1.94 43.79 -18.23
CA LEU A 1186 1.62 45.15 -17.80
C LEU A 1186 1.62 45.28 -16.27
N PRO A 1187 2.35 46.20 -15.64
CA PRO A 1187 2.28 46.38 -14.20
C PRO A 1187 0.93 46.98 -13.73
N ALA A 1188 0.37 46.48 -12.61
CA ALA A 1188 -1.01 46.79 -12.22
C ALA A 1188 -1.22 48.23 -11.75
N GLU A 1189 -0.13 48.92 -11.42
CA GLU A 1189 -0.10 50.35 -11.09
C GLU A 1189 -0.69 51.25 -12.19
N HIS A 1190 -0.89 50.68 -13.39
CA HIS A 1190 -1.35 51.38 -14.58
C HIS A 1190 -2.82 51.11 -14.95
N LEU A 1191 -3.44 50.06 -14.39
CA LEU A 1191 -4.83 49.72 -14.68
C LEU A 1191 -5.77 50.83 -14.23
N GLY A 1192 -6.77 51.17 -15.03
CA GLY A 1192 -7.74 52.21 -14.68
C GLY A 1192 -7.15 53.60 -14.45
N ARG A 1193 -5.85 53.82 -14.73
CA ARG A 1193 -5.14 55.05 -14.39
C ARG A 1193 -5.22 56.10 -15.50
N TYR A 1194 -5.39 55.67 -16.75
CA TYR A 1194 -5.25 56.56 -17.90
C TYR A 1194 -6.60 56.92 -18.50
N ASP A 1195 -6.96 58.19 -18.44
CA ASP A 1195 -8.14 58.76 -19.10
C ASP A 1195 -8.06 58.66 -20.63
N ARG A 1196 -6.85 58.54 -21.19
CA ARG A 1196 -6.59 58.38 -22.62
C ARG A 1196 -5.52 57.34 -22.88
N VAL A 1197 -5.66 56.58 -23.95
CA VAL A 1197 -4.70 55.54 -24.36
C VAL A 1197 -4.49 55.61 -25.87
N ILE A 1198 -3.25 55.48 -26.34
CA ILE A 1198 -2.84 55.66 -27.73
C ILE A 1198 -2.30 54.34 -28.30
N SER A 1199 -2.71 54.02 -29.53
CA SER A 1199 -2.11 52.97 -30.37
C SER A 1199 -1.84 53.48 -31.78
N PHE A 1200 -0.66 53.21 -32.33
CA PHE A 1200 -0.29 53.71 -33.64
C PHE A 1200 0.22 52.60 -34.56
N ALA A 1201 -0.60 52.25 -35.55
CA ALA A 1201 -0.24 51.39 -36.69
C ALA A 1201 0.36 50.03 -36.28
N ALA A 1202 -0.11 49.48 -35.15
CA ALA A 1202 0.50 48.32 -34.50
C ALA A 1202 -0.48 47.42 -33.72
N LEU A 1203 -1.80 47.62 -33.77
CA LEU A 1203 -2.74 46.66 -33.17
C LEU A 1203 -2.64 45.27 -33.82
N HIS A 1204 -2.34 45.20 -35.11
CA HIS A 1204 -2.05 43.93 -35.79
C HIS A 1204 -0.76 43.26 -35.28
N ALA A 1205 0.16 43.99 -34.65
CA ALA A 1205 1.40 43.45 -34.08
C ALA A 1205 1.19 42.72 -32.73
N TYR A 1206 -0.03 42.69 -32.21
CA TYR A 1206 -0.46 41.77 -31.16
C TYR A 1206 -0.96 40.47 -31.80
N GLU A 1207 -0.94 39.36 -31.06
CA GLU A 1207 -1.25 38.04 -31.62
C GLU A 1207 -2.77 37.83 -31.81
N ALA A 1208 -3.58 38.74 -31.30
CA ALA A 1208 -4.96 38.97 -31.74
C ALA A 1208 -5.33 40.46 -31.65
N SER A 1209 -6.35 40.88 -32.39
CA SER A 1209 -7.08 42.12 -32.13
C SER A 1209 -7.50 42.17 -30.66
N ARG A 1210 -8.19 41.13 -30.20
CA ARG A 1210 -8.64 40.93 -28.82
C ARG A 1210 -7.51 41.00 -27.78
N GLU A 1211 -6.25 40.81 -28.18
CA GLU A 1211 -5.11 40.94 -27.28
C GLU A 1211 -4.80 42.43 -27.01
N GLY A 1212 -4.40 43.18 -28.05
CA GLY A 1212 -4.06 44.60 -27.87
C GLY A 1212 -5.23 45.47 -27.45
N LEU A 1213 -6.45 45.11 -27.86
CA LEU A 1213 -7.68 45.77 -27.41
C LEU A 1213 -7.92 45.57 -25.92
N ALA A 1214 -7.81 44.34 -25.42
CA ALA A 1214 -8.02 44.05 -24.00
C ALA A 1214 -6.96 44.73 -23.12
N LEU A 1215 -5.72 44.80 -23.62
CA LEU A 1215 -4.65 45.55 -22.98
C LEU A 1215 -5.03 47.03 -22.86
N ALA A 1216 -5.52 47.64 -23.95
CA ALA A 1216 -6.00 49.02 -23.93
C ALA A 1216 -7.14 49.21 -22.93
N ALA A 1217 -8.14 48.32 -22.96
CA ALA A 1217 -9.34 48.47 -22.15
C ALA A 1217 -8.99 48.40 -20.67
N ALA A 1218 -8.16 47.44 -20.27
CA ALA A 1218 -7.65 47.35 -18.90
C ALA A 1218 -6.89 48.61 -18.45
N LEU A 1219 -6.09 49.19 -19.35
CA LEU A 1219 -5.28 50.37 -19.07
C LEU A 1219 -6.13 51.63 -18.87
N LEU A 1220 -7.28 51.72 -19.55
CA LEU A 1220 -8.18 52.87 -19.50
C LEU A 1220 -8.93 53.00 -18.18
N ARG A 1221 -8.93 54.23 -17.63
CA ARG A 1221 -9.88 54.72 -16.62
C ARG A 1221 -11.31 54.69 -17.20
N PRO A 1222 -12.37 54.37 -16.42
CA PRO A 1222 -13.73 54.34 -16.94
C PRO A 1222 -14.15 55.67 -17.58
N GLN A 1223 -14.96 55.66 -18.63
CA GLN A 1223 -15.23 56.83 -19.49
C GLN A 1223 -14.00 57.38 -20.25
N GLY A 1224 -12.80 56.80 -20.10
CA GLY A 1224 -11.61 57.16 -20.86
C GLY A 1224 -11.65 56.69 -22.31
N ARG A 1225 -10.83 57.29 -23.17
CA ARG A 1225 -10.84 57.04 -24.62
C ARG A 1225 -9.57 56.35 -25.11
N LEU A 1226 -9.71 55.18 -25.73
CA LEU A 1226 -8.74 54.65 -26.68
C LEU A 1226 -8.67 55.60 -27.88
N LEU A 1227 -7.46 55.78 -28.43
CA LEU A 1227 -7.11 56.58 -29.59
C LEU A 1227 -6.21 55.68 -30.44
N LEU A 1228 -6.69 55.19 -31.58
CA LEU A 1228 -6.04 54.13 -32.34
C LEU A 1228 -6.01 54.50 -33.83
N VAL A 1229 -4.86 54.35 -34.50
CA VAL A 1229 -4.88 54.13 -35.95
C VAL A 1229 -4.54 52.69 -36.29
N ASP A 1230 -5.44 52.04 -37.01
CA ASP A 1230 -5.27 50.65 -37.43
C ASP A 1230 -5.08 50.56 -38.94
N LEU A 1231 -4.18 49.67 -39.34
CA LEU A 1231 -3.84 49.40 -40.73
C LEU A 1231 -4.95 48.55 -41.37
N LEU A 1232 -5.95 49.22 -41.92
CA LEU A 1232 -6.89 48.59 -42.84
C LEU A 1232 -6.19 48.24 -44.18
N CYS A 1233 -5.11 48.96 -44.48
CA CYS A 1233 -4.02 48.57 -45.38
C CYS A 1233 -2.70 49.08 -44.79
N GLU A 1234 -1.61 48.34 -44.97
CA GLU A 1234 -0.28 48.76 -44.48
C GLU A 1234 0.28 49.97 -45.25
N SER A 1235 1.22 50.73 -44.69
CA SER A 1235 2.17 51.53 -45.50
C SER A 1235 3.06 50.58 -46.31
N PRO A 1236 3.16 50.70 -47.64
CA PRO A 1236 4.08 49.89 -48.45
C PRO A 1236 5.53 49.83 -47.94
N LEU A 1237 6.03 50.87 -47.25
CA LEU A 1237 7.33 50.84 -46.58
C LEU A 1237 7.29 50.14 -45.22
N ALA A 1238 6.23 50.30 -44.43
CA ALA A 1238 6.05 49.49 -43.23
C ALA A 1238 5.95 48.00 -43.58
N LEU A 1239 5.42 47.66 -44.76
CA LEU A 1239 5.41 46.31 -45.33
C LEU A 1239 6.83 45.79 -45.64
N LEU A 1240 7.75 46.62 -46.17
CA LEU A 1240 9.17 46.24 -46.22
C LEU A 1240 9.71 45.97 -44.82
N GLY A 1241 9.41 46.88 -43.89
CA GLY A 1241 9.75 46.72 -42.48
C GLY A 1241 9.29 45.37 -41.93
N ALA A 1242 8.02 45.01 -42.10
CA ALA A 1242 7.47 43.72 -41.70
C ALA A 1242 8.15 42.56 -42.42
N ALA A 1243 8.42 42.66 -43.73
CA ALA A 1243 9.16 41.65 -44.48
C ALA A 1243 10.59 41.46 -43.96
N LEU A 1244 11.20 42.47 -43.33
CA LEU A 1244 12.53 42.38 -42.70
C LEU A 1244 12.49 41.79 -41.28
N LEU A 1245 11.36 41.91 -40.58
CA LEU A 1245 11.00 41.02 -39.45
C LEU A 1245 10.63 39.61 -39.97
N ASP A 1246 10.30 39.52 -41.26
CA ASP A 1246 9.62 38.45 -41.98
C ASP A 1246 8.31 38.00 -41.32
N ASP A 1247 7.48 38.98 -40.93
CA ASP A 1247 6.20 38.82 -40.23
C ASP A 1247 5.00 39.02 -41.19
N ARG A 1248 4.00 38.14 -41.11
CA ARG A 1248 2.94 38.02 -42.14
C ARG A 1248 2.00 39.24 -42.22
N PRO A 1249 1.70 39.77 -43.41
CA PRO A 1249 0.71 40.83 -43.59
C PRO A 1249 -0.75 40.40 -43.35
N LEU A 1250 -1.04 39.09 -43.31
CA LEU A 1250 -2.39 38.54 -43.03
C LEU A 1250 -2.99 38.98 -41.67
N ARG A 1251 -2.16 39.46 -40.73
CA ARG A 1251 -2.57 39.97 -39.41
C ARG A 1251 -3.58 41.12 -39.49
N LEU A 1252 -3.54 41.94 -40.54
CA LEU A 1252 -4.36 43.14 -40.66
C LEU A 1252 -5.85 42.79 -40.84
N ALA A 1253 -6.72 43.71 -40.43
CA ALA A 1253 -8.17 43.51 -40.36
C ALA A 1253 -8.94 44.75 -40.82
N GLU A 1254 -10.19 44.56 -41.26
CA GLU A 1254 -11.09 45.59 -41.77
C GLU A 1254 -11.69 46.45 -40.63
N LEU A 1255 -12.29 47.59 -40.97
CA LEU A 1255 -12.93 48.44 -39.96
C LEU A 1255 -14.07 47.74 -39.21
N PRO A 1256 -15.02 47.01 -39.84
CA PRO A 1256 -16.04 46.29 -39.09
C PRO A 1256 -15.43 45.19 -38.19
N SER A 1257 -14.36 44.54 -38.66
CA SER A 1257 -13.63 43.52 -37.91
C SER A 1257 -12.96 44.12 -36.66
N LEU A 1258 -12.29 45.26 -36.81
CA LEU A 1258 -11.79 46.06 -35.68
C LEU A 1258 -12.93 46.41 -34.73
N LEU A 1259 -13.95 47.13 -35.23
CA LEU A 1259 -15.00 47.69 -34.37
C LEU A 1259 -15.84 46.61 -33.66
N ALA A 1260 -16.05 45.44 -34.26
CA ALA A 1260 -16.68 44.30 -33.61
C ALA A 1260 -15.89 43.79 -32.39
N ASP A 1261 -14.61 43.47 -32.59
CA ASP A 1261 -13.74 43.00 -31.50
C ASP A 1261 -13.54 44.08 -30.43
N LEU A 1262 -13.47 45.34 -30.85
CA LEU A 1262 -13.30 46.51 -30.00
C LEU A 1262 -14.54 46.79 -29.14
N ALA A 1263 -15.75 46.64 -29.70
CA ALA A 1263 -16.99 46.67 -28.94
C ALA A 1263 -17.18 45.42 -28.06
N ALA A 1264 -16.54 44.30 -28.40
CA ALA A 1264 -16.47 43.13 -27.54
C ALA A 1264 -15.47 43.35 -26.39
N ALA A 1265 -14.38 44.09 -26.62
CA ALA A 1265 -13.57 44.71 -25.58
C ALA A 1265 -14.28 45.87 -24.85
N GLY A 1266 -15.58 46.06 -25.12
CA GLY A 1266 -16.48 47.02 -24.50
C GLY A 1266 -16.29 48.48 -24.92
N LEU A 1267 -15.24 48.81 -25.67
CA LEU A 1267 -14.93 50.20 -26.00
C LEU A 1267 -15.95 50.73 -27.02
N ALA A 1268 -16.66 51.82 -26.68
CA ALA A 1268 -17.72 52.36 -27.52
C ALA A 1268 -17.15 53.34 -28.57
N PRO A 1269 -17.14 53.03 -29.89
CA PRO A 1269 -16.29 53.73 -30.86
C PRO A 1269 -16.94 54.80 -31.76
N ARG A 1270 -16.09 55.67 -32.30
CA ARG A 1270 -16.25 56.43 -33.55
C ARG A 1270 -15.01 56.23 -34.42
N CYS A 1271 -15.19 55.94 -35.70
CA CYS A 1271 -14.13 56.10 -36.68
C CYS A 1271 -14.07 57.55 -37.20
N LEU A 1272 -12.91 58.00 -37.64
CA LEU A 1272 -12.60 59.43 -37.79
C LEU A 1272 -11.75 59.83 -39.01
N TRP A 1273 -10.95 58.94 -39.63
CA TRP A 1273 -9.86 59.42 -40.49
C TRP A 1273 -9.21 58.38 -41.41
N ARG A 1274 -8.46 58.87 -42.42
CA ARG A 1274 -7.49 58.18 -43.30
C ARG A 1274 -8.03 56.95 -44.04
N SER A 1275 -9.35 56.87 -44.23
CA SER A 1275 -9.98 55.93 -45.17
C SER A 1275 -9.56 54.45 -44.97
N GLU A 1276 -9.52 53.66 -46.03
CA GLU A 1276 -9.08 52.26 -46.07
C GLU A 1276 -7.57 52.04 -45.81
N ARG A 1277 -6.80 53.08 -45.44
CA ARG A 1277 -5.36 52.99 -45.13
C ARG A 1277 -5.13 52.85 -43.63
N ILE A 1278 -4.98 54.00 -42.94
CA ILE A 1278 -4.41 54.11 -41.58
C ILE A 1278 -5.50 54.61 -40.63
N ALA A 1279 -6.60 53.88 -40.54
CA ALA A 1279 -7.86 54.43 -40.10
C ALA A 1279 -7.88 54.79 -38.62
N LEU A 1280 -8.21 56.04 -38.31
CA LEU A 1280 -8.35 56.48 -36.92
C LEU A 1280 -9.67 56.03 -36.32
N VAL A 1281 -9.62 55.46 -35.13
CA VAL A 1281 -10.75 55.14 -34.26
C VAL A 1281 -10.47 55.72 -32.88
N GLU A 1282 -11.48 56.29 -32.24
CA GLU A 1282 -11.46 56.54 -30.80
C GLU A 1282 -12.62 55.81 -30.15
N ALA A 1283 -12.44 55.31 -28.92
CA ALA A 1283 -13.48 54.54 -28.26
C ALA A 1283 -13.48 54.62 -26.73
N LEU A 1284 -14.67 54.60 -26.11
CA LEU A 1284 -14.87 54.91 -24.69
C LEU A 1284 -15.00 53.67 -23.81
N ALA A 1285 -14.24 53.63 -22.71
CA ALA A 1285 -14.14 52.50 -21.79
C ALA A 1285 -15.33 52.37 -20.82
N PRO A 1286 -15.89 51.16 -20.63
CA PRO A 1286 -16.83 50.85 -19.54
C PRO A 1286 -16.12 50.79 -18.16
N GLY A 1287 -16.86 50.42 -17.13
CA GLY A 1287 -16.42 50.29 -15.74
C GLY A 1287 -15.77 48.93 -15.40
N LEU A 1288 -14.61 48.63 -15.99
CA LEU A 1288 -13.84 47.39 -15.76
C LEU A 1288 -13.33 47.21 -14.32
N GLY A 1289 -13.30 48.27 -13.50
CA GLY A 1289 -12.99 48.26 -12.06
C GLY A 1289 -11.53 48.00 -11.67
N LEU A 1290 -10.69 47.47 -12.55
CA LEU A 1290 -9.27 47.23 -12.27
C LEU A 1290 -8.47 48.53 -12.13
N ASP A 1291 -7.81 48.66 -10.98
CA ASP A 1291 -6.93 49.76 -10.58
C ASP A 1291 -6.13 49.25 -9.36
N ALA A 1292 -4.82 49.50 -9.29
CA ALA A 1292 -4.01 49.11 -8.14
C ALA A 1292 -4.59 49.56 -6.79
N ALA A 1293 -5.28 50.69 -6.73
CA ALA A 1293 -5.96 51.14 -5.51
C ALA A 1293 -7.12 50.20 -5.13
N ALA A 1294 -7.97 49.89 -6.10
CA ALA A 1294 -9.11 49.00 -5.92
C ALA A 1294 -8.66 47.56 -5.63
N LEU A 1295 -7.57 47.12 -6.25
CA LEU A 1295 -6.94 45.83 -6.00
C LEU A 1295 -6.40 45.77 -4.58
N GLN A 1296 -5.71 46.80 -4.12
CA GLN A 1296 -5.25 46.88 -2.74
C GLN A 1296 -6.42 46.75 -1.75
N ALA A 1297 -7.53 47.46 -1.97
CA ALA A 1297 -8.72 47.35 -1.12
C ALA A 1297 -9.34 45.94 -1.13
N GLY A 1298 -9.46 45.30 -2.30
CA GLY A 1298 -9.95 43.93 -2.38
C GLY A 1298 -9.02 42.91 -1.74
N LEU A 1299 -7.71 43.04 -1.94
CA LEU A 1299 -6.70 42.15 -1.35
C LEU A 1299 -6.55 42.36 0.15
N GLU A 1300 -6.76 43.56 0.66
CA GLU A 1300 -6.89 43.81 2.10
C GLU A 1300 -8.17 43.20 2.67
N GLN A 1301 -9.24 43.13 1.89
CA GLN A 1301 -10.50 42.51 2.31
C GLN A 1301 -10.39 40.98 2.41
N ARG A 1302 -9.54 40.35 1.57
CA ARG A 1302 -9.58 38.89 1.32
C ARG A 1302 -8.34 38.07 1.69
N LEU A 1303 -7.18 38.68 1.91
CA LEU A 1303 -5.91 37.98 2.19
C LEU A 1303 -5.17 38.54 3.41
N PRO A 1304 -4.47 37.71 4.20
CA PRO A 1304 -3.55 38.19 5.24
C PRO A 1304 -2.31 38.85 4.64
N GLN A 1305 -1.65 39.69 5.46
CA GLN A 1305 -0.47 40.48 5.04
C GLN A 1305 0.72 39.63 4.56
N ALA A 1306 0.82 38.38 5.01
CA ALA A 1306 1.85 37.44 4.60
C ALA A 1306 1.76 37.01 3.12
N MET A 1307 0.63 37.26 2.46
CA MET A 1307 0.43 36.98 1.03
C MET A 1307 -0.20 38.19 0.31
N ARG A 1308 0.28 39.39 0.63
CA ARG A 1308 0.17 40.56 -0.27
C ARG A 1308 0.77 40.18 -1.64
N PRO A 1309 0.12 40.48 -2.78
CA PRO A 1309 0.80 40.54 -4.06
C PRO A 1309 1.89 41.63 -4.05
N GLU A 1310 3.09 41.23 -3.60
CA GLU A 1310 4.22 42.13 -3.34
C GLU A 1310 4.57 42.98 -4.57
N ARG A 1311 4.43 42.39 -5.76
CA ARG A 1311 4.16 43.10 -7.00
C ARG A 1311 3.00 42.43 -7.73
N LEU A 1312 2.28 43.23 -8.50
CA LEU A 1312 1.04 42.85 -9.16
C LEU A 1312 1.05 43.32 -10.60
N TRP A 1313 0.53 42.50 -11.50
CA TRP A 1313 0.53 42.77 -12.93
C TRP A 1313 -0.78 42.35 -13.58
N CYS A 1314 -0.89 42.59 -14.88
CA CYS A 1314 -2.08 42.32 -15.66
C CYS A 1314 -1.72 41.96 -17.11
N LEU A 1315 -2.65 41.29 -17.79
CA LEU A 1315 -2.52 40.77 -19.14
C LEU A 1315 -3.86 40.86 -19.88
N PRO A 1316 -3.86 40.86 -21.22
CA PRO A 1316 -5.08 40.78 -22.02
C PRO A 1316 -5.76 39.41 -21.95
N SER A 1317 -4.96 38.35 -21.80
CA SER A 1317 -5.34 36.96 -21.48
C SER A 1317 -4.11 36.27 -20.91
N LEU A 1318 -4.28 35.19 -20.14
CA LEU A 1318 -3.14 34.45 -19.59
C LEU A 1318 -2.47 33.63 -20.71
N PRO A 1319 -1.12 33.58 -20.79
CA PRO A 1319 -0.42 32.82 -21.81
C PRO A 1319 -0.62 31.32 -21.59
N LEU A 1320 -0.47 30.54 -22.64
CA LEU A 1320 -0.87 29.13 -22.64
C LEU A 1320 0.30 28.21 -22.93
N ASN A 1321 0.34 27.08 -22.25
CA ASN A 1321 1.25 25.98 -22.52
C ASN A 1321 0.91 25.36 -23.88
N GLY A 1322 1.90 24.80 -24.59
CA GLY A 1322 1.65 23.99 -25.79
C GLY A 1322 0.63 22.89 -25.54
N ASN A 1323 0.74 22.24 -24.37
CA ASN A 1323 -0.24 21.29 -23.83
C ASN A 1323 -1.38 21.95 -23.04
N GLY A 1324 -1.92 23.05 -23.55
CA GLY A 1324 -3.24 23.61 -23.22
C GLY A 1324 -3.41 24.45 -21.95
N LYS A 1325 -2.58 24.23 -20.93
CA LYS A 1325 -2.70 24.85 -19.60
C LYS A 1325 -2.50 26.37 -19.64
N VAL A 1326 -2.84 27.10 -18.58
CA VAL A 1326 -2.22 28.40 -18.26
C VAL A 1326 -0.73 28.17 -17.97
N ASP A 1327 0.13 28.89 -18.67
CA ASP A 1327 1.59 28.76 -18.61
C ASP A 1327 2.16 29.44 -17.35
N ARG A 1328 1.97 28.84 -16.18
CA ARG A 1328 2.42 29.41 -14.91
C ARG A 1328 3.92 29.61 -14.84
N ARG A 1329 4.73 28.80 -15.52
CA ARG A 1329 6.16 29.04 -15.66
C ARG A 1329 6.45 30.33 -16.44
N ARG A 1330 5.87 30.54 -17.61
CA ARG A 1330 6.08 31.79 -18.37
C ARG A 1330 5.64 32.99 -17.55
N LEU A 1331 4.52 32.89 -16.83
CA LEU A 1331 4.08 33.93 -15.90
C LEU A 1331 5.11 34.21 -14.81
N ALA A 1332 5.64 33.18 -14.17
CA ALA A 1332 6.66 33.30 -13.13
C ALA A 1332 7.96 33.92 -13.67
N GLU A 1333 8.49 33.44 -14.80
CA GLU A 1333 9.67 34.03 -15.42
C GLU A 1333 9.42 35.47 -15.91
N SER A 1334 8.26 35.75 -16.48
CA SER A 1334 7.89 37.06 -17.00
C SER A 1334 7.82 38.09 -15.88
N MET A 1335 7.15 37.77 -14.78
CA MET A 1335 7.18 38.59 -13.58
C MET A 1335 8.59 38.74 -13.04
N THR A 1336 9.38 37.67 -13.05
CA THR A 1336 10.77 37.72 -12.63
C THR A 1336 11.59 38.70 -13.49
N ARG A 1337 11.36 38.77 -14.80
CA ARG A 1337 11.95 39.82 -15.66
C ARG A 1337 11.37 41.21 -15.36
N ALA A 1338 10.06 41.32 -15.21
CA ALA A 1338 9.33 42.56 -14.99
C ALA A 1338 9.47 43.19 -13.58
N LEU A 1339 10.15 42.54 -12.63
CA LEU A 1339 10.47 43.11 -11.31
C LEU A 1339 11.38 44.33 -11.42
N GLY A 1340 12.52 44.20 -12.12
CA GLY A 1340 13.60 45.20 -12.11
C GLY A 1340 14.28 45.33 -10.75
N ALA A 1348 15.35 54.31 4.36
CA ALA A 1348 14.22 54.64 3.50
C ALA A 1348 13.76 56.10 3.66
N GLU A 1349 12.66 56.46 2.98
CA GLU A 1349 12.04 57.78 2.94
C GLU A 1349 11.21 58.11 4.20
N GLU A 1350 11.02 59.40 4.44
CA GLU A 1350 10.40 59.99 5.63
C GLU A 1350 8.85 59.96 5.63
N PRO A 1351 8.19 60.01 6.80
CA PRO A 1351 6.79 60.40 6.88
C PRO A 1351 6.60 61.86 6.39
N LEU A 1352 5.60 62.13 5.56
CA LEU A 1352 5.34 63.43 4.92
C LEU A 1352 3.89 63.90 5.12
N GLU A 1353 2.95 63.00 5.32
CA GLU A 1353 1.62 63.35 5.82
C GLU A 1353 1.66 63.67 7.32
N ALA A 1354 0.86 64.63 7.79
CA ALA A 1354 0.74 64.93 9.21
C ALA A 1354 0.35 63.71 10.07
N HIS A 1355 -0.52 62.83 9.57
CA HIS A 1355 -0.88 61.59 10.26
C HIS A 1355 0.29 60.62 10.35
N GLU A 1356 1.06 60.41 9.28
CA GLU A 1356 2.29 59.61 9.36
C GLU A 1356 3.26 60.21 10.40
N GLN A 1357 3.45 61.53 10.42
CA GLN A 1357 4.37 62.16 11.37
C GLN A 1357 3.91 62.04 12.83
N ALA A 1358 2.63 62.32 13.12
CA ALA A 1358 2.09 62.16 14.46
C ALA A 1358 1.96 60.68 14.88
N LEU A 1359 1.85 59.74 13.94
CA LEU A 1359 2.01 58.31 14.22
C LEU A 1359 3.47 57.94 14.50
N ALA A 1360 4.43 58.52 13.78
CA ALA A 1360 5.84 58.29 14.03
C ALA A 1360 6.20 58.70 15.46
N GLU A 1361 5.64 59.81 15.96
CA GLU A 1361 5.74 60.18 17.38
C GLU A 1361 5.20 59.08 18.32
N CYS A 1362 4.07 58.44 18.00
CA CYS A 1362 3.52 57.35 18.80
C CYS A 1362 4.40 56.09 18.76
N TRP A 1363 4.83 55.65 17.57
CA TRP A 1363 5.75 54.52 17.45
C TRP A 1363 7.05 54.83 18.19
N GLU A 1364 7.65 55.99 18.02
CA GLU A 1364 8.91 56.35 18.68
C GLU A 1364 8.78 56.41 20.20
N ALA A 1365 7.65 56.90 20.72
CA ALA A 1365 7.37 56.89 22.15
C ALA A 1365 7.27 55.47 22.73
N VAL A 1366 6.61 54.56 22.02
CA VAL A 1366 6.39 53.17 22.47
C VAL A 1366 7.59 52.26 22.18
N LEU A 1367 8.32 52.47 21.08
CA LEU A 1367 9.42 51.62 20.61
C LEU A 1367 10.83 52.16 20.90
N LYS A 1368 10.95 53.45 21.29
CA LYS A 1368 12.17 54.24 21.58
C LYS A 1368 13.08 54.52 20.38
N ARG A 1369 13.33 53.50 19.57
CA ARG A 1369 14.09 53.54 18.31
C ARG A 1369 13.53 54.58 17.33
N PRO A 1370 14.39 55.27 16.56
CA PRO A 1370 14.03 56.47 15.82
C PRO A 1370 13.12 56.17 14.62
N VAL A 1371 11.92 56.76 14.59
CA VAL A 1371 10.92 56.51 13.53
C VAL A 1371 11.06 57.53 12.39
N ARG A 1372 12.25 57.59 11.82
CA ARG A 1372 12.60 58.45 10.68
C ARG A 1372 11.96 57.99 9.36
N ARG A 1373 11.63 56.70 9.24
CA ARG A 1373 11.23 56.03 8.00
C ARG A 1373 9.75 55.65 8.02
N ARG A 1374 8.98 55.99 6.97
CA ARG A 1374 7.56 55.58 6.87
C ARG A 1374 7.38 54.12 6.46
N GLU A 1375 8.28 53.60 5.64
CA GLU A 1375 8.14 52.30 4.98
C GLU A 1375 8.27 51.08 5.91
N ALA A 1376 8.70 51.28 7.15
CA ALA A 1376 8.80 50.24 8.17
C ALA A 1376 7.42 49.68 8.56
N SER A 1377 7.37 48.42 9.00
CA SER A 1377 6.18 47.80 9.61
C SER A 1377 6.37 47.65 11.12
N PHE A 1378 5.34 47.95 11.91
CA PHE A 1378 5.43 48.10 13.36
C PHE A 1378 6.17 46.94 14.03
N PHE A 1379 5.75 45.70 13.75
CA PHE A 1379 6.35 44.50 14.35
C PHE A 1379 7.81 44.32 13.92
N SER A 1380 8.10 44.48 12.63
CA SER A 1380 9.47 44.43 12.07
C SER A 1380 10.41 45.48 12.68
N LEU A 1381 9.86 46.66 13.02
CA LEU A 1381 10.58 47.74 13.68
C LEU A 1381 10.86 47.42 15.16
N GLY A 1382 9.91 46.78 15.84
CA GLY A 1382 10.09 46.30 17.21
C GLY A 1382 8.81 46.07 18.00
N GLY A 1383 7.64 46.31 17.39
CA GLY A 1383 6.33 46.13 17.99
C GLY A 1383 5.97 44.69 18.34
N ASP A 1384 4.97 44.56 19.20
CA ASP A 1384 4.34 43.34 19.72
C ASP A 1384 2.84 43.58 19.85
N SER A 1385 2.00 42.55 19.99
CA SER A 1385 0.60 42.79 20.39
C SER A 1385 0.51 43.55 21.72
N LEU A 1386 1.39 43.27 22.69
CA LEU A 1386 1.51 44.07 23.93
C LEU A 1386 1.77 45.54 23.61
N LEU A 1387 2.70 45.82 22.71
CA LEU A 1387 3.01 47.19 22.33
C LEU A 1387 1.92 47.78 21.43
N ALA A 1388 1.14 46.96 20.72
CA ALA A 1388 -0.02 47.37 19.95
C ALA A 1388 -1.14 47.92 20.85
N THR A 1389 -1.28 47.43 22.09
CA THR A 1389 -2.16 48.06 23.07
C THR A 1389 -1.68 49.47 23.43
N ARG A 1390 -0.39 49.66 23.74
CA ARG A 1390 0.19 50.97 24.06
C ARG A 1390 0.19 51.93 22.88
N LEU A 1391 0.32 51.42 21.66
CA LEU A 1391 0.12 52.17 20.43
C LEU A 1391 -1.35 52.57 20.25
N LEU A 1392 -2.32 51.67 20.46
CA LEU A 1392 -3.74 52.01 20.33
C LEU A 1392 -4.14 53.10 21.35
N ALA A 1393 -3.73 52.94 22.60
CA ALA A 1393 -3.97 53.91 23.65
C ALA A 1393 -3.24 55.24 23.37
N GLY A 1394 -2.03 55.18 22.82
CA GLY A 1394 -1.29 56.34 22.32
C GLY A 1394 -2.02 57.06 21.20
N ILE A 1395 -2.59 56.36 20.21
CA ILE A 1395 -3.46 56.96 19.18
C ILE A 1395 -4.73 57.55 19.79
N ARG A 1396 -5.30 56.89 20.81
CA ARG A 1396 -6.49 57.36 21.53
C ARG A 1396 -6.22 58.63 22.35
N GLU A 1397 -4.99 58.85 22.81
CA GLU A 1397 -4.50 60.14 23.32
C GLU A 1397 -4.18 61.14 22.20
N ARG A 1398 -3.39 60.73 21.21
CA ARG A 1398 -2.76 61.58 20.18
C ARG A 1398 -3.74 62.12 19.14
N PHE A 1399 -4.77 61.36 18.80
CA PHE A 1399 -5.77 61.68 17.77
C PHE A 1399 -7.21 61.48 18.25
N GLY A 1400 -7.45 60.54 19.16
CA GLY A 1400 -8.80 60.20 19.64
C GLY A 1400 -9.59 59.21 18.79
N VAL A 1401 -9.09 58.77 17.62
CA VAL A 1401 -9.77 57.78 16.76
C VAL A 1401 -9.82 56.38 17.43
N ARG A 1402 -10.92 55.64 17.24
CA ARG A 1402 -11.06 54.25 17.71
C ARG A 1402 -10.48 53.28 16.68
N LEU A 1403 -9.25 52.81 16.92
CA LEU A 1403 -8.50 51.97 15.99
C LEU A 1403 -9.04 50.53 15.92
N GLY A 1404 -9.41 50.08 14.72
CA GLY A 1404 -9.66 48.66 14.44
C GLY A 1404 -8.35 47.87 14.41
N MET A 1405 -8.02 47.19 15.52
CA MET A 1405 -6.69 46.59 15.66
C MET A 1405 -6.42 45.47 14.64
N ALA A 1406 -7.44 44.75 14.19
CA ALA A 1406 -7.33 43.80 13.08
C ALA A 1406 -6.89 44.49 11.78
N ASP A 1407 -7.47 45.65 11.46
CA ASP A 1407 -7.08 46.43 10.29
C ASP A 1407 -5.63 46.90 10.42
N PHE A 1408 -5.22 47.37 11.61
CA PHE A 1408 -3.81 47.65 11.88
C PHE A 1408 -2.91 46.41 11.71
N TYR A 1409 -3.33 45.21 12.12
CA TYR A 1409 -2.55 44.00 11.90
C TYR A 1409 -2.47 43.62 10.41
N ARG A 1410 -3.50 43.93 9.60
CA ARG A 1410 -3.45 43.85 8.14
C ARG A 1410 -2.64 45.00 7.51
N GLN A 1411 -2.52 46.12 8.20
CA GLN A 1411 -1.90 47.37 7.77
C GLN A 1411 -0.74 47.80 8.71
N PRO A 1412 0.28 46.95 8.95
CA PRO A 1412 1.29 47.21 9.98
C PRO A 1412 2.28 48.32 9.64
N THR A 1413 2.38 48.74 8.39
CA THR A 1413 3.24 49.86 7.98
C THR A 1413 2.58 51.22 8.23
N LEU A 1414 3.38 52.28 8.41
CA LEU A 1414 2.95 53.54 9.03
C LEU A 1414 1.83 54.26 8.27
N ALA A 1415 1.91 54.33 6.94
CA ALA A 1415 0.83 54.88 6.11
C ALA A 1415 -0.41 53.97 6.11
N GLY A 1416 -0.21 52.65 6.12
CA GLY A 1416 -1.28 51.67 6.34
C GLY A 1416 -2.03 51.90 7.66
N LEU A 1417 -1.33 52.19 8.76
CA LEU A 1417 -1.94 52.64 10.01
C LEU A 1417 -2.62 54.02 9.88
N ALA A 1418 -2.00 54.97 9.16
CA ALA A 1418 -2.59 56.29 8.90
C ALA A 1418 -3.94 56.23 8.18
N ARG A 1419 -4.25 55.16 7.42
CA ARG A 1419 -5.54 54.94 6.75
C ARG A 1419 -6.74 55.27 7.65
N HIS A 1420 -6.76 54.73 8.86
CA HIS A 1420 -7.88 54.91 9.79
C HIS A 1420 -7.97 56.32 10.38
N LEU A 1421 -6.85 57.04 10.46
CA LEU A 1421 -6.79 58.45 10.86
C LEU A 1421 -7.23 59.35 9.70
N GLN A 1422 -6.81 59.04 8.47
CA GLN A 1422 -7.21 59.74 7.25
C GLN A 1422 -8.73 59.73 7.09
N VAL A 1423 -9.39 58.59 7.31
CA VAL A 1423 -10.87 58.50 7.35
C VAL A 1423 -11.49 58.90 8.70
N GLN A 1424 -10.70 59.46 9.63
CA GLN A 1424 -11.15 60.05 10.92
C GLN A 1424 -12.01 59.08 11.77
N THR A 1425 -11.59 57.83 11.90
CA THR A 1425 -12.43 56.73 12.41
C THR A 1425 -12.99 56.99 13.82
N SER B 7 51.59 -16.30 -15.62
CA SER B 7 51.89 -14.88 -15.40
C SER B 7 50.64 -14.03 -15.59
N ARG B 8 50.32 -13.12 -14.66
CA ARG B 8 49.00 -12.46 -14.57
C ARG B 8 48.62 -11.64 -15.79
N THR B 9 49.54 -10.86 -16.35
CA THR B 9 49.25 -10.06 -17.56
C THR B 9 49.00 -10.94 -18.79
N ALA B 10 49.77 -12.01 -18.97
CA ALA B 10 49.56 -12.98 -20.04
C ALA B 10 48.19 -13.68 -19.87
N LEU B 11 47.79 -13.95 -18.64
CA LEU B 11 46.48 -14.54 -18.38
C LEU B 11 45.33 -13.57 -18.68
N ARG B 12 45.48 -12.27 -18.36
CA ARG B 12 44.50 -11.26 -18.74
C ARG B 12 44.40 -11.13 -20.26
N ASP B 13 45.49 -11.28 -21.00
CA ASP B 13 45.46 -11.39 -22.45
C ASP B 13 44.67 -12.62 -22.92
N TRP B 14 44.91 -13.79 -22.34
CA TRP B 14 44.19 -15.00 -22.73
C TRP B 14 42.70 -14.89 -22.45
N LEU B 15 42.32 -14.45 -21.24
CA LEU B 15 40.93 -14.16 -20.89
C LEU B 15 40.33 -13.08 -21.80
N THR B 16 41.08 -12.02 -22.10
CA THR B 16 40.63 -11.01 -23.05
C THR B 16 40.29 -11.64 -24.37
N GLU B 17 41.14 -12.53 -24.90
CA GLU B 17 40.87 -13.18 -26.16
C GLU B 17 39.63 -14.09 -26.08
N GLN B 18 39.45 -14.87 -25.00
CA GLN B 18 38.23 -15.65 -24.80
C GLN B 18 36.99 -14.77 -24.71
N LEU B 19 37.03 -13.69 -23.95
CA LEU B 19 35.89 -12.79 -23.85
C LEU B 19 35.64 -12.08 -25.18
N ALA B 20 36.66 -11.62 -25.88
CA ALA B 20 36.49 -11.01 -27.20
C ALA B 20 35.85 -12.00 -28.19
N ASP B 21 36.12 -13.30 -28.07
CA ASP B 21 35.36 -14.31 -28.79
C ASP B 21 33.91 -14.42 -28.29
N LEU B 22 33.73 -14.68 -26.99
CA LEU B 22 32.43 -15.01 -26.39
C LEU B 22 31.43 -13.84 -26.36
N LEU B 23 31.89 -12.62 -26.19
CA LEU B 23 31.11 -11.38 -26.31
C LEU B 23 31.04 -10.87 -27.75
N GLY B 24 31.97 -11.28 -28.61
CA GLY B 24 32.13 -10.75 -29.96
C GLY B 24 32.73 -9.34 -30.03
N GLU B 25 32.97 -8.68 -28.90
CA GLU B 25 33.66 -7.38 -28.85
C GLU B 25 35.12 -7.47 -29.31
N PRO B 26 35.75 -6.37 -29.77
CA PRO B 26 37.16 -6.37 -30.17
C PRO B 26 38.11 -6.75 -29.03
N LEU B 27 39.25 -7.35 -29.37
CA LEU B 27 40.27 -7.78 -28.41
C LEU B 27 40.81 -6.58 -27.62
N ALA B 28 41.16 -5.48 -28.30
CA ALA B 28 41.65 -4.27 -27.65
C ALA B 28 40.62 -3.67 -26.69
N ASP B 29 39.36 -3.61 -27.12
CA ASP B 29 38.27 -3.09 -26.29
C ASP B 29 38.06 -3.93 -25.02
N VAL B 30 38.10 -5.26 -25.15
CA VAL B 30 38.00 -6.15 -24.00
C VAL B 30 39.24 -6.05 -23.10
N ARG B 31 40.44 -5.87 -23.66
CA ARG B 31 41.65 -5.65 -22.86
C ARG B 31 41.54 -4.36 -22.04
N ALA B 32 40.85 -3.35 -22.58
CA ALA B 32 40.60 -2.07 -21.92
C ALA B 32 39.51 -2.11 -20.82
N LEU B 33 38.82 -3.24 -20.59
CA LEU B 33 38.00 -3.42 -19.40
C LEU B 33 38.90 -3.48 -18.15
N ALA B 34 38.54 -2.74 -17.10
CA ALA B 34 39.32 -2.73 -15.88
C ALA B 34 39.18 -4.05 -15.09
N ASP B 35 40.12 -4.28 -14.17
CA ASP B 35 40.13 -5.46 -13.32
C ASP B 35 38.84 -5.60 -12.50
N ASP B 36 38.29 -4.52 -11.97
CA ASP B 36 37.04 -4.54 -11.21
C ASP B 36 35.81 -4.27 -12.10
N ASP B 37 35.97 -4.10 -13.41
CA ASP B 37 34.86 -3.79 -14.30
C ASP B 37 34.01 -5.04 -14.58
N ASP B 38 32.71 -4.95 -14.34
CA ASP B 38 31.83 -6.11 -14.39
C ASP B 38 31.58 -6.59 -15.83
N LEU B 39 31.83 -7.87 -16.08
CA LEU B 39 31.70 -8.49 -17.39
C LEU B 39 30.25 -8.82 -17.73
N LEU B 40 29.42 -9.15 -16.74
CA LEU B 40 27.96 -9.17 -16.94
C LEU B 40 27.50 -7.73 -17.21
N GLY B 41 28.15 -6.75 -16.59
CA GLY B 41 28.11 -5.34 -16.94
C GLY B 41 28.59 -4.97 -18.36
N CYS B 42 29.10 -5.93 -19.14
CA CYS B 42 29.48 -5.78 -20.56
C CYS B 42 28.67 -6.68 -21.50
N GLY B 43 27.75 -7.50 -20.99
CA GLY B 43 26.95 -8.43 -21.79
C GLY B 43 27.44 -9.88 -21.82
N LEU B 44 28.33 -10.27 -20.91
CA LEU B 44 28.53 -11.67 -20.55
C LEU B 44 27.24 -12.22 -19.93
N ASP B 45 26.87 -13.46 -20.25
CA ASP B 45 25.79 -14.19 -19.58
C ASP B 45 26.28 -15.57 -19.15
N SER B 46 25.41 -16.40 -18.57
CA SER B 46 25.81 -17.70 -18.07
C SER B 46 26.20 -18.67 -19.15
N ILE B 47 25.60 -18.58 -20.33
CA ILE B 47 25.87 -19.49 -21.44
C ILE B 47 27.31 -19.24 -21.89
N ARG B 48 27.68 -17.97 -22.11
CA ARG B 48 29.06 -17.58 -22.37
C ARG B 48 29.98 -17.93 -21.21
N LEU B 49 29.56 -17.70 -19.98
CA LEU B 49 30.43 -17.94 -18.84
C LEU B 49 30.65 -19.42 -18.58
N MET B 50 29.69 -20.31 -18.82
CA MET B 50 29.96 -21.74 -18.82
C MET B 50 30.92 -22.11 -19.95
N TYR B 51 30.82 -21.49 -21.14
CA TYR B 51 31.85 -21.69 -22.15
C TYR B 51 33.22 -21.23 -21.66
N LEU B 52 33.34 -20.03 -21.11
CA LEU B 52 34.62 -19.53 -20.62
C LEU B 52 35.17 -20.45 -19.52
N GLN B 53 34.32 -20.88 -18.61
CA GLN B 53 34.67 -21.81 -17.55
C GLN B 53 35.08 -23.18 -18.09
N GLU B 54 34.43 -23.66 -19.13
CA GLU B 54 34.82 -24.88 -19.82
C GLU B 54 36.18 -24.71 -20.50
N ARG B 55 36.42 -23.58 -21.17
CA ARG B 55 37.74 -23.27 -21.74
C ARG B 55 38.81 -23.22 -20.66
N LEU B 56 38.55 -22.60 -19.51
CA LEU B 56 39.47 -22.61 -18.38
C LEU B 56 39.71 -24.04 -17.88
N ARG B 57 38.66 -24.86 -17.75
CA ARG B 57 38.80 -26.27 -17.40
C ARG B 57 39.65 -27.04 -18.42
N ALA B 58 39.42 -26.82 -19.71
CA ALA B 58 40.22 -27.38 -20.80
C ALA B 58 41.68 -26.89 -20.82
N ARG B 59 41.95 -25.68 -20.32
CA ARG B 59 43.30 -25.14 -20.07
C ARG B 59 43.93 -25.67 -18.77
N GLY B 60 43.24 -26.57 -18.06
CA GLY B 60 43.61 -27.15 -16.76
C GLY B 60 43.44 -26.20 -15.57
N SER B 61 43.05 -24.96 -15.84
CA SER B 61 42.84 -23.88 -14.87
C SER B 61 41.50 -23.98 -14.16
N THR B 62 41.27 -25.10 -13.49
CA THR B 62 39.96 -25.48 -12.96
C THR B 62 39.41 -24.48 -11.96
N LEU B 63 38.36 -23.78 -12.37
CA LEU B 63 37.47 -23.04 -11.49
C LEU B 63 36.05 -23.52 -11.74
N ASP B 64 35.27 -23.57 -10.69
CA ASP B 64 33.82 -23.66 -10.77
C ASP B 64 33.22 -22.42 -11.42
N PHE B 65 32.08 -22.59 -12.08
CA PHE B 65 31.29 -21.50 -12.59
C PHE B 65 31.00 -20.48 -11.49
N ALA B 66 30.53 -20.92 -10.33
CA ALA B 66 30.22 -20.08 -9.19
C ALA B 66 31.39 -19.22 -8.74
N GLN B 67 32.62 -19.75 -8.79
CA GLN B 67 33.80 -18.98 -8.39
C GLN B 67 34.00 -17.80 -9.34
N LEU B 68 33.95 -18.03 -10.65
CA LEU B 68 33.98 -16.96 -11.66
C LEU B 68 32.77 -16.03 -11.51
N ALA B 69 31.60 -16.60 -11.30
CA ALA B 69 30.32 -15.90 -11.44
C ALA B 69 29.94 -15.07 -10.21
N GLN B 70 30.38 -15.41 -9.00
CA GLN B 70 30.16 -14.61 -7.79
C GLN B 70 30.94 -13.30 -7.77
N ARG B 71 32.00 -13.18 -8.59
CA ARG B 71 32.85 -12.00 -8.74
C ARG B 71 33.23 -11.82 -10.22
N PRO B 72 32.28 -11.44 -11.08
CA PRO B 72 32.38 -11.59 -12.52
C PRO B 72 33.15 -10.43 -13.18
N CYS B 73 34.40 -10.22 -12.80
CA CYS B 73 35.28 -9.21 -13.37
C CYS B 73 36.72 -9.72 -13.51
N LEU B 74 37.47 -9.19 -14.46
CA LEU B 74 38.78 -9.74 -14.85
C LEU B 74 39.74 -9.87 -13.67
N GLY B 75 39.85 -8.86 -12.83
CA GLY B 75 40.73 -8.83 -11.67
C GLY B 75 40.42 -9.96 -10.70
N ALA B 76 39.15 -10.12 -10.34
CA ALA B 76 38.76 -11.22 -9.47
C ALA B 76 39.00 -12.59 -10.13
N TRP B 77 38.68 -12.74 -11.42
CA TRP B 77 39.01 -13.95 -12.16
C TRP B 77 40.51 -14.25 -12.16
N LEU B 78 41.34 -13.25 -12.39
CA LEU B 78 42.79 -13.41 -12.38
C LEU B 78 43.29 -13.78 -11.00
N ASP B 79 42.77 -13.16 -9.95
CA ASP B 79 43.20 -13.45 -8.59
C ASP B 79 42.68 -14.82 -8.10
N LEU B 80 41.54 -15.29 -8.58
CA LEU B 80 41.14 -16.70 -8.47
C LEU B 80 42.10 -17.61 -9.23
N LEU B 81 42.47 -17.26 -10.46
CA LEU B 81 43.27 -18.13 -11.33
C LEU B 81 44.74 -18.22 -10.91
N ALA B 82 45.34 -17.14 -10.41
CA ALA B 82 46.67 -17.17 -9.82
C ALA B 82 46.74 -18.14 -8.62
N CYS B 83 45.62 -18.38 -7.96
CA CYS B 83 45.49 -19.47 -7.02
C CYS B 83 45.33 -20.80 -7.77
N ALA B 84 44.31 -20.93 -8.63
CA ALA B 84 43.92 -22.20 -9.24
C ALA B 84 45.04 -22.89 -10.07
N ASP B 85 45.87 -22.14 -10.78
CA ASP B 85 46.93 -22.68 -11.64
C ASP B 85 48.07 -23.40 -10.87
N ARG B 86 48.11 -23.25 -9.54
CA ARG B 86 48.98 -24.04 -8.64
C ARG B 86 48.22 -24.82 -7.54
N LEU B 87 47.05 -24.35 -7.11
CA LEU B 87 46.25 -24.91 -6.01
C LEU B 87 45.07 -25.82 -6.43
N SER B 88 44.56 -25.72 -7.66
CA SER B 88 43.32 -26.38 -8.10
C SER B 88 43.56 -27.68 -8.87
N ALA B 89 42.60 -28.59 -8.83
CA ALA B 89 42.70 -29.94 -9.38
C ALA B 89 42.76 -29.99 -10.92
N PRO B 90 43.64 -30.79 -11.54
CA PRO B 90 43.62 -31.02 -12.97
C PRO B 90 42.33 -31.74 -13.40
N ALA B 91 41.76 -31.34 -14.53
CA ALA B 91 40.52 -31.92 -15.09
C ALA B 91 40.75 -33.17 -15.98
N THR B 92 41.93 -33.78 -15.91
CA THR B 92 42.33 -34.88 -16.80
C THR B 92 41.49 -36.12 -16.55
N VAL B 93 40.81 -36.59 -17.59
CA VAL B 93 39.98 -37.80 -17.61
C VAL B 93 40.20 -38.54 -18.94
N ALA B 94 40.37 -39.86 -18.89
CA ALA B 94 40.42 -40.70 -20.09
C ALA B 94 39.00 -40.89 -20.66
N LEU B 95 38.62 -40.05 -21.62
CA LEU B 95 37.32 -40.14 -22.31
C LEU B 95 37.21 -41.44 -23.13
N PRO B 96 36.03 -42.06 -23.24
CA PRO B 96 35.75 -43.03 -24.31
C PRO B 96 35.71 -42.30 -25.65
N THR B 97 36.72 -42.51 -26.47
CA THR B 97 36.93 -41.79 -27.75
C THR B 97 35.83 -42.06 -28.79
N ALA B 98 35.09 -43.16 -28.64
CA ALA B 98 33.93 -43.52 -29.43
C ALA B 98 33.03 -44.50 -28.66
N GLN B 99 31.74 -44.47 -28.97
CA GLN B 99 30.79 -45.52 -28.61
C GLN B 99 30.05 -45.97 -29.89
N ASP B 100 29.71 -47.26 -29.97
CA ASP B 100 29.17 -47.88 -31.18
C ASP B 100 27.84 -47.22 -31.63
N ARG B 101 27.91 -46.52 -32.76
CA ARG B 101 27.01 -45.42 -33.13
C ARG B 101 25.55 -45.83 -33.37
N ASP B 102 25.22 -47.10 -33.57
CA ASP B 102 23.83 -47.56 -33.73
C ASP B 102 23.26 -48.28 -32.49
N GLN B 103 24.03 -48.41 -31.40
CA GLN B 103 23.57 -49.17 -30.23
C GLN B 103 22.62 -48.38 -29.34
N PRO B 104 21.66 -49.05 -28.65
CA PRO B 104 20.80 -48.46 -27.61
C PRO B 104 21.55 -47.90 -26.40
N PHE B 105 22.20 -46.76 -26.56
CA PHE B 105 22.99 -46.08 -25.54
C PHE B 105 22.13 -45.37 -24.48
N GLU B 106 22.76 -45.02 -23.36
CA GLU B 106 22.08 -44.48 -22.19
C GLU B 106 21.45 -43.11 -22.44
N LEU B 107 20.33 -42.82 -21.77
CA LEU B 107 19.76 -41.48 -21.75
C LEU B 107 20.59 -40.51 -20.92
N SER B 108 20.72 -39.27 -21.39
CA SER B 108 21.10 -38.15 -20.53
C SER B 108 20.07 -37.96 -19.42
N SER B 109 20.48 -37.45 -18.27
CA SER B 109 19.63 -37.34 -17.07
C SER B 109 18.30 -36.64 -17.35
N VAL B 110 18.34 -35.47 -17.99
CA VAL B 110 17.13 -34.72 -18.34
C VAL B 110 16.31 -35.45 -19.39
N GLN B 111 16.92 -36.20 -20.30
CA GLN B 111 16.15 -37.07 -21.19
C GLN B 111 15.48 -38.20 -20.42
N GLN B 112 16.09 -38.74 -19.35
CA GLN B 112 15.43 -39.74 -18.49
C GLN B 112 14.20 -39.11 -17.82
N ALA B 113 14.30 -37.85 -17.40
CA ALA B 113 13.15 -37.16 -16.79
C ALA B 113 12.00 -37.05 -17.79
N TYR B 114 12.28 -36.57 -19.00
CA TYR B 114 11.27 -36.48 -20.04
C TYR B 114 10.72 -37.86 -20.39
N TRP B 115 11.57 -38.87 -20.55
CA TRP B 115 11.15 -40.21 -20.88
C TRP B 115 10.23 -40.82 -19.82
N LEU B 116 10.60 -40.75 -18.53
CA LEU B 116 9.77 -41.24 -17.42
C LEU B 116 8.49 -40.42 -17.25
N GLY B 117 8.54 -39.12 -17.57
CA GLY B 117 7.38 -38.24 -17.58
C GLY B 117 6.43 -38.51 -18.75
N ARG B 118 6.92 -39.07 -19.85
CA ARG B 118 6.10 -39.44 -21.02
C ARG B 118 5.08 -40.52 -20.70
N GLY B 119 5.39 -41.43 -19.78
CA GLY B 119 4.51 -42.53 -19.37
C GLY B 119 3.21 -42.05 -18.72
N ALA B 120 2.12 -42.80 -18.90
CA ALA B 120 0.80 -42.39 -18.46
C ALA B 120 0.65 -42.25 -16.93
N GLY B 121 1.40 -43.02 -16.16
CA GLY B 121 1.20 -43.14 -14.72
C GLY B 121 1.83 -42.05 -13.87
N GLU B 122 2.90 -41.41 -14.35
CA GLU B 122 3.67 -40.45 -13.58
C GLU B 122 2.87 -39.16 -13.28
N VAL B 123 3.20 -38.48 -12.17
CA VAL B 123 2.58 -37.20 -11.78
C VAL B 123 2.66 -36.20 -12.92
N LEU B 124 1.50 -35.70 -13.35
CA LEU B 124 1.32 -34.86 -14.53
C LEU B 124 2.11 -35.33 -15.77
N GLY B 125 2.12 -36.65 -15.98
CA GLY B 125 2.87 -37.29 -17.06
C GLY B 125 2.08 -37.32 -18.36
N ASN B 126 2.19 -38.44 -19.08
CA ASN B 126 1.38 -38.74 -20.26
C ASN B 126 1.56 -37.77 -21.44
N VAL B 127 2.63 -36.97 -21.46
CA VAL B 127 2.92 -36.00 -22.53
C VAL B 127 4.40 -35.93 -22.90
N SER B 128 4.66 -35.53 -24.12
CA SER B 128 5.91 -35.63 -24.85
C SER B 128 7.15 -34.96 -24.24
N CYS B 129 7.05 -33.74 -23.73
CA CYS B 129 8.16 -32.77 -23.67
C CYS B 129 8.46 -32.05 -24.98
N HIS B 130 7.60 -32.15 -26.00
CA HIS B 130 7.94 -31.53 -27.27
C HIS B 130 7.73 -30.03 -27.27
N ALA B 131 8.66 -29.34 -27.91
CA ALA B 131 8.42 -28.03 -28.45
C ALA B 131 7.58 -28.18 -29.72
N PHE B 132 6.56 -27.37 -29.88
CA PHE B 132 5.89 -27.14 -31.14
C PHE B 132 6.14 -25.70 -31.55
N LEU B 133 6.55 -25.39 -32.78
CA LEU B 133 6.71 -24.03 -33.27
C LEU B 133 5.83 -23.82 -34.50
N GLU B 134 5.23 -22.66 -34.65
CA GLU B 134 4.46 -22.27 -35.81
C GLU B 134 5.09 -21.04 -36.45
N PHE B 135 5.11 -21.00 -37.78
CA PHE B 135 5.63 -19.92 -38.59
C PHE B 135 4.69 -19.64 -39.75
N ARG B 136 4.77 -18.45 -40.32
CA ARG B 136 3.93 -18.02 -41.45
C ARG B 136 4.76 -17.57 -42.63
N THR B 137 4.24 -17.78 -43.82
CA THR B 137 4.75 -17.22 -45.07
C THR B 137 3.65 -17.32 -46.14
N ARG B 138 3.71 -16.56 -47.23
CA ARG B 138 2.73 -16.66 -48.32
C ARG B 138 2.89 -17.99 -49.06
N ASP B 139 4.06 -18.17 -49.69
CA ASP B 139 4.40 -19.34 -50.49
C ASP B 139 5.77 -19.88 -50.10
N VAL B 140 5.84 -21.18 -49.86
CA VAL B 140 7.05 -22.01 -49.80
C VAL B 140 6.78 -23.37 -50.42
N ASP B 141 7.82 -24.04 -50.93
CA ASP B 141 7.65 -25.29 -51.68
C ASP B 141 7.67 -26.53 -50.76
N PRO B 142 6.61 -27.35 -50.74
CA PRO B 142 6.65 -28.67 -50.12
C PRO B 142 7.79 -29.57 -50.58
N GLN B 143 8.24 -29.54 -51.84
CA GLN B 143 9.33 -30.43 -52.27
C GLN B 143 10.67 -30.00 -51.67
N ARG B 144 10.96 -28.70 -51.58
CA ARG B 144 12.05 -28.21 -50.74
C ARG B 144 11.89 -28.68 -49.29
N LEU B 145 10.70 -28.57 -48.70
CA LEU B 145 10.53 -28.93 -47.28
C LEU B 145 10.65 -30.42 -46.99
N ALA B 146 10.05 -31.27 -47.82
CA ALA B 146 10.18 -32.71 -47.69
C ALA B 146 11.63 -33.14 -47.89
N ALA B 147 12.36 -32.50 -48.79
CA ALA B 147 13.81 -32.68 -48.88
C ALA B 147 14.50 -32.18 -47.60
N ALA B 148 14.23 -30.95 -47.16
CA ALA B 148 14.91 -30.31 -46.04
C ALA B 148 14.77 -31.15 -44.77
N ALA B 149 13.55 -31.59 -44.45
CA ALA B 149 13.27 -32.40 -43.28
C ALA B 149 14.07 -33.71 -43.30
N GLU B 150 14.10 -34.44 -44.41
CA GLU B 150 14.87 -35.67 -44.48
C GLU B 150 16.39 -35.41 -44.58
N CYS B 151 16.84 -34.30 -45.18
CA CYS B 151 18.24 -33.89 -45.14
C CYS B 151 18.71 -33.69 -43.71
N VAL B 152 17.99 -32.90 -42.90
CA VAL B 152 18.38 -32.68 -41.51
C VAL B 152 18.27 -33.95 -40.68
N ARG B 153 17.29 -34.84 -40.92
CA ARG B 153 17.28 -36.15 -40.24
C ARG B 153 18.55 -36.96 -40.51
N GLN B 154 19.08 -36.90 -41.72
CA GLN B 154 20.30 -37.64 -42.06
C GLN B 154 21.56 -36.92 -41.56
N ARG B 155 21.59 -35.58 -41.59
CA ARG B 155 22.74 -34.77 -41.17
C ARG B 155 23.06 -34.81 -39.69
N HIS B 156 22.04 -34.92 -38.83
CA HIS B 156 22.24 -34.88 -37.38
C HIS B 156 21.82 -36.20 -36.76
N PRO B 157 22.66 -36.86 -35.98
CA PRO B 157 22.37 -38.20 -35.49
C PRO B 157 21.09 -38.22 -34.66
N MET B 158 20.89 -37.21 -33.80
CA MET B 158 19.81 -37.25 -32.84
C MET B 158 18.42 -37.09 -33.42
N LEU B 159 18.28 -36.48 -34.59
CA LEU B 159 16.97 -36.24 -35.22
C LEU B 159 16.29 -37.50 -35.75
N ARG B 160 16.88 -38.67 -35.48
CA ARG B 160 16.36 -39.99 -35.81
C ARG B 160 16.58 -40.98 -34.67
N ALA B 161 16.73 -40.49 -33.44
CA ALA B 161 16.92 -41.32 -32.27
C ALA B 161 15.60 -41.97 -31.81
N ARG B 162 15.54 -43.29 -31.83
CA ARG B 162 14.49 -44.07 -31.20
C ARG B 162 14.68 -44.09 -29.68
N PHE B 163 13.61 -44.06 -28.91
CA PHE B 163 13.64 -44.15 -27.45
C PHE B 163 12.86 -45.37 -27.00
N LEU B 164 13.52 -46.30 -26.34
CA LEU B 164 12.92 -47.52 -25.81
C LEU B 164 13.48 -47.81 -24.42
N ASP B 165 12.64 -48.27 -23.50
CA ASP B 165 13.05 -48.92 -22.26
C ASP B 165 14.07 -48.13 -21.40
N GLY B 166 14.08 -46.80 -21.49
CA GLY B 166 15.05 -45.94 -20.79
C GLY B 166 16.40 -45.78 -21.50
N ARG B 167 16.49 -46.05 -22.80
CA ARG B 167 17.69 -45.92 -23.62
C ARG B 167 17.34 -45.44 -25.03
N GLN B 168 18.32 -44.85 -25.70
CA GLN B 168 18.13 -44.19 -26.97
C GLN B 168 19.05 -44.76 -28.03
N GLN B 169 18.53 -44.87 -29.24
CA GLN B 169 19.20 -45.56 -30.33
C GLN B 169 19.06 -44.73 -31.60
N ILE B 170 20.16 -44.18 -32.08
CA ILE B 170 20.19 -43.47 -33.34
C ILE B 170 19.97 -44.48 -34.47
N LEU B 171 18.81 -44.39 -35.12
CA LEU B 171 18.44 -45.29 -36.21
C LEU B 171 19.24 -45.00 -37.48
N PRO B 172 19.27 -45.92 -38.46
CA PRO B 172 19.77 -45.61 -39.80
C PRO B 172 18.86 -44.59 -40.50
N THR B 173 17.55 -44.88 -40.59
CA THR B 173 16.50 -43.95 -41.04
C THR B 173 15.17 -44.38 -40.40
N PRO B 174 14.40 -43.49 -39.73
CA PRO B 174 13.16 -43.87 -39.05
C PRO B 174 12.08 -44.36 -40.01
N PRO B 175 11.21 -45.28 -39.58
CA PRO B 175 10.17 -45.85 -40.44
C PRO B 175 9.03 -44.88 -40.80
N LEU B 176 8.96 -43.72 -40.15
CA LEU B 176 7.84 -42.77 -40.25
C LEU B 176 8.31 -41.42 -40.83
N SER B 177 7.44 -40.74 -41.59
CA SER B 177 7.77 -39.50 -42.30
C SER B 177 8.21 -38.38 -41.37
N CYS B 178 9.10 -37.50 -41.84
CA CYS B 178 9.49 -36.31 -41.08
C CYS B 178 8.62 -35.08 -41.35
N PHE B 179 7.73 -35.12 -42.33
CA PHE B 179 7.06 -33.92 -42.83
C PHE B 179 5.58 -34.16 -43.10
N ASP B 180 4.73 -33.40 -42.42
CA ASP B 180 3.28 -33.45 -42.59
C ASP B 180 2.76 -32.31 -43.49
N LEU B 181 2.76 -32.53 -44.81
CA LEU B 181 2.05 -31.64 -45.72
C LEU B 181 0.54 -31.77 -45.52
N GLN B 182 -0.12 -30.65 -45.29
CA GLN B 182 -1.56 -30.53 -45.06
C GLN B 182 -2.09 -29.50 -46.06
N ASP B 183 -1.94 -29.75 -47.37
CA ASP B 183 -2.37 -28.77 -48.37
C ASP B 183 -3.90 -28.68 -48.39
N TRP B 184 -4.40 -27.48 -48.08
CA TRP B 184 -5.80 -27.11 -47.94
C TRP B 184 -6.16 -25.92 -48.82
N ARG B 185 -5.39 -25.64 -49.89
CA ARG B 185 -5.74 -24.56 -50.84
C ARG B 185 -7.03 -24.82 -51.63
N THR B 186 -7.57 -26.03 -51.49
CA THR B 186 -8.91 -26.46 -51.89
C THR B 186 -10.04 -25.85 -51.07
N LEU B 187 -9.82 -25.53 -49.80
CA LEU B 187 -10.90 -25.35 -48.83
C LEU B 187 -11.51 -23.94 -48.82
N GLN B 188 -12.69 -23.81 -48.22
CA GLN B 188 -13.20 -22.51 -47.75
C GLN B 188 -12.34 -22.03 -46.58
N VAL B 189 -12.03 -20.74 -46.48
CA VAL B 189 -11.12 -20.21 -45.45
C VAL B 189 -11.58 -20.59 -44.06
N ASP B 190 -12.84 -20.36 -43.74
CA ASP B 190 -13.42 -20.61 -42.43
C ASP B 190 -13.25 -22.09 -42.02
N GLU B 191 -13.41 -23.01 -42.96
CA GLU B 191 -13.18 -24.44 -42.72
C GLU B 191 -11.70 -24.72 -42.48
N ALA B 192 -10.82 -24.22 -43.34
CA ALA B 192 -9.39 -24.42 -43.19
C ALA B 192 -8.84 -23.81 -41.90
N GLU B 193 -9.37 -22.67 -41.46
CA GLU B 193 -8.93 -22.01 -40.24
C GLU B 193 -9.35 -22.79 -38.99
N ARG B 194 -10.55 -23.39 -39.00
CA ARG B 194 -11.01 -24.29 -37.95
C ARG B 194 -10.29 -25.64 -38.00
N ASP B 195 -10.06 -26.19 -39.18
CA ASP B 195 -9.24 -27.37 -39.38
C ASP B 195 -7.78 -27.12 -38.98
N TRP B 196 -7.26 -25.91 -39.19
CA TRP B 196 -5.95 -25.52 -38.68
C TRP B 196 -5.98 -25.60 -37.18
N GLN B 197 -7.00 -25.05 -36.54
CA GLN B 197 -7.12 -25.17 -35.10
C GLN B 197 -7.19 -26.63 -34.64
N ALA B 198 -7.84 -27.51 -35.38
CA ALA B 198 -7.87 -28.94 -35.06
C ALA B 198 -6.49 -29.61 -35.23
N LEU B 199 -5.77 -29.30 -36.31
CA LEU B 199 -4.41 -29.76 -36.55
C LEU B 199 -3.44 -29.23 -35.49
N ARG B 200 -3.53 -27.94 -35.18
CA ARG B 200 -2.76 -27.25 -34.15
C ARG B 200 -3.01 -27.94 -32.82
N ASP B 201 -4.25 -28.07 -32.40
CA ASP B 201 -4.57 -28.71 -31.13
C ASP B 201 -4.08 -30.15 -31.09
N TRP B 202 -4.23 -30.92 -32.16
CA TRP B 202 -3.68 -32.27 -32.19
C TRP B 202 -2.16 -32.26 -32.09
N ARG B 203 -1.45 -31.66 -33.04
CA ARG B 203 0.00 -31.87 -33.20
C ARG B 203 0.86 -31.03 -32.27
N ALA B 204 0.32 -29.94 -31.73
CA ALA B 204 0.98 -29.21 -30.65
C ALA B 204 0.85 -29.89 -29.28
N HIS B 205 -0.13 -30.77 -29.07
CA HIS B 205 -0.19 -31.61 -27.88
C HIS B 205 0.27 -33.05 -28.13
N GLU B 206 0.44 -33.46 -29.39
CA GLU B 206 0.76 -34.84 -29.81
C GLU B 206 1.96 -35.43 -29.08
N CYS B 207 1.79 -36.65 -28.57
CA CYS B 207 2.94 -37.45 -28.15
C CYS B 207 3.64 -38.04 -29.40
N LEU B 208 4.72 -37.41 -29.86
CA LEU B 208 5.50 -37.90 -31.01
C LEU B 208 6.00 -39.34 -30.80
N ALA B 209 6.06 -40.11 -31.88
CA ALA B 209 6.45 -41.51 -31.90
C ALA B 209 7.97 -41.70 -31.78
N VAL B 210 8.55 -41.22 -30.67
CA VAL B 210 9.95 -41.45 -30.33
C VAL B 210 10.27 -42.94 -30.20
N GLU B 211 9.30 -43.76 -29.84
CA GLU B 211 9.41 -45.22 -29.80
C GLU B 211 9.64 -45.82 -31.19
N ARG B 212 9.37 -45.05 -32.25
CA ARG B 212 9.68 -45.38 -33.64
C ARG B 212 10.54 -44.30 -34.29
N GLY B 213 11.39 -43.64 -33.51
CA GLY B 213 12.41 -42.71 -33.98
C GLY B 213 11.89 -41.41 -34.57
N GLN B 214 10.57 -41.19 -34.60
CA GLN B 214 10.01 -39.90 -34.93
C GLN B 214 10.14 -39.03 -33.69
N VAL B 215 11.32 -38.45 -33.50
CA VAL B 215 11.55 -37.40 -32.49
C VAL B 215 11.16 -36.03 -32.95
N PHE B 216 11.00 -35.84 -34.24
CA PHE B 216 10.57 -34.56 -34.76
C PHE B 216 9.78 -34.77 -36.02
N LEU B 217 8.93 -33.81 -36.30
CA LEU B 217 8.06 -33.79 -37.42
C LEU B 217 7.84 -32.33 -37.78
N LEU B 218 8.43 -31.93 -38.90
CA LEU B 218 8.08 -30.71 -39.59
C LEU B 218 6.68 -30.89 -40.21
N GLY B 219 6.05 -29.83 -40.65
CA GLY B 219 4.76 -29.90 -41.32
C GLY B 219 4.40 -28.57 -41.93
N LEU B 220 3.46 -28.58 -42.86
CA LEU B 220 3.05 -27.38 -43.54
C LEU B 220 1.59 -27.50 -43.94
N VAL B 221 0.74 -26.68 -43.33
CA VAL B 221 -0.59 -26.46 -43.90
C VAL B 221 -0.50 -25.41 -44.99
N ARG B 222 -1.13 -25.67 -46.13
CA ARG B 222 -1.27 -24.66 -47.19
C ARG B 222 -2.68 -24.11 -47.14
N MET B 223 -2.85 -22.95 -46.53
CA MET B 223 -4.14 -22.29 -46.35
C MET B 223 -4.67 -21.72 -47.67
N PRO B 224 -5.98 -21.78 -47.90
CA PRO B 224 -6.62 -21.29 -49.12
C PRO B 224 -6.62 -19.76 -49.23
N GLY B 225 -6.31 -19.04 -48.14
CA GLY B 225 -5.95 -17.62 -48.16
C GLY B 225 -4.56 -17.35 -48.74
N GLY B 226 -3.90 -18.32 -49.38
CA GLY B 226 -2.58 -18.17 -49.98
C GLY B 226 -1.48 -18.06 -48.93
N GLU B 227 -1.56 -18.87 -47.88
CA GLU B 227 -0.64 -18.82 -46.75
C GLU B 227 -0.15 -20.20 -46.35
N ASP B 228 1.14 -20.35 -46.26
CA ASP B 228 1.81 -21.56 -45.86
C ASP B 228 2.22 -21.41 -44.39
N ARG B 229 1.54 -22.15 -43.50
CA ARG B 229 1.91 -22.21 -42.08
C ARG B 229 2.85 -23.38 -41.88
N LEU B 230 4.14 -23.12 -42.06
CA LEU B 230 5.20 -24.05 -41.72
C LEU B 230 5.22 -24.21 -40.20
N TRP B 231 5.19 -25.43 -39.70
CA TRP B 231 5.18 -25.70 -38.27
C TRP B 231 6.02 -26.93 -37.95
N LEU B 232 6.51 -27.01 -36.72
CA LEU B 232 7.60 -27.89 -36.36
C LEU B 232 7.37 -28.44 -34.97
N SER B 233 7.14 -29.75 -34.87
CA SER B 233 7.03 -30.46 -33.62
C SER B 233 8.35 -31.18 -33.38
N LEU B 234 9.06 -30.87 -32.31
CA LEU B 234 10.32 -31.50 -31.92
C LEU B 234 10.25 -31.94 -30.48
N ASP B 235 10.32 -33.24 -30.23
CA ASP B 235 10.46 -33.72 -28.88
C ASP B 235 11.80 -33.31 -28.31
N LEU B 236 11.81 -32.56 -27.22
CA LEU B 236 13.07 -32.19 -26.60
C LEU B 236 13.83 -33.39 -26.02
N LEU B 237 13.26 -34.60 -26.00
CA LEU B 237 14.05 -35.81 -25.89
C LEU B 237 15.21 -35.84 -26.88
N ALA B 238 15.02 -35.32 -28.08
CA ALA B 238 16.08 -35.23 -29.06
C ALA B 238 16.92 -33.97 -28.91
N ALA B 239 16.48 -32.92 -28.24
CA ALA B 239 17.08 -31.63 -28.45
C ALA B 239 17.00 -30.65 -27.28
N ASP B 240 18.11 -29.98 -27.02
CA ASP B 240 18.15 -28.73 -26.31
C ASP B 240 17.32 -27.73 -27.11
N VAL B 241 16.68 -26.72 -26.51
CA VAL B 241 16.10 -25.66 -27.33
C VAL B 241 17.18 -24.91 -28.08
N GLU B 242 18.41 -24.92 -27.58
CA GLU B 242 19.53 -24.45 -28.37
C GLU B 242 19.74 -25.36 -29.60
N SER B 243 19.69 -26.67 -29.43
CA SER B 243 19.70 -27.59 -30.56
C SER B 243 18.50 -27.39 -31.48
N LEU B 244 17.32 -27.05 -30.97
CA LEU B 244 16.15 -26.77 -31.79
C LEU B 244 16.41 -25.59 -32.72
N ARG B 245 16.95 -24.47 -32.21
CA ARG B 245 17.30 -23.38 -33.10
C ARG B 245 18.43 -23.73 -34.07
N LEU B 246 19.21 -24.77 -33.83
CA LEU B 246 20.12 -25.25 -34.86
C LEU B 246 19.44 -26.18 -35.88
N LEU B 247 18.46 -27.00 -35.48
CA LEU B 247 17.56 -27.62 -36.43
C LEU B 247 16.88 -26.56 -37.31
N LEU B 248 16.44 -25.43 -36.73
CA LEU B 248 15.93 -24.33 -37.52
C LEU B 248 16.98 -23.80 -38.50
N ALA B 249 18.21 -23.51 -38.07
CA ALA B 249 19.19 -22.95 -38.98
C ALA B 249 19.45 -23.89 -40.18
N GLU B 250 19.58 -25.17 -39.90
CA GLU B 250 19.81 -26.19 -40.91
C GLU B 250 18.59 -26.34 -41.79
N LEU B 251 17.36 -26.39 -41.27
CA LEU B 251 16.15 -26.38 -42.11
C LEU B 251 16.10 -25.14 -42.99
N GLY B 252 16.57 -24.01 -42.50
CA GLY B 252 16.66 -22.78 -43.24
C GLY B 252 17.58 -22.96 -44.44
N VAL B 253 18.84 -23.33 -44.22
CA VAL B 253 19.78 -23.60 -45.30
C VAL B 253 19.30 -24.75 -46.20
N ALA B 254 18.77 -25.83 -45.65
CA ALA B 254 18.30 -26.99 -46.39
C ALA B 254 17.07 -26.67 -47.26
N TYR B 255 16.25 -25.72 -46.85
CA TYR B 255 15.20 -25.18 -47.70
C TYR B 255 15.78 -24.25 -48.77
N LEU B 256 16.64 -23.29 -48.40
CA LEU B 256 17.08 -22.20 -49.29
C LEU B 256 18.09 -22.63 -50.36
N ALA B 257 19.13 -23.35 -49.96
CA ALA B 257 20.28 -23.71 -50.78
C ALA B 257 20.99 -24.92 -50.13
N PRO B 258 20.46 -26.15 -50.32
CA PRO B 258 20.84 -27.33 -49.54
C PRO B 258 22.31 -27.75 -49.68
N GLU B 259 22.98 -27.32 -50.75
CA GLU B 259 24.42 -27.53 -50.91
C GLU B 259 25.27 -26.81 -49.84
N ARG B 260 24.78 -25.72 -49.24
CA ARG B 260 25.55 -24.92 -48.24
C ARG B 260 25.58 -25.54 -46.84
N LEU B 261 24.91 -26.66 -46.64
CA LEU B 261 24.98 -27.48 -45.43
C LEU B 261 26.38 -28.08 -45.30
N ALA B 262 27.23 -27.53 -44.44
CA ALA B 262 28.68 -27.74 -44.58
C ALA B 262 29.12 -29.21 -44.38
N GLU B 263 28.85 -29.77 -43.20
CA GLU B 263 29.28 -31.10 -42.78
C GLU B 263 28.25 -31.68 -41.79
N PRO B 264 27.93 -32.98 -41.84
CA PRO B 264 27.07 -33.64 -40.84
C PRO B 264 27.85 -33.71 -39.51
N PRO B 265 27.53 -32.89 -38.49
CA PRO B 265 28.49 -32.58 -37.42
C PRO B 265 28.94 -33.83 -36.67
N ALA B 266 30.24 -34.10 -36.69
CA ALA B 266 30.76 -35.45 -36.49
C ALA B 266 30.63 -36.01 -35.06
N LEU B 267 30.63 -35.15 -34.03
CA LEU B 267 30.62 -35.56 -32.64
C LEU B 267 29.27 -36.19 -32.24
N HIS B 268 29.16 -37.50 -32.44
CA HIS B 268 27.96 -38.30 -32.16
C HIS B 268 27.56 -38.21 -30.69
N PHE B 269 26.26 -38.22 -30.40
CA PHE B 269 25.78 -37.93 -29.04
C PHE B 269 26.12 -39.01 -28.01
N ALA B 270 26.29 -40.27 -28.40
CA ALA B 270 26.76 -41.29 -27.48
C ALA B 270 28.21 -41.00 -27.07
N ASP B 271 29.07 -40.64 -28.02
CA ASP B 271 30.44 -40.20 -27.75
C ASP B 271 30.45 -39.01 -26.79
N TYR B 272 29.59 -38.01 -27.03
CA TYR B 272 29.43 -36.89 -26.10
C TYR B 272 28.97 -37.36 -24.73
N LEU B 273 27.92 -38.18 -24.61
CA LEU B 273 27.43 -38.56 -23.29
C LEU B 273 28.43 -39.40 -22.50
N ALA B 274 29.13 -40.31 -23.16
CA ALA B 274 30.23 -41.03 -22.55
C ALA B 274 31.32 -40.06 -22.05
N HIS B 275 31.77 -39.12 -22.88
CA HIS B 275 32.78 -38.13 -22.51
C HIS B 275 32.30 -37.20 -21.40
N ARG B 276 31.17 -36.52 -21.59
CA ARG B 276 30.57 -35.56 -20.66
C ARG B 276 30.29 -36.22 -19.31
N ALA B 277 29.69 -37.40 -19.26
CA ALA B 277 29.41 -38.07 -17.99
C ALA B 277 30.70 -38.34 -17.20
N ALA B 278 31.73 -38.88 -17.86
CA ALA B 278 33.02 -39.12 -17.21
C ALA B 278 33.72 -37.81 -16.81
N GLN B 279 33.68 -36.79 -17.66
CA GLN B 279 34.32 -35.50 -17.41
C GLN B 279 33.61 -34.69 -16.32
N ARG B 280 32.29 -34.79 -16.17
CA ARG B 280 31.58 -34.22 -15.01
C ARG B 280 31.69 -35.06 -13.74
N ALA B 281 32.17 -36.30 -13.78
CA ALA B 281 31.94 -37.27 -12.71
C ALA B 281 32.43 -36.82 -11.32
N GLU B 282 33.61 -36.20 -11.20
CA GLU B 282 34.08 -35.72 -9.90
C GLU B 282 33.25 -34.53 -9.41
N ALA B 283 32.94 -33.57 -10.29
CA ALA B 283 32.02 -32.49 -9.95
C ALA B 283 30.63 -33.03 -9.60
N ALA B 284 30.16 -34.10 -10.24
CA ALA B 284 28.90 -34.73 -9.90
C ALA B 284 28.95 -35.36 -8.50
N ALA B 285 30.01 -36.06 -8.14
CA ALA B 285 30.14 -36.63 -6.79
C ALA B 285 30.25 -35.52 -5.72
N ARG B 286 30.98 -34.44 -6.01
CA ARG B 286 31.09 -33.27 -5.14
C ARG B 286 29.74 -32.56 -4.98
N ALA B 287 28.99 -32.41 -6.07
CA ALA B 287 27.65 -31.86 -6.06
C ALA B 287 26.67 -32.79 -5.33
N ARG B 288 26.83 -34.10 -5.46
CA ARG B 288 26.02 -35.07 -4.72
C ARG B 288 26.15 -34.85 -3.23
N ASP B 289 27.35 -34.62 -2.71
CA ASP B 289 27.54 -34.31 -1.28
C ASP B 289 26.72 -33.07 -0.88
N TYR B 290 26.80 -32.02 -1.70
CA TYR B 290 26.03 -30.80 -1.50
C TYR B 290 24.53 -31.08 -1.50
N TRP B 291 24.00 -31.81 -2.48
CA TRP B 291 22.58 -32.14 -2.49
C TRP B 291 22.16 -33.04 -1.34
N LEU B 292 22.96 -34.03 -0.92
CA LEU B 292 22.63 -34.85 0.24
C LEU B 292 22.51 -34.02 1.52
N GLU B 293 23.40 -33.05 1.71
CA GLU B 293 23.38 -32.13 2.85
C GLU B 293 22.21 -31.14 2.80
N ARG B 294 21.53 -31.04 1.66
CA ARG B 294 20.37 -30.16 1.45
C ARG B 294 19.09 -30.94 1.24
N LEU B 295 19.12 -32.24 1.02
CA LEU B 295 17.97 -33.01 0.60
C LEU B 295 16.81 -33.02 1.60
N PRO B 296 17.02 -33.20 2.91
CA PRO B 296 15.99 -32.98 3.91
C PRO B 296 15.57 -31.52 4.09
N ARG B 297 16.22 -30.57 3.41
CA ARG B 297 16.05 -29.11 3.52
C ARG B 297 15.66 -28.45 2.20
N LEU B 298 15.42 -29.22 1.13
CA LEU B 298 14.90 -28.69 -0.12
C LEU B 298 13.55 -28.02 0.17
N PRO B 299 13.25 -26.87 -0.42
CA PRO B 299 11.89 -26.40 -0.51
C PRO B 299 11.11 -27.29 -1.49
N ASP B 300 9.80 -27.17 -1.53
CA ASP B 300 8.97 -28.00 -2.40
C ASP B 300 8.73 -27.35 -3.79
N ALA B 301 7.80 -27.90 -4.54
CA ALA B 301 7.15 -27.21 -5.64
C ALA B 301 6.65 -25.82 -5.21
N PRO B 302 6.68 -24.80 -6.08
CA PRO B 302 6.04 -23.52 -5.79
C PRO B 302 4.58 -23.77 -5.45
N ALA B 303 4.12 -23.37 -4.27
CA ALA B 303 2.84 -23.79 -3.73
C ALA B 303 1.68 -22.96 -4.32
N LEU B 304 1.59 -22.92 -5.64
CA LEU B 304 0.68 -22.10 -6.43
C LEU B 304 -0.77 -22.58 -6.27
N PRO B 305 -1.77 -21.76 -6.60
CA PRO B 305 -3.15 -22.15 -6.45
C PRO B 305 -3.54 -23.10 -7.56
N LEU B 306 -3.86 -24.35 -7.24
CA LEU B 306 -4.26 -25.34 -8.22
C LEU B 306 -5.76 -25.58 -8.13
N ALA B 307 -6.45 -25.51 -9.27
CA ALA B 307 -7.85 -25.87 -9.38
C ALA B 307 -8.05 -27.38 -9.32
N CYS B 308 -7.09 -28.15 -9.80
CA CYS B 308 -7.10 -29.60 -9.75
C CYS B 308 -5.79 -30.11 -9.16
N ALA B 309 -5.79 -31.26 -8.49
CA ALA B 309 -4.53 -31.91 -8.13
C ALA B 309 -3.78 -32.34 -9.41
N PRO B 310 -2.46 -32.16 -9.52
CA PRO B 310 -1.71 -32.46 -10.74
C PRO B 310 -1.69 -33.95 -11.10
N GLU B 311 -1.98 -34.84 -10.16
CA GLU B 311 -2.19 -36.27 -10.42
C GLU B 311 -3.48 -36.56 -11.21
N SER B 312 -4.44 -35.63 -11.20
CA SER B 312 -5.85 -35.87 -11.51
C SER B 312 -6.33 -35.26 -12.83
N ILE B 313 -5.44 -34.61 -13.59
CA ILE B 313 -5.67 -34.33 -15.02
C ILE B 313 -4.82 -35.27 -15.87
N ARG B 314 -5.48 -36.16 -16.63
CA ARG B 314 -4.85 -37.37 -17.16
C ARG B 314 -4.01 -37.16 -18.42
N GLN B 315 -4.23 -36.08 -19.18
CA GLN B 315 -3.50 -35.86 -20.43
C GLN B 315 -3.26 -34.35 -20.68
N PRO B 316 -2.33 -33.73 -19.96
CA PRO B 316 -2.24 -32.28 -19.85
C PRO B 316 -1.90 -31.56 -21.15
N ARG B 317 -2.86 -30.82 -21.68
CA ARG B 317 -2.58 -29.80 -22.69
C ARG B 317 -1.84 -28.63 -22.06
N THR B 318 -0.80 -28.14 -22.69
CA THR B 318 -0.25 -26.82 -22.39
C THR B 318 -1.12 -25.73 -22.98
N ARG B 319 -1.35 -24.63 -22.27
CA ARG B 319 -1.78 -23.34 -22.83
C ARG B 319 -0.59 -22.43 -22.78
N ARG B 320 -0.15 -21.90 -23.93
CA ARG B 320 0.84 -20.83 -23.94
C ARG B 320 0.18 -19.52 -23.57
N LEU B 321 0.80 -18.82 -22.65
CA LEU B 321 0.69 -17.37 -22.52
C LEU B 321 1.98 -16.77 -22.99
N ALA B 322 1.94 -15.67 -23.73
CA ALA B 322 3.17 -15.05 -24.20
C ALA B 322 3.09 -13.54 -24.23
N PHE B 323 4.26 -12.91 -24.13
CA PHE B 323 4.40 -11.47 -24.22
C PHE B 323 5.71 -11.13 -24.88
N GLN B 324 5.68 -10.54 -26.07
CA GLN B 324 6.86 -10.06 -26.73
C GLN B 324 7.27 -8.75 -26.07
N LEU B 325 8.25 -8.78 -25.16
CA LEU B 325 8.94 -7.55 -24.78
C LEU B 325 9.56 -6.98 -26.04
N SER B 326 9.35 -5.71 -26.27
CA SER B 326 9.92 -4.99 -27.39
C SER B 326 11.43 -4.94 -27.35
N ALA B 327 12.00 -4.57 -28.48
CA ALA B 327 13.42 -4.26 -28.55
C ALA B 327 13.82 -3.21 -27.52
N GLY B 328 13.03 -2.15 -27.35
CA GLY B 328 13.29 -1.13 -26.32
C GLY B 328 13.18 -1.67 -24.89
N GLU B 329 12.14 -2.45 -24.58
CA GLU B 329 12.05 -3.11 -23.27
C GLU B 329 13.25 -4.00 -23.02
N SER B 330 13.64 -4.80 -24.02
CA SER B 330 14.83 -5.63 -23.93
C SER B 330 16.06 -4.78 -23.67
N ARG B 331 16.30 -3.70 -24.43
CA ARG B 331 17.45 -2.84 -24.21
C ARG B 331 17.47 -2.32 -22.78
N ARG B 332 16.34 -1.84 -22.29
CA ARG B 332 16.26 -1.27 -20.94
C ARG B 332 16.53 -2.34 -19.88
N LEU B 333 16.00 -3.55 -20.02
CA LEU B 333 16.41 -4.64 -19.15
C LEU B 333 17.89 -4.95 -19.30
N GLU B 334 18.42 -5.10 -20.51
CA GLU B 334 19.84 -5.39 -20.72
C GLU B 334 20.75 -4.35 -20.07
N ARG B 335 20.45 -3.06 -20.24
CA ARG B 335 21.23 -1.98 -19.64
C ARG B 335 21.10 -1.95 -18.14
N LEU B 336 19.90 -2.05 -17.58
CA LEU B 336 19.75 -2.12 -16.13
C LEU B 336 20.41 -3.39 -15.57
N ALA B 337 20.29 -4.52 -16.24
CA ALA B 337 20.93 -5.76 -15.82
C ALA B 337 22.44 -5.59 -15.77
N ALA B 338 23.02 -5.00 -16.81
CA ALA B 338 24.44 -4.70 -16.83
C ALA B 338 24.82 -3.75 -15.70
N GLN B 339 24.11 -2.63 -15.53
CA GLN B 339 24.38 -1.66 -14.47
C GLN B 339 24.23 -2.25 -13.05
N HIS B 340 23.37 -3.25 -12.88
CA HIS B 340 23.20 -4.02 -11.64
C HIS B 340 24.00 -5.32 -11.59
N GLY B 341 24.88 -5.55 -12.55
CA GLY B 341 25.84 -6.66 -12.52
C GLY B 341 25.20 -8.04 -12.64
N VAL B 342 24.08 -8.19 -13.34
CA VAL B 342 23.38 -9.46 -13.47
C VAL B 342 23.15 -9.92 -14.89
N THR B 343 23.15 -11.23 -15.10
CA THR B 343 22.74 -11.84 -16.36
C THR B 343 21.30 -11.47 -16.62
N LEU B 344 20.98 -11.30 -17.90
CA LEU B 344 19.61 -11.07 -18.30
C LEU B 344 18.71 -12.25 -17.90
N SER B 345 19.20 -13.49 -17.98
CA SER B 345 18.44 -14.63 -17.45
C SER B 345 18.14 -14.52 -15.96
N SER B 346 19.04 -14.01 -15.13
CA SER B 346 18.75 -13.79 -13.72
C SER B 346 17.72 -12.73 -13.51
N VAL B 347 17.61 -11.71 -14.36
CA VAL B 347 16.52 -10.75 -14.26
C VAL B 347 15.21 -11.48 -14.41
N PHE B 348 15.06 -12.24 -15.48
CA PHE B 348 13.82 -12.95 -15.72
C PHE B 348 13.55 -14.05 -14.73
N GLY B 349 14.57 -14.78 -14.31
CA GLY B 349 14.44 -15.84 -13.33
C GLY B 349 14.06 -15.27 -11.98
N CYS B 350 14.68 -14.18 -11.58
CA CYS B 350 14.32 -13.51 -10.34
C CYS B 350 12.93 -12.94 -10.40
N ALA B 351 12.58 -12.23 -11.47
CA ALA B 351 11.24 -11.67 -11.62
C ALA B 351 10.20 -12.78 -11.65
N PHE B 352 10.52 -13.93 -12.22
CA PHE B 352 9.63 -15.06 -12.22
C PHE B 352 9.52 -15.66 -10.82
N ALA B 353 10.64 -15.90 -10.14
CA ALA B 353 10.59 -16.35 -8.78
C ALA B 353 9.89 -15.37 -7.85
N LEU B 354 9.93 -14.07 -8.06
CA LEU B 354 9.11 -13.15 -7.28
C LEU B 354 7.64 -13.39 -7.55
N VAL B 355 7.23 -13.58 -8.80
CA VAL B 355 5.84 -13.92 -9.09
C VAL B 355 5.47 -15.25 -8.48
N LEU B 356 6.26 -16.30 -8.67
CA LEU B 356 5.98 -17.60 -8.08
C LEU B 356 5.92 -17.53 -6.56
N ALA B 357 6.84 -16.81 -5.93
CA ALA B 357 6.80 -16.59 -4.50
C ALA B 357 5.49 -15.92 -4.13
N ARG B 358 5.13 -14.83 -4.82
CA ARG B 358 3.93 -14.09 -4.50
C ARG B 358 2.65 -14.87 -4.76
N TRP B 359 2.66 -15.82 -5.68
CA TRP B 359 1.54 -16.73 -5.87
C TRP B 359 1.64 -18.04 -5.08
N SER B 360 2.73 -18.29 -4.38
CA SER B 360 2.87 -19.47 -3.55
C SER B 360 2.43 -19.21 -2.12
N GLU B 361 1.90 -20.23 -1.44
CA GLU B 361 1.80 -20.19 0.02
C GLU B 361 3.17 -20.06 0.74
N SER B 362 4.30 -20.37 0.09
CA SER B 362 5.65 -20.15 0.63
C SER B 362 6.58 -19.48 -0.36
N ALA B 363 7.41 -18.56 0.13
CA ALA B 363 8.44 -17.85 -0.64
C ALA B 363 9.65 -18.71 -1.00
N GLU B 364 9.74 -19.94 -0.50
CA GLU B 364 10.80 -20.88 -0.84
C GLU B 364 10.26 -21.99 -1.72
N PHE B 365 10.87 -22.22 -2.86
CA PHE B 365 10.48 -23.29 -3.77
C PHE B 365 11.61 -23.66 -4.72
N LEU B 366 11.47 -24.83 -5.31
CA LEU B 366 12.27 -25.26 -6.44
C LEU B 366 11.70 -24.65 -7.72
N LEU B 367 12.54 -24.34 -8.69
CA LEU B 367 12.13 -24.34 -10.09
C LEU B 367 13.17 -25.00 -10.96
N ASN B 368 12.71 -25.79 -11.92
CA ASN B 368 13.54 -26.59 -12.78
C ASN B 368 14.13 -25.68 -13.85
N VAL B 369 15.39 -25.31 -13.70
CA VAL B 369 16.10 -24.47 -14.64
C VAL B 369 16.93 -25.33 -15.59
N PRO B 370 16.47 -25.63 -16.81
CA PRO B 370 17.32 -26.27 -17.79
C PRO B 370 18.52 -25.40 -18.16
N LEU B 371 19.72 -25.82 -17.75
CA LEU B 371 20.97 -25.27 -18.24
C LEU B 371 21.27 -25.75 -19.65
N PHE B 372 21.91 -24.89 -20.42
CA PHE B 372 22.71 -25.28 -21.57
C PHE B 372 23.92 -26.07 -21.09
N ASP B 373 24.30 -27.15 -21.77
CA ASP B 373 25.45 -27.94 -21.39
C ASP B 373 26.26 -28.45 -22.59
N ARG B 374 26.49 -27.57 -23.57
CA ARG B 374 27.20 -27.86 -24.81
C ARG B 374 28.73 -28.02 -24.65
N HIS B 375 29.18 -28.44 -23.47
CA HIS B 375 30.58 -28.42 -23.09
C HIS B 375 31.30 -29.71 -23.56
N ALA B 376 31.96 -29.60 -24.70
CA ALA B 376 32.90 -30.58 -25.21
C ALA B 376 34.02 -29.87 -25.96
N ASP B 377 35.15 -30.55 -26.16
CA ASP B 377 36.35 -29.93 -26.71
C ASP B 377 36.26 -29.59 -28.20
N ASP B 378 35.57 -30.39 -29.01
CA ASP B 378 35.38 -30.08 -30.44
C ASP B 378 34.43 -28.89 -30.61
N PRO B 379 34.85 -27.77 -31.23
CA PRO B 379 33.99 -26.61 -31.42
C PRO B 379 32.72 -26.91 -32.22
N ARG B 380 32.70 -27.97 -33.04
CA ARG B 380 31.49 -28.44 -33.75
C ARG B 380 30.37 -28.93 -32.84
N ILE B 381 30.59 -29.13 -31.54
CA ILE B 381 29.51 -29.49 -30.61
C ILE B 381 28.39 -28.45 -30.66
N GLY B 382 28.74 -27.17 -30.85
CA GLY B 382 27.82 -26.07 -31.13
C GLY B 382 27.12 -26.11 -32.49
N GLU B 383 27.23 -27.21 -33.24
CA GLU B 383 26.42 -27.54 -34.41
C GLU B 383 25.65 -28.85 -34.24
N VAL B 384 25.89 -29.62 -33.18
CA VAL B 384 25.20 -30.91 -32.95
C VAL B 384 23.80 -30.66 -32.39
N ILE B 385 22.83 -31.53 -32.72
CA ILE B 385 21.39 -31.28 -32.48
C ILE B 385 20.83 -32.09 -31.30
N ALA B 386 21.63 -32.81 -30.53
CA ALA B 386 21.12 -33.61 -29.41
C ALA B 386 20.62 -32.80 -28.20
N ASP B 387 20.06 -33.47 -27.19
CA ASP B 387 19.63 -32.81 -25.97
C ASP B 387 20.74 -32.50 -24.98
N PHE B 388 21.55 -31.51 -25.32
CA PHE B 388 22.57 -30.94 -24.45
C PHE B 388 22.03 -30.11 -23.29
N THR B 389 20.74 -30.14 -23.00
CA THR B 389 20.25 -29.59 -21.76
C THR B 389 20.84 -30.36 -20.58
N THR B 390 21.11 -29.71 -19.46
CA THR B 390 21.17 -30.39 -18.16
C THR B 390 20.35 -29.61 -17.15
N LEU B 391 19.65 -30.31 -16.27
CA LEU B 391 18.58 -29.70 -15.51
C LEU B 391 19.06 -29.33 -14.12
N LEU B 392 18.95 -28.05 -13.77
CA LEU B 392 19.33 -27.54 -12.47
C LEU B 392 18.08 -27.41 -11.62
N LEU B 393 18.08 -28.07 -10.47
CA LEU B 393 17.03 -27.93 -9.49
C LEU B 393 17.32 -26.67 -8.68
N LEU B 394 16.95 -25.51 -9.18
CA LEU B 394 17.19 -24.29 -8.46
C LEU B 394 16.22 -24.21 -7.28
N GLU B 395 16.69 -24.47 -6.06
CA GLU B 395 16.01 -23.93 -4.89
C GLU B 395 16.12 -22.43 -4.95
N CYS B 396 15.05 -21.66 -4.74
CA CYS B 396 15.16 -20.23 -4.50
C CYS B 396 14.20 -19.80 -3.40
N ARG B 397 14.61 -18.79 -2.67
CA ARG B 397 14.18 -18.55 -1.29
C ARG B 397 13.91 -17.06 -1.13
N MET B 398 12.91 -16.59 -1.85
CA MET B 398 12.80 -15.19 -2.21
C MET B 398 12.64 -14.29 -1.00
N GLN B 399 13.57 -13.37 -0.87
CA GLN B 399 13.57 -12.39 0.19
C GLN B 399 12.41 -11.42 -0.04
N ALA B 400 11.50 -11.30 0.92
CA ALA B 400 10.49 -10.24 0.93
C ALA B 400 11.06 -8.96 1.53
N GLY B 401 10.42 -7.83 1.25
CA GLY B 401 10.76 -6.53 1.83
C GLY B 401 12.09 -5.95 1.34
N VAL B 402 12.40 -6.09 0.05
CA VAL B 402 13.66 -5.62 -0.53
C VAL B 402 13.44 -5.03 -1.91
N SER B 403 14.39 -4.23 -2.37
CA SER B 403 14.40 -3.76 -3.76
C SER B 403 14.59 -4.92 -4.72
N PHE B 404 14.21 -4.76 -5.98
CA PHE B 404 14.52 -5.76 -6.99
C PHE B 404 16.01 -5.92 -7.20
N ALA B 405 16.79 -4.85 -7.08
CA ALA B 405 18.24 -4.93 -7.18
C ALA B 405 18.82 -5.93 -6.15
N GLU B 406 18.37 -5.85 -4.91
CA GLU B 406 18.75 -6.82 -3.87
C GLU B 406 18.23 -8.23 -4.17
N ALA B 407 17.02 -8.37 -4.71
CA ALA B 407 16.46 -9.67 -5.03
C ALA B 407 17.17 -10.31 -6.22
N VAL B 408 17.40 -9.60 -7.31
CA VAL B 408 18.03 -10.17 -8.51
C VAL B 408 19.46 -10.52 -8.28
N LYS B 409 20.23 -9.70 -7.55
CA LYS B 409 21.58 -10.07 -7.14
C LYS B 409 21.57 -11.30 -6.25
N SER B 410 20.64 -11.40 -5.30
CA SER B 410 20.47 -12.58 -4.46
C SER B 410 20.13 -13.82 -5.29
N PHE B 411 19.15 -13.72 -6.17
CA PHE B 411 18.72 -14.82 -7.02
C PHE B 411 19.81 -15.23 -8.00
N GLN B 412 20.52 -14.27 -8.59
CA GLN B 412 21.68 -14.55 -9.38
C GLN B 412 22.73 -15.30 -8.55
N ARG B 413 23.17 -14.79 -7.40
CA ARG B 413 24.19 -15.50 -6.59
C ARG B 413 23.73 -16.89 -6.21
N ASN B 414 22.44 -17.06 -5.97
CA ASN B 414 21.85 -18.37 -5.74
C ASN B 414 21.96 -19.25 -7.00
N LEU B 415 21.52 -18.77 -8.15
CA LEU B 415 21.56 -19.51 -9.41
C LEU B 415 22.98 -19.81 -9.86
N HIS B 416 23.84 -18.81 -9.92
CA HIS B 416 25.25 -18.98 -10.21
C HIS B 416 25.92 -19.92 -9.23
N GLY B 417 25.63 -19.81 -7.93
CA GLY B 417 26.11 -20.76 -6.94
C GLY B 417 25.63 -22.20 -7.19
N ALA B 418 24.42 -22.36 -7.73
CA ALA B 418 23.83 -23.66 -7.97
C ALA B 418 24.26 -24.28 -9.29
N ILE B 419 24.75 -23.50 -10.25
CA ILE B 419 25.11 -24.00 -11.59
C ILE B 419 26.16 -25.11 -11.52
N ASP B 420 27.18 -25.03 -10.67
CA ASP B 420 28.10 -26.17 -10.52
C ASP B 420 27.42 -27.39 -9.94
N HIS B 421 26.52 -27.19 -8.98
CA HIS B 421 25.81 -28.29 -8.35
C HIS B 421 24.84 -28.99 -9.30
N ALA B 422 24.49 -28.40 -10.44
CA ALA B 422 23.83 -29.12 -11.52
C ALA B 422 24.64 -30.29 -12.09
N ALA B 423 25.93 -30.42 -11.75
CA ALA B 423 26.73 -31.58 -12.12
C ALA B 423 26.09 -32.89 -11.65
N PHE B 424 25.47 -32.90 -10.48
CA PHE B 424 24.53 -33.95 -10.09
C PHE B 424 23.14 -33.52 -10.55
N PRO B 425 22.51 -34.25 -11.48
CA PRO B 425 21.37 -33.76 -12.22
C PRO B 425 20.13 -33.66 -11.35
N ALA B 426 19.28 -32.67 -11.61
CA ALA B 426 18.02 -32.46 -10.90
C ALA B 426 17.21 -33.75 -10.76
N LEU B 427 17.13 -34.58 -11.80
CA LEU B 427 16.38 -35.84 -11.71
C LEU B 427 16.93 -36.75 -10.62
N GLU B 428 18.24 -36.91 -10.53
CA GLU B 428 18.79 -37.76 -9.47
C GLU B 428 18.64 -37.12 -8.09
N VAL B 429 18.61 -35.79 -7.98
CA VAL B 429 18.22 -35.12 -6.73
C VAL B 429 16.80 -35.49 -6.36
N LEU B 430 15.85 -35.35 -7.28
CA LEU B 430 14.45 -35.68 -7.03
C LEU B 430 14.23 -37.17 -6.78
N ARG B 431 14.89 -38.06 -7.53
CA ARG B 431 14.91 -39.50 -7.23
C ARG B 431 15.39 -39.74 -5.82
N GLU B 432 16.50 -39.15 -5.44
CA GLU B 432 17.03 -39.32 -4.08
C GLU B 432 16.10 -38.74 -3.03
N ALA B 433 15.38 -37.66 -3.32
CA ALA B 433 14.30 -37.18 -2.47
C ALA B 433 13.17 -38.21 -2.33
N ARG B 434 12.63 -38.77 -3.43
CA ARG B 434 11.60 -39.82 -3.37
C ARG B 434 12.06 -41.04 -2.54
N ARG B 435 13.31 -41.47 -2.70
CA ARG B 435 13.91 -42.56 -1.92
C ARG B 435 14.09 -42.20 -0.44
N GLN B 436 14.48 -40.97 -0.13
CA GLN B 436 14.55 -40.44 1.24
C GLN B 436 13.18 -40.05 1.82
N GLY B 437 12.06 -40.41 1.17
CA GLY B 437 10.71 -40.11 1.66
C GLY B 437 10.36 -38.60 1.68
N GLN B 438 11.13 -37.80 0.95
CA GLN B 438 10.86 -36.40 0.62
C GLN B 438 10.19 -36.39 -0.77
N PRO B 439 8.85 -36.22 -0.89
CA PRO B 439 8.16 -36.49 -2.15
C PRO B 439 8.37 -35.45 -3.26
N ARG B 440 9.29 -34.51 -3.08
CA ARG B 440 9.38 -33.20 -3.74
C ARG B 440 9.51 -33.30 -5.26
N SER B 441 9.12 -32.23 -5.92
CA SER B 441 9.20 -32.06 -7.37
C SER B 441 9.43 -30.59 -7.69
N ALA B 442 9.96 -30.29 -8.87
CA ALA B 442 10.11 -28.92 -9.33
C ALA B 442 9.25 -28.69 -10.57
N PRO B 443 7.93 -28.62 -10.43
CA PRO B 443 7.02 -28.68 -11.56
C PRO B 443 6.89 -27.34 -12.29
N VAL B 444 7.60 -26.32 -11.86
CA VAL B 444 7.69 -25.06 -12.57
C VAL B 444 9.05 -24.99 -13.22
N VAL B 445 9.11 -24.78 -14.53
CA VAL B 445 10.32 -24.78 -15.33
C VAL B 445 10.67 -23.36 -15.70
N PHE B 446 11.95 -23.03 -15.78
CA PHE B 446 12.41 -21.73 -16.23
C PHE B 446 13.54 -21.87 -17.26
N ALA B 447 13.34 -21.49 -18.51
CA ALA B 447 14.31 -21.70 -19.58
C ALA B 447 14.68 -20.40 -20.27
N SER B 448 15.77 -19.73 -19.87
CA SER B 448 16.22 -18.55 -20.59
C SER B 448 16.90 -18.94 -21.90
N ASN B 449 16.38 -18.59 -23.08
CA ASN B 449 16.95 -18.96 -24.37
C ASN B 449 17.36 -17.69 -25.13
N LEU B 450 18.32 -16.97 -24.56
CA LEU B 450 18.54 -15.56 -24.83
C LEU B 450 19.64 -15.26 -25.86
N GLY B 451 20.08 -16.26 -26.65
CA GLY B 451 21.08 -16.09 -27.71
C GLY B 451 20.74 -14.97 -28.69
N GLU B 452 21.59 -13.94 -28.74
CA GLU B 452 21.32 -12.65 -29.39
C GLU B 452 21.11 -12.74 -30.91
N GLU B 453 21.53 -13.83 -31.55
CA GLU B 453 21.24 -14.13 -32.96
C GLU B 453 19.73 -14.20 -33.26
N GLY B 454 18.90 -14.25 -32.21
CA GLY B 454 17.49 -14.59 -32.28
C GLY B 454 17.31 -16.06 -31.92
N PHE B 455 16.17 -16.39 -31.33
CA PHE B 455 15.82 -17.79 -31.12
C PHE B 455 15.67 -18.47 -32.46
N VAL B 456 14.75 -17.98 -33.30
CA VAL B 456 14.71 -18.39 -34.71
C VAL B 456 15.92 -17.76 -35.40
N PRO B 457 16.87 -18.54 -35.89
CA PRO B 457 18.12 -18.03 -36.46
C PRO B 457 17.91 -17.40 -37.83
N ALA B 458 18.86 -16.58 -38.25
CA ALA B 458 18.77 -15.80 -39.49
C ALA B 458 18.45 -16.67 -40.72
N ALA B 459 19.16 -17.78 -40.89
CA ALA B 459 18.98 -18.69 -42.02
C ALA B 459 17.56 -19.28 -42.13
N PHE B 460 16.82 -19.29 -41.03
CA PHE B 460 15.42 -19.68 -41.03
C PHE B 460 14.51 -18.46 -41.21
N ARG B 461 14.79 -17.32 -40.56
CA ARG B 461 13.99 -16.08 -40.76
C ARG B 461 14.01 -15.59 -42.20
N ASP B 462 15.09 -15.83 -42.92
CA ASP B 462 15.20 -15.52 -44.33
C ASP B 462 14.33 -16.41 -45.22
N ALA B 463 13.92 -17.58 -44.73
CA ALA B 463 13.09 -18.55 -45.45
C ALA B 463 11.61 -18.51 -45.04
N PHE B 464 11.32 -18.24 -43.76
CA PHE B 464 9.99 -18.27 -43.13
C PHE B 464 9.87 -17.15 -42.11
N GLY B 465 8.66 -16.73 -41.77
CA GLY B 465 8.44 -15.68 -40.78
C GLY B 465 9.09 -15.98 -39.42
N ASP B 466 9.46 -14.96 -38.65
CA ASP B 466 9.88 -15.14 -37.25
C ASP B 466 8.73 -15.76 -36.44
N LEU B 467 9.05 -16.40 -35.32
CA LEU B 467 8.21 -17.31 -34.56
C LEU B 467 6.77 -16.80 -34.39
N HIS B 468 5.84 -17.37 -35.14
CA HIS B 468 4.44 -16.94 -35.10
C HIS B 468 3.77 -17.41 -33.82
N ASP B 469 4.05 -18.64 -33.41
CA ASP B 469 3.58 -19.18 -32.15
C ASP B 469 4.39 -20.40 -31.74
N MET B 470 4.20 -20.90 -30.53
CA MET B 470 4.89 -22.06 -30.02
C MET B 470 4.14 -22.72 -28.86
N LEU B 471 4.53 -23.92 -28.50
CA LEU B 471 4.08 -24.60 -27.30
C LEU B 471 5.21 -25.44 -26.71
N SER B 472 5.25 -25.59 -25.41
CA SER B 472 5.95 -26.66 -24.72
C SER B 472 4.96 -27.77 -24.41
N GLN B 473 5.47 -28.96 -24.14
CA GLN B 473 4.73 -30.01 -23.50
C GLN B 473 5.56 -30.68 -22.40
N THR B 474 6.39 -29.95 -21.63
CA THR B 474 7.21 -30.58 -20.59
C THR B 474 6.38 -31.41 -19.60
N PRO B 475 6.59 -32.74 -19.47
CA PRO B 475 5.85 -33.55 -18.51
C PRO B 475 6.30 -33.29 -17.09
N GLN B 476 5.57 -33.79 -16.09
CA GLN B 476 5.78 -33.47 -14.67
C GLN B 476 5.67 -31.97 -14.34
N VAL B 477 5.44 -31.09 -15.32
CA VAL B 477 5.65 -29.65 -15.21
C VAL B 477 4.36 -28.91 -15.49
N TRP B 478 3.91 -28.17 -14.48
CA TRP B 478 2.70 -27.37 -14.42
C TRP B 478 2.79 -26.12 -15.28
N LEU B 479 3.95 -25.49 -15.30
CA LEU B 479 4.14 -24.15 -15.82
C LEU B 479 5.55 -24.05 -16.34
N ASP B 480 5.69 -24.19 -17.65
CA ASP B 480 6.96 -24.10 -18.31
C ASP B 480 7.21 -22.67 -18.78
N HIS B 481 8.02 -21.92 -18.04
CA HIS B 481 8.39 -20.58 -18.44
C HIS B 481 9.66 -20.55 -19.29
N GLN B 482 9.52 -20.52 -20.60
CA GLN B 482 10.62 -20.18 -21.49
C GLN B 482 10.77 -18.70 -21.73
N LEU B 483 11.92 -18.30 -22.25
CA LEU B 483 12.15 -17.02 -22.87
C LEU B 483 12.90 -17.19 -24.16
N TYR B 484 12.60 -16.38 -25.15
CA TYR B 484 13.26 -16.40 -26.44
C TYR B 484 13.66 -15.01 -26.84
N ARG B 485 14.78 -14.78 -27.51
CA ARG B 485 14.89 -13.57 -28.33
C ARG B 485 13.94 -13.77 -29.50
N VAL B 486 12.99 -12.86 -29.71
CA VAL B 486 12.14 -12.86 -30.89
C VAL B 486 12.15 -11.43 -31.40
N GLY B 487 12.32 -11.26 -32.71
CA GLY B 487 12.96 -10.03 -33.18
C GLY B 487 14.31 -9.91 -32.46
N ASP B 488 14.69 -8.68 -32.14
CA ASP B 488 15.65 -8.39 -31.08
C ASP B 488 14.96 -7.97 -29.77
N GLY B 489 13.65 -8.21 -29.67
CA GLY B 489 12.94 -8.23 -28.41
C GLY B 489 13.04 -9.58 -27.71
N ILE B 490 12.21 -9.83 -26.70
CA ILE B 490 12.25 -11.04 -25.88
C ILE B 490 10.84 -11.54 -25.69
N LEU B 491 10.50 -12.67 -26.31
CA LEU B 491 9.24 -13.32 -26.06
C LEU B 491 9.33 -14.07 -24.76
N LEU B 492 8.66 -13.57 -23.73
CA LEU B 492 8.38 -14.32 -22.54
C LEU B 492 7.29 -15.30 -22.88
N ALA B 493 7.41 -16.56 -22.51
CA ALA B 493 6.33 -17.51 -22.64
C ALA B 493 6.14 -18.28 -21.35
N TRP B 494 4.90 -18.47 -20.95
CA TRP B 494 4.48 -19.34 -19.88
C TRP B 494 3.59 -20.40 -20.46
N ASP B 495 4.17 -21.54 -20.71
CA ASP B 495 3.45 -22.74 -21.07
C ASP B 495 2.89 -23.40 -19.83
N SER B 496 1.90 -22.72 -19.27
CA SER B 496 1.04 -23.25 -18.24
C SER B 496 0.30 -24.49 -18.74
N VAL B 497 -0.21 -25.32 -17.84
CA VAL B 497 -1.04 -26.47 -18.18
C VAL B 497 -2.51 -26.13 -18.03
N VAL B 498 -3.28 -26.42 -19.06
CA VAL B 498 -4.73 -26.23 -19.13
C VAL B 498 -5.41 -26.90 -17.96
N GLY B 499 -6.36 -26.19 -17.34
CA GLY B 499 -7.22 -26.69 -16.27
C GLY B 499 -6.51 -27.05 -14.96
N LEU B 500 -5.19 -27.00 -14.89
CA LEU B 500 -4.48 -27.29 -13.64
C LEU B 500 -4.69 -26.17 -12.63
N PHE B 501 -4.51 -24.95 -13.09
CA PHE B 501 -4.74 -23.73 -12.33
C PHE B 501 -6.20 -23.24 -12.46
N PRO B 502 -6.68 -22.40 -11.54
CA PRO B 502 -7.95 -21.70 -11.68
C PRO B 502 -8.00 -20.89 -12.97
N GLU B 503 -9.16 -20.74 -13.60
CA GLU B 503 -9.22 -20.32 -14.99
C GLU B 503 -8.55 -18.97 -15.24
N GLY B 504 -8.77 -17.99 -14.38
CA GLY B 504 -8.15 -16.68 -14.52
C GLY B 504 -6.66 -16.66 -14.17
N LEU B 505 -6.13 -17.68 -13.50
CA LEU B 505 -4.92 -17.50 -12.72
C LEU B 505 -3.66 -17.38 -13.57
N PRO B 506 -3.28 -18.31 -14.45
CA PRO B 506 -2.02 -18.18 -15.16
C PRO B 506 -1.99 -16.89 -15.98
N GLU B 507 -3.09 -16.50 -16.61
CA GLU B 507 -3.21 -15.20 -17.26
C GLU B 507 -2.93 -14.06 -16.29
N THR B 508 -3.59 -14.04 -15.13
CA THR B 508 -3.45 -12.97 -14.14
C THR B 508 -2.06 -12.88 -13.54
N MET B 509 -1.47 -14.03 -13.26
CA MET B 509 -0.15 -14.20 -12.71
C MET B 509 0.92 -13.77 -13.72
N PHE B 510 0.75 -14.16 -14.99
CA PHE B 510 1.59 -13.72 -16.09
C PHE B 510 1.41 -12.24 -16.41
N GLU B 511 0.20 -11.68 -16.37
CA GLU B 511 -0.03 -10.24 -16.49
C GLU B 511 0.70 -9.47 -15.41
N ALA B 512 0.77 -9.99 -14.18
CA ALA B 512 1.60 -9.42 -13.12
C ALA B 512 3.10 -9.61 -13.35
N TYR B 513 3.51 -10.71 -13.98
CA TYR B 513 4.91 -10.92 -14.38
C TYR B 513 5.37 -9.96 -15.47
N VAL B 514 4.56 -9.79 -16.52
CA VAL B 514 4.81 -8.78 -17.55
C VAL B 514 4.83 -7.40 -16.93
N GLY B 515 3.86 -7.05 -16.09
CA GLY B 515 3.88 -5.78 -15.37
C GLY B 515 5.16 -5.60 -14.56
N LEU B 516 5.61 -6.64 -13.85
CA LEU B 516 6.89 -6.60 -13.13
C LEU B 516 8.05 -6.34 -14.07
N LEU B 517 8.19 -7.08 -15.15
CA LEU B 517 9.29 -6.87 -16.08
C LEU B 517 9.23 -5.52 -16.75
N GLN B 518 8.05 -4.96 -16.97
CA GLN B 518 7.96 -3.63 -17.55
C GLN B 518 8.38 -2.58 -16.56
N ARG B 519 7.90 -2.61 -15.32
CA ARG B 519 8.47 -1.69 -14.33
C ARG B 519 9.95 -1.94 -14.07
N LEU B 520 10.51 -3.10 -14.41
CA LEU B 520 11.95 -3.29 -14.48
C LEU B 520 12.62 -2.75 -15.74
N CYS B 521 11.94 -2.65 -16.88
CA CYS B 521 12.46 -1.88 -18.01
C CYS B 521 12.45 -0.40 -17.66
N ASP B 522 11.39 0.05 -17.03
CA ASP B 522 10.96 1.43 -17.10
C ASP B 522 11.22 2.20 -15.81
N SER B 523 11.73 1.53 -14.78
CA SER B 523 12.01 2.14 -13.50
C SER B 523 13.14 1.42 -12.77
N ALA B 524 13.97 2.18 -12.06
CA ALA B 524 15.21 1.70 -11.49
C ALA B 524 14.98 0.65 -10.41
N TRP B 525 15.92 -0.28 -10.25
CA TRP B 525 15.71 -1.49 -9.47
C TRP B 525 15.80 -1.31 -7.97
N GLY B 526 16.04 -0.10 -7.48
CA GLY B 526 15.82 0.30 -6.09
C GLY B 526 14.34 0.23 -5.66
N GLN B 527 13.43 0.09 -6.63
CA GLN B 527 12.02 -0.17 -6.36
C GLN B 527 11.79 -1.57 -5.79
N PRO B 528 10.71 -1.81 -5.01
CA PRO B 528 10.41 -3.09 -4.40
C PRO B 528 10.32 -4.27 -5.35
N ALA B 529 10.91 -5.38 -4.90
CA ALA B 529 10.74 -6.71 -5.45
C ALA B 529 9.33 -7.25 -5.14
N ASP B 530 8.80 -6.92 -3.96
CA ASP B 530 7.43 -7.27 -3.59
C ASP B 530 6.44 -6.67 -4.58
N LEU B 531 5.81 -7.51 -5.40
CA LEU B 531 4.89 -7.02 -6.43
C LEU B 531 3.67 -6.29 -5.82
N PRO B 532 3.07 -5.34 -6.54
CA PRO B 532 1.66 -5.06 -6.35
C PRO B 532 0.84 -6.31 -6.68
N LEU B 533 -0.34 -6.45 -6.10
CA LEU B 533 -1.35 -7.35 -6.67
C LEU B 533 -1.66 -6.95 -8.13
N PRO B 534 -2.17 -7.86 -8.95
CA PRO B 534 -2.78 -7.45 -10.22
C PRO B 534 -3.90 -6.48 -9.87
N TRP B 535 -3.88 -5.26 -10.40
CA TRP B 535 -4.66 -4.21 -9.78
C TRP B 535 -6.13 -4.56 -9.63
N ALA B 536 -6.75 -5.22 -10.60
CA ALA B 536 -8.16 -5.61 -10.52
C ALA B 536 -8.50 -6.47 -9.30
N GLN B 537 -7.58 -7.31 -8.83
CA GLN B 537 -7.72 -8.04 -7.58
C GLN B 537 -7.76 -7.09 -6.40
N GLN B 538 -6.80 -6.17 -6.32
CA GLN B 538 -6.80 -5.16 -5.28
C GLN B 538 -8.03 -4.26 -5.37
N ALA B 539 -8.56 -4.01 -6.56
CA ALA B 539 -9.75 -3.21 -6.74
C ALA B 539 -10.93 -3.92 -6.10
N ARG B 540 -11.22 -5.18 -6.47
CA ARG B 540 -12.28 -5.96 -5.84
C ARG B 540 -12.13 -5.96 -4.33
N ARG B 541 -10.95 -6.24 -3.82
CA ARG B 541 -10.73 -6.38 -2.39
C ARG B 541 -10.86 -5.07 -1.65
N ALA B 542 -10.41 -3.97 -2.21
CA ALA B 542 -10.69 -2.67 -1.64
C ALA B 542 -12.19 -2.34 -1.64
N LEU B 543 -13.02 -2.83 -2.57
CA LEU B 543 -14.47 -2.70 -2.41
C LEU B 543 -14.97 -3.50 -1.21
N LEU B 544 -14.56 -4.75 -1.08
CA LEU B 544 -15.14 -5.65 -0.08
C LEU B 544 -14.68 -5.32 1.33
N ASN B 545 -13.46 -4.84 1.46
CA ASN B 545 -12.95 -4.26 2.69
C ASN B 545 -13.52 -2.88 2.95
N GLY B 546 -13.71 -2.09 1.90
CA GLY B 546 -14.17 -0.73 2.00
C GLY B 546 -15.62 -0.56 2.38
N GLN B 547 -16.37 -1.64 2.59
CA GLN B 547 -17.78 -1.54 2.94
C GLN B 547 -17.95 -0.59 4.13
N PRO B 548 -18.84 0.40 4.02
CA PRO B 548 -18.87 1.55 4.92
C PRO B 548 -19.33 1.12 6.31
N ALA B 549 -19.14 1.95 7.32
CA ALA B 549 -19.23 1.57 8.73
C ALA B 549 -20.49 0.77 9.09
N CYS B 550 -21.64 1.20 8.56
CA CYS B 550 -22.95 0.59 8.76
C CYS B 550 -23.29 0.41 10.25
N ALA B 551 -22.90 1.40 11.04
CA ALA B 551 -23.02 1.39 12.49
C ALA B 551 -23.05 2.80 13.05
N THR B 552 -23.72 3.00 14.18
CA THR B 552 -23.60 4.24 14.97
C THR B 552 -22.79 3.95 16.23
N ALA B 553 -21.56 4.43 16.28
CA ALA B 553 -20.66 4.20 17.39
C ALA B 553 -21.29 4.72 18.69
N ARG B 554 -21.53 3.81 19.64
CA ARG B 554 -22.26 4.07 20.88
C ARG B 554 -21.91 3.05 21.94
N THR B 555 -22.23 3.35 23.19
CA THR B 555 -22.09 2.36 24.27
C THR B 555 -22.97 1.15 23.97
N LEU B 556 -22.45 -0.06 24.19
CA LEU B 556 -23.00 -1.31 23.68
C LEU B 556 -24.39 -1.60 24.26
N HIS B 557 -24.59 -1.21 25.51
CA HIS B 557 -25.85 -1.35 26.22
C HIS B 557 -26.90 -0.33 25.80
N ARG B 558 -26.55 0.78 25.11
CA ARG B 558 -27.42 1.94 24.90
C ARG B 558 -28.78 1.51 24.41
N ASP B 559 -28.76 0.70 23.36
CA ASP B 559 -29.98 0.33 22.68
C ASP B 559 -30.90 -0.47 23.56
N PHE B 560 -30.43 -1.41 24.36
CA PHE B 560 -31.33 -2.13 25.24
C PHE B 560 -32.04 -1.19 26.23
N PHE B 561 -31.32 -0.28 26.86
CA PHE B 561 -31.95 0.68 27.75
C PHE B 561 -32.94 1.58 27.00
N LEU B 562 -32.70 1.94 25.75
CA LEU B 562 -33.72 2.56 24.91
C LEU B 562 -34.92 1.64 24.65
N ARG B 563 -34.73 0.38 24.21
CA ARG B 563 -35.85 -0.55 23.99
C ARG B 563 -36.66 -0.77 25.25
N ALA B 564 -36.03 -0.75 26.42
CA ALA B 564 -36.70 -0.79 27.70
C ALA B 564 -37.49 0.49 27.98
N ALA B 565 -36.89 1.67 27.86
CA ALA B 565 -37.62 2.93 28.03
C ALA B 565 -38.78 3.11 27.04
N GLU B 566 -38.66 2.55 25.84
CA GLU B 566 -39.67 2.63 24.77
C GLU B 566 -40.82 1.63 24.95
N ALA B 567 -40.57 0.44 25.48
CA ALA B 567 -41.61 -0.53 25.83
C ALA B 567 -41.21 -1.39 27.04
N PRO B 568 -41.36 -0.88 28.26
CA PRO B 568 -40.99 -1.58 29.48
C PRO B 568 -41.67 -2.94 29.63
N ASP B 569 -42.86 -3.10 29.08
CA ASP B 569 -43.69 -4.29 29.20
C ASP B 569 -43.32 -5.41 28.21
N ALA B 570 -42.59 -5.12 27.13
CA ALA B 570 -42.25 -6.12 26.13
C ALA B 570 -41.40 -7.26 26.72
N ASP B 571 -41.58 -8.50 26.26
CA ASP B 571 -40.80 -9.63 26.74
C ASP B 571 -39.34 -9.51 26.31
N ALA B 572 -38.45 -9.19 27.22
CA ALA B 572 -37.02 -9.23 26.96
C ALA B 572 -36.49 -10.66 26.98
N LEU B 573 -36.77 -11.44 28.02
CA LEU B 573 -36.23 -12.77 28.19
C LEU B 573 -37.34 -13.78 28.39
N LEU B 574 -37.13 -14.98 27.87
CA LEU B 574 -38.00 -16.12 28.10
C LEU B 574 -37.11 -17.27 28.54
N TYR B 575 -37.46 -17.92 29.64
CA TYR B 575 -36.55 -18.78 30.40
C TYR B 575 -37.31 -19.73 31.30
N ARG B 576 -37.11 -21.04 31.13
CA ARG B 576 -37.69 -22.09 32.01
C ARG B 576 -39.21 -21.93 32.23
N ASP B 577 -39.89 -21.54 31.16
CA ASP B 577 -41.32 -21.20 31.13
C ASP B 577 -41.79 -20.08 32.06
N GLN B 578 -40.91 -19.14 32.34
CA GLN B 578 -41.27 -17.80 32.81
C GLN B 578 -40.56 -16.76 31.94
N ARG B 579 -40.96 -15.50 32.06
CA ARG B 579 -40.45 -14.42 31.20
C ARG B 579 -40.24 -13.13 31.95
N VAL B 580 -39.35 -12.32 31.42
CA VAL B 580 -38.88 -11.07 32.00
C VAL B 580 -39.09 -9.95 31.01
N THR B 581 -39.71 -8.84 31.40
CA THR B 581 -39.89 -7.74 30.48
C THR B 581 -38.63 -6.91 30.31
N ARG B 582 -38.55 -6.08 29.27
CA ARG B 582 -37.44 -5.15 29.10
C ARG B 582 -37.32 -4.19 30.27
N GLY B 583 -38.43 -3.71 30.79
CA GLY B 583 -38.48 -2.88 31.97
C GLY B 583 -37.94 -3.61 33.19
N GLU B 584 -38.41 -4.82 33.45
CA GLU B 584 -37.92 -5.65 34.54
C GLU B 584 -36.41 -5.88 34.41
N LEU B 585 -35.95 -6.24 33.21
CA LEU B 585 -34.55 -6.48 32.94
C LEU B 585 -33.70 -5.22 33.07
N ALA B 586 -34.15 -4.08 32.55
CA ALA B 586 -33.45 -2.82 32.69
C ALA B 586 -33.35 -2.42 34.15
N GLU B 587 -34.43 -2.53 34.92
CA GLU B 587 -34.37 -2.26 36.35
C GLU B 587 -33.39 -3.20 37.04
N ARG B 588 -33.52 -4.51 36.83
CA ARG B 588 -32.62 -5.52 37.42
C ARG B 588 -31.17 -5.21 37.10
N ALA B 589 -30.87 -4.84 35.86
CA ALA B 589 -29.56 -4.41 35.44
C ALA B 589 -29.11 -3.13 36.13
N LEU B 590 -29.94 -2.09 36.18
CA LEU B 590 -29.59 -0.83 36.81
C LEU B 590 -29.44 -0.95 38.32
N ARG B 591 -30.16 -1.86 38.98
CA ARG B 591 -29.94 -2.22 40.39
C ARG B 591 -28.58 -2.87 40.56
N ILE B 592 -28.23 -3.83 39.70
CA ILE B 592 -26.89 -4.40 39.71
C ILE B 592 -25.86 -3.31 39.48
N ALA B 593 -26.06 -2.42 38.54
CA ALA B 593 -25.15 -1.33 38.28
C ALA B 593 -24.92 -0.47 39.53
N GLY B 594 -25.98 -0.14 40.25
CA GLY B 594 -25.87 0.67 41.45
C GLY B 594 -25.13 -0.09 42.55
N GLY B 595 -25.43 -1.37 42.71
CA GLY B 595 -24.68 -2.25 43.57
C GLY B 595 -23.21 -2.34 43.17
N LEU B 596 -22.87 -2.25 41.89
CA LEU B 596 -21.49 -2.30 41.45
C LEU B 596 -20.77 -0.98 41.72
N ARG B 597 -21.39 0.17 41.45
CA ARG B 597 -20.80 1.46 41.83
C ARG B 597 -20.63 1.58 43.33
N GLU B 598 -21.58 1.06 44.11
CA GLU B 598 -21.46 0.92 45.55
C GLU B 598 -20.31 -0.02 45.96
N ALA B 599 -20.07 -1.08 45.19
CA ALA B 599 -18.95 -2.01 45.34
C ALA B 599 -17.62 -1.56 44.68
N GLY B 600 -17.49 -0.28 44.33
CA GLY B 600 -16.22 0.31 43.89
C GLY B 600 -15.86 0.09 42.42
N VAL B 601 -16.73 -0.55 41.65
CA VAL B 601 -16.61 -0.64 40.20
C VAL B 601 -16.88 0.72 39.57
N ARG B 602 -16.18 1.04 38.49
CA ARG B 602 -16.26 2.35 37.83
C ARG B 602 -15.87 2.26 36.35
N PRO B 603 -16.24 3.23 35.51
CA PRO B 603 -16.08 3.19 34.06
C PRO B 603 -14.77 2.62 33.56
N GLY B 604 -14.88 1.68 32.61
CA GLY B 604 -13.80 0.92 31.96
C GLY B 604 -12.93 0.05 32.87
N ASP B 605 -13.10 0.12 34.19
CA ASP B 605 -12.68 -0.97 35.05
C ASP B 605 -13.51 -2.23 34.75
N ALA B 606 -13.02 -3.43 35.05
CA ALA B 606 -13.59 -4.67 34.53
C ALA B 606 -14.20 -5.54 35.61
N VAL B 607 -15.24 -6.29 35.27
CA VAL B 607 -16.00 -7.09 36.23
C VAL B 607 -16.26 -8.45 35.67
N GLU B 608 -15.83 -9.50 36.35
CA GLU B 608 -16.14 -10.85 35.95
C GLU B 608 -17.63 -11.12 36.13
N VAL B 609 -18.23 -11.82 35.19
CA VAL B 609 -19.58 -12.34 35.34
C VAL B 609 -19.54 -13.84 35.17
N SER B 610 -20.01 -14.57 36.17
CA SER B 610 -19.80 -16.01 36.31
C SER B 610 -21.04 -16.66 36.88
N LEU B 611 -22.14 -16.57 36.14
CA LEU B 611 -23.46 -16.93 36.62
C LEU B 611 -24.03 -18.03 35.76
N PRO B 612 -24.83 -18.94 36.32
CA PRO B 612 -25.57 -19.91 35.53
C PRO B 612 -26.45 -19.20 34.52
N ARG B 613 -26.57 -19.77 33.31
CA ARG B 613 -27.27 -19.18 32.19
C ARG B 613 -28.75 -18.96 32.52
N GLY B 614 -29.20 -17.71 32.49
CA GLY B 614 -30.53 -17.30 32.94
C GLY B 614 -30.62 -15.81 33.19
N PRO B 615 -31.81 -15.25 33.45
CA PRO B 615 -32.01 -13.81 33.49
C PRO B 615 -31.08 -13.05 34.40
N GLN B 616 -30.73 -13.57 35.57
CA GLN B 616 -29.77 -12.90 36.46
C GLN B 616 -28.40 -12.69 35.80
N GLN B 617 -27.96 -13.59 34.93
CA GLN B 617 -26.75 -13.43 34.13
C GLN B 617 -26.87 -12.26 33.15
N VAL B 618 -27.96 -12.22 32.39
CA VAL B 618 -28.23 -11.16 31.44
C VAL B 618 -28.37 -9.81 32.14
N ALA B 619 -29.12 -9.76 33.23
CA ALA B 619 -29.20 -8.59 34.07
C ALA B 619 -27.82 -8.16 34.57
N ALA B 620 -26.96 -9.10 34.99
CA ALA B 620 -25.62 -8.76 35.45
C ALA B 620 -24.73 -8.18 34.38
N VAL B 621 -24.68 -8.72 33.17
CA VAL B 621 -23.83 -8.13 32.13
C VAL B 621 -24.33 -6.75 31.74
N PHE B 622 -25.63 -6.57 31.54
CA PHE B 622 -26.17 -5.23 31.38
C PHE B 622 -25.86 -4.35 32.59
N GLY B 623 -25.92 -4.87 33.81
CA GLY B 623 -25.60 -4.11 35.01
C GLY B 623 -24.13 -3.72 35.10
N VAL B 624 -23.22 -4.58 34.63
CA VAL B 624 -21.80 -4.26 34.56
C VAL B 624 -21.59 -3.15 33.58
N LEU B 625 -22.11 -3.33 32.38
CA LEU B 625 -22.02 -2.32 31.34
C LEU B 625 -22.69 -1.02 31.76
N ALA B 626 -23.81 -1.07 32.45
CA ALA B 626 -24.50 0.10 32.94
C ALA B 626 -23.79 0.73 34.14
N ALA B 627 -22.99 -0.01 34.91
CA ALA B 627 -22.02 0.55 35.85
C ALA B 627 -20.84 1.21 35.15
N GLY B 628 -20.81 1.16 33.82
CA GLY B 628 -19.71 1.65 33.02
C GLY B 628 -18.58 0.63 32.83
N ALA B 629 -18.67 -0.54 33.43
CA ALA B 629 -17.57 -1.47 33.46
C ALA B 629 -17.54 -2.38 32.24
N CYS B 630 -16.40 -2.98 32.03
CA CYS B 630 -16.19 -4.00 31.03
C CYS B 630 -16.49 -5.37 31.60
N TYR B 631 -17.46 -6.11 31.09
CA TYR B 631 -17.75 -7.42 31.66
C TYR B 631 -16.81 -8.49 31.16
N VAL B 632 -16.35 -9.36 32.04
CA VAL B 632 -15.37 -10.40 31.76
C VAL B 632 -16.08 -11.72 31.95
N PRO B 633 -16.89 -12.19 31.02
CA PRO B 633 -17.69 -13.36 31.26
C PRO B 633 -16.81 -14.58 31.41
N LEU B 634 -17.25 -15.50 32.26
CA LEU B 634 -16.76 -16.85 32.37
C LEU B 634 -17.92 -17.78 32.63
N ASP B 635 -17.87 -19.01 32.16
CA ASP B 635 -18.83 -20.03 32.58
C ASP B 635 -18.72 -20.22 34.11
N ILE B 636 -19.83 -20.50 34.78
CA ILE B 636 -19.78 -20.93 36.18
C ILE B 636 -19.04 -22.28 36.29
N ASP B 637 -19.08 -23.11 35.24
CA ASP B 637 -18.28 -24.33 35.09
C ASP B 637 -16.77 -24.10 34.88
N GLN B 638 -16.32 -22.87 34.65
CA GLN B 638 -14.88 -22.58 34.48
C GLN B 638 -14.13 -22.93 35.78
N PRO B 639 -13.12 -23.83 35.76
CA PRO B 639 -12.62 -24.46 36.98
C PRO B 639 -11.63 -23.59 37.76
N PRO B 640 -11.50 -23.78 39.09
CA PRO B 640 -10.99 -22.75 39.98
C PRO B 640 -9.59 -22.26 39.67
N ALA B 641 -8.61 -23.12 39.38
CA ALA B 641 -7.26 -22.65 39.05
C ALA B 641 -7.25 -21.84 37.76
N ARG B 642 -7.99 -22.26 36.74
CA ARG B 642 -8.14 -21.51 35.49
C ARG B 642 -8.83 -20.18 35.70
N ARG B 643 -9.90 -20.17 36.49
CA ARG B 643 -10.57 -18.95 36.90
C ARG B 643 -9.58 -18.02 37.59
N ARG B 644 -8.73 -18.51 38.49
CA ARG B 644 -7.69 -17.68 39.11
C ARG B 644 -6.68 -17.15 38.09
N LEU B 645 -6.28 -17.91 37.06
CA LEU B 645 -5.45 -17.34 35.99
C LEU B 645 -6.14 -16.16 35.31
N ILE B 646 -7.44 -16.28 35.05
CA ILE B 646 -8.21 -15.24 34.38
C ILE B 646 -8.43 -14.05 35.31
N GLU B 647 -8.88 -14.25 36.54
CA GLU B 647 -9.04 -13.20 37.52
C GLU B 647 -7.73 -12.45 37.77
N GLU B 648 -6.60 -13.14 37.76
CA GLU B 648 -5.29 -12.55 37.88
C GLU B 648 -4.92 -11.75 36.63
N ALA B 649 -5.06 -12.34 35.44
CA ALA B 649 -4.69 -11.72 34.19
C ALA B 649 -5.61 -10.55 33.81
N ALA B 650 -6.90 -10.63 34.09
CA ALA B 650 -7.87 -9.59 33.76
C ALA B 650 -7.68 -8.31 34.57
N GLY B 651 -6.97 -8.39 35.69
CA GLY B 651 -6.86 -7.26 36.64
C GLY B 651 -8.24 -6.83 37.14
N VAL B 652 -9.11 -7.81 37.36
CA VAL B 652 -10.55 -7.61 37.43
C VAL B 652 -10.94 -6.98 38.77
N CYS B 653 -11.76 -5.94 38.74
CA CYS B 653 -12.11 -5.15 39.93
C CYS B 653 -12.95 -5.96 40.92
N LEU B 654 -13.79 -6.84 40.37
CA LEU B 654 -14.89 -7.52 41.06
C LEU B 654 -15.33 -8.74 40.26
N ALA B 655 -15.95 -9.75 40.86
CA ALA B 655 -16.59 -10.84 40.14
C ALA B 655 -18.03 -11.03 40.60
N ILE B 656 -18.95 -11.36 39.71
CA ILE B 656 -20.36 -11.58 40.02
C ILE B 656 -20.66 -13.06 39.83
N THR B 657 -21.12 -13.75 40.87
CA THR B 657 -20.97 -15.22 40.88
C THR B 657 -21.99 -15.96 41.76
N GLU B 658 -23.02 -15.29 42.29
CA GLU B 658 -23.94 -15.85 43.31
C GLU B 658 -23.31 -16.09 44.69
N GLU B 659 -22.08 -16.58 44.74
CA GLU B 659 -21.21 -16.54 45.90
C GLU B 659 -20.92 -15.09 46.31
N ASP B 660 -21.12 -14.76 47.58
CA ASP B 660 -20.48 -13.60 48.19
C ASP B 660 -19.17 -14.05 48.84
N ASP B 661 -18.05 -13.44 48.43
CA ASP B 661 -16.77 -13.57 49.09
C ASP B 661 -15.91 -12.33 48.83
N PRO B 662 -16.02 -11.28 49.64
CA PRO B 662 -15.19 -10.08 49.52
C PRO B 662 -13.69 -10.34 49.74
N GLN B 663 -13.29 -11.54 50.14
CA GLN B 663 -11.90 -11.93 50.36
C GLN B 663 -11.37 -12.92 49.30
N ALA B 664 -12.12 -13.19 48.24
CA ALA B 664 -11.60 -13.87 47.04
C ALA B 664 -10.52 -13.03 46.32
N LEU B 665 -9.88 -13.61 45.29
CA LEU B 665 -8.81 -12.98 44.51
C LEU B 665 -9.27 -11.61 43.99
N PRO B 666 -10.35 -11.50 43.22
CA PRO B 666 -11.18 -10.29 43.18
C PRO B 666 -12.25 -10.41 44.29
N PRO B 667 -12.81 -9.32 44.83
CA PRO B 667 -14.01 -9.45 45.65
C PRO B 667 -15.11 -10.07 44.79
N ARG B 668 -15.75 -11.14 45.28
CA ARG B 668 -16.76 -11.91 44.56
C ARG B 668 -18.13 -11.68 45.15
N LEU B 669 -19.15 -11.48 44.32
CA LEU B 669 -20.43 -10.94 44.73
C LEU B 669 -21.62 -11.77 44.27
N ASP B 670 -22.60 -11.83 45.16
CA ASP B 670 -23.90 -12.39 44.84
C ASP B 670 -24.71 -11.44 43.96
N VAL B 671 -25.06 -11.92 42.78
CA VAL B 671 -25.98 -11.18 41.91
C VAL B 671 -27.30 -10.91 42.62
N GLN B 672 -27.81 -11.82 43.44
CA GLN B 672 -29.03 -11.62 44.19
C GLN B 672 -28.91 -10.48 45.21
N ARG B 673 -27.72 -10.21 45.73
CA ARG B 673 -27.48 -9.03 46.57
C ARG B 673 -27.29 -7.78 45.75
N LEU B 674 -26.63 -7.85 44.61
CA LEU B 674 -26.56 -6.70 43.71
C LEU B 674 -27.96 -6.31 43.20
N LEU B 675 -28.88 -7.27 43.09
CA LEU B 675 -30.30 -7.04 42.79
C LEU B 675 -31.10 -6.44 43.96
N ARG B 676 -30.60 -6.43 45.20
CA ARG B 676 -31.10 -5.56 46.28
C ARG B 676 -30.60 -4.12 46.16
N GLY B 677 -29.60 -3.85 45.33
CA GLY B 677 -29.02 -2.52 45.19
C GLY B 677 -30.02 -1.47 44.73
N PRO B 678 -29.78 -0.19 45.01
CA PRO B 678 -30.53 0.90 44.43
C PRO B 678 -30.28 0.95 42.91
N ALA B 679 -31.32 1.17 42.12
CA ALA B 679 -31.14 1.35 40.69
C ALA B 679 -30.37 2.64 40.42
N LEU B 680 -29.37 2.61 39.53
CA LEU B 680 -28.95 3.82 38.85
C LEU B 680 -30.11 4.35 38.00
N ALA B 681 -30.30 5.66 37.94
CA ALA B 681 -31.38 6.24 37.14
C ALA B 681 -31.13 6.11 35.63
N ALA B 682 -29.88 5.97 35.23
CA ALA B 682 -29.46 5.67 33.86
C ALA B 682 -28.16 4.85 33.91
N PRO B 683 -27.83 4.12 32.83
CA PRO B 683 -26.48 3.61 32.63
C PRO B 683 -25.46 4.76 32.68
N VAL B 684 -24.27 4.51 33.19
CA VAL B 684 -23.18 5.50 33.21
C VAL B 684 -22.77 5.85 31.79
N PRO B 685 -22.67 7.13 31.41
CA PRO B 685 -22.23 7.52 30.07
C PRO B 685 -20.81 7.02 29.79
N LEU B 686 -20.72 6.02 28.94
CA LEU B 686 -19.49 5.51 28.36
C LEU B 686 -19.33 6.01 26.95
N ALA B 687 -18.17 6.54 26.63
CA ALA B 687 -17.81 6.79 25.25
C ALA B 687 -17.63 5.45 24.51
N PRO B 688 -17.87 5.39 23.20
CA PRO B 688 -18.00 4.12 22.50
C PRO B 688 -16.75 3.27 22.56
N GLN B 689 -15.57 3.86 22.57
CA GLN B 689 -14.35 3.11 22.72
C GLN B 689 -13.99 2.46 24.07
N ALA B 690 -14.78 2.64 25.13
CA ALA B 690 -14.50 1.98 26.40
C ALA B 690 -14.55 0.47 26.23
N SER B 691 -13.78 -0.26 27.02
CA SER B 691 -13.83 -1.72 27.06
C SER B 691 -15.23 -2.19 27.43
N ALA B 692 -15.84 -3.05 26.63
CA ALA B 692 -17.22 -3.46 26.77
C ALA B 692 -17.33 -4.88 27.25
N TYR B 693 -16.74 -5.81 26.51
CA TYR B 693 -16.58 -7.17 26.97
C TYR B 693 -15.14 -7.58 26.86
N VAL B 694 -14.65 -8.39 27.78
CA VAL B 694 -13.34 -9.01 27.69
C VAL B 694 -13.58 -10.49 27.65
N ILE B 695 -13.76 -11.10 26.49
CA ILE B 695 -13.99 -12.53 26.45
C ILE B 695 -12.68 -13.27 26.50
N TYR B 696 -12.54 -14.10 27.53
CA TYR B 696 -11.37 -14.91 27.76
C TYR B 696 -11.35 -16.12 26.86
N THR B 697 -10.82 -15.91 25.67
CA THR B 697 -10.49 -17.02 24.79
C THR B 697 -9.38 -17.84 25.40
N SER B 698 -9.38 -19.15 25.11
CA SER B 698 -8.21 -20.00 25.30
C SER B 698 -6.94 -19.37 24.73
N GLY B 699 -5.80 -19.58 25.39
CA GLY B 699 -4.54 -18.88 25.14
C GLY B 699 -3.31 -19.79 25.17
N SER B 700 -2.47 -19.74 24.15
CA SER B 700 -1.53 -20.82 23.82
C SER B 700 -0.42 -21.08 24.84
N THR B 701 0.00 -20.10 25.65
CA THR B 701 1.03 -20.35 26.67
C THR B 701 0.47 -21.04 27.92
N GLY B 702 -0.81 -21.41 27.93
CA GLY B 702 -1.49 -21.93 29.12
C GLY B 702 -2.28 -20.87 29.87
N VAL B 703 -1.79 -19.63 29.91
CA VAL B 703 -2.53 -18.50 30.46
C VAL B 703 -3.63 -18.14 29.47
N PRO B 704 -4.92 -18.21 29.83
CA PRO B 704 -6.01 -17.79 28.95
C PRO B 704 -5.93 -16.30 28.67
N LYS B 705 -6.49 -15.86 27.56
CA LYS B 705 -6.26 -14.50 27.06
C LYS B 705 -7.51 -13.68 26.93
N GLY B 706 -7.54 -12.50 27.52
CA GLY B 706 -8.77 -11.72 27.59
C GLY B 706 -8.87 -10.86 26.37
N VAL B 707 -9.88 -11.04 25.52
CA VAL B 707 -10.03 -10.26 24.31
C VAL B 707 -10.85 -9.03 24.60
N GLU B 708 -10.22 -7.89 24.81
CA GLU B 708 -10.87 -6.65 25.24
C GLU B 708 -11.50 -5.92 24.06
N VAL B 709 -12.83 -5.95 23.95
CA VAL B 709 -13.56 -5.41 22.81
C VAL B 709 -14.24 -4.12 23.21
N SER B 710 -14.03 -3.04 22.48
CA SER B 710 -14.72 -1.79 22.79
C SER B 710 -16.18 -1.88 22.43
N HIS B 711 -17.01 -0.99 22.98
CA HIS B 711 -18.40 -0.92 22.55
C HIS B 711 -18.48 -0.62 21.08
N ALA B 712 -17.70 0.35 20.60
CA ALA B 712 -17.61 0.68 19.19
C ALA B 712 -17.34 -0.56 18.37
N ALA B 713 -16.36 -1.36 18.74
CA ALA B 713 -16.01 -2.57 18.02
C ALA B 713 -17.16 -3.58 18.04
N ALA B 714 -17.70 -3.87 19.21
CA ALA B 714 -18.78 -4.82 19.36
C ALA B 714 -20.01 -4.37 18.57
N ILE B 715 -20.39 -3.11 18.73
CA ILE B 715 -21.57 -2.56 18.11
C ILE B 715 -21.40 -2.37 16.61
N ASN B 716 -20.18 -2.23 16.10
CA ASN B 716 -19.98 -2.25 14.66
C ASN B 716 -20.30 -3.60 14.06
N THR B 717 -19.89 -4.69 14.69
CA THR B 717 -20.37 -5.99 14.25
C THR B 717 -21.88 -6.09 14.41
N ILE B 718 -22.39 -5.75 15.59
CA ILE B 718 -23.81 -5.94 15.88
C ILE B 718 -24.65 -5.13 14.91
N ASP B 719 -24.42 -3.84 14.71
CA ASP B 719 -25.18 -3.06 13.75
C ASP B 719 -25.09 -3.62 12.34
N ALA B 720 -23.88 -3.96 11.89
CA ALA B 720 -23.68 -4.51 10.57
C ALA B 720 -24.53 -5.74 10.36
N LEU B 721 -24.80 -6.51 11.42
CA LEU B 721 -25.61 -7.71 11.36
C LEU B 721 -27.08 -7.52 11.72
N LEU B 722 -27.44 -6.67 12.66
CA LEU B 722 -28.82 -6.30 12.93
C LEU B 722 -29.44 -5.74 11.67
N ASP B 723 -28.76 -4.80 11.03
CA ASP B 723 -29.22 -4.17 9.80
C ASP B 723 -29.19 -5.11 8.59
N LEU B 724 -28.80 -6.38 8.78
CA LEU B 724 -28.83 -7.41 7.74
C LEU B 724 -29.85 -8.50 8.04
N LEU B 725 -29.90 -8.99 9.27
CA LEU B 725 -30.98 -9.84 9.77
C LEU B 725 -32.33 -9.12 9.86
N ARG B 726 -32.33 -7.78 9.83
CA ARG B 726 -33.51 -6.93 10.04
C ARG B 726 -34.22 -7.28 11.35
N VAL B 727 -33.43 -7.46 12.42
CA VAL B 727 -33.95 -7.85 13.74
C VAL B 727 -34.93 -6.81 14.26
N ASN B 728 -36.08 -7.24 14.78
CA ASN B 728 -37.14 -6.34 15.23
C ASN B 728 -37.87 -6.90 16.46
N ALA B 729 -38.73 -6.10 17.10
CA ALA B 729 -39.39 -6.47 18.35
C ALA B 729 -40.15 -7.81 18.31
N SER B 730 -40.66 -8.25 17.17
CA SER B 730 -41.35 -9.54 17.04
C SER B 730 -40.40 -10.74 17.09
N ASP B 731 -39.11 -10.54 16.79
CA ASP B 731 -38.13 -11.62 16.78
C ASP B 731 -37.84 -12.14 18.18
N ARG B 732 -37.47 -13.41 18.26
CA ARG B 732 -36.87 -14.01 19.45
C ARG B 732 -35.67 -14.84 19.07
N LEU B 733 -34.59 -14.72 19.83
CA LEU B 733 -33.30 -15.38 19.61
C LEU B 733 -33.14 -16.52 20.60
N LEU B 734 -32.71 -17.71 20.21
CA LEU B 734 -32.28 -18.69 21.19
C LEU B 734 -30.80 -18.51 21.48
N ALA B 735 -30.47 -17.96 22.63
CA ALA B 735 -29.11 -17.78 23.09
C ALA B 735 -28.47 -19.10 23.57
N VAL B 736 -28.32 -20.08 22.68
CA VAL B 736 -27.49 -21.26 22.93
C VAL B 736 -26.01 -20.89 23.09
N SER B 737 -25.62 -19.71 22.64
CA SER B 737 -24.31 -19.12 22.89
C SER B 737 -24.02 -19.05 24.40
N ALA B 738 -22.99 -19.73 24.88
CA ALA B 738 -22.48 -19.54 26.22
C ALA B 738 -21.98 -18.10 26.41
N LEU B 739 -22.06 -17.52 27.60
CA LEU B 739 -21.70 -16.12 27.80
C LEU B 739 -20.22 -15.82 27.56
N ASP B 740 -19.33 -16.76 27.85
CA ASP B 740 -17.89 -16.61 27.58
C ASP B 740 -17.50 -17.01 26.16
N PHE B 741 -18.48 -17.22 25.28
CA PHE B 741 -18.31 -17.43 23.84
C PHE B 741 -19.07 -16.32 23.12
N ASP B 742 -18.37 -15.45 22.41
CA ASP B 742 -18.90 -14.10 22.21
C ASP B 742 -20.05 -13.94 21.20
N LEU B 743 -20.48 -15.01 20.52
CA LEU B 743 -21.77 -15.01 19.83
C LEU B 743 -22.89 -14.54 20.74
N SER B 744 -22.77 -14.86 22.03
CA SER B 744 -23.68 -14.41 23.05
C SER B 744 -23.75 -12.90 23.10
N VAL B 745 -22.66 -12.16 22.87
CA VAL B 745 -22.66 -10.70 22.84
C VAL B 745 -23.64 -10.18 21.79
N PHE B 746 -23.77 -10.86 20.65
CA PHE B 746 -24.80 -10.47 19.72
C PHE B 746 -26.19 -10.83 20.23
N ASP B 747 -26.39 -12.02 20.77
CA ASP B 747 -27.71 -12.36 21.29
C ASP B 747 -28.13 -11.30 22.31
N LEU B 748 -27.22 -11.06 23.24
CA LEU B 748 -27.35 -10.19 24.37
C LEU B 748 -27.58 -8.74 23.94
N PHE B 749 -26.65 -8.09 23.25
CA PHE B 749 -26.76 -6.66 22.94
C PHE B 749 -27.26 -6.35 21.55
N GLY B 750 -27.14 -7.29 20.63
CA GLY B 750 -27.83 -7.20 19.35
C GLY B 750 -29.29 -7.48 19.51
N GLY B 751 -29.65 -8.68 19.97
CA GLY B 751 -31.04 -9.09 20.12
C GLY B 751 -31.83 -8.10 20.96
N LEU B 752 -31.41 -7.85 22.20
CA LEU B 752 -32.10 -6.88 23.03
C LEU B 752 -31.88 -5.43 22.62
N GLY B 753 -30.85 -5.11 21.85
CA GLY B 753 -30.68 -3.76 21.31
C GLY B 753 -31.70 -3.43 20.22
N ALA B 754 -32.00 -4.39 19.36
CA ALA B 754 -33.16 -4.33 18.47
C ALA B 754 -34.48 -4.62 19.20
N GLY B 755 -34.44 -5.03 20.47
CA GLY B 755 -35.62 -5.31 21.28
C GLY B 755 -36.30 -6.65 20.98
N ALA B 756 -35.71 -7.48 20.15
CA ALA B 756 -36.07 -8.87 20.05
C ALA B 756 -35.83 -9.57 21.40
N SER B 757 -36.66 -10.55 21.74
CA SER B 757 -36.51 -11.27 22.99
C SER B 757 -35.38 -12.29 22.92
N LEU B 758 -34.75 -12.65 24.04
CA LEU B 758 -33.84 -13.78 24.11
C LEU B 758 -34.50 -14.92 24.85
N VAL B 759 -34.63 -16.04 24.19
CA VAL B 759 -34.86 -17.29 24.84
C VAL B 759 -33.52 -17.74 25.39
N LEU B 760 -33.43 -17.96 26.68
CA LEU B 760 -32.21 -18.46 27.31
C LEU B 760 -32.41 -19.94 27.66
N PRO B 761 -31.48 -20.84 27.32
CA PRO B 761 -31.40 -22.13 27.97
C PRO B 761 -31.03 -21.96 29.44
N ALA B 762 -31.52 -22.84 30.31
CA ALA B 762 -30.95 -23.00 31.65
C ALA B 762 -29.49 -23.49 31.57
N GLN B 763 -28.70 -23.35 32.63
CA GLN B 763 -27.42 -24.07 32.73
C GLN B 763 -27.62 -25.59 32.57
N GLU B 764 -28.77 -26.10 33.03
CA GLU B 764 -29.19 -27.51 32.85
C GLU B 764 -29.39 -27.90 31.38
N GLN B 765 -29.47 -26.92 30.48
CA GLN B 765 -29.81 -27.07 29.06
C GLN B 765 -28.71 -26.53 28.15
N ALA B 766 -27.49 -26.38 28.68
CA ALA B 766 -26.36 -25.76 28.00
C ALA B 766 -25.91 -26.45 26.71
N ARG B 767 -26.28 -27.73 26.52
CA ARG B 767 -25.99 -28.56 25.35
C ARG B 767 -27.18 -29.39 24.91
N ASP B 768 -28.38 -29.07 25.40
CA ASP B 768 -29.56 -29.93 25.25
C ASP B 768 -30.41 -29.53 24.05
N ALA B 769 -30.23 -30.24 22.94
CA ALA B 769 -31.03 -30.07 21.75
C ALA B 769 -32.54 -30.17 22.00
N ALA B 770 -33.00 -31.07 22.87
CA ALA B 770 -34.43 -31.24 23.11
C ALA B 770 -34.98 -30.05 23.86
N ALA B 771 -34.26 -29.50 24.83
CA ALA B 771 -34.64 -28.24 25.45
C ALA B 771 -34.68 -27.10 24.45
N TRP B 772 -33.70 -27.00 23.54
CA TRP B 772 -33.73 -25.97 22.51
C TRP B 772 -34.92 -26.15 21.59
N ALA B 773 -35.24 -27.38 21.18
CA ALA B 773 -36.39 -27.67 20.36
C ALA B 773 -37.70 -27.31 21.04
N GLU B 774 -37.87 -27.68 22.30
CA GLU B 774 -39.00 -27.23 23.10
C GLU B 774 -39.00 -25.70 23.16
N ALA B 775 -37.92 -25.07 23.55
CA ALA B 775 -37.86 -23.62 23.72
C ALA B 775 -38.16 -22.87 22.43
N ILE B 776 -37.68 -23.36 21.29
CA ILE B 776 -37.92 -22.78 19.97
C ILE B 776 -39.38 -22.94 19.58
N GLN B 777 -39.93 -24.14 19.69
CA GLN B 777 -41.31 -24.40 19.30
C GLN B 777 -42.31 -23.73 20.25
N ARG B 778 -41.95 -23.55 21.52
CA ARG B 778 -42.73 -22.94 22.59
C ARG B 778 -42.77 -21.42 22.51
N HIS B 779 -41.63 -20.78 22.28
CA HIS B 779 -41.53 -19.32 22.15
C HIS B 779 -41.48 -18.83 20.70
N ALA B 780 -41.72 -19.71 19.73
CA ALA B 780 -41.67 -19.45 18.30
C ALA B 780 -40.43 -18.64 17.91
N VAL B 781 -39.26 -19.13 18.29
CA VAL B 781 -37.98 -18.45 18.07
C VAL B 781 -37.77 -18.22 16.59
N SER B 782 -37.42 -16.99 16.23
CA SER B 782 -37.19 -16.59 14.85
C SER B 782 -35.72 -16.59 14.49
N LEU B 783 -34.83 -16.33 15.45
CA LEU B 783 -33.41 -16.16 15.21
C LEU B 783 -32.60 -17.20 15.95
N TRP B 784 -31.74 -17.89 15.24
CA TRP B 784 -30.79 -18.81 15.84
C TRP B 784 -29.41 -18.23 15.69
N ASN B 785 -28.54 -18.50 16.66
CA ASN B 785 -27.17 -18.08 16.61
C ASN B 785 -26.29 -19.09 17.34
N SER B 786 -25.30 -19.69 16.68
CA SER B 786 -24.40 -20.62 17.36
C SER B 786 -23.13 -20.93 16.60
N ALA B 787 -22.23 -21.68 17.25
CA ALA B 787 -21.33 -22.52 16.48
C ALA B 787 -22.13 -23.61 15.78
N PRO B 788 -21.84 -24.01 14.55
CA PRO B 788 -22.58 -25.03 13.85
C PRO B 788 -22.61 -26.38 14.55
N ALA B 789 -21.64 -26.71 15.41
CA ALA B 789 -21.73 -27.91 16.24
C ALA B 789 -23.05 -27.95 17.04
N LEU B 790 -23.47 -26.82 17.59
CA LEU B 790 -24.73 -26.70 18.32
C LEU B 790 -25.94 -26.85 17.42
N LEU B 791 -25.93 -26.30 16.21
CA LEU B 791 -27.08 -26.42 15.32
C LEU B 791 -27.15 -27.80 14.66
N GLU B 792 -26.04 -28.41 14.27
CA GLU B 792 -26.03 -29.80 13.80
C GLU B 792 -26.59 -30.74 14.85
N MET B 793 -26.22 -30.51 16.12
CA MET B 793 -26.83 -31.18 17.25
C MET B 793 -28.34 -30.93 17.29
N ALA B 794 -28.78 -29.68 17.20
CA ALA B 794 -30.20 -29.35 17.16
C ALA B 794 -30.95 -30.03 16.00
N LEU B 795 -30.34 -30.11 14.82
CA LEU B 795 -30.90 -30.72 13.63
C LEU B 795 -30.83 -32.24 13.65
N SER B 796 -30.00 -32.85 14.51
CA SER B 796 -29.97 -34.29 14.70
C SER B 796 -31.25 -34.83 15.37
N LEU B 797 -32.01 -33.99 16.09
CA LEU B 797 -33.40 -34.30 16.41
C LEU B 797 -34.24 -34.32 15.12
N PRO B 798 -35.10 -35.31 14.88
CA PRO B 798 -35.97 -35.33 13.70
C PRO B 798 -36.94 -34.15 13.64
N ALA B 799 -37.42 -33.82 12.44
CA ALA B 799 -38.37 -32.73 12.23
C ALA B 799 -39.71 -32.91 12.97
N SER B 800 -40.12 -34.15 13.21
CA SER B 800 -41.29 -34.46 14.01
C SER B 800 -41.08 -34.17 15.50
N GLN B 801 -39.85 -34.28 15.98
CA GLN B 801 -39.49 -34.08 17.38
C GLN B 801 -39.08 -32.64 17.71
N ALA B 802 -38.58 -31.91 16.72
CA ALA B 802 -38.01 -30.58 16.87
C ALA B 802 -38.37 -29.71 15.66
N ASP B 803 -39.47 -28.98 15.77
CA ASP B 803 -39.97 -28.06 14.76
C ASP B 803 -39.27 -26.71 14.86
N TYR B 804 -38.54 -26.35 13.82
CA TYR B 804 -37.89 -25.05 13.71
C TYR B 804 -38.55 -24.15 12.68
N ARG B 805 -39.77 -24.44 12.21
CA ARG B 805 -40.39 -23.63 11.14
C ARG B 805 -40.62 -22.17 11.55
N SER B 806 -40.57 -21.83 12.84
CA SER B 806 -40.61 -20.44 13.30
C SER B 806 -39.34 -19.65 12.97
N LEU B 807 -38.25 -20.35 12.70
CA LEU B 807 -36.88 -19.83 12.71
C LEU B 807 -36.52 -19.07 11.42
N ARG B 808 -37.00 -17.83 11.36
CA ARG B 808 -36.84 -16.85 10.29
C ARG B 808 -35.43 -16.75 9.71
N ALA B 809 -34.39 -16.71 10.52
CA ALA B 809 -33.02 -16.57 10.04
C ALA B 809 -32.01 -17.13 11.02
N VAL B 810 -30.86 -17.55 10.52
CA VAL B 810 -29.91 -18.36 11.29
C VAL B 810 -28.52 -17.81 11.12
N LEU B 811 -27.79 -17.66 12.21
CA LEU B 811 -26.38 -17.33 12.21
C LEU B 811 -25.59 -18.56 12.61
N LEU B 812 -24.61 -18.93 11.82
CA LEU B 812 -23.68 -19.99 12.15
C LEU B 812 -22.27 -19.48 12.06
N SER B 813 -21.43 -19.87 13.00
CA SER B 813 -20.31 -19.03 13.36
C SER B 813 -19.15 -19.84 13.88
N GLY B 814 -17.94 -19.32 13.78
CA GLY B 814 -16.90 -19.68 14.73
C GLY B 814 -16.37 -21.08 14.62
N ASP B 815 -16.85 -21.89 13.68
CA ASP B 815 -16.41 -23.24 13.41
C ASP B 815 -16.94 -23.63 12.02
N TRP B 816 -16.38 -24.68 11.42
CA TRP B 816 -16.75 -25.13 10.09
C TRP B 816 -18.22 -25.50 10.00
N VAL B 817 -18.95 -24.78 9.15
CA VAL B 817 -20.25 -25.24 8.67
C VAL B 817 -20.04 -26.33 7.63
N ALA B 818 -20.63 -27.51 7.83
CA ALA B 818 -20.60 -28.56 6.81
C ALA B 818 -21.44 -28.14 5.59
N LEU B 819 -21.02 -28.49 4.37
CA LEU B 819 -21.70 -28.05 3.15
C LEU B 819 -23.16 -28.50 3.07
N ASP B 820 -23.50 -29.61 3.70
CA ASP B 820 -24.86 -30.15 3.74
C ASP B 820 -25.67 -29.66 4.94
N LEU B 821 -25.13 -28.79 5.79
CA LEU B 821 -25.90 -28.14 6.87
C LEU B 821 -27.03 -27.26 6.33
N PRO B 822 -26.85 -26.33 5.37
CA PRO B 822 -27.98 -25.70 4.69
C PRO B 822 -28.92 -26.72 4.03
N GLY B 823 -28.41 -27.88 3.61
CA GLY B 823 -29.22 -29.01 3.14
C GLY B 823 -30.16 -29.55 4.22
N ARG B 824 -29.65 -29.76 5.44
CA ARG B 824 -30.48 -30.13 6.60
C ARG B 824 -31.38 -29.00 7.05
N LEU B 825 -30.90 -27.76 6.99
CA LEU B 825 -31.52 -26.64 7.68
C LEU B 825 -32.68 -25.98 6.91
N ARG B 826 -32.54 -25.75 5.61
CA ARG B 826 -33.60 -25.06 4.84
C ARG B 826 -34.96 -25.78 4.88
N PRO B 827 -35.07 -27.12 4.83
CA PRO B 827 -36.37 -27.77 5.00
C PRO B 827 -36.90 -27.77 6.45
N ARG B 828 -36.07 -27.42 7.44
CA ARG B 828 -36.41 -27.43 8.86
C ARG B 828 -36.82 -26.06 9.39
N CYS B 829 -36.07 -25.03 9.04
CA CYS B 829 -36.35 -23.67 9.48
C CYS B 829 -37.46 -23.02 8.66
N ALA B 830 -37.73 -21.74 8.88
CA ALA B 830 -38.84 -21.04 8.23
C ALA B 830 -38.71 -20.95 6.71
N GLU B 831 -39.82 -20.71 6.02
CA GLU B 831 -39.76 -20.13 4.67
C GLU B 831 -39.04 -18.76 4.74
N GLY B 832 -38.28 -18.43 3.71
CA GLY B 832 -37.32 -17.33 3.76
C GLY B 832 -36.18 -17.62 4.73
N CYS B 833 -35.68 -18.86 4.70
CA CYS B 833 -34.78 -19.49 5.68
C CYS B 833 -33.59 -18.68 6.19
N ARG B 834 -32.96 -17.86 5.32
CA ARG B 834 -31.85 -16.95 5.61
C ARG B 834 -30.80 -17.53 6.54
N LEU B 835 -30.19 -18.66 6.15
CA LEU B 835 -28.93 -19.02 6.77
C LEU B 835 -27.87 -17.99 6.37
N HIS B 836 -27.18 -17.46 7.35
CA HIS B 836 -25.92 -16.76 7.18
C HIS B 836 -24.85 -17.51 7.92
N VAL B 837 -23.75 -17.84 7.25
CA VAL B 837 -22.55 -18.36 7.89
C VAL B 837 -21.59 -17.22 8.03
N LEU B 838 -21.11 -16.97 9.22
CA LEU B 838 -20.32 -15.82 9.55
C LEU B 838 -18.93 -16.21 9.97
N GLY B 839 -17.98 -15.34 9.64
CA GLY B 839 -16.55 -15.57 9.80
C GLY B 839 -15.94 -14.77 10.95
N GLY B 840 -14.65 -14.95 11.18
CA GLY B 840 -13.86 -14.05 12.00
C GLY B 840 -13.76 -14.43 13.47
N ALA B 841 -12.67 -14.01 14.10
CA ALA B 841 -12.26 -14.48 15.42
C ALA B 841 -12.75 -13.59 16.57
N THR B 842 -12.71 -14.11 17.81
CA THR B 842 -13.08 -13.41 19.04
C THR B 842 -12.54 -12.01 19.08
N GLU B 843 -11.31 -11.91 18.63
CA GLU B 843 -10.51 -10.73 18.59
C GLU B 843 -10.98 -9.66 17.63
N ALA B 844 -12.00 -9.90 16.82
CA ALA B 844 -12.44 -8.99 15.78
C ALA B 844 -13.83 -8.39 16.02
N GLY B 845 -14.32 -8.42 17.26
CA GLY B 845 -15.75 -8.27 17.50
C GLY B 845 -16.48 -9.53 17.04
N ILE B 846 -17.78 -9.61 17.31
CA ILE B 846 -18.49 -10.89 17.35
C ILE B 846 -18.41 -11.69 16.03
N TRP B 847 -18.18 -11.06 14.88
CA TRP B 847 -17.98 -11.70 13.58
C TRP B 847 -17.34 -10.71 12.63
N SER B 848 -16.85 -11.19 11.50
CA SER B 848 -16.23 -10.32 10.53
C SER B 848 -16.55 -10.63 9.10
N ASN B 849 -17.34 -11.67 8.82
CA ASN B 849 -17.73 -12.03 7.48
C ASN B 849 -19.13 -12.55 7.49
N LEU B 850 -19.77 -12.56 6.34
CA LEU B 850 -21.08 -13.13 6.20
C LEU B 850 -21.22 -13.72 4.83
N GLN B 851 -21.22 -15.05 4.72
CA GLN B 851 -21.69 -15.73 3.55
C GLN B 851 -23.16 -16.08 3.77
N SER B 852 -24.08 -15.40 3.11
CA SER B 852 -25.46 -15.88 3.06
C SER B 852 -25.53 -17.19 2.29
N VAL B 853 -26.49 -18.07 2.61
CA VAL B 853 -26.57 -19.39 1.99
C VAL B 853 -28.02 -19.77 1.69
N ASP B 854 -28.57 -19.17 0.64
CA ASP B 854 -29.83 -19.63 0.05
C ASP B 854 -29.63 -20.99 -0.65
N THR B 855 -28.47 -21.23 -1.25
CA THR B 855 -28.02 -22.55 -1.70
C THR B 855 -26.51 -22.59 -1.77
N VAL B 856 -25.91 -23.77 -1.64
CA VAL B 856 -24.48 -23.99 -1.80
C VAL B 856 -24.19 -24.34 -3.26
N PRO B 857 -23.48 -23.50 -4.03
CA PRO B 857 -23.00 -23.89 -5.34
C PRO B 857 -21.91 -24.97 -5.16
N PRO B 858 -21.86 -25.97 -6.05
CA PRO B 858 -21.14 -27.21 -5.79
C PRO B 858 -19.61 -27.05 -5.68
N HIS B 859 -19.04 -25.95 -6.15
CA HIS B 859 -17.60 -25.73 -6.09
C HIS B 859 -17.09 -25.27 -4.71
N TRP B 860 -17.98 -24.87 -3.79
CA TRP B 860 -17.58 -24.62 -2.40
C TRP B 860 -17.05 -25.91 -1.77
N ARG B 861 -15.77 -25.95 -1.38
CA ARG B 861 -15.19 -27.07 -0.61
C ARG B 861 -15.53 -26.98 0.87
N SER B 862 -15.88 -25.78 1.31
CA SER B 862 -16.39 -25.38 2.62
C SER B 862 -17.27 -24.15 2.40
N ILE B 863 -18.19 -23.84 3.30
CA ILE B 863 -18.89 -22.56 3.17
C ILE B 863 -17.89 -21.45 3.47
N PRO B 864 -17.55 -20.59 2.50
CA PRO B 864 -16.48 -19.63 2.67
C PRO B 864 -16.84 -18.60 3.73
N TYR B 865 -15.85 -17.87 4.22
CA TYR B 865 -16.16 -16.56 4.77
C TYR B 865 -16.65 -15.72 3.59
N GLY B 866 -17.79 -15.07 3.71
CA GLY B 866 -18.31 -14.32 2.58
C GLY B 866 -17.54 -13.05 2.34
N ARG B 867 -18.23 -12.08 1.75
CA ARG B 867 -17.85 -10.68 1.92
C ARG B 867 -17.58 -10.40 3.41
N PRO B 868 -16.58 -9.59 3.77
CA PRO B 868 -16.47 -9.02 5.10
C PRO B 868 -17.76 -8.36 5.51
N LEU B 869 -18.10 -8.39 6.79
CA LEU B 869 -19.26 -7.64 7.28
C LEU B 869 -19.03 -6.14 7.10
N PRO B 870 -20.06 -5.33 6.85
CA PRO B 870 -19.93 -3.90 6.76
C PRO B 870 -19.09 -3.28 7.88
N GLY B 871 -18.29 -2.27 7.55
CA GLY B 871 -17.44 -1.55 8.49
C GLY B 871 -16.19 -2.29 8.92
N GLN B 872 -15.92 -3.48 8.39
CA GLN B 872 -14.74 -4.25 8.70
C GLN B 872 -14.30 -5.10 7.54
N ALA B 873 -13.09 -5.63 7.62
CA ALA B 873 -12.34 -5.96 6.43
C ALA B 873 -11.48 -7.17 6.60
N TYR B 874 -11.02 -7.73 5.49
CA TYR B 874 -10.05 -8.80 5.46
C TYR B 874 -8.93 -8.51 4.51
N ARG B 875 -7.72 -8.71 4.99
CA ARG B 875 -6.59 -8.99 4.12
C ARG B 875 -6.27 -10.45 4.28
N VAL B 876 -5.50 -10.97 3.36
CA VAL B 876 -4.98 -12.31 3.41
C VAL B 876 -3.52 -12.14 3.09
N VAL B 877 -2.59 -12.50 3.95
CA VAL B 877 -1.20 -12.07 3.76
C VAL B 877 -0.20 -13.21 3.68
N ASP B 878 0.87 -12.99 2.95
CA ASP B 878 2.08 -13.78 3.04
C ASP B 878 2.64 -13.65 4.46
N THR B 879 3.53 -14.55 4.86
CA THR B 879 4.22 -14.49 6.15
C THR B 879 5.07 -13.23 6.36
N HIS B 880 5.21 -12.38 5.34
CA HIS B 880 5.88 -11.08 5.39
C HIS B 880 4.93 -9.86 5.40
N GLY B 881 3.63 -10.08 5.58
CA GLY B 881 2.63 -9.01 5.78
C GLY B 881 1.99 -8.44 4.51
N ARG B 882 2.61 -8.60 3.34
CA ARG B 882 2.02 -8.19 2.05
C ARG B 882 0.81 -9.04 1.67
N ASP B 883 -0.17 -8.48 0.99
CA ASP B 883 -1.36 -9.21 0.54
C ASP B 883 -1.03 -10.33 -0.43
N VAL B 884 -1.63 -11.50 -0.29
CA VAL B 884 -1.54 -12.53 -1.32
C VAL B 884 -2.52 -12.25 -2.44
N PRO B 885 -2.21 -12.58 -3.69
CA PRO B 885 -3.15 -12.56 -4.81
C PRO B 885 -4.33 -13.49 -4.59
N ASP B 886 -5.40 -13.28 -5.34
CA ASP B 886 -6.55 -14.16 -5.31
C ASP B 886 -6.18 -15.62 -5.59
N LEU B 887 -6.94 -16.52 -4.99
CA LEU B 887 -6.79 -17.96 -4.93
C LEU B 887 -5.56 -18.42 -4.15
N VAL B 888 -4.56 -17.57 -3.93
CA VAL B 888 -3.39 -17.88 -3.10
C VAL B 888 -3.77 -17.95 -1.64
N VAL B 889 -3.29 -18.97 -0.93
CA VAL B 889 -3.50 -19.07 0.51
C VAL B 889 -2.58 -18.13 1.27
N GLY B 890 -3.11 -17.44 2.27
CA GLY B 890 -2.35 -16.64 3.20
C GLY B 890 -3.11 -16.46 4.51
N GLU B 891 -2.53 -15.71 5.42
CA GLU B 891 -3.04 -15.55 6.77
C GLU B 891 -4.12 -14.49 6.84
N LEU B 892 -5.29 -14.81 7.34
CA LEU B 892 -6.39 -13.85 7.36
C LEU B 892 -6.11 -12.78 8.39
N TRP B 893 -6.00 -11.56 7.93
CA TRP B 893 -5.92 -10.40 8.76
C TRP B 893 -7.28 -9.77 8.74
N ILE B 894 -7.96 -9.72 9.87
CA ILE B 894 -9.22 -9.00 10.00
C ILE B 894 -8.89 -7.57 10.35
N GLY B 895 -9.63 -6.58 9.87
CA GLY B 895 -9.30 -5.20 10.08
C GLY B 895 -10.50 -4.31 10.27
N GLY B 896 -10.22 -3.07 10.57
CA GLY B 896 -11.23 -2.02 10.61
C GLY B 896 -12.04 -2.02 11.89
N ALA B 897 -13.12 -1.26 11.90
CA ALA B 897 -13.67 -0.72 13.14
C ALA B 897 -14.07 -1.77 14.18
N SER B 898 -14.40 -2.99 13.74
CA SER B 898 -14.87 -4.04 14.63
C SER B 898 -13.81 -4.67 15.53
N LEU B 899 -12.51 -4.43 15.32
CA LEU B 899 -11.49 -5.14 16.07
C LEU B 899 -11.52 -4.91 17.57
N ALA B 900 -11.16 -5.93 18.33
CA ALA B 900 -10.82 -5.77 19.74
C ALA B 900 -9.70 -4.76 19.92
N ARG B 901 -9.62 -4.12 21.07
CA ARG B 901 -8.56 -3.16 21.42
C ARG B 901 -7.22 -3.83 21.68
N GLY B 902 -7.26 -5.10 22.04
CA GLY B 902 -6.11 -5.92 22.29
C GLY B 902 -6.45 -6.99 23.29
N TYR B 903 -5.42 -7.67 23.80
CA TYR B 903 -5.57 -8.56 24.93
C TYR B 903 -5.44 -7.81 26.26
N ARG B 904 -6.26 -8.18 27.26
CA ARG B 904 -6.60 -7.34 28.42
C ARG B 904 -5.40 -6.85 29.23
N ASN B 905 -4.43 -7.69 29.49
CA ASN B 905 -3.12 -7.32 30.07
C ASN B 905 -2.00 -8.14 29.41
N ASP B 906 -2.00 -8.24 28.08
CA ASP B 906 -0.85 -8.79 27.36
C ASP B 906 -0.46 -7.90 26.17
N PRO B 907 0.20 -6.76 26.44
CA PRO B 907 0.61 -5.84 25.40
C PRO B 907 1.54 -6.48 24.36
N GLU B 908 2.38 -7.41 24.74
CA GLU B 908 3.30 -8.07 23.83
C GLU B 908 2.56 -9.00 22.87
N LEU B 909 1.61 -9.82 23.35
CA LEU B 909 0.80 -10.62 22.44
C LEU B 909 -0.14 -9.73 21.62
N SER B 910 -0.61 -8.63 22.16
CA SER B 910 -1.35 -7.66 21.38
C SER B 910 -0.52 -7.13 20.24
N ALA B 911 0.71 -6.72 20.45
CA ALA B 911 1.55 -6.25 19.36
C ALA B 911 1.86 -7.36 18.34
N ARG B 912 1.95 -8.63 18.76
CA ARG B 912 2.07 -9.76 17.83
C ARG B 912 0.83 -9.98 16.98
N ARG B 913 -0.36 -9.59 17.42
CA ARG B 913 -1.60 -9.87 16.69
C ARG B 913 -2.24 -8.63 16.09
N PHE B 914 -2.55 -7.63 16.88
CA PHE B 914 -3.14 -6.39 16.43
C PHE B 914 -2.09 -5.46 15.84
N VAL B 915 -1.62 -5.81 14.65
CA VAL B 915 -0.54 -5.14 13.91
C VAL B 915 -1.03 -3.93 13.11
N HIS B 916 -0.12 -3.01 12.80
CA HIS B 916 -0.45 -1.78 12.07
C HIS B 916 0.36 -1.70 10.80
N ASP B 917 -0.26 -1.18 9.77
CA ASP B 917 0.23 -1.28 8.41
C ASP B 917 -0.23 -0.04 7.63
N ALA B 918 0.34 0.19 6.45
CA ALA B 918 -0.13 1.27 5.57
C ALA B 918 -1.64 1.17 5.27
N GLN B 919 -2.23 -0.03 5.42
CA GLN B 919 -3.67 -0.28 5.34
C GLN B 919 -4.39 -0.22 6.69
N GLY B 920 -3.89 0.41 7.74
CA GLY B 920 -4.61 0.51 9.03
C GLY B 920 -4.27 -0.60 10.00
N ARG B 921 -5.20 -1.00 10.88
CA ARG B 921 -4.98 -1.93 12.00
C ARG B 921 -5.63 -3.29 11.75
N TRP B 922 -4.90 -4.36 12.03
CA TRP B 922 -5.25 -5.71 11.59
C TRP B 922 -5.01 -6.77 12.66
N TYR B 923 -5.85 -7.77 12.82
CA TYR B 923 -5.73 -8.77 13.87
C TYR B 923 -4.81 -9.97 13.57
N ARG B 924 -4.32 -10.19 12.34
CA ARG B 924 -3.32 -11.25 12.09
C ARG B 924 -3.74 -12.62 12.65
N THR B 925 -4.90 -13.14 12.23
CA THR B 925 -5.60 -14.20 12.97
C THR B 925 -4.85 -15.52 13.12
N GLY B 926 -4.02 -15.90 12.16
CA GLY B 926 -3.51 -17.28 12.03
C GLY B 926 -4.50 -18.26 11.41
N ASP B 927 -5.71 -17.83 11.06
CA ASP B 927 -6.53 -18.54 10.09
C ASP B 927 -5.83 -18.48 8.75
N ARG B 928 -5.85 -19.56 7.98
CA ARG B 928 -5.44 -19.55 6.58
C ARG B 928 -6.66 -19.33 5.72
N GLY B 929 -6.51 -18.76 4.55
CA GLY B 929 -7.58 -18.66 3.59
C GLY B 929 -7.14 -17.96 2.32
N ARG B 930 -8.04 -17.84 1.36
CA ARG B 930 -7.76 -17.28 0.03
C ARG B 930 -8.95 -16.49 -0.47
N TYR B 931 -8.73 -15.32 -1.04
CA TYR B 931 -9.78 -14.63 -1.77
C TYR B 931 -10.01 -15.34 -3.10
N TRP B 932 -11.13 -15.98 -3.39
CA TRP B 932 -11.41 -16.48 -4.74
C TRP B 932 -11.45 -15.35 -5.77
N GLY B 933 -11.47 -15.70 -7.06
CA GLY B 933 -11.55 -14.71 -8.13
C GLY B 933 -12.78 -13.81 -8.08
N ASP B 934 -13.90 -14.27 -7.51
CA ASP B 934 -15.11 -13.47 -7.30
C ASP B 934 -15.07 -12.61 -6.02
N GLY B 935 -13.92 -12.49 -5.38
CA GLY B 935 -13.73 -11.75 -4.14
C GLY B 935 -14.28 -12.38 -2.87
N THR B 936 -14.94 -13.54 -2.93
CA THR B 936 -15.29 -14.31 -1.74
C THR B 936 -14.04 -14.75 -1.00
N LEU B 937 -14.09 -15.00 0.30
CA LEU B 937 -12.93 -15.39 1.08
C LEU B 937 -13.04 -16.80 1.62
N GLU B 938 -12.49 -17.77 0.93
CA GLU B 938 -12.48 -19.12 1.47
C GLU B 938 -11.53 -19.20 2.65
N PHE B 939 -12.05 -19.49 3.83
CA PHE B 939 -11.26 -19.88 4.97
C PHE B 939 -10.80 -21.33 4.81
N LEU B 940 -9.57 -21.63 5.19
CA LEU B 940 -8.89 -22.90 4.90
C LEU B 940 -8.35 -23.59 6.16
N GLY B 941 -9.00 -23.37 7.30
CA GLY B 941 -8.53 -23.91 8.57
C GLY B 941 -7.42 -23.07 9.16
N ARG B 942 -6.67 -23.65 10.09
CA ARG B 942 -5.57 -22.98 10.77
C ARG B 942 -4.27 -23.74 10.59
N VAL B 943 -3.18 -22.99 10.50
CA VAL B 943 -1.82 -23.53 10.44
C VAL B 943 -1.29 -23.92 11.82
N ASP B 944 -1.78 -23.28 12.87
CA ASP B 944 -1.20 -23.31 14.21
C ASP B 944 -1.94 -24.26 15.15
N GLN B 945 -1.52 -24.24 16.41
CA GLN B 945 -1.98 -25.14 17.48
C GLN B 945 -3.43 -24.89 17.92
N GLN B 946 -4.21 -24.05 17.26
CA GLN B 946 -5.55 -23.71 17.70
C GLN B 946 -6.59 -24.53 16.95
N VAL B 947 -7.49 -25.17 17.65
CA VAL B 947 -8.48 -26.07 17.06
C VAL B 947 -9.83 -25.89 17.71
N LYS B 948 -10.85 -26.46 17.10
CA LYS B 948 -12.23 -26.31 17.53
C LYS B 948 -12.71 -27.63 18.14
N VAL B 949 -13.20 -27.58 19.37
CA VAL B 949 -13.79 -28.75 20.05
C VAL B 949 -15.24 -28.43 20.37
N ARG B 950 -16.19 -29.19 19.84
CA ARG B 950 -17.63 -28.98 20.08
C ARG B 950 -18.02 -27.50 19.93
N GLY B 951 -17.52 -26.90 18.85
CA GLY B 951 -17.68 -25.48 18.48
C GLY B 951 -16.76 -24.49 19.20
N GLN B 952 -16.35 -24.78 20.43
CA GLN B 952 -15.54 -23.86 21.23
C GLN B 952 -14.09 -23.73 20.74
N ARG B 953 -13.42 -22.62 20.99
CA ARG B 953 -11.98 -22.45 20.64
C ARG B 953 -11.13 -22.94 21.76
N ILE B 954 -10.15 -23.73 21.38
CA ILE B 954 -9.13 -24.25 22.28
C ILE B 954 -7.77 -24.06 21.62
N GLU B 955 -6.78 -23.66 22.39
CA GLU B 955 -5.40 -23.67 22.00
C GLU B 955 -4.82 -24.97 22.52
N LEU B 956 -4.27 -25.81 21.67
CA LEU B 956 -3.65 -27.05 22.12
C LEU B 956 -2.44 -26.75 22.99
N GLY B 957 -1.75 -25.65 22.74
CA GLY B 957 -0.76 -25.13 23.66
C GLY B 957 -1.33 -24.87 25.06
N GLU B 958 -2.59 -24.46 25.21
CA GLU B 958 -3.21 -24.36 26.53
C GLU B 958 -3.39 -25.73 27.16
N VAL B 959 -3.94 -26.70 26.43
CA VAL B 959 -4.16 -28.04 26.96
C VAL B 959 -2.83 -28.68 27.39
N GLU B 960 -1.84 -28.62 26.52
CA GLU B 960 -0.48 -29.05 26.79
C GLU B 960 0.10 -28.33 28.00
N ALA B 961 -0.04 -27.02 28.12
CA ALA B 961 0.47 -26.29 29.27
C ALA B 961 -0.28 -26.66 30.55
N ALA B 962 -1.60 -26.89 30.50
CA ALA B 962 -2.38 -27.35 31.63
C ALA B 962 -2.02 -28.78 32.05
N LEU B 963 -1.48 -29.59 31.14
CA LEU B 963 -0.87 -30.89 31.45
C LEU B 963 0.55 -30.76 31.97
N CYS B 964 1.38 -29.86 31.46
CA CYS B 964 2.70 -29.58 32.06
C CYS B 964 2.59 -28.97 33.46
N ALA B 965 1.49 -28.28 33.75
CA ALA B 965 1.14 -27.81 35.09
C ALA B 965 0.85 -28.98 36.06
N GLN B 966 0.65 -30.19 35.57
CA GLN B 966 0.69 -31.38 36.41
C GLN B 966 2.09 -31.60 36.96
N ALA B 967 2.24 -31.66 38.28
CA ALA B 967 3.46 -32.21 38.88
C ALA B 967 3.67 -33.65 38.40
N GLY B 968 4.82 -33.90 37.76
CA GLY B 968 5.14 -35.20 37.15
C GLY B 968 5.19 -35.22 35.64
N VAL B 969 4.66 -34.21 34.92
CA VAL B 969 4.75 -34.14 33.45
C VAL B 969 5.95 -33.29 33.03
N GLU B 970 6.85 -33.87 32.25
CA GLU B 970 7.98 -33.19 31.63
C GLU B 970 7.54 -32.32 30.46
N SER B 971 6.68 -32.85 29.59
CA SER B 971 6.09 -32.13 28.46
C SER B 971 4.83 -32.83 27.96
N ALA B 972 4.03 -32.15 27.14
CA ALA B 972 2.81 -32.70 26.58
C ALA B 972 2.62 -32.32 25.11
N CYS B 973 1.82 -33.11 24.42
CA CYS B 973 1.23 -32.83 23.13
C CYS B 973 -0.29 -32.91 23.26
N ALA B 974 -1.05 -32.17 22.47
CA ALA B 974 -2.48 -32.36 22.31
C ALA B 974 -2.88 -32.28 20.84
N ALA B 975 -3.97 -32.94 20.44
CA ALA B 975 -4.53 -32.82 19.10
C ALA B 975 -6.01 -33.15 19.09
N VAL B 976 -6.81 -32.49 18.24
CA VAL B 976 -8.13 -32.99 17.88
C VAL B 976 -8.01 -34.13 16.88
N LEU B 977 -8.74 -35.21 17.10
CA LEU B 977 -8.54 -36.51 16.48
C LEU B 977 -9.50 -36.80 15.32
N GLY B 978 -9.13 -37.78 14.49
CA GLY B 978 -10.01 -38.35 13.47
C GLY B 978 -11.08 -39.26 14.07
N GLY B 979 -11.97 -39.75 13.21
CA GLY B 979 -13.17 -40.48 13.61
C GLY B 979 -14.36 -39.54 13.86
N GLY B 980 -15.56 -40.07 13.75
CA GLY B 980 -16.80 -39.29 13.89
C GLY B 980 -17.00 -38.62 15.24
N VAL B 981 -16.25 -39.05 16.27
CA VAL B 981 -16.29 -38.49 17.62
C VAL B 981 -15.66 -37.09 17.68
N ALA B 982 -14.70 -36.78 16.81
CA ALA B 982 -13.95 -35.52 16.75
C ALA B 982 -13.38 -35.07 18.11
N SER B 983 -13.00 -36.05 18.95
CA SER B 983 -12.49 -35.86 20.30
C SER B 983 -11.17 -35.11 20.36
N LEU B 984 -10.90 -34.39 21.44
CA LEU B 984 -9.58 -33.90 21.79
C LEU B 984 -8.81 -34.96 22.56
N GLY B 985 -7.65 -35.33 22.05
CA GLY B 985 -6.67 -36.20 22.69
C GLY B 985 -5.43 -35.46 23.16
N ALA B 986 -4.68 -36.05 24.08
CA ALA B 986 -3.38 -35.53 24.48
C ALA B 986 -2.39 -36.63 24.89
N VAL B 987 -1.10 -36.32 24.88
CA VAL B 987 0.00 -37.26 25.07
C VAL B 987 1.05 -36.68 26.01
N LEU B 988 1.51 -37.48 26.97
CA LEU B 988 2.38 -37.02 28.04
C LEU B 988 3.78 -37.62 27.98
N VAL B 989 4.79 -36.82 28.28
CA VAL B 989 6.10 -37.30 28.70
C VAL B 989 6.21 -37.07 30.20
N PRO B 990 6.38 -38.10 31.04
CA PRO B 990 6.60 -37.92 32.47
C PRO B 990 8.03 -37.44 32.79
N ARG B 991 8.25 -36.67 33.85
CA ARG B 991 9.60 -36.39 34.38
C ARG B 991 9.99 -37.43 35.42
N LEU B 992 11.26 -37.84 35.36
CA LEU B 992 11.72 -39.11 35.92
C LEU B 992 12.46 -39.00 37.26
N ALA B 993 12.75 -37.80 37.78
CA ALA B 993 13.47 -37.60 39.05
C ALA B 993 14.82 -38.37 39.16
N PRO B 994 15.83 -38.05 38.32
CA PRO B 994 17.08 -38.81 38.16
C PRO B 994 17.95 -38.98 39.39
N ARG B 995 18.82 -39.99 39.36
CA ARG B 995 19.78 -40.38 40.41
C ARG B 995 21.04 -41.01 39.80
N ALA B 996 22.14 -41.12 40.55
CA ALA B 996 23.36 -41.84 40.15
C ALA B 996 23.66 -42.96 41.16
N GLU B 997 23.82 -44.21 40.69
CA GLU B 997 23.62 -45.42 41.49
C GLU B 997 24.57 -46.57 41.09
N GLY B 998 25.85 -46.27 40.86
CA GLY B 998 26.87 -47.25 40.46
C GLY B 998 27.20 -48.31 41.53
N SER B 999 26.75 -48.14 42.77
CA SER B 999 26.89 -49.14 43.84
C SER B 999 25.97 -50.33 43.58
N MET B 1000 26.58 -51.41 43.11
CA MET B 1000 25.91 -52.62 42.65
C MET B 1000 26.62 -53.86 43.23
N ASP B 1001 25.85 -54.92 43.49
CA ASP B 1001 26.30 -56.08 44.24
C ASP B 1001 25.79 -57.42 43.69
N LEU B 1002 25.59 -57.53 42.37
CA LEU B 1002 25.34 -58.79 41.65
C LEU B 1002 26.45 -59.82 41.94
N PRO B 1003 26.16 -60.98 42.55
CA PRO B 1003 27.02 -62.14 42.45
C PRO B 1003 26.95 -62.65 41.00
N ALA B 1004 27.99 -62.44 40.21
CA ALA B 1004 27.94 -62.73 38.77
C ALA B 1004 27.98 -64.23 38.41
N ALA B 1005 28.24 -65.10 39.40
CA ALA B 1005 28.83 -66.42 39.20
C ALA B 1005 27.97 -67.54 38.55
N GLN B 1006 26.66 -67.37 38.37
CA GLN B 1006 25.78 -68.49 37.97
C GLN B 1006 26.07 -69.08 36.58
N PRO B 1007 26.28 -68.27 35.51
CA PRO B 1007 26.56 -68.78 34.17
C PRO B 1007 27.88 -69.57 34.08
N PHE B 1008 27.99 -70.45 33.08
CA PHE B 1008 29.25 -71.08 32.68
C PHE B 1008 29.44 -71.04 31.15
N ALA B 1009 30.69 -70.92 30.69
CA ALA B 1009 31.02 -70.65 29.29
C ALA B 1009 30.50 -71.72 28.32
N GLY B 1010 30.40 -72.96 28.81
CA GLY B 1010 29.75 -74.09 28.13
C GLY B 1010 28.33 -73.80 27.64
N LEU B 1011 27.59 -72.85 28.23
CA LEU B 1011 26.29 -72.43 27.73
C LEU B 1011 26.37 -71.51 26.50
N ALA B 1012 27.36 -70.62 26.41
CA ALA B 1012 27.61 -69.86 25.19
C ALA B 1012 28.15 -70.77 24.08
N GLU B 1013 29.05 -71.70 24.42
CA GLU B 1013 29.48 -72.79 23.52
C GLU B 1013 28.29 -73.67 23.09
N ALA B 1014 27.36 -73.95 24.00
CA ALA B 1014 26.19 -74.74 23.69
C ALA B 1014 25.25 -74.02 22.72
N GLU B 1015 25.03 -72.72 22.90
CA GLU B 1015 24.32 -71.93 21.89
C GLU B 1015 25.08 -71.89 20.58
N ALA B 1016 26.41 -71.89 20.61
CA ALA B 1016 27.22 -72.02 19.41
C ALA B 1016 26.97 -73.37 18.70
N VAL B 1017 26.99 -74.50 19.42
CA VAL B 1017 26.62 -75.81 18.85
C VAL B 1017 25.20 -75.81 18.29
N LEU B 1018 24.23 -75.23 19.00
CA LEU B 1018 22.88 -75.11 18.47
C LEU B 1018 22.83 -74.20 17.23
N THR B 1019 23.67 -73.16 17.16
CA THR B 1019 23.86 -72.40 15.92
C THR B 1019 24.45 -73.27 14.82
N ARG B 1020 25.40 -74.17 15.13
CA ARG B 1020 25.97 -75.15 14.20
C ARG B 1020 24.93 -76.15 13.74
N GLU B 1021 24.02 -76.61 14.61
CA GLU B 1021 22.90 -77.46 14.20
C GLU B 1021 21.92 -76.68 13.29
N ILE B 1022 21.42 -75.52 13.73
CA ILE B 1022 20.41 -74.74 13.00
C ILE B 1022 20.95 -74.22 11.65
N LEU B 1023 22.10 -73.55 11.65
CA LEU B 1023 22.73 -73.08 10.41
C LEU B 1023 23.28 -74.22 9.57
N GLY B 1024 23.86 -75.26 10.17
CA GLY B 1024 24.37 -76.40 9.40
C GLY B 1024 23.29 -77.09 8.58
N ALA B 1025 22.05 -77.14 9.09
CA ALA B 1025 20.87 -77.59 8.34
C ALA B 1025 20.38 -76.55 7.31
N LEU B 1026 20.16 -75.29 7.71
CA LEU B 1026 19.58 -74.30 6.81
C LEU B 1026 20.54 -73.85 5.69
N LEU B 1027 21.85 -73.86 5.94
CA LEU B 1027 22.89 -73.64 4.93
C LEU B 1027 23.13 -74.86 4.01
N GLU B 1028 22.37 -75.95 4.14
CA GLU B 1028 22.17 -76.89 3.02
C GLU B 1028 21.24 -76.31 1.94
N ALA B 1029 20.44 -75.29 2.28
CA ALA B 1029 19.50 -74.57 1.41
C ALA B 1029 19.60 -73.05 1.64
N PRO B 1030 20.80 -72.45 1.53
CA PRO B 1030 20.99 -71.03 1.87
C PRO B 1030 20.26 -70.09 0.90
N LEU B 1031 19.72 -70.57 -0.23
CA LEU B 1031 18.91 -69.77 -1.17
C LEU B 1031 17.54 -69.39 -0.61
N GLU B 1032 17.10 -70.03 0.47
CA GLU B 1032 15.92 -69.60 1.25
C GLU B 1032 16.11 -68.21 1.88
N LEU B 1033 17.37 -67.83 2.15
CA LEU B 1033 17.79 -66.60 2.82
C LEU B 1033 17.86 -65.37 1.88
N ASP B 1034 18.35 -64.24 2.39
CA ASP B 1034 18.93 -63.18 1.55
C ASP B 1034 20.46 -63.12 1.69
N ASP B 1035 21.11 -62.28 0.88
CA ASP B 1035 22.56 -62.15 0.85
C ASP B 1035 23.13 -61.65 2.18
N GLY B 1036 22.42 -60.78 2.90
CA GLY B 1036 22.81 -60.32 4.23
C GLY B 1036 22.80 -61.45 5.26
N LEU B 1037 21.75 -62.27 5.27
CA LEU B 1037 21.66 -63.48 6.08
C LEU B 1037 22.74 -64.49 5.69
N ARG B 1038 22.99 -64.72 4.39
CA ARG B 1038 24.07 -65.60 3.90
C ARG B 1038 25.46 -65.13 4.33
N ARG B 1039 25.87 -63.89 4.03
CA ARG B 1039 27.20 -63.38 4.39
C ARG B 1039 27.46 -63.47 5.89
N ARG B 1040 26.47 -63.12 6.72
CA ARG B 1040 26.56 -63.30 8.17
C ARG B 1040 26.64 -64.78 8.55
N TRP B 1041 25.65 -65.59 8.18
CA TRP B 1041 25.48 -66.96 8.68
C TRP B 1041 26.53 -67.94 8.15
N LEU B 1042 27.02 -67.79 6.93
CA LEU B 1042 28.16 -68.56 6.43
C LEU B 1042 29.43 -68.28 7.24
N ASP B 1043 29.68 -67.04 7.68
CA ASP B 1043 30.81 -66.69 8.54
C ASP B 1043 30.57 -67.11 9.99
N TRP B 1044 29.36 -66.90 10.50
CA TRP B 1044 28.97 -67.28 11.86
C TRP B 1044 28.98 -68.78 12.08
N LEU B 1045 28.84 -69.60 11.03
CA LEU B 1045 29.09 -71.04 11.10
C LEU B 1045 30.49 -71.38 11.66
N ALA B 1046 31.46 -70.47 11.55
CA ALA B 1046 32.61 -70.43 12.45
C ALA B 1046 32.32 -69.51 13.66
N ASP B 1047 32.24 -68.20 13.41
CA ASP B 1047 32.45 -67.12 14.40
C ASP B 1047 31.45 -67.06 15.57
N SER B 1048 30.27 -67.64 15.43
CA SER B 1048 29.23 -67.70 16.46
C SER B 1048 28.80 -69.14 16.77
N ALA B 1049 29.27 -70.13 16.00
CA ALA B 1049 28.79 -71.50 16.05
C ALA B 1049 29.84 -72.56 16.44
N ALA B 1050 31.12 -72.38 16.12
CA ALA B 1050 32.12 -73.43 16.32
C ALA B 1050 33.54 -72.94 16.64
N SER B 1051 34.04 -71.91 15.95
CA SER B 1051 35.43 -71.45 16.13
C SER B 1051 35.59 -70.81 17.50
N ALA B 1052 36.60 -71.25 18.27
CA ALA B 1052 36.81 -70.85 19.66
C ALA B 1052 35.58 -71.13 20.59
N LEU B 1053 34.63 -71.97 20.15
CA LEU B 1053 33.42 -72.36 20.88
C LEU B 1053 33.11 -73.87 20.71
N PRO B 1054 34.05 -74.81 20.93
CA PRO B 1054 33.79 -76.24 20.77
C PRO B 1054 32.82 -76.77 21.83
N SER B 1055 31.95 -77.69 21.44
CA SER B 1055 31.16 -78.53 22.36
C SER B 1055 30.49 -79.71 21.64
N LEU B 1056 30.09 -80.71 22.42
CA LEU B 1056 29.27 -81.84 21.99
C LEU B 1056 27.79 -81.43 21.85
N ASP B 1057 26.95 -82.28 21.25
CA ASP B 1057 25.48 -82.09 21.23
C ASP B 1057 24.83 -82.11 22.63
N GLU B 1058 25.60 -82.44 23.67
CA GLU B 1058 25.27 -82.23 25.08
C GLU B 1058 24.87 -80.77 25.36
N ALA B 1059 25.40 -79.84 24.57
CA ALA B 1059 24.91 -78.47 24.42
C ALA B 1059 23.38 -78.36 24.47
N LEU B 1060 22.70 -79.14 23.64
CA LEU B 1060 21.24 -79.09 23.49
C LEU B 1060 20.54 -79.53 24.79
N ARG B 1061 21.08 -80.58 25.43
CA ARG B 1061 20.63 -81.08 26.74
C ARG B 1061 20.98 -80.14 27.90
N ARG B 1062 21.95 -79.24 27.74
CA ARG B 1062 22.27 -78.16 28.71
C ARG B 1062 21.39 -76.92 28.55
N LEU B 1063 21.16 -76.48 27.31
CA LEU B 1063 20.24 -75.39 26.98
C LEU B 1063 18.77 -75.72 27.27
N GLY B 1064 18.37 -76.97 27.04
CA GLY B 1064 17.08 -77.55 27.44
C GLY B 1064 16.14 -77.94 26.29
N TRP B 1065 16.24 -77.28 25.13
CA TRP B 1065 15.52 -77.66 23.91
C TRP B 1065 16.22 -78.83 23.18
N GLN B 1066 15.46 -79.88 22.82
CA GLN B 1066 15.94 -81.06 22.11
C GLN B 1066 15.46 -81.10 20.66
N ALA B 1067 15.67 -82.24 19.99
CA ALA B 1067 15.57 -82.38 18.54
C ALA B 1067 14.22 -81.95 17.96
N ALA B 1068 13.10 -82.24 18.63
CA ALA B 1068 11.77 -81.77 18.22
C ALA B 1068 11.71 -80.23 18.21
N GLY B 1069 12.34 -79.59 19.19
CA GLY B 1069 12.55 -78.15 19.24
C GLY B 1069 13.40 -77.64 18.07
N LEU B 1070 14.60 -78.20 17.85
CA LEU B 1070 15.47 -77.82 16.72
C LEU B 1070 14.74 -77.93 15.37
N THR B 1071 14.01 -79.02 15.18
CA THR B 1071 13.22 -79.30 13.98
C THR B 1071 12.16 -78.23 13.77
N ALA B 1072 11.49 -77.79 14.84
CA ALA B 1072 10.53 -76.71 14.76
C ALA B 1072 11.20 -75.35 14.51
N MET B 1073 12.36 -75.06 15.13
CA MET B 1073 13.16 -73.87 14.83
C MET B 1073 13.51 -73.77 13.35
N GLY B 1074 14.06 -74.83 12.76
CA GLY B 1074 14.43 -74.85 11.34
C GLY B 1074 13.22 -74.64 10.43
N ASN B 1075 12.15 -75.41 10.64
CA ASN B 1075 10.93 -75.31 9.82
C ASN B 1075 10.19 -73.97 10.00
N ALA B 1076 10.08 -73.46 11.22
CA ALA B 1076 9.48 -72.14 11.45
C ALA B 1076 10.30 -71.03 10.79
N LEU B 1077 11.63 -71.17 10.75
CA LEU B 1077 12.51 -70.22 10.07
C LEU B 1077 12.33 -70.30 8.55
N ARG B 1078 12.24 -71.50 7.96
CA ARG B 1078 11.84 -71.67 6.55
C ARG B 1078 10.46 -71.07 6.27
N GLY B 1079 9.51 -71.18 7.19
CA GLY B 1079 8.19 -70.54 7.10
C GLY B 1079 8.27 -69.01 7.15
N LEU B 1080 9.12 -68.45 8.00
CA LEU B 1080 9.39 -67.00 8.05
C LEU B 1080 9.97 -66.49 6.71
N LEU B 1081 10.97 -67.19 6.19
CA LEU B 1081 11.67 -66.86 4.96
C LEU B 1081 10.79 -66.98 3.72
N ALA B 1082 10.26 -68.17 3.45
CA ALA B 1082 9.54 -68.52 2.23
C ALA B 1082 8.04 -68.14 2.26
N GLY B 1083 7.46 -67.89 3.42
CA GLY B 1083 6.05 -67.47 3.55
C GLY B 1083 5.77 -66.02 3.19
N GLU B 1084 6.80 -65.20 2.90
CA GLU B 1084 6.72 -63.75 2.59
C GLU B 1084 6.19 -62.87 3.74
N GLN B 1085 6.11 -63.41 4.97
CA GLN B 1085 5.64 -62.72 6.16
C GLN B 1085 6.75 -61.92 6.90
N ALA B 1086 7.93 -61.79 6.29
CA ALA B 1086 9.10 -61.19 6.91
C ALA B 1086 8.95 -59.68 7.19
N PRO B 1087 9.68 -59.13 8.17
CA PRO B 1087 10.44 -59.84 9.21
C PRO B 1087 9.55 -60.22 10.42
N ALA B 1088 8.39 -59.59 10.56
CA ALA B 1088 7.59 -59.59 11.78
C ALA B 1088 7.15 -60.97 12.28
N ALA B 1089 6.94 -61.93 11.38
CA ALA B 1089 6.55 -63.29 11.74
C ALA B 1089 7.59 -64.01 12.63
N LEU B 1090 8.85 -63.53 12.68
CA LEU B 1090 9.84 -63.92 13.68
C LEU B 1090 9.29 -63.89 15.11
N LEU B 1091 8.40 -62.94 15.39
CA LEU B 1091 7.89 -62.66 16.72
C LEU B 1091 6.55 -63.38 17.03
N LEU B 1092 6.11 -64.29 16.15
CA LEU B 1092 4.84 -65.03 16.24
C LEU B 1092 4.98 -66.52 16.59
N ASP B 1093 6.20 -67.04 16.71
CA ASP B 1093 6.45 -68.48 16.92
C ASP B 1093 7.44 -68.73 18.08
N PRO B 1094 7.13 -69.65 19.01
CA PRO B 1094 7.92 -69.88 20.22
C PRO B 1094 9.31 -70.45 19.95
N TRP B 1095 9.56 -71.05 18.79
CA TRP B 1095 10.88 -71.50 18.37
C TRP B 1095 11.67 -70.39 17.66
N LEU B 1096 11.00 -69.38 17.11
CA LEU B 1096 11.64 -68.25 16.41
C LEU B 1096 12.11 -67.11 17.32
N ALA B 1097 11.21 -66.54 18.12
CA ALA B 1097 11.37 -65.16 18.60
C ALA B 1097 12.56 -64.97 19.57
N PRO B 1098 13.32 -63.86 19.51
CA PRO B 1098 14.43 -63.59 20.43
C PRO B 1098 14.07 -63.72 21.90
N GLN B 1099 12.89 -63.26 22.33
CA GLN B 1099 12.43 -63.46 23.71
C GLN B 1099 12.08 -64.91 24.05
N ALA B 1100 11.57 -65.69 23.08
CA ALA B 1100 11.15 -67.07 23.28
C ALA B 1100 12.33 -68.05 23.32
N VAL B 1101 13.34 -67.84 22.46
CA VAL B 1101 14.63 -68.54 22.53
C VAL B 1101 15.40 -68.13 23.78
N ALA B 1102 15.47 -66.83 24.11
CA ALA B 1102 16.16 -66.35 25.30
C ALA B 1102 15.60 -66.97 26.58
N ALA B 1103 14.28 -67.09 26.67
CA ALA B 1103 13.57 -67.64 27.82
C ALA B 1103 13.95 -69.08 28.21
N ARG B 1104 14.75 -69.81 27.42
CA ARG B 1104 15.31 -71.12 27.80
C ARG B 1104 16.81 -71.22 27.51
N LEU B 1105 17.27 -70.84 26.31
CA LEU B 1105 18.62 -71.13 25.84
C LEU B 1105 19.73 -70.47 26.68
N PRO B 1106 19.90 -69.13 26.73
CA PRO B 1106 20.87 -68.46 27.60
C PRO B 1106 20.56 -68.53 29.11
N ASP B 1107 19.84 -69.55 29.59
CA ASP B 1107 19.31 -69.64 30.95
C ASP B 1107 18.38 -68.49 31.35
N GLY B 1108 17.71 -67.88 30.36
CA GLY B 1108 16.64 -66.95 30.64
C GLY B 1108 15.52 -67.57 31.49
N ARG B 1109 15.41 -68.90 31.54
CA ARG B 1109 14.45 -69.57 32.42
C ARG B 1109 14.86 -69.49 33.90
N GLU B 1110 16.14 -69.56 34.20
CA GLU B 1110 16.66 -69.43 35.57
C GLU B 1110 16.64 -67.97 36.03
N ALA B 1111 16.76 -67.01 35.10
CA ALA B 1111 16.43 -65.60 35.37
C ALA B 1111 14.91 -65.42 35.60
N LEU B 1112 14.08 -66.04 34.74
CA LEU B 1112 12.63 -66.07 34.87
C LEU B 1112 12.20 -66.64 36.22
N ALA B 1113 12.87 -67.66 36.77
CA ALA B 1113 12.56 -68.20 38.10
C ALA B 1113 12.61 -67.14 39.23
N ARG B 1114 13.41 -66.07 39.05
CA ARG B 1114 13.49 -64.93 39.97
C ARG B 1114 12.58 -63.76 39.55
N LEU B 1115 12.43 -63.51 38.26
CA LEU B 1115 11.53 -62.47 37.72
C LEU B 1115 10.03 -62.80 37.86
N LEU B 1116 9.70 -64.08 37.83
CA LEU B 1116 8.39 -64.65 38.14
C LEU B 1116 8.10 -64.51 39.65
N GLU B 1117 9.15 -64.49 40.46
CA GLU B 1117 9.06 -64.07 41.86
C GLU B 1117 9.15 -62.53 42.01
N ALA B 1118 9.16 -62.04 43.25
CA ALA B 1118 8.80 -60.67 43.63
C ALA B 1118 7.33 -60.30 43.34
N LEU B 1119 6.45 -61.32 43.24
CA LEU B 1119 5.00 -61.18 42.99
C LEU B 1119 4.13 -61.76 44.13
N PRO B 1120 4.03 -61.12 45.33
CA PRO B 1120 3.59 -61.82 46.55
C PRO B 1120 2.10 -62.16 46.68
N THR B 1121 1.24 -61.70 45.76
CA THR B 1121 -0.24 -61.67 45.88
C THR B 1121 -0.94 -62.88 46.53
N PRO B 1122 -0.66 -64.16 46.19
CA PRO B 1122 -1.33 -65.29 46.84
C PRO B 1122 -0.92 -65.51 48.30
N ALA B 1123 0.36 -65.35 48.65
CA ALA B 1123 0.83 -65.47 50.02
C ALA B 1123 0.43 -64.24 50.86
N ALA B 1124 0.37 -63.06 50.25
CA ALA B 1124 -0.18 -61.84 50.86
C ALA B 1124 -1.70 -61.91 51.11
N GLY B 1125 -2.41 -62.82 50.43
CA GLY B 1125 -3.88 -62.87 50.44
C GLY B 1125 -4.54 -61.62 49.84
N GLU B 1126 -3.83 -60.89 48.97
CA GLU B 1126 -4.12 -59.49 48.68
C GLU B 1126 -3.74 -59.14 47.23
N ARG B 1127 -4.48 -58.20 46.63
CA ARG B 1127 -4.28 -57.69 45.27
C ARG B 1127 -2.85 -57.17 45.06
N LEU B 1128 -2.23 -57.60 43.96
CA LEU B 1128 -1.03 -56.97 43.39
C LEU B 1128 -1.31 -56.62 41.93
N ARG B 1129 -0.95 -55.40 41.52
CA ARG B 1129 -1.14 -54.91 40.16
C ARG B 1129 0.19 -55.02 39.42
N VAL B 1130 0.23 -55.78 38.33
CA VAL B 1130 1.47 -56.11 37.61
C VAL B 1130 1.32 -55.82 36.12
N ALA B 1131 2.40 -55.42 35.45
CA ALA B 1131 2.38 -55.13 34.03
C ALA B 1131 3.65 -55.62 33.31
N VAL B 1132 3.52 -56.03 32.05
CA VAL B 1132 4.60 -56.50 31.18
C VAL B 1132 4.74 -55.59 29.97
N LEU B 1133 5.90 -54.97 29.78
CA LEU B 1133 6.20 -54.20 28.58
C LEU B 1133 6.51 -55.04 27.36
N ASP B 1134 7.17 -56.17 27.58
CA ASP B 1134 7.75 -56.98 26.52
C ASP B 1134 6.88 -58.21 26.27
N THR B 1135 5.62 -57.99 25.88
CA THR B 1135 4.74 -59.13 25.61
C THR B 1135 5.12 -59.81 24.28
N ARG B 1136 5.26 -59.07 23.18
CA ARG B 1136 5.24 -59.60 21.80
C ARG B 1136 4.07 -60.57 21.65
N ALA B 1137 4.25 -61.77 21.08
CA ALA B 1137 3.19 -62.80 21.06
C ALA B 1137 3.03 -63.61 22.35
N GLY B 1138 3.49 -63.10 23.49
CA GLY B 1138 3.34 -63.74 24.80
C GLY B 1138 4.33 -64.87 25.12
N LEU B 1139 5.26 -65.14 24.21
CA LEU B 1139 5.93 -66.44 24.10
C LEU B 1139 6.93 -66.75 25.23
N TRP B 1140 7.40 -65.77 26.00
CA TRP B 1140 8.18 -66.04 27.20
C TRP B 1140 7.28 -66.32 28.42
N LEU B 1141 6.15 -65.64 28.53
CA LEU B 1141 5.18 -65.87 29.61
C LEU B 1141 4.65 -67.30 29.54
N ASP B 1142 4.48 -67.83 28.33
CA ASP B 1142 4.12 -69.24 28.08
C ASP B 1142 5.08 -70.25 28.74
N GLN B 1143 6.33 -69.84 29.02
CA GLN B 1143 7.35 -70.65 29.69
C GLN B 1143 7.39 -70.46 31.23
N GLY B 1144 6.63 -69.51 31.78
CA GLY B 1144 6.40 -69.34 33.23
C GLY B 1144 4.94 -69.52 33.67
N MET B 1145 4.01 -69.70 32.74
CA MET B 1145 2.59 -69.39 32.85
C MET B 1145 1.89 -69.76 34.18
N ALA B 1146 1.94 -71.01 34.63
CA ALA B 1146 1.16 -71.45 35.80
C ALA B 1146 1.51 -70.68 37.10
N SER B 1147 2.80 -70.56 37.42
CA SER B 1147 3.27 -69.82 38.60
C SER B 1147 3.44 -68.31 38.32
N LEU B 1148 3.40 -67.89 37.06
CA LEU B 1148 3.36 -66.50 36.64
C LEU B 1148 1.96 -65.90 36.89
N LEU B 1149 0.90 -66.62 36.51
CA LEU B 1149 -0.48 -66.20 36.61
C LEU B 1149 -1.04 -66.55 37.99
N ARG B 1150 -0.49 -65.93 39.03
CA ARG B 1150 -0.75 -66.26 40.45
C ARG B 1150 -2.20 -65.94 40.86
N PRO B 1151 -2.78 -66.66 41.82
CA PRO B 1151 -4.05 -66.27 42.43
C PRO B 1151 -4.00 -64.86 43.04
N GLY B 1152 -5.08 -64.09 42.94
CA GLY B 1152 -5.21 -62.71 43.42
C GLY B 1152 -4.63 -61.63 42.50
N LEU B 1153 -3.90 -62.03 41.46
CA LEU B 1153 -3.13 -61.17 40.57
C LEU B 1153 -3.99 -60.39 39.56
N GLU B 1154 -3.65 -59.12 39.38
CA GLU B 1154 -3.93 -58.38 38.16
C GLU B 1154 -2.61 -58.32 37.38
N LEU B 1155 -2.61 -58.82 36.14
CA LEU B 1155 -1.48 -58.74 35.23
C LEU B 1155 -1.93 -58.16 33.89
N THR B 1156 -1.19 -57.18 33.38
CA THR B 1156 -1.49 -56.55 32.09
C THR B 1156 -0.35 -56.71 31.11
N LEU B 1157 -0.69 -57.12 29.90
CA LEU B 1157 0.19 -57.24 28.76
C LEU B 1157 0.21 -55.92 27.98
N PHE B 1158 1.42 -55.44 27.70
CA PHE B 1158 1.73 -54.31 26.82
C PHE B 1158 2.78 -54.70 25.79
N GLU B 1159 2.87 -53.96 24.68
CA GLU B 1159 3.55 -54.48 23.49
C GLU B 1159 4.38 -53.47 22.66
N ARG B 1160 3.78 -52.36 22.18
CA ARG B 1160 4.28 -51.51 21.04
C ARG B 1160 3.97 -52.06 19.64
N SER B 1161 3.02 -52.98 19.53
CA SER B 1161 2.26 -53.29 18.31
C SER B 1161 0.89 -53.87 18.68
N ARG B 1162 -0.10 -53.82 17.79
CA ARG B 1162 -1.36 -54.58 17.98
C ARG B 1162 -1.17 -56.05 17.70
N VAL B 1163 -0.69 -56.38 16.50
CA VAL B 1163 -0.68 -57.76 15.97
C VAL B 1163 0.08 -58.74 16.85
N LEU B 1164 1.20 -58.36 17.45
CA LEU B 1164 1.92 -59.27 18.34
C LEU B 1164 1.15 -59.48 19.64
N LEU B 1165 0.55 -58.44 20.23
CA LEU B 1165 -0.30 -58.61 21.41
C LEU B 1165 -1.55 -59.45 21.09
N ASP B 1166 -2.17 -59.25 19.94
CA ASP B 1166 -3.30 -60.09 19.50
C ASP B 1166 -2.87 -61.54 19.27
N ALA B 1167 -1.65 -61.79 18.78
CA ALA B 1167 -1.09 -63.12 18.72
C ALA B 1167 -0.86 -63.70 20.12
N ALA B 1168 -0.49 -62.89 21.11
CA ALA B 1168 -0.49 -63.29 22.51
C ALA B 1168 -1.91 -63.65 22.97
N ALA B 1169 -2.91 -62.80 22.75
CA ALA B 1169 -4.29 -63.06 23.14
C ALA B 1169 -4.92 -64.27 22.44
N THR B 1170 -4.38 -64.65 21.28
CA THR B 1170 -4.78 -65.87 20.56
C THR B 1170 -4.32 -67.15 21.26
N ARG B 1171 -3.34 -67.09 22.17
CA ARG B 1171 -2.73 -68.29 22.81
C ARG B 1171 -2.62 -68.27 24.34
N LEU B 1172 -2.44 -67.10 24.94
CA LEU B 1172 -2.43 -66.91 26.40
C LEU B 1172 -3.87 -66.84 26.96
N PRO B 1173 -4.10 -67.16 28.24
CA PRO B 1173 -5.44 -67.17 28.81
C PRO B 1173 -6.02 -65.76 28.94
N GLU B 1174 -7.25 -65.56 28.43
CA GLU B 1174 -7.85 -64.24 28.25
C GLU B 1174 -8.26 -63.54 29.58
N ARG B 1175 -8.14 -64.22 30.73
CA ARG B 1175 -8.21 -63.57 32.05
C ARG B 1175 -7.08 -62.55 32.27
N ILE B 1176 -5.92 -62.71 31.63
CA ILE B 1176 -4.84 -61.71 31.66
C ILE B 1176 -5.29 -60.46 30.88
N VAL B 1177 -5.07 -59.28 31.43
CA VAL B 1177 -5.47 -58.01 30.83
C VAL B 1177 -4.62 -57.68 29.60
N VAL B 1178 -5.26 -57.21 28.54
CA VAL B 1178 -4.65 -56.95 27.22
C VAL B 1178 -4.67 -55.45 26.93
N GLN B 1179 -3.52 -54.84 26.67
CA GLN B 1179 -3.42 -53.40 26.42
C GLN B 1179 -2.34 -53.04 25.39
N ALA B 1180 -2.74 -52.67 24.18
CA ALA B 1180 -1.82 -52.15 23.18
C ALA B 1180 -1.07 -50.89 23.66
N LEU B 1181 0.09 -50.64 23.05
CA LEU B 1181 0.73 -49.32 23.03
C LEU B 1181 0.66 -48.79 21.60
N ASP B 1182 -0.56 -48.68 21.08
CA ASP B 1182 -0.81 -48.65 19.64
C ASP B 1182 -0.15 -47.43 18.98
N ASP B 1183 0.56 -47.63 17.86
CA ASP B 1183 1.41 -46.63 17.23
C ASP B 1183 2.37 -45.94 18.24
N GLY B 1184 2.99 -46.75 19.10
CA GLY B 1184 3.93 -46.35 20.14
C GLY B 1184 3.32 -45.93 21.50
N LEU B 1185 2.00 -45.78 21.58
CA LEU B 1185 1.33 -44.87 22.51
C LEU B 1185 0.68 -45.55 23.74
N LEU B 1186 1.09 -45.23 24.96
CA LEU B 1186 0.51 -45.77 26.20
C LEU B 1186 -0.78 -45.04 26.59
N PRO B 1187 -1.96 -45.68 26.70
CA PRO B 1187 -3.14 -45.01 27.22
C PRO B 1187 -2.97 -44.66 28.69
N ALA B 1188 -3.18 -43.39 29.04
CA ALA B 1188 -2.80 -42.78 30.32
C ALA B 1188 -3.58 -43.33 31.50
N GLU B 1189 -4.69 -44.01 31.23
CA GLU B 1189 -5.44 -44.82 32.21
C GLU B 1189 -4.56 -45.86 32.92
N HIS B 1190 -3.36 -46.15 32.41
CA HIS B 1190 -2.39 -47.07 32.97
C HIS B 1190 -1.23 -46.41 33.72
N LEU B 1191 -1.05 -45.09 33.62
CA LEU B 1191 0.01 -44.38 34.36
C LEU B 1191 -0.11 -44.58 35.86
N GLY B 1192 1.01 -44.77 36.56
CA GLY B 1192 1.03 -44.90 38.02
C GLY B 1192 0.23 -46.07 38.59
N ARG B 1193 -0.30 -46.98 37.77
CA ARG B 1193 -1.23 -48.03 38.20
C ARG B 1193 -0.54 -49.27 38.77
N TYR B 1194 0.68 -49.61 38.34
CA TYR B 1194 1.22 -50.95 38.55
C TYR B 1194 2.28 -51.02 39.65
N ASP B 1195 2.10 -51.90 40.64
CA ASP B 1195 3.03 -52.16 41.73
C ASP B 1195 4.31 -52.88 41.29
N ARG B 1196 4.23 -53.69 40.23
CA ARG B 1196 5.37 -54.32 39.56
C ARG B 1196 5.29 -54.16 38.06
N VAL B 1197 6.41 -53.91 37.40
CA VAL B 1197 6.51 -53.83 35.94
C VAL B 1197 7.64 -54.70 35.44
N ILE B 1198 7.47 -55.33 34.28
CA ILE B 1198 8.38 -56.32 33.73
C ILE B 1198 8.91 -55.88 32.36
N SER B 1199 10.21 -56.04 32.15
CA SER B 1199 10.85 -56.01 30.84
C SER B 1199 11.74 -57.25 30.65
N PHE B 1200 11.71 -57.82 29.45
CA PHE B 1200 12.11 -59.19 29.19
C PHE B 1200 12.66 -59.39 27.77
N ALA B 1201 13.98 -59.56 27.66
CA ALA B 1201 14.69 -59.99 26.45
C ALA B 1201 14.31 -59.20 25.17
N ALA B 1202 14.12 -57.89 25.33
CA ALA B 1202 13.64 -56.95 24.35
C ALA B 1202 13.94 -55.48 24.69
N LEU B 1203 14.55 -55.13 25.84
CA LEU B 1203 14.90 -53.74 26.12
C LEU B 1203 15.88 -53.20 25.07
N HIS B 1204 16.79 -54.03 24.58
CA HIS B 1204 17.63 -53.75 23.43
C HIS B 1204 16.81 -53.28 22.21
N ALA B 1205 15.65 -53.88 21.95
CA ALA B 1205 14.82 -53.57 20.78
C ALA B 1205 14.16 -52.18 20.83
N TYR B 1206 14.10 -51.53 21.99
CA TYR B 1206 13.69 -50.13 22.10
C TYR B 1206 14.80 -49.23 21.54
N GLU B 1207 14.47 -48.10 20.93
CA GLU B 1207 15.48 -47.28 20.22
C GLU B 1207 16.48 -46.62 21.18
N ALA B 1208 16.11 -46.58 22.45
CA ALA B 1208 17.02 -46.51 23.56
C ALA B 1208 16.43 -47.35 24.71
N SER B 1209 17.28 -47.85 25.60
CA SER B 1209 16.89 -48.25 26.96
C SER B 1209 16.00 -47.20 27.63
N ARG B 1210 16.36 -45.92 27.51
CA ARG B 1210 15.62 -44.74 27.97
C ARG B 1210 14.18 -44.65 27.44
N GLU B 1211 13.82 -45.32 26.35
CA GLU B 1211 12.43 -45.44 25.90
C GLU B 1211 11.67 -46.40 26.82
N GLY B 1212 12.09 -47.67 26.87
CA GLY B 1212 11.42 -48.68 27.69
C GLY B 1212 11.47 -48.37 29.19
N LEU B 1213 12.55 -47.78 29.67
CA LEU B 1213 12.75 -47.44 31.08
C LEU B 1213 11.89 -46.26 31.52
N ALA B 1214 11.75 -45.22 30.70
CA ALA B 1214 10.81 -44.15 31.01
C ALA B 1214 9.38 -44.63 30.93
N LEU B 1215 9.04 -45.48 29.96
CA LEU B 1215 7.74 -46.13 29.90
C LEU B 1215 7.47 -46.95 31.17
N ALA B 1216 8.42 -47.78 31.64
CA ALA B 1216 8.28 -48.50 32.89
C ALA B 1216 8.07 -47.56 34.07
N ALA B 1217 8.91 -46.53 34.19
CA ALA B 1217 8.82 -45.55 35.28
C ALA B 1217 7.47 -44.83 35.31
N ALA B 1218 6.89 -44.52 34.15
CA ALA B 1218 5.56 -43.93 34.05
C ALA B 1218 4.46 -44.90 34.51
N LEU B 1219 4.58 -46.15 34.08
CA LEU B 1219 3.63 -47.23 34.29
C LEU B 1219 3.60 -47.71 35.76
N LEU B 1220 4.74 -47.64 36.43
CA LEU B 1220 4.91 -47.98 37.85
C LEU B 1220 4.22 -46.99 38.79
N ARG B 1221 3.49 -47.56 39.76
CA ARG B 1221 3.09 -46.91 41.00
C ARG B 1221 4.35 -46.54 41.81
N PRO B 1222 4.41 -45.39 42.51
CA PRO B 1222 5.57 -45.03 43.34
C PRO B 1222 5.91 -46.09 44.38
N GLN B 1223 7.19 -46.33 44.63
CA GLN B 1223 7.72 -47.44 45.45
C GLN B 1223 7.39 -48.85 44.93
N GLY B 1224 6.66 -48.98 43.82
CA GLY B 1224 6.60 -50.21 43.02
C GLY B 1224 7.96 -50.51 42.36
N ARG B 1225 8.11 -51.70 41.77
CA ARG B 1225 9.42 -52.14 41.23
C ARG B 1225 9.36 -52.59 39.78
N LEU B 1226 10.31 -52.11 39.00
CA LEU B 1226 10.73 -52.75 37.76
C LEU B 1226 11.40 -54.09 38.07
N LEU B 1227 11.18 -55.09 37.23
CA LEU B 1227 11.88 -56.36 37.11
C LEU B 1227 12.35 -56.47 35.65
N LEU B 1228 13.64 -56.31 35.41
CA LEU B 1228 14.22 -56.18 34.08
C LEU B 1228 15.20 -57.33 33.82
N VAL B 1229 14.92 -58.15 32.81
CA VAL B 1229 15.88 -59.10 32.24
C VAL B 1229 16.11 -58.78 30.78
N ASP B 1230 17.36 -58.80 30.36
CA ASP B 1230 17.73 -58.56 28.97
C ASP B 1230 19.05 -59.23 28.61
N LEU B 1231 19.26 -59.46 27.31
CA LEU B 1231 20.54 -59.89 26.77
C LEU B 1231 21.58 -58.76 26.91
N LEU B 1232 22.74 -59.10 27.45
CA LEU B 1232 23.89 -58.20 27.52
C LEU B 1232 25.04 -58.79 26.69
N CYS B 1233 25.37 -60.04 26.97
CA CYS B 1233 26.11 -60.91 26.06
C CYS B 1233 25.23 -61.36 24.89
N GLU B 1234 25.87 -61.64 23.77
CA GLU B 1234 25.32 -62.37 22.64
C GLU B 1234 24.65 -63.69 23.07
N SER B 1235 23.39 -63.89 22.68
CA SER B 1235 22.87 -65.25 22.49
C SER B 1235 23.03 -65.54 21.01
N PRO B 1236 23.84 -66.52 20.60
CA PRO B 1236 23.98 -66.89 19.20
C PRO B 1236 22.65 -67.18 18.49
N LEU B 1237 21.63 -67.68 19.20
CA LEU B 1237 20.32 -67.92 18.59
C LEU B 1237 19.44 -66.68 18.56
N ALA B 1238 19.43 -65.86 19.61
CA ALA B 1238 18.81 -64.54 19.52
C ALA B 1238 19.52 -63.66 18.48
N LEU B 1239 20.81 -63.85 18.23
CA LEU B 1239 21.58 -63.22 17.17
C LEU B 1239 21.11 -63.66 15.77
N LEU B 1240 20.66 -64.91 15.56
CA LEU B 1240 19.92 -65.24 14.33
C LEU B 1240 18.67 -64.34 14.19
N GLY B 1241 17.88 -64.23 15.26
CA GLY B 1241 16.68 -63.38 15.27
C GLY B 1241 16.99 -61.90 15.04
N ALA B 1242 18.05 -61.36 15.63
CA ALA B 1242 18.55 -60.01 15.37
C ALA B 1242 18.90 -59.84 13.88
N ALA B 1243 19.55 -60.83 13.26
CA ALA B 1243 19.83 -60.81 11.82
C ALA B 1243 18.57 -60.84 10.93
N LEU B 1244 17.52 -61.53 11.39
CA LEU B 1244 16.23 -61.65 10.69
C LEU B 1244 15.37 -60.38 10.82
N LEU B 1245 15.41 -59.69 11.96
CA LEU B 1245 14.97 -58.28 12.07
C LEU B 1245 15.88 -57.33 11.29
N ASP B 1246 17.07 -57.81 10.93
CA ASP B 1246 18.23 -57.05 10.47
C ASP B 1246 18.49 -55.79 11.31
N ASP B 1247 18.46 -55.96 12.62
CA ASP B 1247 18.52 -54.87 13.60
C ASP B 1247 19.66 -55.14 14.60
N ARG B 1248 20.41 -54.08 14.95
CA ARG B 1248 21.80 -54.21 15.40
C ARG B 1248 21.92 -54.93 16.76
N PRO B 1249 22.75 -55.99 16.89
CA PRO B 1249 23.05 -56.59 18.18
C PRO B 1249 23.86 -55.65 19.09
N LEU B 1250 24.40 -54.54 18.58
CA LEU B 1250 25.00 -53.44 19.36
C LEU B 1250 24.02 -52.82 20.39
N ARG B 1251 22.71 -53.02 20.18
CA ARG B 1251 21.64 -52.69 21.15
C ARG B 1251 21.79 -53.41 22.50
N LEU B 1252 22.46 -54.56 22.55
CA LEU B 1252 22.66 -55.34 23.77
C LEU B 1252 23.64 -54.59 24.68
N ALA B 1253 23.12 -54.05 25.77
CA ALA B 1253 23.82 -53.16 26.69
C ALA B 1253 24.96 -53.85 27.48
N GLU B 1254 25.85 -53.07 28.08
CA GLU B 1254 26.61 -53.51 29.26
C GLU B 1254 25.76 -53.29 30.53
N LEU B 1255 25.94 -54.09 31.57
CA LEU B 1255 25.21 -53.90 32.83
C LEU B 1255 25.43 -52.51 33.47
N PRO B 1256 26.64 -51.93 33.52
CA PRO B 1256 26.82 -50.57 34.03
C PRO B 1256 26.01 -49.52 33.25
N SER B 1257 25.87 -49.73 31.94
CA SER B 1257 25.11 -48.82 31.07
C SER B 1257 23.60 -48.95 31.29
N LEU B 1258 23.10 -50.18 31.39
CA LEU B 1258 21.73 -50.46 31.80
C LEU B 1258 21.38 -49.76 33.12
N LEU B 1259 22.26 -49.85 34.13
CA LEU B 1259 22.09 -49.19 35.42
C LEU B 1259 22.12 -47.66 35.33
N ALA B 1260 23.05 -47.09 34.56
CA ALA B 1260 23.13 -45.65 34.39
C ALA B 1260 21.89 -45.08 33.69
N ASP B 1261 21.41 -45.75 32.64
CA ASP B 1261 20.17 -45.37 31.96
C ASP B 1261 18.95 -45.47 32.88
N LEU B 1262 18.87 -46.54 33.65
CA LEU B 1262 17.79 -46.78 34.60
C LEU B 1262 17.79 -45.79 35.76
N ALA B 1263 18.96 -45.48 36.32
CA ALA B 1263 19.11 -44.47 37.37
C ALA B 1263 18.84 -43.05 36.83
N ALA B 1264 19.19 -42.78 35.57
CA ALA B 1264 18.75 -41.59 34.85
C ALA B 1264 17.22 -41.57 34.65
N ALA B 1265 16.59 -42.73 34.48
CA ALA B 1265 15.13 -42.90 34.59
C ALA B 1265 14.61 -42.97 36.05
N GLY B 1266 15.44 -42.62 37.02
CA GLY B 1266 15.08 -42.31 38.42
C GLY B 1266 14.79 -43.49 39.32
N LEU B 1267 14.62 -44.69 38.77
CA LEU B 1267 14.41 -45.92 39.52
C LEU B 1267 15.70 -46.24 40.31
N ALA B 1268 15.62 -46.60 41.58
CA ALA B 1268 16.79 -46.98 42.37
C ALA B 1268 17.07 -48.48 42.18
N PRO B 1269 18.18 -48.92 41.55
CA PRO B 1269 18.38 -50.31 41.19
C PRO B 1269 19.06 -51.17 42.26
N ARG B 1270 18.74 -52.46 42.22
CA ARG B 1270 19.62 -53.55 42.68
C ARG B 1270 19.71 -54.54 41.53
N CYS B 1271 20.92 -54.80 41.04
CA CYS B 1271 21.14 -55.96 40.19
C CYS B 1271 21.13 -57.22 41.05
N LEU B 1272 20.38 -58.24 40.64
CA LEU B 1272 20.09 -59.39 41.47
C LEU B 1272 20.89 -60.61 41.04
N TRP B 1273 20.62 -61.18 39.86
CA TRP B 1273 21.09 -62.52 39.48
C TRP B 1273 21.27 -62.72 37.98
N ARG B 1274 21.94 -63.83 37.61
CA ARG B 1274 22.08 -64.40 36.25
C ARG B 1274 22.94 -63.66 35.24
N SER B 1275 23.38 -62.44 35.57
CA SER B 1275 24.61 -61.85 35.03
C SER B 1275 24.70 -61.78 33.49
N GLU B 1276 25.87 -62.01 32.88
CA GLU B 1276 26.18 -61.54 31.53
C GLU B 1276 25.33 -62.15 30.41
N ARG B 1277 24.84 -63.38 30.55
CA ARG B 1277 23.88 -63.95 29.58
C ARG B 1277 22.55 -63.20 29.64
N ILE B 1278 21.97 -63.12 30.83
CA ILE B 1278 20.69 -62.45 31.14
C ILE B 1278 20.77 -61.90 32.57
N ALA B 1279 20.87 -60.59 32.77
CA ALA B 1279 20.94 -60.02 34.12
C ALA B 1279 19.56 -59.58 34.61
N LEU B 1280 19.08 -60.13 35.73
CA LEU B 1280 17.90 -59.60 36.40
C LEU B 1280 18.30 -58.42 37.25
N VAL B 1281 17.85 -57.24 36.86
CA VAL B 1281 17.84 -56.03 37.70
C VAL B 1281 16.43 -55.81 38.22
N GLU B 1282 16.26 -55.57 39.52
CA GLU B 1282 15.08 -54.82 39.96
C GLU B 1282 15.46 -53.34 40.15
N ALA B 1283 14.48 -52.47 40.00
CA ALA B 1283 14.63 -51.11 40.49
C ALA B 1283 13.33 -50.55 41.01
N LEU B 1284 13.41 -49.67 41.99
CA LEU B 1284 12.27 -49.20 42.76
C LEU B 1284 11.90 -47.76 42.40
N ALA B 1285 10.61 -47.51 42.14
CA ALA B 1285 10.10 -46.25 41.62
C ALA B 1285 10.11 -45.10 42.64
N PRO B 1286 10.59 -43.91 42.26
CA PRO B 1286 10.40 -42.71 43.06
C PRO B 1286 8.94 -42.23 43.00
N GLY B 1287 8.66 -41.11 43.65
CA GLY B 1287 7.36 -40.44 43.62
C GLY B 1287 7.11 -39.65 42.35
N LEU B 1288 7.03 -40.30 41.18
CA LEU B 1288 6.80 -39.61 39.88
C LEU B 1288 5.50 -38.76 39.89
N GLY B 1289 4.50 -39.18 40.68
CA GLY B 1289 3.32 -38.37 40.99
C GLY B 1289 2.23 -38.35 39.92
N LEU B 1290 2.38 -39.13 38.85
CA LEU B 1290 1.33 -39.33 37.85
C LEU B 1290 0.48 -40.56 38.14
N ASP B 1291 -0.80 -40.41 37.86
CA ASP B 1291 -1.83 -41.44 37.92
C ASP B 1291 -2.97 -40.99 37.00
N ALA B 1292 -3.79 -41.92 36.52
CA ALA B 1292 -4.93 -41.61 35.67
C ALA B 1292 -5.90 -40.66 36.35
N ALA B 1293 -6.36 -41.00 37.54
CA ALA B 1293 -7.28 -40.17 38.29
C ALA B 1293 -6.63 -38.86 38.75
N ALA B 1294 -5.33 -38.84 39.07
CA ALA B 1294 -4.61 -37.60 39.37
C ALA B 1294 -4.50 -36.65 38.17
N LEU B 1295 -4.28 -37.15 36.96
CA LEU B 1295 -4.34 -36.34 35.74
C LEU B 1295 -5.75 -35.82 35.53
N GLN B 1296 -6.73 -36.70 35.64
CA GLN B 1296 -8.12 -36.34 35.44
C GLN B 1296 -8.54 -35.26 36.44
N ALA B 1297 -8.18 -35.39 37.71
CA ALA B 1297 -8.37 -34.36 38.73
C ALA B 1297 -7.64 -33.04 38.40
N GLY B 1298 -6.39 -33.10 37.94
CA GLY B 1298 -5.62 -31.90 37.59
C GLY B 1298 -6.13 -31.19 36.34
N LEU B 1299 -6.64 -31.93 35.37
CA LEU B 1299 -7.39 -31.41 34.24
C LEU B 1299 -8.72 -30.79 34.69
N GLU B 1300 -9.47 -31.47 35.54
CA GLU B 1300 -10.69 -30.94 36.15
C GLU B 1300 -10.46 -29.68 36.97
N GLN B 1301 -9.25 -29.44 37.45
CA GLN B 1301 -8.87 -28.21 38.15
C GLN B 1301 -8.44 -27.10 37.19
N ARG B 1302 -7.82 -27.43 36.05
CA ARG B 1302 -7.17 -26.42 35.18
C ARG B 1302 -7.80 -26.20 33.82
N LEU B 1303 -8.74 -27.00 33.35
CA LEU B 1303 -9.41 -26.85 32.06
C LEU B 1303 -10.92 -27.07 32.19
N PRO B 1304 -11.77 -26.32 31.49
CA PRO B 1304 -13.21 -26.63 31.46
C PRO B 1304 -13.49 -27.93 30.71
N GLN B 1305 -14.65 -28.55 30.93
CA GLN B 1305 -15.04 -29.81 30.27
C GLN B 1305 -15.17 -29.70 28.74
N ALA B 1306 -15.07 -28.50 28.17
CA ALA B 1306 -14.90 -28.28 26.74
C ALA B 1306 -13.58 -28.84 26.20
N MET B 1307 -12.50 -28.78 26.98
CA MET B 1307 -11.13 -28.99 26.49
C MET B 1307 -10.25 -29.88 27.36
N ARG B 1308 -10.78 -30.47 28.44
CA ARG B 1308 -10.14 -31.65 29.04
C ARG B 1308 -10.07 -32.75 27.96
N PRO B 1309 -8.91 -33.37 27.69
CA PRO B 1309 -8.83 -34.46 26.74
C PRO B 1309 -9.79 -35.58 27.12
N GLU B 1310 -10.68 -35.97 26.22
CA GLU B 1310 -11.60 -37.08 26.49
C GLU B 1310 -10.87 -38.43 26.46
N ARG B 1311 -9.74 -38.50 25.77
CA ARG B 1311 -8.77 -39.60 25.83
C ARG B 1311 -7.36 -39.04 25.99
N LEU B 1312 -6.54 -39.75 26.74
CA LEU B 1312 -5.25 -39.27 27.20
C LEU B 1312 -4.23 -40.41 27.12
N TRP B 1313 -2.99 -40.09 26.77
CA TRP B 1313 -1.93 -41.06 26.56
C TRP B 1313 -0.58 -40.56 27.06
N CYS B 1314 0.44 -41.38 26.91
CA CYS B 1314 1.83 -41.12 27.24
C CYS B 1314 2.78 -41.70 26.19
N LEU B 1315 3.91 -41.03 25.98
CA LEU B 1315 5.09 -41.55 25.32
C LEU B 1315 6.33 -41.27 26.17
N PRO B 1316 7.33 -42.16 26.21
CA PRO B 1316 8.55 -41.90 26.97
C PRO B 1316 9.37 -40.73 26.42
N SER B 1317 9.14 -40.36 25.16
CA SER B 1317 9.48 -39.05 24.57
C SER B 1317 8.54 -38.77 23.39
N LEU B 1318 8.34 -37.49 23.05
CA LEU B 1318 7.56 -37.11 21.86
C LEU B 1318 8.39 -37.28 20.58
N PRO B 1319 7.82 -37.76 19.47
CA PRO B 1319 8.47 -37.74 18.18
C PRO B 1319 8.65 -36.31 17.69
N LEU B 1320 9.77 -36.08 17.02
CA LEU B 1320 10.08 -34.83 16.34
C LEU B 1320 9.88 -34.97 14.83
N ASN B 1321 9.29 -33.97 14.20
CA ASN B 1321 9.31 -33.84 12.75
C ASN B 1321 10.69 -33.31 12.29
N GLY B 1322 10.95 -33.24 11.00
CA GLY B 1322 12.28 -32.94 10.44
C GLY B 1322 12.84 -31.53 10.73
N ASN B 1323 12.01 -30.62 11.22
CA ASN B 1323 12.43 -29.32 11.78
C ASN B 1323 12.90 -29.39 13.24
N GLY B 1324 12.72 -30.53 13.92
CA GLY B 1324 12.98 -30.68 15.36
C GLY B 1324 11.84 -30.25 16.28
N LYS B 1325 10.64 -29.96 15.76
CA LYS B 1325 9.43 -29.67 16.55
C LYS B 1325 8.60 -30.93 16.78
N VAL B 1326 7.73 -30.92 17.77
CA VAL B 1326 6.84 -32.05 18.10
C VAL B 1326 5.90 -32.39 16.94
N ASP B 1327 5.83 -33.66 16.56
CA ASP B 1327 5.07 -34.10 15.39
C ASP B 1327 3.59 -34.27 15.66
N ARG B 1328 2.87 -33.14 15.79
CA ARG B 1328 1.44 -33.15 16.07
C ARG B 1328 0.61 -33.88 15.02
N ARG B 1329 1.02 -33.94 13.74
CA ARG B 1329 0.33 -34.78 12.76
C ARG B 1329 0.49 -36.27 13.07
N ARG B 1330 1.72 -36.77 13.26
CA ARG B 1330 1.96 -38.18 13.62
C ARG B 1330 1.29 -38.54 14.93
N LEU B 1331 1.28 -37.63 15.90
CA LEU B 1331 0.62 -37.86 17.17
C LEU B 1331 -0.90 -37.85 17.03
N ALA B 1332 -1.46 -36.96 16.22
CA ALA B 1332 -2.88 -36.98 15.90
C ALA B 1332 -3.27 -38.31 15.25
N GLU B 1333 -2.49 -38.80 14.28
CA GLU B 1333 -2.71 -40.12 13.71
C GLU B 1333 -2.57 -41.24 14.73
N SER B 1334 -1.53 -41.19 15.56
CA SER B 1334 -1.22 -42.19 16.57
C SER B 1334 -2.34 -42.29 17.60
N MET B 1335 -2.78 -41.16 18.14
CA MET B 1335 -3.95 -41.11 19.00
C MET B 1335 -5.22 -41.56 18.27
N THR B 1336 -5.40 -41.18 17.01
CA THR B 1336 -6.56 -41.65 16.25
C THR B 1336 -6.55 -43.17 16.12
N ARG B 1337 -5.39 -43.78 15.81
CA ARG B 1337 -5.20 -45.24 15.82
C ARG B 1337 -5.44 -45.82 17.22
N ALA B 1338 -5.00 -45.14 18.28
CA ALA B 1338 -5.25 -45.54 19.64
C ALA B 1338 -6.67 -45.30 20.16
N LEU B 1339 -7.55 -44.57 19.45
CA LEU B 1339 -8.99 -44.60 19.74
C LEU B 1339 -9.60 -45.96 19.37
N GLY B 1340 -9.08 -46.62 18.32
CA GLY B 1340 -9.64 -47.85 17.75
C GLY B 1340 -11.00 -47.62 17.09
O23 PNS C . 1.24 38.47 22.28
P24 PNS C . 1.73 39.78 21.75
O26 PNS C . 2.39 40.67 22.75
O27 PNS C . 2.56 39.74 20.37
C28 PNS C . 2.11 39.29 19.08
C29 PNS C . 1.74 37.77 19.01
C30 PNS C . 2.75 36.93 19.85
C31 PNS C . 1.94 37.29 17.54
C32 PNS C . 0.24 37.60 19.43
O33 PNS C . -0.65 37.97 18.37
C34 PNS C . -0.05 36.17 20.00
O35 PNS C . -0.04 35.16 19.31
N36 PNS C . -0.20 36.11 21.36
C37 PNS C . -0.08 34.86 22.11
C38 PNS C . -1.30 33.93 21.99
C39 PNS C . -1.09 32.59 22.69
O40 PNS C . -0.01 32.04 22.78
N41 PNS C . -2.23 32.05 23.25
C42 PNS C . -2.26 30.83 24.06
C43 PNS C . -1.63 31.03 25.44
S44 PNS C . -1.88 29.49 26.42
H282 PNS C . 2.92 39.47 18.37
H281 PNS C . 1.26 39.89 18.73
H303 PNS C . 2.64 37.07 20.92
H302 PNS C . 2.63 35.86 19.66
H301 PNS C . 3.77 37.19 19.60
H313 PNS C . 3.00 37.21 17.29
H312 PNS C . 1.50 36.30 17.39
H311 PNS C . 1.49 37.98 16.82
H32 PNS C . 0.01 38.30 20.26
H33 PNS C . -1.40 38.42 18.76
H36 PNS C . 0.04 36.98 21.83
H372 PNS C . 0.82 34.33 21.78
H371 PNS C . 0.03 35.11 23.17
H382 PNS C . -2.18 34.42 22.39
H381 PNS C . -1.49 33.70 20.94
H41 PNS C . -3.09 32.56 23.11
H422 PNS C . -3.30 30.54 24.19
H421 PNS C . -1.75 30.02 23.53
H431 PNS C . -0.56 31.26 25.30
H432 PNS C . -2.09 31.89 25.92
O01 J9F D . -7.07 28.50 28.82
C02 J9F D . -7.28 27.44 29.65
C03 J9F D . -8.56 27.23 30.17
C04 J9F D . -8.82 26.13 31.01
C05 J9F D . -7.79 25.24 31.31
C06 J9F D . -6.50 25.44 30.79
C07 J9F D . -6.24 26.55 29.96
C08 J9F D . -4.87 26.81 29.47
N09 J9F D . -4.43 28.00 29.25
C10 J9F D . -3.89 28.27 27.88
C11 J9F D . -2.42 28.71 27.80
O13 J9F D . -1.61 28.49 28.68
C14 J9F D . -4.05 26.97 27.06
S15 J9F D . -4.28 25.66 28.28
H9 J9F D . -6.11 28.59 28.70
H2 J9F D . -9.35 27.92 29.93
H3 J9F D . -9.80 25.99 31.42
H4 J9F D . -7.99 24.39 31.95
H5 J9F D . -5.71 24.74 31.04
H6 J9F D . -4.46 29.06 27.41
H7 J9F D . -3.16 26.76 26.45
H8 J9F D . -4.94 27.01 26.43
MG MG E . 2.88 17.77 -15.25
P AMP F . 0.62 17.79 -16.32
O1P AMP F . 0.35 18.09 -17.72
O2P AMP F . 1.56 16.69 -16.15
O3P AMP F . 1.42 18.87 -15.71
O5' AMP F . -0.73 17.56 -15.54
C5' AMP F . -1.49 18.72 -15.18
C4' AMP F . -1.13 19.14 -13.72
O4' AMP F . -2.32 19.65 -13.09
C3' AMP F . -0.79 17.94 -12.82
O3' AMP F . -0.39 18.43 -11.55
C2' AMP F . -2.18 17.31 -12.77
O2' AMP F . -2.32 16.23 -11.86
C1' AMP F . -3.06 18.55 -12.52
N9 AMP F . -4.36 18.55 -13.14
C8 AMP F . -4.99 17.51 -13.81
N7 AMP F . -6.31 17.68 -13.90
C5 AMP F . -6.49 18.85 -13.22
C6 AMP F . -7.68 19.46 -12.85
N6 AMP F . -8.88 18.94 -13.09
N1 AMP F . -7.71 20.55 -12.12
C2 AMP F . -6.51 21.05 -11.79
N3 AMP F . -5.32 20.52 -12.10
C4 AMP F . -5.36 19.39 -12.79
H5'1 AMP F . -2.56 18.47 -15.24
H5'2 AMP F . -1.32 19.56 -15.86
H4' AMP F . -0.33 19.88 -13.72
H3' AMP F . -0.05 17.26 -13.24
HO3' AMP F . -0.61 17.76 -10.88
H2' AMP F . -2.41 16.89 -13.77
HO2' AMP F . -2.37 16.57 -10.96
H1' AMP F . -3.19 18.71 -11.44
H8 AMP F . -4.43 16.66 -14.18
HN61 AMP F . -8.90 18.17 -13.73
HN62 AMP F . -9.66 19.57 -12.96
H2 AMP F . -6.51 21.97 -11.21
N CYS G . -2.43 17.26 -19.66
CA CYS G . -1.74 17.10 -18.36
C CYS G . -0.16 17.23 -18.41
O CYS G . 0.37 16.93 -19.46
CB CYS G . -2.20 15.78 -17.75
SG CYS G . -4.06 15.71 -17.67
H2 CYS G . -2.02 16.55 -20.26
H CYS G . -3.36 16.88 -19.53
HA CYS G . -2.11 17.88 -17.70
HB2 CYS G . -1.81 14.94 -18.33
HB3 CYS G . -1.81 15.70 -16.73
HG CYS G . -4.13 14.76 -16.73
O23 PNS H . 22.33 -16.55 -18.22
P24 PNS H . 22.40 -17.22 -16.88
O26 PNS H . 21.84 -16.44 -15.75
O27 PNS H . 21.97 -18.75 -16.89
C28 PNS H . 20.97 -19.21 -17.78
C29 PNS H . 20.89 -20.72 -17.55
C30 PNS H . 22.28 -21.35 -17.85
C31 PNS H . 20.54 -20.92 -16.06
C32 PNS H . 19.81 -21.40 -18.42
O33 PNS H . 18.54 -20.77 -18.24
C34 PNS H . 20.17 -21.49 -19.93
O35 PNS H . 20.89 -20.70 -20.49
N36 PNS H . 19.59 -22.51 -20.62
C37 PNS H . 19.53 -22.50 -22.07
C38 PNS H . 19.21 -23.88 -22.66
C39 PNS H . 17.82 -24.39 -22.31
O40 PNS H . 17.02 -23.74 -21.68
N41 PNS H . 17.57 -25.64 -22.81
C42 PNS H . 16.36 -26.47 -22.70
C43 PNS H . 15.07 -25.69 -22.36
S44 PNS H . 13.60 -26.78 -22.20
H282 PNS H . 20.02 -18.72 -17.56
H281 PNS H . 21.24 -18.98 -18.81
H303 PNS H . 22.98 -21.20 -17.04
H302 PNS H . 22.20 -22.43 -18.02
H301 PNS H . 22.72 -20.91 -18.75
H313 PNS H . 21.39 -20.75 -15.40
H312 PNS H . 19.74 -20.23 -15.75
H311 PNS H . 20.18 -21.93 -15.88
H32 PNS H . 19.72 -22.44 -18.07
H33 PNS H . 18.56 -19.92 -18.71
H36 PNS H . 18.95 -23.10 -20.10
H372 PNS H . 18.75 -21.80 -22.39
H371 PNS H . 20.48 -22.15 -22.47
H382 PNS H . 19.95 -24.62 -22.34
H381 PNS H . 19.28 -23.81 -23.75
H41 PNS H . 18.28 -26.01 -23.43
H422 PNS H . 16.21 -27.00 -23.64
H421 PNS H . 16.52 -27.23 -21.92
H431 PNS H . 15.20 -25.16 -21.40
H432 PNS H . 14.92 -24.92 -23.12
C1' SAL I . 12.32 -25.90 -22.80
O1' SAL I . 12.45 -24.69 -22.83
C1 SAL I . 11.12 -26.58 -23.36
C2 SAL I . 10.49 -26.07 -24.51
C3 SAL I . 9.45 -26.78 -25.13
C4 SAL I . 9.06 -28.01 -24.62
C5 SAL I . 9.67 -28.52 -23.47
C6 SAL I . 10.69 -27.80 -22.83
O2 SAL I . 10.92 -24.93 -25.11
H3 SAL I . 8.97 -26.37 -26.00
H4 SAL I . 8.27 -28.58 -25.09
H5 SAL I . 9.33 -29.47 -23.08
H6 SAL I . 11.15 -28.21 -21.94
HO2 SAL I . 11.49 -24.43 -24.52
MG MG J . -11.11 -16.71 19.02
P AMP K . -12.33 -17.96 17.61
O1P AMP K . -13.17 -16.78 17.49
O2P AMP K . -10.93 -17.51 17.42
O3P AMP K . -12.34 -18.24 19.06
O5' AMP K . -12.69 -19.27 16.71
C5' AMP K . -11.58 -19.95 16.09
C4' AMP K . -11.37 -19.52 14.61
O4' AMP K . -12.56 -19.92 13.91
C3' AMP K . -11.20 -18.00 14.34
O3' AMP K . -9.89 -17.70 13.87
C2' AMP K . -12.31 -17.70 13.36
O2' AMP K . -12.01 -16.72 12.39
C1' AMP K . -12.69 -19.07 12.79
N9 AMP K . -14.06 -19.15 12.34
C8 AMP K . -14.99 -18.12 12.35
N7 AMP K . -16.04 -18.37 11.57
C5 AMP K . -15.73 -19.56 11.04
C6 AMP K . -16.39 -20.26 10.06
N6 AMP K . -17.47 -19.78 9.44
N1 AMP K . -15.98 -21.42 9.61
C2 AMP K . -14.87 -21.88 10.20
N3 AMP K . -14.13 -21.27 11.14
C4 AMP K . -14.58 -20.08 11.50
H5'1 AMP K . -11.77 -21.02 16.09
H5'2 AMP K . -10.66 -19.81 16.66
H4' AMP K . -10.51 -20.06 14.19
H3' AMP K . -11.42 -17.36 15.21
HO3' AMP K . -9.73 -18.17 13.04
H2' AMP K . -13.14 -17.35 13.99
HO2' AMP K . -11.25 -17.08 11.91
H1' AMP K . -12.01 -19.38 11.99
H8 AMP K . -14.84 -17.21 12.94
HN61 AMP K . -17.88 -18.98 9.90
HN62 AMP K . -18.06 -20.48 9.01
H2 AMP K . -14.53 -22.87 9.88
N CYS L . -17.08 -17.31 17.41
CA CYS L . -16.34 -16.14 16.82
C CYS L . -15.72 -15.13 17.86
O CYS L . -15.54 -13.99 17.47
CB CYS L . -17.22 -15.45 15.78
SG CYS L . -17.39 -16.42 14.24
OXT CYS L . -15.48 -15.54 19.00
H2 CYS L . -16.49 -17.66 18.17
H CYS L . -17.89 -16.93 17.89
HA CYS L . -15.50 -16.55 16.25
HB2 CYS L . -18.22 -15.28 16.20
HB3 CYS L . -16.77 -14.50 15.47
HG CYS L . -16.15 -16.11 13.81
#